data_6TFN
#
_entry.id   6TFN
#
_cell.length_a   87.775
_cell.length_b   110.440
_cell.length_c   236.485
_cell.angle_alpha   90.000
_cell.angle_beta   99.200
_cell.angle_gamma   90.000
#
_symmetry.space_group_name_H-M   'P 1 21 1'
#
loop_
_entity.id
_entity.type
_entity.pdbx_description
1 polymer 'Linalool dehydratase-isomerase protein LDI'
2 non-polymer 7-methyl-3-methylidene-oct-1-ene
3 water water
#
_entity_poly.entity_id   1
_entity_poly.type   'polypeptide(L)'
_entity_poly.pdbx_seq_one_letter_code
;MAELPPGRLATTEDYFAQQAKQAVTPDVMAQLAYMNYIDFISPFYSRGCSFEAWELKHTPQRVIKYSIAFYAYGLASVAL
IDPKLRALAGHDLDIAVSKMKCKRVWGDWEEDGFGTDPIEKENIMYKGHLNLMYGLYQLVTGSRRYEAEHAHLTRIIHDE
IAANPFAGIVCEPDNYFVQCNSVAYLSLWVYDRLHGTDYRAATRAWLDFIQKDLIDPERGAFYLSYHPESGAVKPWISAY
TTAWTLAMVHGMDPAFSERYYPRFKQTFVEVYDEGRKARVRETAGTDDADGGVGLASAFTLLLAREMGDQQLFDQLLNHL
EPPAKPSIVSASLRYEHPGSLLFDELLFLAKVHAGFGALLRMPPPAAKLAGK
;
_entity_poly.pdbx_strand_id   A,B,C,D,E,F,G,H,I,J
#
# COMPACT_ATOMS: atom_id res chain seq x y z
N LEU A 4 -11.85 -44.48 18.02
CA LEU A 4 -12.70 -43.62 18.92
C LEU A 4 -12.65 -42.16 18.48
N PRO A 5 -11.73 -41.22 18.87
CA PRO A 5 -11.80 -39.85 18.37
C PRO A 5 -11.73 -39.82 16.84
N PRO A 6 -12.23 -38.76 16.17
CA PRO A 6 -12.35 -38.83 14.69
C PRO A 6 -10.97 -38.77 14.01
N GLY A 7 -10.72 -39.57 12.97
CA GLY A 7 -9.46 -39.60 12.20
C GLY A 7 -8.33 -40.42 12.85
N ARG A 8 -8.54 -40.93 14.07
CA ARG A 8 -7.60 -41.81 14.81
C ARG A 8 -7.80 -43.25 14.33
N LEU A 9 -6.78 -44.10 14.43
CA LEU A 9 -6.86 -45.50 13.93
C LEU A 9 -7.14 -46.45 15.10
N ALA A 10 -6.68 -46.10 16.29
CA ALA A 10 -6.87 -46.93 17.50
C ALA A 10 -6.78 -46.05 18.73
N THR A 11 -7.33 -46.54 19.83
CA THR A 11 -7.43 -45.79 21.11
C THR A 11 -6.05 -45.79 21.78
N THR A 12 -5.78 -44.77 22.56
CA THR A 12 -4.59 -44.70 23.44
C THR A 12 -4.54 -45.96 24.31
N GLU A 13 -5.67 -46.38 24.87
CA GLU A 13 -5.77 -47.61 25.70
C GLU A 13 -5.18 -48.77 24.89
N ASP A 14 -5.56 -48.91 23.61
CA ASP A 14 -5.08 -50.02 22.74
C ASP A 14 -3.54 -49.97 22.63
N TYR A 15 -2.93 -48.81 22.37
CA TYR A 15 -1.45 -48.70 22.19
C TYR A 15 -0.76 -49.11 23.49
N PHE A 16 -1.26 -48.62 24.62
CA PHE A 16 -0.63 -48.89 25.96
C PHE A 16 -0.87 -50.34 26.40
N ALA A 17 -1.85 -51.05 25.83
CA ALA A 17 -2.16 -52.46 26.19
C ALA A 17 -1.39 -53.46 25.31
N GLN A 18 -0.68 -53.01 24.27
CA GLN A 18 -0.04 -53.92 23.27
C GLN A 18 0.87 -54.93 23.99
N GLN A 19 1.66 -54.47 24.95
CA GLN A 19 2.67 -55.32 25.64
C GLN A 19 1.95 -56.41 26.43
N ALA A 20 0.90 -56.06 27.20
CA ALA A 20 0.14 -57.01 28.04
C ALA A 20 -0.55 -58.04 27.15
N LYS A 21 -1.10 -57.64 25.99
CA LYS A 21 -1.82 -58.52 25.04
C LYS A 21 -0.82 -59.32 24.18
N GLN A 22 0.47 -58.97 24.20
CA GLN A 22 1.52 -59.60 23.37
C GLN A 22 1.14 -59.56 21.89
N ALA A 23 0.60 -58.42 21.44
CA ALA A 23 0.18 -58.20 20.03
C ALA A 23 0.22 -56.70 19.73
N VAL A 24 0.69 -56.35 18.54
CA VAL A 24 0.66 -54.95 18.04
C VAL A 24 -0.78 -54.69 17.55
N THR A 25 -1.22 -53.44 17.57
CA THR A 25 -2.52 -53.01 16.98
C THR A 25 -2.47 -53.26 15.47
N PRO A 26 -3.62 -53.46 14.81
CA PRO A 26 -3.63 -53.60 13.35
C PRO A 26 -2.92 -52.45 12.59
N ASP A 27 -2.98 -51.20 13.10
CA ASP A 27 -2.38 -50.03 12.40
C ASP A 27 -0.84 -50.11 12.54
N VAL A 28 -0.32 -50.62 13.65
CA VAL A 28 1.13 -50.83 13.81
C VAL A 28 1.59 -51.95 12.87
N MET A 29 0.79 -53.02 12.74
CA MET A 29 1.09 -54.13 11.79
C MET A 29 1.12 -53.53 10.38
N ALA A 30 0.21 -52.62 10.05
CA ALA A 30 0.12 -51.99 8.72
C ALA A 30 1.33 -51.07 8.48
N GLN A 31 1.88 -50.46 9.54
CA GLN A 31 3.15 -49.68 9.48
C GLN A 31 4.30 -50.65 9.17
N LEU A 32 4.36 -51.79 9.86
CA LEU A 32 5.40 -52.82 9.62
C LEU A 32 5.27 -53.33 8.17
N ALA A 33 4.06 -53.37 7.61
CA ALA A 33 3.85 -53.78 6.21
C ALA A 33 4.41 -52.70 5.28
N TYR A 34 4.14 -51.42 5.55
CA TYR A 34 4.76 -50.32 4.75
C TYR A 34 6.28 -50.53 4.78
N MET A 35 6.82 -50.87 5.96
CA MET A 35 8.28 -50.96 6.17
C MET A 35 8.89 -52.17 5.44
N ASN A 36 8.11 -53.24 5.20
CA ASN A 36 8.66 -54.56 4.83
C ASN A 36 8.09 -55.16 3.54
N TYR A 37 6.95 -54.70 3.02
CA TYR A 37 6.12 -55.53 2.11
C TYR A 37 6.63 -55.48 0.65
N ILE A 38 6.68 -54.30 0.04
CA ILE A 38 6.83 -54.17 -1.45
C ILE A 38 8.31 -54.33 -1.83
N ASP A 39 8.58 -55.17 -2.82
CA ASP A 39 9.93 -55.38 -3.41
C ASP A 39 10.58 -54.03 -3.76
N PHE A 40 11.85 -53.87 -3.42
CA PHE A 40 12.76 -52.79 -3.85
C PHE A 40 12.47 -51.45 -3.16
N ILE A 41 11.20 -51.05 -2.97
CA ILE A 41 10.89 -49.66 -2.55
C ILE A 41 10.54 -49.58 -1.05
N SER A 42 10.24 -50.69 -0.38
CA SER A 42 10.04 -50.67 1.09
C SER A 42 11.39 -50.39 1.76
N PRO A 43 11.44 -49.58 2.83
CA PRO A 43 12.71 -49.20 3.43
C PRO A 43 13.54 -50.37 3.97
N PHE A 44 12.92 -51.46 4.41
CA PHE A 44 13.61 -52.62 5.03
C PHE A 44 13.61 -53.81 4.08
N TYR A 45 13.67 -53.54 2.77
CA TYR A 45 13.70 -54.61 1.74
C TYR A 45 15.05 -55.33 1.75
N SER A 46 16.19 -54.59 1.79
CA SER A 46 17.53 -55.23 1.65
C SER A 46 18.62 -54.47 2.38
N ARG A 47 19.71 -55.19 2.69
CA ARG A 47 20.96 -54.65 3.30
C ARG A 47 21.65 -53.64 2.39
N GLY A 48 21.34 -53.62 1.10
CA GLY A 48 22.05 -52.83 0.09
C GLY A 48 21.97 -51.33 0.34
N CYS A 49 22.83 -50.55 -0.33
CA CYS A 49 22.87 -49.08 -0.26
C CYS A 49 21.87 -48.48 -1.27
N SER A 50 20.64 -48.96 -1.24
CA SER A 50 19.46 -48.43 -1.98
C SER A 50 18.56 -47.65 -1.01
N PHE A 51 18.17 -46.44 -1.39
CA PHE A 51 17.43 -45.47 -0.54
C PHE A 51 16.18 -45.00 -1.26
N GLU A 52 15.61 -45.86 -2.12
CA GLU A 52 14.38 -45.59 -2.90
C GLU A 52 13.27 -45.17 -1.94
N ALA A 53 13.08 -45.88 -0.82
CA ALA A 53 11.99 -45.59 0.14
C ALA A 53 12.10 -44.14 0.60
N TRP A 54 13.31 -43.67 0.85
CA TRP A 54 13.58 -42.30 1.35
C TRP A 54 13.45 -41.28 0.21
N GLU A 55 13.85 -41.63 -1.02
CA GLU A 55 13.65 -40.77 -2.21
C GLU A 55 12.15 -40.56 -2.43
N LEU A 56 11.33 -41.61 -2.32
CA LEU A 56 9.86 -41.52 -2.53
C LEU A 56 9.20 -40.63 -1.48
N LYS A 57 9.67 -40.58 -0.24
CA LYS A 57 9.10 -39.68 0.80
C LYS A 57 9.81 -38.31 0.81
N HIS A 58 10.80 -38.06 -0.06
CA HIS A 58 11.55 -36.78 -0.15
C HIS A 58 12.28 -36.49 1.18
N THR A 59 12.77 -37.50 1.88
CA THR A 59 13.63 -37.32 3.09
C THR A 59 14.91 -36.58 2.69
N PRO A 60 15.20 -35.41 3.28
CA PRO A 60 16.47 -34.74 3.04
C PRO A 60 17.62 -35.66 3.48
N GLN A 61 18.73 -35.62 2.75
CA GLN A 61 19.91 -36.50 2.97
C GLN A 61 20.28 -36.47 4.46
N ARG A 62 20.34 -35.29 5.07
CA ARG A 62 20.90 -35.10 6.44
C ARG A 62 19.99 -35.78 7.48
N VAL A 63 18.75 -36.09 7.13
CA VAL A 63 17.71 -36.62 8.06
C VAL A 63 17.64 -38.14 7.94
N ILE A 64 18.23 -38.74 6.90
CA ILE A 64 18.08 -40.20 6.68
C ILE A 64 18.62 -40.96 7.90
N LYS A 65 19.74 -40.53 8.47
CA LYS A 65 20.37 -41.19 9.64
C LYS A 65 19.37 -41.24 10.81
N TYR A 66 18.57 -40.19 11.02
CA TYR A 66 17.56 -40.13 12.11
C TYR A 66 16.37 -41.02 11.77
N SER A 67 15.96 -41.02 10.51
CA SER A 67 14.88 -41.90 10.01
C SER A 67 15.21 -43.36 10.36
N ILE A 68 16.40 -43.81 9.99
CA ILE A 68 16.80 -45.23 10.21
C ILE A 68 16.83 -45.51 11.72
N ALA A 69 17.44 -44.62 12.51
CA ALA A 69 17.60 -44.79 13.96
C ALA A 69 16.22 -44.91 14.63
N PHE A 70 15.29 -44.02 14.33
CA PHE A 70 13.96 -43.99 15.00
C PHE A 70 13.18 -45.23 14.61
N TYR A 71 13.23 -45.66 13.35
CA TYR A 71 12.67 -46.97 12.93
C TYR A 71 13.29 -48.07 13.79
N ALA A 72 14.61 -48.08 13.96
CA ALA A 72 15.32 -49.11 14.74
C ALA A 72 14.81 -49.13 16.19
N TYR A 73 14.67 -47.98 16.83
CA TYR A 73 14.23 -47.89 18.25
C TYR A 73 12.79 -48.45 18.35
N GLY A 74 11.93 -48.16 17.38
CA GLY A 74 10.57 -48.73 17.31
C GLY A 74 10.62 -50.24 17.16
N LEU A 75 11.46 -50.75 16.27
CA LEU A 75 11.54 -52.20 16.01
C LEU A 75 11.98 -52.94 17.29
N ALA A 76 12.83 -52.33 18.11
CA ALA A 76 13.29 -52.94 19.37
C ALA A 76 12.09 -53.15 20.29
N SER A 77 11.16 -52.19 20.36
CA SER A 77 9.93 -52.31 21.18
C SER A 77 9.00 -53.36 20.57
N VAL A 78 8.89 -53.44 19.25
CA VAL A 78 8.06 -54.50 18.59
C VAL A 78 8.55 -55.87 19.08
N ALA A 79 9.86 -56.06 19.17
CA ALA A 79 10.50 -57.33 19.60
C ALA A 79 10.03 -57.69 21.02
N LEU A 80 9.91 -56.69 21.88
CA LEU A 80 9.50 -56.83 23.30
C LEU A 80 7.97 -57.06 23.37
N ILE A 81 7.19 -56.44 22.48
CA ILE A 81 5.70 -56.55 22.49
C ILE A 81 5.28 -57.96 22.06
N ASP A 82 5.71 -58.44 20.89
CA ASP A 82 5.20 -59.71 20.30
C ASP A 82 6.38 -60.62 20.01
N PRO A 83 6.59 -61.68 20.83
CA PRO A 83 7.64 -62.67 20.57
C PRO A 83 7.58 -63.29 19.16
N LYS A 84 6.39 -63.39 18.56
CA LYS A 84 6.22 -63.95 17.18
C LYS A 84 6.78 -62.96 16.14
N LEU A 85 6.97 -61.68 16.49
CA LEU A 85 7.53 -60.66 15.56
C LEU A 85 9.01 -60.39 15.87
N ARG A 86 9.56 -61.00 16.92
CA ARG A 86 10.97 -60.72 17.32
C ARG A 86 11.97 -61.05 16.21
N ALA A 87 11.82 -62.17 15.52
CA ALA A 87 12.71 -62.56 14.41
C ALA A 87 12.64 -61.51 13.28
N LEU A 88 11.42 -61.07 12.91
CA LEU A 88 11.22 -60.00 11.91
C LEU A 88 11.90 -58.71 12.38
N ALA A 89 11.70 -58.31 13.63
CA ALA A 89 12.31 -57.10 14.21
C ALA A 89 13.83 -57.19 14.08
N GLY A 90 14.38 -58.36 14.41
CA GLY A 90 15.82 -58.65 14.31
C GLY A 90 16.33 -58.49 12.89
N HIS A 91 15.61 -59.08 11.93
CA HIS A 91 15.95 -58.98 10.48
C HIS A 91 15.96 -57.49 10.08
N ASP A 92 14.94 -56.74 10.47
CA ASP A 92 14.82 -55.30 10.10
C ASP A 92 15.96 -54.53 10.74
N LEU A 93 16.36 -54.86 11.97
CA LEU A 93 17.47 -54.14 12.66
C LEU A 93 18.80 -54.43 11.96
N ASP A 94 19.00 -55.66 11.51
CA ASP A 94 20.17 -56.06 10.69
C ASP A 94 20.26 -55.11 9.48
N ILE A 95 19.15 -54.94 8.76
CA ILE A 95 19.08 -54.05 7.58
C ILE A 95 19.31 -52.60 8.02
N ALA A 96 18.77 -52.18 9.15
CA ALA A 96 18.92 -50.79 9.65
C ALA A 96 20.40 -50.49 9.83
N VAL A 97 21.13 -51.40 10.45
CA VAL A 97 22.60 -51.22 10.71
C VAL A 97 23.33 -51.15 9.37
N SER A 98 23.07 -52.06 8.42
CA SER A 98 23.75 -52.07 7.10
C SER A 98 23.52 -50.72 6.41
N LYS A 99 22.28 -50.28 6.35
CA LYS A 99 21.94 -49.04 5.62
C LYS A 99 22.59 -47.86 6.33
N MET A 100 22.65 -47.89 7.66
CA MET A 100 23.19 -46.79 8.47
C MET A 100 24.67 -46.57 8.11
N LYS A 101 25.36 -47.61 7.64
CA LYS A 101 26.81 -47.54 7.33
C LYS A 101 27.05 -47.09 5.89
N CYS A 102 26.01 -46.95 5.05
CA CYS A 102 26.16 -46.50 3.65
C CYS A 102 26.58 -45.02 3.61
N LYS A 103 27.41 -44.66 2.64
CA LYS A 103 27.93 -43.28 2.47
C LYS A 103 26.78 -42.29 2.23
N ARG A 104 25.69 -42.70 1.60
CA ARG A 104 24.51 -41.83 1.40
C ARG A 104 24.05 -41.27 2.76
N VAL A 105 24.15 -42.08 3.82
CA VAL A 105 23.67 -41.72 5.18
C VAL A 105 24.68 -40.81 5.89
N TRP A 106 25.97 -41.17 5.92
CA TRP A 106 26.98 -40.43 6.73
C TRP A 106 27.73 -39.37 5.90
N GLY A 107 27.59 -39.43 4.57
CA GLY A 107 28.44 -38.70 3.60
C GLY A 107 28.48 -37.18 3.81
N ASP A 108 27.45 -36.60 4.43
CA ASP A 108 27.40 -35.14 4.70
C ASP A 108 28.64 -34.72 5.52
N TRP A 109 29.15 -35.61 6.37
CA TRP A 109 30.35 -35.36 7.20
C TRP A 109 31.55 -35.02 6.31
N GLU A 110 31.76 -35.80 5.25
CA GLU A 110 32.84 -35.58 4.25
C GLU A 110 32.52 -34.34 3.41
N GLU A 111 31.31 -34.22 2.84
CA GLU A 111 30.94 -33.08 1.94
C GLU A 111 31.09 -31.74 2.67
N ASP A 112 30.82 -31.69 3.98
CA ASP A 112 30.95 -30.46 4.80
C ASP A 112 32.44 -30.13 5.05
N GLY A 113 33.36 -31.06 4.75
CA GLY A 113 34.82 -30.87 4.90
C GLY A 113 35.34 -31.30 6.26
N PHE A 114 34.62 -32.13 7.02
CA PHE A 114 35.01 -32.48 8.41
C PHE A 114 35.87 -33.75 8.47
N GLY A 115 35.98 -34.52 7.38
CA GLY A 115 36.81 -35.74 7.37
C GLY A 115 36.23 -36.84 6.50
N THR A 116 37.02 -37.87 6.22
CA THR A 116 36.66 -38.99 5.31
C THR A 116 36.15 -40.18 6.13
N ASP A 117 36.33 -40.16 7.44
CA ASP A 117 35.89 -41.23 8.37
C ASP A 117 34.87 -40.66 9.34
N PRO A 118 33.60 -41.17 9.31
CA PRO A 118 32.52 -40.58 10.09
C PRO A 118 32.52 -40.97 11.58
N ILE A 119 33.43 -41.85 12.00
CA ILE A 119 33.44 -42.51 13.35
C ILE A 119 34.64 -42.02 14.18
N GLU A 120 35.76 -41.66 13.53
CA GLU A 120 37.09 -41.46 14.14
C GLU A 120 37.01 -40.41 15.27
N LYS A 121 36.36 -39.28 15.05
CA LYS A 121 36.22 -38.22 16.06
C LYS A 121 34.94 -37.42 15.80
N GLU A 122 34.37 -36.88 16.87
CA GLU A 122 33.20 -35.97 16.84
C GLU A 122 32.03 -36.71 16.19
N ASN A 123 31.15 -35.99 15.51
CA ASN A 123 30.06 -36.59 14.69
C ASN A 123 29.21 -37.51 15.58
N ILE A 124 28.97 -37.11 16.84
CA ILE A 124 28.28 -38.00 17.83
C ILE A 124 26.82 -38.20 17.41
N MET A 125 26.22 -37.24 16.70
CA MET A 125 24.88 -37.37 16.09
C MET A 125 24.82 -38.71 15.32
N TYR A 126 25.75 -38.91 14.39
CA TYR A 126 25.75 -40.13 13.55
C TYR A 126 26.14 -41.35 14.40
N LYS A 127 27.30 -41.28 15.07
CA LYS A 127 27.92 -42.52 15.61
C LYS A 127 27.26 -42.91 16.94
N GLY A 128 26.64 -41.97 17.66
CA GLY A 128 25.78 -42.29 18.82
C GLY A 128 24.63 -43.20 18.42
N HIS A 129 23.89 -42.84 17.37
CA HIS A 129 22.76 -43.66 16.85
C HIS A 129 23.30 -45.02 16.39
N LEU A 130 24.39 -45.01 15.60
CA LEU A 130 24.97 -46.28 15.09
C LEU A 130 25.29 -47.18 16.27
N ASN A 131 25.93 -46.64 17.30
CA ASN A 131 26.38 -47.44 18.46
C ASN A 131 25.16 -48.00 19.20
N LEU A 132 24.12 -47.19 19.41
CA LEU A 132 22.89 -47.68 20.07
C LEU A 132 22.24 -48.76 19.20
N MET A 133 22.25 -48.59 17.88
CA MET A 133 21.65 -49.58 16.95
C MET A 133 22.41 -50.91 16.99
N TYR A 134 23.74 -50.90 17.02
CA TYR A 134 24.56 -52.13 17.18
C TYR A 134 24.07 -52.90 18.42
N GLY A 135 23.88 -52.17 19.52
CA GLY A 135 23.50 -52.76 20.80
C GLY A 135 22.10 -53.36 20.77
N LEU A 136 21.13 -52.60 20.26
CA LEU A 136 19.73 -53.05 20.21
C LEU A 136 19.63 -54.28 19.29
N TYR A 137 20.37 -54.28 18.18
CA TYR A 137 20.39 -55.43 17.25
C TYR A 137 20.79 -56.67 18.05
N GLN A 138 21.84 -56.56 18.86
CA GLN A 138 22.40 -57.72 19.57
C GLN A 138 21.45 -58.13 20.72
N LEU A 139 20.83 -57.19 21.43
CA LEU A 139 19.80 -57.49 22.45
C LEU A 139 18.63 -58.27 21.82
N VAL A 140 18.20 -57.87 20.63
CA VAL A 140 16.98 -58.46 20.01
C VAL A 140 17.29 -59.87 19.48
N THR A 141 18.43 -60.07 18.83
CA THR A 141 18.74 -61.28 18.04
C THR A 141 19.68 -62.23 18.79
N GLY A 142 20.55 -61.73 19.68
CA GLY A 142 21.67 -62.50 20.26
C GLY A 142 22.81 -62.72 19.27
N SER A 143 22.75 -62.13 18.08
CA SER A 143 23.78 -62.30 17.01
C SER A 143 24.99 -61.43 17.31
N ARG A 144 26.20 -61.95 17.06
CA ARG A 144 27.52 -61.30 17.33
C ARG A 144 28.06 -60.72 16.00
N ARG A 145 27.23 -60.65 14.97
CA ARG A 145 27.60 -60.16 13.61
C ARG A 145 28.36 -58.83 13.67
N TYR A 146 27.96 -57.90 14.53
CA TYR A 146 28.51 -56.53 14.58
C TYR A 146 29.32 -56.31 15.86
N GLU A 147 29.57 -57.36 16.65
CA GLU A 147 30.21 -57.26 18.00
C GLU A 147 31.57 -56.53 17.91
N ALA A 148 32.40 -56.88 16.93
CA ALA A 148 33.74 -56.28 16.74
C ALA A 148 33.60 -54.77 16.51
N GLU A 149 32.71 -54.39 15.59
CA GLU A 149 32.44 -52.97 15.24
C GLU A 149 31.88 -52.23 16.45
N HIS A 150 31.01 -52.90 17.21
CA HIS A 150 30.33 -52.35 18.41
C HIS A 150 31.37 -52.02 19.50
N ALA A 151 32.29 -52.96 19.76
CA ALA A 151 33.39 -52.79 20.74
C ALA A 151 34.29 -51.61 20.30
N HIS A 152 34.63 -51.55 19.01
CA HIS A 152 35.51 -50.50 18.44
C HIS A 152 34.87 -49.12 18.65
N LEU A 153 33.58 -48.98 18.27
CA LEU A 153 32.89 -47.67 18.35
C LEU A 153 32.66 -47.29 19.81
N THR A 154 32.28 -48.25 20.66
CA THR A 154 32.08 -47.99 22.11
C THR A 154 33.38 -47.44 22.71
N ARG A 155 34.53 -48.02 22.34
CA ARG A 155 35.85 -47.60 22.89
C ARG A 155 36.17 -46.19 22.37
N ILE A 156 35.91 -45.90 21.09
CA ILE A 156 36.10 -44.52 20.57
C ILE A 156 35.26 -43.55 21.42
N ILE A 157 34.00 -43.87 21.68
CA ILE A 157 33.09 -42.91 22.40
C ILE A 157 33.63 -42.73 23.82
N HIS A 158 33.99 -43.82 24.50
CA HIS A 158 34.53 -43.78 25.89
C HIS A 158 35.80 -42.91 25.92
N ASP A 159 36.74 -43.14 24.99
CA ASP A 159 38.04 -42.42 24.94
C ASP A 159 37.79 -40.92 24.71
N GLU A 160 36.84 -40.58 23.85
CA GLU A 160 36.57 -39.17 23.49
C GLU A 160 35.96 -38.44 24.69
N ILE A 161 35.04 -39.11 25.40
CA ILE A 161 34.47 -38.57 26.66
C ILE A 161 35.62 -38.32 27.66
N ALA A 162 36.48 -39.31 27.88
CA ALA A 162 37.60 -39.22 28.87
C ALA A 162 38.51 -38.02 28.52
N ALA A 163 38.74 -37.74 27.23
CA ALA A 163 39.68 -36.70 26.75
C ALA A 163 39.10 -35.28 26.86
N ASN A 164 37.78 -35.11 26.93
CA ASN A 164 37.13 -33.77 26.80
C ASN A 164 37.01 -33.15 28.20
N PRO A 165 37.26 -31.83 28.33
CA PRO A 165 37.10 -31.13 29.62
C PRO A 165 35.64 -30.87 30.02
N PHE A 166 34.76 -30.76 29.04
CA PHE A 166 33.28 -30.81 29.20
C PHE A 166 32.86 -32.28 29.16
N ALA A 167 31.70 -32.61 29.74
CA ALA A 167 31.17 -34.00 29.75
C ALA A 167 30.45 -34.28 28.42
N GLY A 168 31.03 -35.13 27.58
CA GLY A 168 30.39 -35.62 26.34
C GLY A 168 31.24 -35.35 25.12
N ILE A 169 30.59 -35.30 23.95
CA ILE A 169 31.23 -35.24 22.61
C ILE A 169 30.45 -34.26 21.73
N VAL A 170 31.15 -33.54 20.86
CA VAL A 170 30.55 -32.57 19.91
C VAL A 170 30.01 -33.32 18.69
N CYS A 171 29.17 -32.65 17.91
CA CYS A 171 28.66 -33.14 16.60
C CYS A 171 29.62 -32.64 15.51
N GLU A 172 29.25 -31.58 14.79
CA GLU A 172 30.23 -30.76 14.01
C GLU A 172 31.23 -30.25 15.05
N PRO A 173 32.48 -29.93 14.67
CA PRO A 173 33.44 -29.38 15.64
C PRO A 173 32.86 -28.13 16.33
N ASP A 174 33.05 -28.03 17.65
CA ASP A 174 32.63 -26.89 18.50
C ASP A 174 31.08 -26.76 18.63
N ASN A 175 30.31 -27.77 18.22
CA ASN A 175 28.83 -27.80 18.37
C ASN A 175 28.45 -28.95 19.30
N TYR A 176 27.99 -28.63 20.51
CA TYR A 176 27.58 -29.61 21.53
C TYR A 176 26.07 -29.59 21.68
N PHE A 177 25.42 -30.74 21.53
CA PHE A 177 23.95 -30.90 21.66
C PHE A 177 23.64 -31.96 22.72
N VAL A 178 22.79 -31.64 23.70
CA VAL A 178 22.47 -32.60 24.79
C VAL A 178 21.75 -33.81 24.20
N GLN A 179 20.88 -33.63 23.20
CA GLN A 179 20.03 -34.75 22.68
C GLN A 179 20.93 -35.79 22.01
N CYS A 180 21.95 -35.35 21.27
CA CYS A 180 22.90 -36.24 20.55
C CYS A 180 23.75 -36.99 21.59
N ASN A 181 24.18 -36.31 22.66
CA ASN A 181 24.93 -36.96 23.76
C ASN A 181 24.05 -38.01 24.45
N SER A 182 22.77 -37.74 24.64
CA SER A 182 21.86 -38.64 25.39
C SER A 182 21.83 -40.00 24.70
N VAL A 183 21.88 -40.03 23.37
CA VAL A 183 21.90 -41.30 22.56
C VAL A 183 23.21 -42.04 22.81
N ALA A 184 24.33 -41.34 22.76
CA ALA A 184 25.67 -41.92 22.97
C ALA A 184 25.75 -42.57 24.37
N TYR A 185 25.31 -41.85 25.41
CA TYR A 185 25.36 -42.36 26.82
C TYR A 185 24.47 -43.60 26.91
N LEU A 186 23.26 -43.56 26.35
CA LEU A 186 22.37 -44.74 26.38
C LEU A 186 23.06 -45.91 25.68
N SER A 187 23.84 -45.67 24.61
CA SER A 187 24.54 -46.77 23.88
C SER A 187 25.56 -47.45 24.82
N LEU A 188 26.14 -46.71 25.77
CA LEU A 188 27.12 -47.26 26.75
C LEU A 188 26.38 -48.18 27.73
N TRP A 189 25.17 -47.81 28.15
CA TRP A 189 24.32 -48.66 29.04
C TRP A 189 24.02 -49.96 28.30
N VAL A 190 23.72 -49.91 27.01
CA VAL A 190 23.37 -51.13 26.23
C VAL A 190 24.62 -52.02 26.10
N TYR A 191 25.77 -51.43 25.81
CA TYR A 191 27.03 -52.20 25.72
C TYR A 191 27.29 -52.93 27.06
N ASP A 192 27.20 -52.20 28.17
CA ASP A 192 27.39 -52.75 29.54
C ASP A 192 26.43 -53.92 29.81
N ARG A 193 25.19 -53.81 29.34
CA ARG A 193 24.17 -54.88 29.55
C ARG A 193 24.55 -56.15 28.77
N LEU A 194 25.27 -56.00 27.66
CA LEU A 194 25.67 -57.15 26.80
C LEU A 194 26.98 -57.78 27.32
N HIS A 195 27.87 -57.01 27.95
CA HIS A 195 29.29 -57.44 28.17
C HIS A 195 29.72 -57.34 29.64
N GLY A 196 28.90 -56.80 30.55
CA GLY A 196 29.22 -56.73 31.99
C GLY A 196 30.24 -55.66 32.32
N THR A 197 30.52 -54.73 31.39
CA THR A 197 31.48 -53.61 31.54
C THR A 197 30.84 -52.47 32.34
N ASP A 198 31.57 -51.36 32.54
CA ASP A 198 31.08 -50.18 33.31
C ASP A 198 31.38 -48.89 32.52
N TYR A 199 31.20 -48.89 31.20
CA TYR A 199 31.30 -47.65 30.39
C TYR A 199 30.27 -46.62 30.85
N ARG A 200 29.14 -47.08 31.41
CA ARG A 200 28.02 -46.19 31.84
C ARG A 200 28.38 -45.34 33.06
N ALA A 201 29.50 -45.60 33.73
CA ALA A 201 29.96 -44.85 34.92
C ALA A 201 30.18 -43.37 34.56
N ALA A 202 30.45 -43.07 33.29
CA ALA A 202 30.63 -41.67 32.80
C ALA A 202 29.32 -40.88 32.87
N THR A 203 28.16 -41.55 32.99
CA THR A 203 26.83 -40.92 32.92
C THR A 203 26.65 -39.87 34.02
N ARG A 204 27.09 -40.15 35.25
CA ARG A 204 26.82 -39.25 36.42
C ARG A 204 27.42 -37.86 36.13
N ALA A 205 28.68 -37.78 35.70
CA ALA A 205 29.35 -36.50 35.41
C ALA A 205 28.60 -35.77 34.29
N TRP A 206 28.06 -36.50 33.31
CA TRP A 206 27.29 -35.91 32.18
C TRP A 206 25.99 -35.31 32.71
N LEU A 207 25.25 -36.05 33.53
CA LEU A 207 23.95 -35.56 34.09
C LEU A 207 24.21 -34.33 34.97
N ASP A 208 25.34 -34.27 35.68
CA ASP A 208 25.71 -33.08 36.51
C ASP A 208 26.02 -31.90 35.57
N PHE A 209 26.76 -32.15 34.51
CA PHE A 209 27.22 -31.11 33.54
C PHE A 209 26.00 -30.45 32.86
N ILE A 210 25.05 -31.25 32.35
CA ILE A 210 23.92 -30.69 31.55
C ILE A 210 22.94 -29.94 32.47
N GLN A 211 23.02 -30.13 33.79
CA GLN A 211 22.17 -29.39 34.77
C GLN A 211 22.79 -28.05 35.17
N LYS A 212 23.98 -27.70 34.68
CA LYS A 212 24.59 -26.35 34.91
C LYS A 212 24.02 -25.39 33.86
N ASP A 213 24.81 -24.86 32.93
CA ASP A 213 24.36 -23.75 32.05
C ASP A 213 23.46 -24.26 30.92
N LEU A 214 23.41 -25.57 30.67
CA LEU A 214 22.66 -26.14 29.52
C LEU A 214 21.16 -26.27 29.82
N ILE A 215 20.73 -26.18 31.07
CA ILE A 215 19.28 -26.28 31.41
C ILE A 215 18.81 -24.99 32.09
N ASP A 216 17.56 -24.60 31.83
CA ASP A 216 16.78 -23.67 32.69
C ASP A 216 15.95 -24.53 33.63
N PRO A 217 16.40 -24.71 34.91
CA PRO A 217 15.77 -25.67 35.82
C PRO A 217 14.33 -25.27 36.20
N GLU A 218 14.02 -23.98 36.24
CA GLU A 218 12.65 -23.49 36.56
C GLU A 218 11.69 -23.89 35.43
N ARG A 219 12.12 -23.80 34.16
CA ARG A 219 11.22 -24.05 33.00
C ARG A 219 11.32 -25.53 32.56
N GLY A 220 12.27 -26.30 33.12
CA GLY A 220 12.49 -27.72 32.77
C GLY A 220 12.85 -27.87 31.30
N ALA A 221 13.70 -26.99 30.78
CA ALA A 221 13.98 -26.86 29.33
C ALA A 221 15.49 -26.69 29.11
N PHE A 222 16.05 -27.46 28.19
CA PHE A 222 17.46 -27.33 27.73
C PHE A 222 17.56 -26.19 26.72
N TYR A 223 18.68 -25.48 26.77
CA TYR A 223 19.11 -24.53 25.71
C TYR A 223 19.50 -25.33 24.47
N LEU A 224 19.41 -24.67 23.33
CA LEU A 224 19.55 -25.25 21.96
C LEU A 224 20.86 -26.01 21.84
N SER A 225 21.96 -25.41 22.30
CA SER A 225 23.33 -25.96 22.08
C SER A 225 24.36 -25.20 22.91
N TYR A 226 25.53 -25.82 23.06
CA TYR A 226 26.72 -25.33 23.78
C TYR A 226 27.91 -25.37 22.81
N HIS A 227 28.84 -24.42 22.97
CA HIS A 227 29.97 -24.20 22.03
C HIS A 227 31.25 -24.02 22.84
N PRO A 228 31.98 -25.12 23.11
CA PRO A 228 33.08 -25.12 24.08
C PRO A 228 34.19 -24.08 23.80
N GLU A 229 34.59 -23.88 22.54
CA GLU A 229 35.66 -22.93 22.16
C GLU A 229 35.36 -21.54 22.75
N SER A 230 34.14 -21.02 22.53
CA SER A 230 33.69 -19.68 22.97
C SER A 230 33.05 -19.72 24.38
N GLY A 231 32.65 -20.90 24.88
CA GLY A 231 31.86 -21.04 26.12
C GLY A 231 30.40 -20.65 25.94
N ALA A 232 29.97 -20.32 24.72
CA ALA A 232 28.60 -19.83 24.44
C ALA A 232 27.57 -20.95 24.65
N VAL A 233 26.47 -20.60 25.32
CA VAL A 233 25.20 -21.37 25.27
C VAL A 233 24.20 -20.53 24.48
N LYS A 234 23.62 -21.07 23.42
CA LYS A 234 22.63 -20.31 22.62
C LYS A 234 21.46 -19.97 23.55
N PRO A 235 21.01 -18.70 23.58
CA PRO A 235 20.07 -18.25 24.60
C PRO A 235 18.59 -18.61 24.37
N TRP A 236 18.27 -19.56 23.49
CA TRP A 236 16.89 -20.06 23.28
C TRP A 236 16.74 -21.44 23.88
N ILE A 237 15.62 -21.68 24.57
CA ILE A 237 15.24 -23.05 25.02
C ILE A 237 14.48 -23.72 23.87
N SER A 238 14.58 -25.06 23.80
CA SER A 238 14.04 -25.88 22.69
C SER A 238 13.25 -27.05 23.26
N ALA A 239 11.98 -27.14 22.88
CA ALA A 239 11.05 -28.21 23.27
C ALA A 239 11.49 -29.55 22.67
N TYR A 240 11.81 -29.60 21.36
CA TYR A 240 12.11 -30.90 20.72
C TYR A 240 13.41 -31.43 21.35
N THR A 241 14.36 -30.53 21.59
CA THR A 241 15.65 -30.87 22.26
C THR A 241 15.36 -31.48 23.62
N THR A 242 14.48 -30.84 24.40
CA THR A 242 14.17 -31.24 25.79
C THR A 242 13.39 -32.56 25.78
N ALA A 243 12.37 -32.68 24.92
CA ALA A 243 11.50 -33.87 24.88
C ALA A 243 12.34 -35.10 24.59
N TRP A 244 13.19 -34.99 23.57
CA TRP A 244 14.09 -36.09 23.14
C TRP A 244 15.03 -36.45 24.31
N THR A 245 15.71 -35.46 24.88
CA THR A 245 16.73 -35.67 25.94
C THR A 245 16.08 -36.33 27.16
N LEU A 246 14.93 -35.81 27.63
CA LEU A 246 14.27 -36.34 28.84
C LEU A 246 13.79 -37.77 28.57
N ALA A 247 13.35 -38.07 27.33
CA ALA A 247 12.86 -39.42 27.02
C ALA A 247 14.01 -40.42 27.19
N MET A 248 15.18 -40.10 26.67
CA MET A 248 16.33 -41.03 26.69
C MET A 248 16.93 -41.08 28.10
N VAL A 249 17.04 -39.94 28.77
CA VAL A 249 17.60 -39.87 30.15
C VAL A 249 16.70 -40.70 31.09
N HIS A 250 15.39 -40.76 30.86
CA HIS A 250 14.45 -41.50 31.72
C HIS A 250 14.87 -42.98 31.82
N GLY A 251 15.51 -43.51 30.78
CA GLY A 251 15.99 -44.90 30.74
C GLY A 251 17.24 -45.10 31.60
N MET A 252 17.97 -44.03 31.91
CA MET A 252 19.27 -44.12 32.62
C MET A 252 19.13 -43.56 34.04
N ASP A 253 18.42 -42.44 34.21
CA ASP A 253 18.14 -41.79 35.52
C ASP A 253 16.70 -41.32 35.52
N PRO A 254 15.74 -42.22 35.86
CA PRO A 254 14.33 -41.88 35.85
C PRO A 254 14.00 -40.62 36.68
N ALA A 255 14.64 -40.44 37.83
CA ALA A 255 14.35 -39.32 38.76
C ALA A 255 14.63 -37.97 38.07
N PHE A 256 15.67 -37.91 37.22
CA PHE A 256 16.08 -36.69 36.48
C PHE A 256 14.89 -36.23 35.61
N SER A 257 14.33 -37.13 34.80
CA SER A 257 13.26 -36.77 33.85
C SER A 257 11.97 -36.49 34.61
N GLU A 258 11.69 -37.24 35.69
CA GLU A 258 10.50 -37.04 36.56
C GLU A 258 10.53 -35.63 37.17
N ARG A 259 11.70 -35.16 37.60
CA ARG A 259 11.90 -33.80 38.16
C ARG A 259 11.45 -32.73 37.15
N TYR A 260 11.85 -32.83 35.89
CA TYR A 260 11.71 -31.71 34.92
C TYR A 260 10.41 -31.82 34.11
N TYR A 261 9.84 -33.02 33.97
CA TYR A 261 8.72 -33.29 33.04
C TYR A 261 7.55 -32.32 33.28
N PRO A 262 7.07 -32.12 34.54
CA PRO A 262 5.95 -31.22 34.78
C PRO A 262 6.27 -29.78 34.37
N ARG A 263 7.49 -29.31 34.60
CA ARG A 263 7.91 -27.93 34.24
C ARG A 263 8.00 -27.80 32.71
N PHE A 264 8.55 -28.82 32.04
CA PHE A 264 8.59 -28.92 30.56
C PHE A 264 7.18 -28.69 30.00
N LYS A 265 6.18 -29.41 30.52
CA LYS A 265 4.79 -29.33 30.03
C LYS A 265 4.23 -27.93 30.24
N GLN A 266 4.43 -27.34 31.42
CA GLN A 266 3.98 -25.96 31.73
C GLN A 266 4.62 -25.00 30.72
N THR A 267 5.92 -25.13 30.48
CA THR A 267 6.68 -24.21 29.58
C THR A 267 6.16 -24.29 28.13
N PHE A 268 5.89 -25.48 27.60
CA PHE A 268 5.78 -25.66 26.12
C PHE A 268 4.42 -26.16 25.66
N VAL A 269 3.69 -26.93 26.47
CA VAL A 269 2.52 -27.71 25.99
C VAL A 269 1.27 -26.84 26.04
N GLU A 270 0.60 -26.64 24.91
CA GLU A 270 -0.71 -25.96 24.82
C GLU A 270 -1.80 -27.03 24.63
N VAL A 271 -2.63 -27.22 25.67
CA VAL A 271 -3.88 -28.01 25.61
C VAL A 271 -4.94 -27.10 24.97
N TYR A 272 -5.71 -27.60 24.00
CA TYR A 272 -6.76 -26.83 23.32
C TYR A 272 -7.94 -27.77 23.00
N ASP A 273 -8.98 -27.23 22.34
CA ASP A 273 -10.21 -27.98 21.95
C ASP A 273 -10.80 -28.69 23.19
N GLU A 274 -10.95 -27.95 24.30
CA GLU A 274 -11.67 -28.39 25.53
C GLU A 274 -10.99 -29.65 26.09
N GLY A 275 -9.66 -29.69 26.08
CA GLY A 275 -8.87 -30.78 26.70
C GLY A 275 -8.68 -32.00 25.79
N ARG A 276 -9.20 -32.00 24.56
CA ARG A 276 -9.15 -33.19 23.66
C ARG A 276 -7.83 -33.25 22.87
N LYS A 277 -7.15 -32.10 22.71
CA LYS A 277 -5.94 -31.95 21.85
C LYS A 277 -4.85 -31.16 22.56
N ALA A 278 -3.61 -31.36 22.12
CA ALA A 278 -2.43 -30.60 22.56
C ALA A 278 -1.46 -30.40 21.38
N ARG A 279 -0.72 -29.30 21.42
CA ARG A 279 0.36 -29.00 20.46
C ARG A 279 1.47 -28.32 21.26
N VAL A 280 2.71 -28.41 20.79
CA VAL A 280 3.89 -27.99 21.60
C VAL A 280 4.59 -26.83 20.89
N ARG A 281 4.79 -25.75 21.64
CA ARG A 281 5.62 -24.59 21.22
C ARG A 281 7.10 -25.05 21.24
N GLU A 282 7.89 -24.64 20.25
CA GLU A 282 9.30 -25.09 20.10
C GLU A 282 10.21 -24.28 21.03
N THR A 283 9.88 -23.03 21.31
CA THR A 283 10.73 -22.11 22.12
C THR A 283 9.85 -21.18 22.96
N ALA A 284 10.46 -20.36 23.83
CA ALA A 284 9.79 -19.33 24.65
C ALA A 284 9.52 -18.08 23.81
N GLY A 285 8.63 -17.21 24.29
CA GLY A 285 8.32 -15.89 23.71
C GLY A 285 7.56 -15.99 22.39
N THR A 286 6.77 -17.05 22.23
CA THR A 286 5.93 -17.27 21.02
C THR A 286 4.68 -18.04 21.43
N ASP A 287 3.59 -17.88 20.68
CA ASP A 287 2.35 -18.69 20.80
C ASP A 287 2.33 -19.78 19.73
N ASP A 288 3.22 -19.70 18.72
CA ASP A 288 3.24 -20.61 17.54
C ASP A 288 3.67 -22.01 18.00
N ALA A 289 2.99 -23.04 17.52
CA ALA A 289 3.32 -24.46 17.77
C ALA A 289 4.30 -24.94 16.71
N ASP A 290 5.24 -25.81 17.09
CA ASP A 290 6.03 -26.64 16.15
C ASP A 290 6.80 -25.76 15.15
N GLY A 291 7.39 -24.68 15.63
CA GLY A 291 8.41 -23.92 14.87
C GLY A 291 9.74 -24.65 14.84
N GLY A 292 10.78 -23.99 14.33
CA GLY A 292 12.13 -24.58 14.16
C GLY A 292 12.07 -25.79 13.24
N VAL A 293 12.62 -26.92 13.67
CA VAL A 293 12.64 -28.17 12.87
C VAL A 293 11.23 -28.77 12.75
N GLY A 294 10.28 -28.31 13.56
CA GLY A 294 8.86 -28.71 13.45
C GLY A 294 8.55 -30.05 14.12
N LEU A 295 9.35 -30.48 15.09
CA LEU A 295 9.26 -31.82 15.70
C LEU A 295 8.92 -31.76 17.20
N ALA A 296 8.61 -30.59 17.76
CA ALA A 296 8.31 -30.46 19.21
C ALA A 296 7.17 -31.42 19.61
N SER A 297 6.06 -31.40 18.88
CA SER A 297 4.86 -32.22 19.20
C SER A 297 5.19 -33.71 19.06
N ALA A 298 5.88 -34.10 17.98
CA ALA A 298 6.19 -35.52 17.70
C ALA A 298 7.13 -36.08 18.77
N PHE A 299 8.15 -35.33 19.20
CA PHE A 299 9.07 -35.80 20.26
C PHE A 299 8.37 -35.77 21.63
N THR A 300 7.43 -34.84 21.85
CA THR A 300 6.66 -34.81 23.11
C THR A 300 5.75 -36.04 23.16
N LEU A 301 5.21 -36.47 22.02
CA LEU A 301 4.43 -37.73 21.93
C LEU A 301 5.30 -38.88 22.44
N LEU A 302 6.55 -38.97 21.99
CA LEU A 302 7.47 -40.04 22.45
C LEU A 302 7.71 -39.88 23.96
N LEU A 303 7.95 -38.66 24.44
CA LEU A 303 8.23 -38.43 25.87
C LEU A 303 7.01 -38.82 26.71
N ALA A 304 5.81 -38.43 26.29
CA ALA A 304 4.54 -38.80 26.96
C ALA A 304 4.48 -40.33 27.10
N ARG A 305 4.82 -41.06 26.04
CA ARG A 305 4.82 -42.54 26.08
C ARG A 305 5.85 -43.03 27.10
N GLU A 306 7.06 -42.48 27.05
CA GLU A 306 8.17 -42.89 27.96
C GLU A 306 7.73 -42.66 29.42
N MET A 307 7.05 -41.55 29.71
CA MET A 307 6.70 -41.16 31.09
C MET A 307 5.37 -41.81 31.54
N GLY A 308 4.65 -42.52 30.67
CA GLY A 308 3.38 -43.20 30.99
C GLY A 308 2.20 -42.23 31.09
N ASP A 309 2.28 -41.06 30.45
CA ASP A 309 1.26 -39.97 30.48
C ASP A 309 0.24 -40.19 29.33
N GLN A 310 -0.76 -41.02 29.57
CA GLN A 310 -1.77 -41.42 28.56
C GLN A 310 -2.55 -40.19 28.11
N GLN A 311 -2.88 -39.28 29.02
CA GLN A 311 -3.73 -38.11 28.69
C GLN A 311 -2.98 -37.26 27.63
N LEU A 312 -1.73 -36.89 27.88
CA LEU A 312 -0.97 -36.02 26.95
C LEU A 312 -0.74 -36.78 25.63
N PHE A 313 -0.44 -38.07 25.69
CA PHE A 313 -0.27 -38.92 24.49
C PHE A 313 -1.51 -38.79 23.61
N ASP A 314 -2.69 -38.99 24.21
CA ASP A 314 -3.99 -38.96 23.50
C ASP A 314 -4.20 -37.59 22.86
N GLN A 315 -3.95 -36.52 23.63
CA GLN A 315 -4.11 -35.11 23.18
C GLN A 315 -3.19 -34.83 21.98
N LEU A 316 -1.92 -35.22 22.07
CA LEU A 316 -0.93 -34.94 20.99
C LEU A 316 -1.29 -35.76 19.74
N LEU A 317 -1.66 -37.03 19.91
CA LEU A 317 -1.97 -37.89 18.74
C LEU A 317 -3.25 -37.38 18.06
N ASN A 318 -4.21 -36.82 18.84
CA ASN A 318 -5.44 -36.20 18.29
C ASN A 318 -5.08 -34.96 17.46
N HIS A 319 -4.03 -34.23 17.83
CA HIS A 319 -3.50 -33.08 17.04
C HIS A 319 -2.76 -33.57 15.78
N LEU A 320 -1.92 -34.60 15.91
CA LEU A 320 -0.91 -34.99 14.89
C LEU A 320 -1.52 -35.87 13.80
N GLU A 321 -2.27 -36.90 14.16
CA GLU A 321 -2.64 -37.98 13.22
C GLU A 321 -3.77 -37.57 12.28
N PRO A 322 -4.95 -37.10 12.75
CA PRO A 322 -6.07 -36.83 11.85
C PRO A 322 -5.75 -35.95 10.64
N PRO A 323 -5.09 -34.77 10.79
CA PRO A 323 -4.79 -33.94 9.63
C PRO A 323 -3.82 -34.61 8.64
N ALA A 324 -3.04 -35.59 9.08
CA ALA A 324 -2.08 -36.33 8.22
C ALA A 324 -2.83 -37.34 7.33
N LYS A 325 -4.10 -37.63 7.64
CA LYS A 325 -5.02 -38.45 6.78
C LYS A 325 -4.41 -39.82 6.57
N PRO A 326 -4.37 -40.65 7.62
CA PRO A 326 -3.92 -42.03 7.49
C PRO A 326 -4.91 -42.81 6.64
N SER A 327 -4.43 -43.74 5.84
CA SER A 327 -5.25 -44.67 5.02
C SER A 327 -4.55 -46.05 5.09
N ILE A 328 -5.30 -47.13 5.30
CA ILE A 328 -4.79 -48.51 5.20
C ILE A 328 -5.29 -49.08 3.86
N VAL A 329 -4.37 -49.32 2.92
CA VAL A 329 -4.65 -49.90 1.58
C VAL A 329 -3.86 -51.20 1.50
N SER A 330 -4.54 -52.30 1.20
CA SER A 330 -3.92 -53.64 1.07
C SER A 330 -3.09 -53.93 2.34
N ALA A 331 -3.64 -53.60 3.51
CA ALA A 331 -3.09 -53.91 4.86
C ALA A 331 -1.75 -53.17 5.08
N SER A 332 -1.54 -52.05 4.42
CA SER A 332 -0.31 -51.22 4.56
C SER A 332 -0.69 -49.77 4.85
N LEU A 333 -0.03 -49.14 5.82
CA LEU A 333 -0.34 -47.77 6.30
C LEU A 333 0.39 -46.72 5.46
N ARG A 334 -0.34 -45.72 4.97
CA ARG A 334 0.19 -44.49 4.31
C ARG A 334 -0.46 -43.27 4.98
N TYR A 335 0.28 -42.17 5.11
CA TYR A 335 -0.24 -40.83 5.46
C TYR A 335 -0.23 -39.97 4.20
N GLU A 336 -1.38 -39.39 3.82
CA GLU A 336 -1.51 -38.53 2.62
C GLU A 336 -0.84 -37.17 2.89
N HIS A 337 -0.87 -36.61 4.11
CA HIS A 337 -0.31 -35.26 4.42
C HIS A 337 0.53 -35.31 5.68
N PRO A 338 1.72 -35.96 5.65
CA PRO A 338 2.60 -35.96 6.82
C PRO A 338 2.88 -34.51 7.21
N GLY A 339 2.78 -34.18 8.49
CA GLY A 339 2.83 -32.78 8.97
C GLY A 339 4.26 -32.30 9.23
N SER A 340 5.26 -33.18 9.15
CA SER A 340 6.66 -32.87 9.53
C SER A 340 7.62 -33.88 8.89
N LEU A 341 8.92 -33.62 9.04
CA LEU A 341 9.98 -34.63 8.81
C LEU A 341 9.76 -35.79 9.79
N LEU A 342 10.23 -36.98 9.43
CA LEU A 342 10.29 -38.16 10.33
C LEU A 342 8.89 -38.50 10.86
N PHE A 343 7.85 -38.22 10.08
CA PHE A 343 6.44 -38.30 10.56
C PHE A 343 6.04 -39.75 10.85
N ASP A 344 6.07 -40.65 9.87
CA ASP A 344 5.65 -42.05 10.12
C ASP A 344 6.63 -42.71 11.09
N GLU A 345 7.91 -42.31 11.06
CA GLU A 345 8.96 -42.87 11.95
C GLU A 345 8.60 -42.58 13.42
N LEU A 346 8.31 -41.32 13.75
CA LEU A 346 8.10 -40.89 15.16
C LEU A 346 6.71 -41.33 15.66
N LEU A 347 5.69 -41.37 14.82
CA LEU A 347 4.36 -41.89 15.24
C LEU A 347 4.45 -43.40 15.48
N PHE A 348 5.15 -44.13 14.60
CA PHE A 348 5.44 -45.58 14.77
C PHE A 348 6.10 -45.80 16.13
N LEU A 349 7.22 -45.11 16.35
CA LEU A 349 8.01 -45.24 17.60
C LEU A 349 7.11 -44.95 18.83
N ALA A 350 6.38 -43.84 18.85
CA ALA A 350 5.56 -43.44 20.01
C ALA A 350 4.46 -44.49 20.27
N LYS A 351 3.89 -45.07 19.21
CA LYS A 351 2.80 -46.06 19.33
C LYS A 351 3.30 -47.35 20.00
N VAL A 352 4.55 -47.76 19.75
CA VAL A 352 5.05 -49.07 20.26
C VAL A 352 5.98 -48.89 21.46
N HIS A 353 6.50 -47.70 21.73
CA HIS A 353 7.66 -47.51 22.65
C HIS A 353 7.36 -48.16 24.01
N ALA A 354 8.22 -49.08 24.46
CA ALA A 354 8.08 -49.82 25.73
C ALA A 354 8.85 -49.13 26.86
N GLY A 355 9.54 -48.02 26.59
CA GLY A 355 10.46 -47.37 27.53
C GLY A 355 11.90 -47.82 27.32
N PHE A 356 12.85 -46.89 27.37
CA PHE A 356 14.29 -47.17 27.11
C PHE A 356 14.84 -48.08 28.20
N GLY A 357 14.32 -47.96 29.44
CA GLY A 357 14.65 -48.87 30.55
C GLY A 357 14.28 -50.31 30.23
N ALA A 358 13.08 -50.54 29.71
CA ALA A 358 12.58 -51.89 29.34
C ALA A 358 13.43 -52.47 28.20
N LEU A 359 13.88 -51.64 27.24
CA LEU A 359 14.74 -52.14 26.13
C LEU A 359 16.08 -52.60 26.70
N LEU A 360 16.65 -51.86 27.66
CA LEU A 360 17.90 -52.25 28.38
C LEU A 360 17.75 -53.61 29.06
N ARG A 361 16.60 -53.92 29.63
CA ARG A 361 16.48 -55.21 30.34
C ARG A 361 15.85 -56.26 29.46
N MET A 362 15.78 -56.00 28.16
CA MET A 362 15.19 -56.96 27.19
C MET A 362 15.74 -58.37 27.42
N PRO A 363 14.87 -59.33 27.78
CA PRO A 363 15.31 -60.69 28.02
C PRO A 363 15.77 -61.33 26.72
N PRO A 364 16.71 -62.30 26.74
CA PRO A 364 17.19 -62.91 25.52
C PRO A 364 16.19 -63.81 24.82
N PRO A 365 16.45 -64.18 23.55
CA PRO A 365 15.56 -65.08 22.82
C PRO A 365 15.95 -66.54 23.08
N LEU B 4 5.19 3.21 16.68
CA LEU B 4 5.63 2.24 15.65
C LEU B 4 4.73 2.38 14.40
N PRO B 5 5.21 2.99 13.29
CA PRO B 5 4.45 3.01 12.04
C PRO B 5 4.07 1.61 11.59
N PRO B 6 3.09 1.41 10.70
CA PRO B 6 2.70 0.06 10.27
C PRO B 6 3.81 -0.62 9.43
N GLY B 7 4.11 -1.91 9.67
CA GLY B 7 5.27 -2.63 9.12
C GLY B 7 6.61 -2.34 9.80
N ARG B 8 6.72 -1.33 10.69
CA ARG B 8 7.94 -1.15 11.54
C ARG B 8 7.85 -2.06 12.77
N LEU B 9 8.97 -2.61 13.23
CA LEU B 9 8.98 -3.59 14.34
C LEU B 9 9.36 -2.89 15.65
N ALA B 10 10.12 -1.81 15.58
CA ALA B 10 10.51 -1.01 16.76
C ALA B 10 10.87 0.40 16.30
N THR B 11 10.87 1.33 17.25
CA THR B 11 11.12 2.77 16.99
C THR B 11 12.62 2.97 16.76
N THR B 12 12.97 3.98 15.99
CA THR B 12 14.37 4.45 15.83
C THR B 12 14.97 4.73 17.21
N GLU B 13 14.21 5.37 18.10
CA GLU B 13 14.66 5.66 19.49
C GLU B 13 15.11 4.32 20.13
N ASP B 14 14.32 3.24 19.97
CA ASP B 14 14.64 1.92 20.57
C ASP B 14 15.99 1.41 20.02
N TYR B 15 16.23 1.47 18.69
CA TYR B 15 17.48 0.93 18.09
C TYR B 15 18.67 1.72 18.63
N PHE B 16 18.56 3.05 18.69
CA PHE B 16 19.67 3.93 19.14
C PHE B 16 19.90 3.82 20.66
N ALA B 17 18.94 3.32 21.42
CA ALA B 17 19.06 3.17 22.90
C ALA B 17 19.63 1.80 23.28
N GLN B 18 19.78 0.86 22.35
CA GLN B 18 20.16 -0.55 22.66
C GLN B 18 21.47 -0.58 23.48
N GLN B 19 22.46 0.22 23.08
CA GLN B 19 23.79 0.18 23.73
C GLN B 19 23.67 0.68 25.18
N ALA B 20 22.96 1.78 25.41
CA ALA B 20 22.76 2.38 26.76
C ALA B 20 21.99 1.38 27.66
N LYS B 21 20.98 0.70 27.14
CA LYS B 21 20.14 -0.28 27.89
C LYS B 21 20.85 -1.63 28.01
N GLN B 22 21.96 -1.84 27.30
CA GLN B 22 22.72 -3.13 27.30
C GLN B 22 21.78 -4.29 26.92
N ALA B 23 20.91 -4.09 25.94
CA ALA B 23 19.96 -5.12 25.45
C ALA B 23 19.60 -4.82 23.99
N VAL B 24 19.54 -5.86 23.17
CA VAL B 24 19.05 -5.74 21.76
C VAL B 24 17.51 -5.67 21.83
N THR B 25 16.88 -5.04 20.85
CA THR B 25 15.40 -5.03 20.69
C THR B 25 14.94 -6.46 20.41
N PRO B 26 13.68 -6.82 20.74
CA PRO B 26 13.17 -8.15 20.42
C PRO B 26 13.31 -8.55 18.93
N ASP B 27 13.20 -7.60 17.99
CA ASP B 27 13.28 -7.91 16.54
C ASP B 27 14.74 -8.25 16.16
N VAL B 28 15.73 -7.62 16.82
CA VAL B 28 17.16 -7.96 16.60
C VAL B 28 17.43 -9.36 17.18
N MET B 29 16.85 -9.67 18.34
CA MET B 29 16.97 -11.01 18.94
C MET B 29 16.37 -12.04 17.98
N ALA B 30 15.24 -11.71 17.34
CA ALA B 30 14.55 -12.61 16.39
C ALA B 30 15.40 -12.79 15.11
N GLN B 31 16.17 -11.76 14.71
CA GLN B 31 17.16 -11.86 13.60
C GLN B 31 18.28 -12.82 14.01
N LEU B 32 18.80 -12.69 15.25
CA LEU B 32 19.84 -13.61 15.76
C LEU B 32 19.29 -15.04 15.80
N ALA B 33 17.99 -15.21 16.04
CA ALA B 33 17.34 -16.54 16.03
C ALA B 33 17.30 -17.07 14.59
N TYR B 34 16.92 -16.24 13.61
CA TYR B 34 16.99 -16.68 12.19
C TYR B 34 18.42 -17.16 11.92
N MET B 35 19.42 -16.42 12.42
CA MET B 35 20.84 -16.68 12.10
C MET B 35 21.34 -17.97 12.76
N ASN B 36 20.73 -18.41 13.89
CA ASN B 36 21.33 -19.43 14.78
C ASN B 36 20.43 -20.62 15.08
N TYR B 37 19.11 -20.57 14.85
CA TYR B 37 18.15 -21.46 15.55
C TYR B 37 18.06 -22.85 14.88
N ILE B 38 17.67 -22.91 13.61
CA ILE B 38 17.23 -24.20 12.97
C ILE B 38 18.46 -25.01 12.54
N ASP B 39 18.48 -26.29 12.90
CA ASP B 39 19.52 -27.27 12.48
C ASP B 39 19.73 -27.21 10.96
N PHE B 40 20.98 -27.22 10.53
CA PHE B 40 21.44 -27.44 9.13
C PHE B 40 21.20 -26.21 8.24
N ILE B 41 20.06 -25.50 8.35
CA ILE B 41 19.69 -24.47 7.33
C ILE B 41 19.95 -23.06 7.85
N SER B 42 20.13 -22.83 9.15
CA SER B 42 20.48 -21.47 9.67
C SER B 42 21.90 -21.15 9.20
N PRO B 43 22.20 -19.91 8.81
CA PRO B 43 23.52 -19.59 8.25
C PRO B 43 24.69 -19.83 9.22
N PHE B 44 24.48 -19.71 10.54
CA PHE B 44 25.56 -19.85 11.54
C PHE B 44 25.41 -21.16 12.30
N TYR B 45 24.94 -22.21 11.63
CA TYR B 45 24.77 -23.54 12.23
C TYR B 45 26.14 -24.20 12.45
N SER B 46 27.04 -24.17 11.45
CA SER B 46 28.33 -24.91 11.57
C SER B 46 29.46 -24.25 10.78
N ARG B 47 30.70 -24.55 11.18
CA ARG B 47 31.96 -24.14 10.53
C ARG B 47 32.09 -24.72 9.12
N GLY B 48 31.33 -25.77 8.79
CA GLY B 48 31.47 -26.53 7.54
C GLY B 48 31.26 -25.70 6.29
N CYS B 49 31.66 -26.21 5.14
CA CYS B 49 31.47 -25.56 3.80
C CYS B 49 30.10 -25.94 3.24
N SER B 50 29.06 -25.77 4.06
CA SER B 50 27.62 -25.89 3.71
C SER B 50 27.01 -24.49 3.61
N PHE B 51 26.29 -24.21 2.53
CA PHE B 51 25.75 -22.87 2.18
C PHE B 51 24.24 -22.97 1.93
N GLU B 52 23.57 -23.91 2.61
CA GLU B 52 22.11 -24.16 2.50
C GLU B 52 21.38 -22.84 2.77
N ALA B 53 21.74 -22.10 3.82
CA ALA B 53 21.03 -20.86 4.19
C ALA B 53 21.05 -19.89 3.00
N TRP B 54 22.17 -19.83 2.29
CA TRP B 54 22.34 -18.90 1.13
C TRP B 54 21.63 -19.45 -0.11
N GLU B 55 21.60 -20.77 -0.31
CA GLU B 55 20.84 -21.43 -1.40
C GLU B 55 19.36 -21.12 -1.21
N LEU B 56 18.84 -21.23 0.02
CA LEU B 56 17.40 -21.01 0.31
C LEU B 56 17.00 -19.56 0.04
N LYS B 57 17.87 -18.57 0.28
CA LYS B 57 17.47 -17.16 -0.08
C LYS B 57 17.99 -16.76 -1.45
N HIS B 58 18.51 -17.67 -2.26
CA HIS B 58 18.94 -17.43 -3.66
C HIS B 58 20.04 -16.36 -3.72
N THR B 59 20.94 -16.29 -2.74
CA THR B 59 22.11 -15.38 -2.78
C THR B 59 23.01 -15.75 -3.95
N PRO B 60 23.28 -14.85 -4.92
CA PRO B 60 24.21 -15.15 -6.00
C PRO B 60 25.61 -15.44 -5.41
N GLN B 61 26.33 -16.37 -6.02
CA GLN B 61 27.66 -16.83 -5.53
C GLN B 61 28.54 -15.62 -5.18
N ARG B 62 28.61 -14.63 -6.07
CA ARG B 62 29.59 -13.50 -5.94
C ARG B 62 29.27 -12.62 -4.73
N VAL B 63 28.05 -12.71 -4.20
CA VAL B 63 27.55 -11.84 -3.09
C VAL B 63 27.73 -12.54 -1.75
N ILE B 64 27.98 -13.85 -1.72
CA ILE B 64 28.04 -14.61 -0.44
C ILE B 64 29.12 -14.00 0.45
N LYS B 65 30.28 -13.64 -0.11
CA LYS B 65 31.40 -13.04 0.68
C LYS B 65 30.92 -11.77 1.41
N TYR B 66 30.08 -10.94 0.78
CA TYR B 66 29.55 -9.69 1.39
C TYR B 66 28.50 -10.04 2.43
N SER B 67 27.65 -11.02 2.15
CA SER B 67 26.65 -11.51 3.11
C SER B 67 27.35 -11.87 4.44
N ILE B 68 28.37 -12.70 4.36
CA ILE B 68 29.09 -13.19 5.58
C ILE B 68 29.72 -11.99 6.29
N ALA B 69 30.39 -11.11 5.56
CA ALA B 69 31.12 -9.94 6.12
C ALA B 69 30.14 -9.03 6.87
N PHE B 70 28.99 -8.70 6.27
CA PHE B 70 28.04 -7.73 6.85
C PHE B 70 27.41 -8.36 8.09
N TYR B 71 27.07 -9.65 8.07
CA TYR B 71 26.65 -10.39 9.28
C TYR B 71 27.73 -10.24 10.35
N ALA B 72 29.00 -10.46 10.00
CA ALA B 72 30.12 -10.37 10.95
C ALA B 72 30.19 -8.99 11.58
N TYR B 73 30.07 -7.93 10.79
CA TYR B 73 30.18 -6.53 11.31
C TYR B 73 29.02 -6.27 12.28
N GLY B 74 27.82 -6.78 11.98
CA GLY B 74 26.66 -6.68 12.88
C GLY B 74 26.92 -7.44 14.18
N LEU B 75 27.45 -8.65 14.09
CA LEU B 75 27.69 -9.48 15.29
C LEU B 75 28.69 -8.78 16.21
N ALA B 76 29.67 -8.07 15.67
CA ALA B 76 30.67 -7.34 16.48
C ALA B 76 29.95 -6.27 17.32
N SER B 77 28.96 -5.57 16.76
CA SER B 77 28.19 -4.56 17.50
C SER B 77 27.29 -5.25 18.55
N VAL B 78 26.72 -6.42 18.25
CA VAL B 78 25.91 -7.17 19.25
C VAL B 78 26.79 -7.43 20.48
N ALA B 79 28.05 -7.81 20.27
CA ALA B 79 29.02 -8.12 21.35
C ALA B 79 29.19 -6.89 22.26
N LEU B 80 29.22 -5.70 21.67
CA LEU B 80 29.40 -4.40 22.37
C LEU B 80 28.09 -4.00 23.06
N ILE B 81 26.93 -4.30 22.46
CA ILE B 81 25.60 -3.92 23.01
C ILE B 81 25.30 -4.73 24.28
N ASP B 82 25.34 -6.07 24.21
CA ASP B 82 24.91 -6.94 25.34
C ASP B 82 26.04 -7.89 25.70
N PRO B 83 26.74 -7.66 26.82
CA PRO B 83 27.79 -8.57 27.30
C PRO B 83 27.32 -10.03 27.43
N LYS B 84 26.04 -10.27 27.71
CA LYS B 84 25.47 -11.64 27.83
C LYS B 84 25.40 -12.31 26.45
N LEU B 85 25.47 -11.54 25.35
CA LEU B 85 25.44 -12.10 23.97
C LEU B 85 26.85 -12.15 23.36
N ARG B 86 27.86 -11.70 24.10
CA ARG B 86 29.23 -11.59 23.54
C ARG B 86 29.78 -12.97 23.16
N ALA B 87 29.57 -13.99 23.99
CA ALA B 87 30.04 -15.37 23.70
C ALA B 87 29.34 -15.89 22.42
N LEU B 88 28.03 -15.69 22.29
CA LEU B 88 27.27 -16.09 21.07
C LEU B 88 27.85 -15.35 19.85
N ALA B 89 28.06 -14.04 19.95
CA ALA B 89 28.62 -13.22 18.85
C ALA B 89 29.97 -13.80 18.45
N GLY B 90 30.81 -14.15 19.43
CA GLY B 90 32.13 -14.76 19.22
C GLY B 90 32.02 -16.07 18.48
N HIS B 91 31.10 -16.95 18.90
CA HIS B 91 30.86 -18.25 18.24
C HIS B 91 30.47 -18.01 16.78
N ASP B 92 29.54 -17.08 16.54
CA ASP B 92 29.03 -16.77 15.19
C ASP B 92 30.19 -16.22 14.33
N LEU B 93 31.08 -15.41 14.90
CA LEU B 93 32.22 -14.83 14.15
C LEU B 93 33.21 -15.92 13.76
N ASP B 94 33.44 -16.87 14.66
CA ASP B 94 34.27 -18.08 14.40
C ASP B 94 33.73 -18.76 13.13
N ILE B 95 32.43 -18.99 13.08
CA ILE B 95 31.77 -19.66 11.92
C ILE B 95 31.88 -18.74 10.69
N ALA B 96 31.74 -17.44 10.85
CA ALA B 96 31.80 -16.48 9.73
C ALA B 96 33.19 -16.60 9.06
N VAL B 97 34.24 -16.63 9.85
CA VAL B 97 35.63 -16.74 9.33
C VAL B 97 35.80 -18.09 8.61
N SER B 98 35.36 -19.21 9.20
CA SER B 98 35.50 -20.56 8.58
C SER B 98 34.80 -20.55 7.23
N LYS B 99 33.55 -20.07 7.18
CA LYS B 99 32.75 -20.11 5.94
C LYS B 99 33.42 -19.21 4.91
N MET B 100 33.95 -18.08 5.35
CA MET B 100 34.56 -17.07 4.44
C MET B 100 35.73 -17.71 3.69
N LYS B 101 36.37 -18.73 4.27
CA LYS B 101 37.57 -19.37 3.66
C LYS B 101 37.17 -20.51 2.73
N CYS B 102 35.90 -20.90 2.66
CA CYS B 102 35.44 -21.99 1.76
C CYS B 102 35.55 -21.54 0.30
N LYS B 103 35.90 -22.47 -0.59
CA LYS B 103 36.07 -22.19 -2.04
C LYS B 103 34.75 -21.68 -2.67
N ARG B 104 33.59 -22.11 -2.18
CA ARG B 104 32.28 -21.62 -2.67
C ARG B 104 32.27 -20.08 -2.57
N VAL B 105 32.89 -19.51 -1.54
CA VAL B 105 32.87 -18.05 -1.28
C VAL B 105 33.89 -17.32 -2.16
N TRP B 106 35.14 -17.78 -2.22
CA TRP B 106 36.23 -17.05 -2.91
C TRP B 106 36.44 -17.54 -4.35
N GLY B 107 35.85 -18.69 -4.70
CA GLY B 107 36.15 -19.47 -5.92
C GLY B 107 35.97 -18.69 -7.21
N ASP B 108 35.15 -17.65 -7.24
CA ASP B 108 34.97 -16.80 -8.45
C ASP B 108 36.33 -16.24 -8.91
N TRP B 109 37.26 -15.99 -7.98
CA TRP B 109 38.62 -15.48 -8.30
C TRP B 109 39.34 -16.46 -9.25
N GLU B 110 39.27 -17.76 -8.95
CA GLU B 110 39.86 -18.82 -9.79
C GLU B 110 39.07 -18.97 -11.09
N GLU B 111 37.74 -19.09 -11.04
CA GLU B 111 36.89 -19.31 -12.24
C GLU B 111 37.07 -18.17 -13.25
N ASP B 112 37.27 -16.93 -12.79
CA ASP B 112 37.49 -15.74 -13.65
C ASP B 112 38.88 -15.78 -14.29
N GLY B 113 39.78 -16.67 -13.84
CA GLY B 113 41.12 -16.86 -14.42
C GLY B 113 42.19 -16.02 -13.73
N PHE B 114 41.95 -15.50 -12.51
CA PHE B 114 42.88 -14.54 -11.86
C PHE B 114 43.90 -15.25 -10.95
N GLY B 115 43.71 -16.54 -10.64
CA GLY B 115 44.67 -17.27 -9.80
C GLY B 115 44.01 -18.32 -8.95
N THR B 116 44.79 -19.21 -8.35
CA THR B 116 44.33 -20.36 -7.53
C THR B 116 44.36 -19.97 -6.04
N ASP B 117 45.03 -18.87 -5.69
CA ASP B 117 45.13 -18.39 -4.29
C ASP B 117 44.46 -17.03 -4.19
N PRO B 118 43.39 -16.91 -3.37
CA PRO B 118 42.59 -15.68 -3.31
C PRO B 118 43.21 -14.54 -2.49
N ILE B 119 44.34 -14.78 -1.84
CA ILE B 119 44.98 -13.88 -0.83
C ILE B 119 46.31 -13.30 -1.37
N GLU B 120 47.01 -14.02 -2.23
CA GLU B 120 48.43 -13.78 -2.62
C GLU B 120 48.59 -12.36 -3.17
N LYS B 121 47.71 -11.93 -4.07
CA LYS B 121 47.79 -10.54 -4.64
C LYS B 121 46.41 -10.08 -5.05
N GLU B 122 46.18 -8.77 -5.00
CA GLU B 122 44.95 -8.10 -5.49
C GLU B 122 43.75 -8.66 -4.69
N ASN B 123 42.57 -8.73 -5.29
CA ASN B 123 41.38 -9.38 -4.70
C ASN B 123 41.08 -8.73 -3.34
N ILE B 124 41.26 -7.42 -3.21
CA ILE B 124 41.13 -6.72 -1.90
C ILE B 124 39.67 -6.76 -1.44
N MET B 125 38.71 -6.85 -2.36
CA MET B 125 37.27 -7.07 -2.04
C MET B 125 37.15 -8.24 -1.06
N TYR B 126 37.69 -9.39 -1.44
CA TYR B 126 37.58 -10.63 -0.62
C TYR B 126 38.47 -10.49 0.62
N LYS B 127 39.75 -10.19 0.43
CA LYS B 127 40.74 -10.39 1.52
C LYS B 127 40.69 -9.20 2.50
N GLY B 128 40.22 -8.03 2.08
CA GLY B 128 39.91 -6.90 2.98
C GLY B 128 38.89 -7.32 4.03
N HIS B 129 37.77 -7.88 3.59
CA HIS B 129 36.69 -8.37 4.50
C HIS B 129 37.27 -9.47 5.39
N LEU B 130 37.95 -10.45 4.81
CA LEU B 130 38.53 -11.57 5.59
C LEU B 130 39.43 -10.99 6.69
N ASN B 131 40.29 -10.04 6.34
CA ASN B 131 41.28 -9.48 7.29
C ASN B 131 40.52 -8.73 8.41
N LEU B 132 39.51 -7.95 8.07
CA LEU B 132 38.70 -7.24 9.09
C LEU B 132 38.00 -8.27 9.97
N MET B 133 37.50 -9.36 9.39
CA MET B 133 36.78 -10.41 10.15
C MET B 133 37.73 -11.12 11.13
N TYR B 134 38.95 -11.44 10.71
CA TYR B 134 39.97 -12.03 11.61
C TYR B 134 40.12 -11.14 12.86
N GLY B 135 40.22 -9.83 12.63
CA GLY B 135 40.45 -8.84 13.69
C GLY B 135 39.27 -8.74 14.64
N LEU B 136 38.06 -8.62 14.09
CA LEU B 136 36.84 -8.47 14.91
C LEU B 136 36.64 -9.75 15.73
N TYR B 137 36.91 -10.92 15.16
CA TYR B 137 36.80 -12.19 15.88
C TYR B 137 37.69 -12.13 17.12
N GLN B 138 38.93 -11.66 16.95
CA GLN B 138 39.91 -11.67 18.05
C GLN B 138 39.55 -10.57 19.07
N LEU B 139 39.08 -9.41 18.64
CA LEU B 139 38.57 -8.34 19.56
C LEU B 139 37.43 -8.89 20.42
N VAL B 140 36.51 -9.65 19.83
CA VAL B 140 35.30 -10.09 20.54
C VAL B 140 35.66 -11.20 21.54
N THR B 141 36.48 -12.18 21.13
CA THR B 141 36.69 -13.46 21.87
C THR B 141 38.01 -13.46 22.66
N GLY B 142 39.04 -12.71 22.22
CA GLY B 142 40.41 -12.83 22.73
C GLY B 142 41.11 -14.10 22.25
N SER B 143 40.49 -14.90 21.36
CA SER B 143 41.05 -16.18 20.87
C SER B 143 42.09 -15.90 19.77
N ARG B 144 43.19 -16.67 19.80
CA ARG B 144 44.38 -16.53 18.90
C ARG B 144 44.30 -17.59 17.79
N ARG B 145 43.15 -18.24 17.62
CA ARG B 145 42.88 -19.31 16.64
C ARG B 145 43.36 -18.91 15.23
N TYR B 146 43.14 -17.66 14.82
CA TYR B 146 43.40 -17.19 13.44
C TYR B 146 44.58 -16.19 13.42
N GLU B 147 45.26 -16.00 14.55
CA GLU B 147 46.33 -14.97 14.71
C GLU B 147 47.41 -15.10 13.62
N ALA B 148 47.89 -16.30 13.35
CA ALA B 148 48.96 -16.56 12.35
C ALA B 148 48.47 -16.11 10.98
N GLU B 149 47.26 -16.52 10.59
CA GLU B 149 46.64 -16.17 9.29
C GLU B 149 46.44 -14.66 9.21
N HIS B 150 46.03 -14.04 10.32
CA HIS B 150 45.73 -12.59 10.43
C HIS B 150 47.01 -11.78 10.19
N ALA B 151 48.12 -12.18 10.85
CA ALA B 151 49.45 -11.56 10.69
C ALA B 151 49.90 -11.68 9.23
N HIS B 152 49.76 -12.88 8.65
CA HIS B 152 50.19 -13.17 7.25
C HIS B 152 49.43 -12.27 6.28
N LEU B 153 48.11 -12.18 6.40
CA LEU B 153 47.26 -11.39 5.47
C LEU B 153 47.52 -9.88 5.70
N THR B 154 47.64 -9.44 6.95
CA THR B 154 47.95 -8.02 7.27
C THR B 154 49.28 -7.63 6.57
N ARG B 155 50.29 -8.50 6.61
CA ARG B 155 51.62 -8.20 6.03
C ARG B 155 51.50 -8.17 4.50
N ILE B 156 50.74 -9.09 3.90
CA ILE B 156 50.47 -9.04 2.44
C ILE B 156 49.85 -7.68 2.09
N ILE B 157 48.84 -7.23 2.86
CA ILE B 157 48.11 -5.97 2.53
C ILE B 157 49.09 -4.80 2.66
N HIS B 158 49.88 -4.76 3.74
CA HIS B 158 50.89 -3.69 3.97
C HIS B 158 51.88 -3.65 2.80
N ASP B 159 52.43 -4.81 2.40
CA ASP B 159 53.46 -4.90 1.33
C ASP B 159 52.87 -4.43 0.00
N GLU B 160 51.60 -4.77 -0.28
CA GLU B 160 50.96 -4.42 -1.57
C GLU B 160 50.73 -2.90 -1.63
N ILE B 161 50.29 -2.31 -0.52
CA ILE B 161 50.13 -0.83 -0.40
C ILE B 161 51.50 -0.18 -0.65
N ALA B 162 52.55 -0.63 0.03
CA ALA B 162 53.92 -0.05 -0.07
C ALA B 162 54.40 -0.10 -1.53
N ALA B 163 54.07 -1.16 -2.28
CA ALA B 163 54.58 -1.40 -3.66
C ALA B 163 53.83 -0.56 -4.70
N ASN B 164 52.62 -0.08 -4.43
CA ASN B 164 51.75 0.54 -5.47
C ASN B 164 52.05 2.04 -5.54
N PRO B 165 52.08 2.64 -6.76
CA PRO B 165 52.27 4.07 -6.93
C PRO B 165 51.04 4.92 -6.57
N PHE B 166 49.85 4.34 -6.71
CA PHE B 166 48.57 4.85 -6.16
C PHE B 166 48.45 4.33 -4.71
N ALA B 167 47.68 5.00 -3.86
CA ALA B 167 47.42 4.55 -2.47
C ALA B 167 46.32 3.47 -2.46
N GLY B 168 46.69 2.24 -2.13
CA GLY B 168 45.75 1.13 -1.91
C GLY B 168 46.04 -0.06 -2.81
N ILE B 169 45.02 -0.89 -3.04
CA ILE B 169 45.12 -2.21 -3.72
C ILE B 169 43.91 -2.38 -4.66
N VAL B 170 44.12 -3.03 -5.79
CA VAL B 170 43.04 -3.31 -6.78
C VAL B 170 42.26 -4.55 -6.34
N CYS B 171 41.08 -4.74 -6.95
CA CYS B 171 40.23 -5.94 -6.77
C CYS B 171 40.62 -6.94 -7.86
N GLU B 172 39.84 -7.05 -8.93
CA GLU B 172 40.29 -7.64 -10.22
C GLU B 172 41.48 -6.79 -10.65
N PRO B 173 42.44 -7.32 -11.43
CA PRO B 173 43.57 -6.49 -11.89
C PRO B 173 43.07 -5.24 -12.62
N ASP B 174 43.69 -4.09 -12.34
CA ASP B 174 43.40 -2.76 -12.94
C ASP B 174 42.01 -2.20 -12.56
N ASN B 175 41.34 -2.76 -11.55
CA ASN B 175 40.03 -2.26 -11.03
C ASN B 175 40.25 -1.81 -9.58
N TYR B 176 40.18 -0.51 -9.34
CA TYR B 176 40.37 0.10 -8.00
C TYR B 176 39.02 0.63 -7.52
N PHE B 177 38.58 0.19 -6.34
CA PHE B 177 37.31 0.61 -5.72
C PHE B 177 37.60 1.20 -4.32
N VAL B 178 37.12 2.41 -4.05
CA VAL B 178 37.36 3.09 -2.75
C VAL B 178 36.72 2.26 -1.63
N GLN B 179 35.53 1.68 -1.85
CA GLN B 179 34.78 1.02 -0.75
C GLN B 179 35.55 -0.23 -0.31
N CYS B 180 36.13 -0.97 -1.25
CA CYS B 180 36.91 -2.21 -0.98
C CYS B 180 38.18 -1.83 -0.22
N ASN B 181 38.84 -0.74 -0.61
CA ASN B 181 40.05 -0.23 0.10
C ASN B 181 39.68 0.18 1.53
N SER B 182 38.52 0.80 1.73
CA SER B 182 38.11 1.33 3.06
C SER B 182 38.07 0.20 4.06
N VAL B 183 37.65 -1.00 3.63
CA VAL B 183 37.58 -2.22 4.49
C VAL B 183 39.01 -2.66 4.86
N ALA B 184 39.90 -2.73 3.88
CA ALA B 184 41.31 -3.14 4.07
C ALA B 184 41.99 -2.19 5.08
N TYR B 185 41.84 -0.87 4.91
CA TYR B 185 42.48 0.13 5.81
C TYR B 185 41.91 -0.05 7.21
N LEU B 186 40.60 -0.19 7.35
CA LEU B 186 40.00 -0.40 8.69
C LEU B 186 40.56 -1.66 9.30
N SER B 187 40.85 -2.71 8.51
CA SER B 187 41.42 -3.99 9.05
C SER B 187 42.80 -3.72 9.65
N LEU B 188 43.55 -2.73 9.14
CA LEU B 188 44.90 -2.38 9.66
C LEU B 188 44.74 -1.69 11.02
N TRP B 189 43.73 -0.84 11.18
CA TRP B 189 43.41 -0.20 12.48
C TRP B 189 43.10 -1.29 13.51
N VAL B 190 42.35 -2.32 13.14
CA VAL B 190 41.97 -3.39 14.08
C VAL B 190 43.21 -4.20 14.45
N TYR B 191 44.06 -4.54 13.47
CA TYR B 191 45.32 -5.28 13.75
C TYR B 191 46.17 -4.48 14.75
N ASP B 192 46.36 -3.19 14.51
CA ASP B 192 47.14 -2.27 15.38
C ASP B 192 46.56 -2.25 16.81
N ARG B 193 45.24 -2.21 16.95
CA ARG B 193 44.59 -2.26 18.29
C ARG B 193 44.97 -3.57 19.01
N LEU B 194 45.08 -4.68 18.30
CA LEU B 194 45.37 -6.00 18.92
C LEU B 194 46.85 -6.16 19.25
N HIS B 195 47.76 -5.52 18.51
CA HIS B 195 49.21 -5.88 18.53
C HIS B 195 50.13 -4.68 18.83
N GLY B 196 49.60 -3.44 18.90
CA GLY B 196 50.40 -2.24 19.18
C GLY B 196 51.27 -1.80 18.02
N THR B 197 51.00 -2.31 16.81
CA THR B 197 51.75 -1.97 15.56
C THR B 197 51.25 -0.64 14.99
N ASP B 198 51.79 -0.21 13.85
CA ASP B 198 51.42 1.08 13.19
C ASP B 198 51.19 0.84 11.69
N TYR B 199 50.54 -0.25 11.31
CA TYR B 199 50.11 -0.48 9.89
C TYR B 199 49.14 0.61 9.45
N ARG B 200 48.39 1.20 10.38
CA ARG B 200 47.36 2.24 10.07
C ARG B 200 48.00 3.56 9.60
N ALA B 201 49.31 3.73 9.72
CA ALA B 201 50.02 4.97 9.31
C ALA B 201 49.84 5.20 7.80
N ALA B 202 49.58 4.14 7.03
CA ALA B 202 49.34 4.23 5.57
C ALA B 202 48.02 4.96 5.28
N THR B 203 47.13 5.10 6.25
CA THR B 203 45.76 5.65 6.05
C THR B 203 45.82 7.10 5.52
N ARG B 204 46.71 7.94 6.05
CA ARG B 204 46.72 9.39 5.71
C ARG B 204 46.94 9.55 4.19
N ALA B 205 47.94 8.87 3.63
CA ALA B 205 48.24 8.95 2.18
C ALA B 205 47.01 8.48 1.38
N TRP B 206 46.30 7.46 1.87
CA TRP B 206 45.08 6.92 1.19
C TRP B 206 43.98 7.98 1.20
N LEU B 207 43.71 8.59 2.35
CA LEU B 207 42.66 9.63 2.48
C LEU B 207 42.99 10.83 1.58
N ASP B 208 44.28 11.18 1.43
CA ASP B 208 44.72 12.29 0.54
C ASP B 208 44.47 11.87 -0.92
N PHE B 209 44.81 10.63 -1.28
CA PHE B 209 44.68 10.09 -2.66
C PHE B 209 43.20 10.09 -3.10
N ILE B 210 42.29 9.58 -2.27
CA ILE B 210 40.87 9.40 -2.68
C ILE B 210 40.17 10.77 -2.77
N GLN B 211 40.75 11.83 -2.20
CA GLN B 211 40.19 13.21 -2.30
C GLN B 211 40.68 13.93 -3.56
N LYS B 212 41.53 13.33 -4.40
CA LYS B 212 41.93 13.90 -5.71
C LYS B 212 40.86 13.52 -6.74
N ASP B 213 41.16 12.70 -7.75
CA ASP B 213 40.23 12.49 -8.90
C ASP B 213 39.09 11.52 -8.54
N LEU B 214 39.19 10.80 -7.42
CA LEU B 214 38.18 9.76 -7.05
C LEU B 214 36.93 10.37 -6.40
N ILE B 215 36.98 11.63 -5.94
CA ILE B 215 35.79 12.28 -5.33
C ILE B 215 35.39 13.51 -6.15
N ASP B 216 34.09 13.78 -6.20
CA ASP B 216 33.52 15.11 -6.56
C ASP B 216 33.26 15.83 -5.24
N PRO B 217 34.17 16.75 -4.82
CA PRO B 217 34.09 17.34 -3.48
C PRO B 217 32.84 18.22 -3.29
N GLU B 218 32.33 18.85 -4.36
CA GLU B 218 31.12 19.70 -4.30
C GLU B 218 29.90 18.81 -3.99
N ARG B 219 29.81 17.63 -4.59
CA ARG B 219 28.62 16.74 -4.47
C ARG B 219 28.81 15.74 -3.31
N GLY B 220 30.01 15.67 -2.73
CA GLY B 220 30.33 14.74 -1.61
C GLY B 220 30.16 13.30 -2.03
N ALA B 221 30.60 12.95 -3.23
CA ALA B 221 30.30 11.66 -3.89
C ALA B 221 31.57 11.13 -4.56
N PHE B 222 31.87 9.85 -4.32
CA PHE B 222 32.97 9.13 -5.01
C PHE B 222 32.49 8.67 -6.39
N TYR B 223 33.41 8.69 -7.35
CA TYR B 223 33.23 8.04 -8.67
C TYR B 223 33.27 6.53 -8.46
N LEU B 224 32.63 5.82 -9.40
CA LEU B 224 32.36 4.37 -9.36
C LEU B 224 33.66 3.59 -9.10
N SER B 225 34.72 3.92 -9.82
CA SER B 225 36.00 3.17 -9.80
C SER B 225 37.10 3.93 -10.53
N TYR B 226 38.34 3.51 -10.27
CA TYR B 226 39.60 4.03 -10.85
C TYR B 226 40.35 2.86 -11.49
N HIS B 227 41.09 3.14 -12.57
CA HIS B 227 41.76 2.11 -13.41
C HIS B 227 43.18 2.56 -13.69
N PRO B 228 44.15 2.17 -12.82
CA PRO B 228 45.50 2.74 -12.84
C PRO B 228 46.24 2.61 -14.19
N GLU B 229 46.13 1.48 -14.90
CA GLU B 229 46.82 1.25 -16.20
C GLU B 229 46.50 2.41 -17.16
N SER B 230 45.22 2.75 -17.33
CA SER B 230 44.72 3.79 -18.26
C SER B 230 44.65 5.17 -17.59
N GLY B 231 44.66 5.24 -16.25
CA GLY B 231 44.42 6.50 -15.49
C GLY B 231 42.94 6.87 -15.46
N ALA B 232 42.05 6.05 -16.03
CA ALA B 232 40.61 6.37 -16.17
C ALA B 232 39.93 6.34 -14.80
N VAL B 233 39.08 7.33 -14.55
CA VAL B 233 38.05 7.31 -13.49
C VAL B 233 36.70 7.21 -14.20
N LYS B 234 35.88 6.21 -13.87
CA LYS B 234 34.54 6.08 -14.51
C LYS B 234 33.76 7.34 -14.17
N PRO B 235 33.13 7.99 -15.16
CA PRO B 235 32.57 9.33 -14.96
C PRO B 235 31.20 9.39 -14.26
N TRP B 236 30.76 8.33 -13.59
CA TRP B 236 29.50 8.33 -12.79
C TRP B 236 29.84 8.34 -11.31
N ILE B 237 29.13 9.15 -10.54
CA ILE B 237 29.17 9.10 -9.05
C ILE B 237 28.18 8.02 -8.58
N SER B 238 28.47 7.39 -7.44
CA SER B 238 27.72 6.23 -6.90
C SER B 238 27.41 6.48 -5.43
N ALA B 239 26.12 6.45 -5.09
CA ALA B 239 25.60 6.62 -3.72
C ALA B 239 26.03 5.44 -2.85
N TYR B 240 25.86 4.19 -3.31
CA TYR B 240 26.12 3.02 -2.43
C TYR B 240 27.63 3.00 -2.14
N THR B 241 28.43 3.31 -3.16
CA THR B 241 29.90 3.40 -3.04
C THR B 241 30.26 4.44 -1.97
N THR B 242 29.63 5.61 -2.03
CA THR B 242 29.92 6.75 -1.15
C THR B 242 29.43 6.43 0.26
N ALA B 243 28.21 5.91 0.40
CA ALA B 243 27.61 5.64 1.73
C ALA B 243 28.49 4.66 2.49
N TRP B 244 28.87 3.58 1.82
CA TRP B 244 29.73 2.53 2.41
C TRP B 244 31.07 3.15 2.82
N THR B 245 31.73 3.85 1.89
CA THR B 245 33.10 4.40 2.11
C THR B 245 33.06 5.41 3.28
N LEU B 246 32.10 6.34 3.29
CA LEU B 246 32.03 7.38 4.35
C LEU B 246 31.74 6.70 5.69
N ALA B 247 30.95 5.62 5.71
CA ALA B 247 30.62 4.95 6.98
C ALA B 247 31.92 4.39 7.57
N MET B 248 32.73 3.73 6.76
CA MET B 248 33.97 3.06 7.26
C MET B 248 35.03 4.13 7.58
N VAL B 249 35.18 5.13 6.72
CA VAL B 249 36.18 6.21 6.92
C VAL B 249 35.84 6.94 8.24
N HIS B 250 34.57 7.08 8.62
CA HIS B 250 34.17 7.80 9.85
C HIS B 250 34.85 7.17 11.07
N GLY B 251 35.13 5.87 11.02
CA GLY B 251 35.80 5.14 12.12
C GLY B 251 37.29 5.44 12.20
N MET B 252 37.88 5.95 11.12
CA MET B 252 39.34 6.19 11.03
C MET B 252 39.63 7.70 11.06
N ASP B 253 38.86 8.50 10.32
CA ASP B 253 38.97 9.98 10.24
C ASP B 253 37.57 10.56 10.25
N PRO B 254 36.98 10.76 11.44
CA PRO B 254 35.61 11.28 11.54
C PRO B 254 35.42 12.60 10.78
N ALA B 255 36.39 13.51 10.80
CA ALA B 255 36.27 14.85 10.17
C ALA B 255 36.05 14.70 8.66
N PHE B 256 36.68 13.70 8.02
CA PHE B 256 36.56 13.42 6.56
C PHE B 256 35.08 13.18 6.22
N SER B 257 34.43 12.27 6.94
CA SER B 257 33.03 11.88 6.64
C SER B 257 32.09 13.04 7.01
N GLU B 258 32.36 13.75 8.10
CA GLU B 258 31.57 14.93 8.55
C GLU B 258 31.59 16.02 7.45
N ARG B 259 32.73 16.24 6.82
CA ARG B 259 32.90 17.22 5.71
C ARG B 259 31.92 16.88 4.57
N TYR B 260 31.82 15.62 4.14
CA TYR B 260 31.14 15.27 2.88
C TYR B 260 29.68 14.86 3.10
N TYR B 261 29.32 14.43 4.32
CA TYR B 261 28.00 13.80 4.60
C TYR B 261 26.85 14.72 4.15
N PRO B 262 26.84 16.03 4.51
CA PRO B 262 25.74 16.91 4.12
C PRO B 262 25.61 17.04 2.60
N ARG B 263 26.74 17.09 1.89
CA ARG B 263 26.75 17.20 0.40
C ARG B 263 26.23 15.89 -0.20
N PHE B 264 26.67 14.74 0.32
CA PHE B 264 26.18 13.40 -0.07
C PHE B 264 24.64 13.38 -0.02
N LYS B 265 24.05 13.84 1.08
CA LYS B 265 22.58 13.82 1.28
C LYS B 265 21.88 14.71 0.25
N GLN B 266 22.41 15.92 0.03
CA GLN B 266 21.87 16.87 -0.97
C GLN B 266 21.92 16.18 -2.34
N THR B 267 23.04 15.56 -2.71
CA THR B 267 23.24 14.93 -4.03
C THR B 267 22.24 13.78 -4.26
N PHE B 268 21.99 12.91 -3.27
CA PHE B 268 21.39 11.58 -3.53
C PHE B 268 20.05 11.35 -2.83
N VAL B 269 19.83 11.96 -1.66
CA VAL B 269 18.73 11.53 -0.75
C VAL B 269 17.43 12.27 -1.11
N GLU B 270 16.38 11.54 -1.45
CA GLU B 270 15.02 12.09 -1.69
C GLU B 270 14.13 11.80 -0.47
N VAL B 271 13.79 12.86 0.28
CA VAL B 271 12.75 12.82 1.34
C VAL B 271 11.38 12.89 0.65
N TYR B 272 10.43 12.05 1.03
CA TYR B 272 9.07 12.04 0.43
C TYR B 272 8.04 11.69 1.53
N ASP B 273 6.76 11.61 1.15
CA ASP B 273 5.62 11.30 2.06
C ASP B 273 5.64 12.25 3.27
N GLU B 274 5.78 13.56 3.01
CA GLU B 274 5.64 14.65 4.01
C GLU B 274 6.68 14.46 5.11
N GLY B 275 7.92 14.09 4.74
CA GLY B 275 9.06 13.97 5.66
C GLY B 275 9.13 12.64 6.42
N ARG B 276 8.21 11.70 6.19
CA ARG B 276 8.13 10.44 6.96
C ARG B 276 9.07 9.37 6.37
N LYS B 277 9.44 9.50 5.08
CA LYS B 277 10.20 8.48 4.31
C LYS B 277 11.31 9.13 3.50
N ALA B 278 12.33 8.33 3.16
CA ALA B 278 13.43 8.71 2.26
C ALA B 278 13.85 7.50 1.42
N ARG B 279 14.35 7.78 0.22
CA ARG B 279 14.94 6.77 -0.67
C ARG B 279 16.11 7.44 -1.38
N VAL B 280 17.09 6.66 -1.82
CA VAL B 280 18.39 7.22 -2.30
C VAL B 280 18.57 6.87 -3.77
N ARG B 281 18.84 7.89 -4.58
CA ARG B 281 19.25 7.76 -6.00
C ARG B 281 20.68 7.20 -6.03
N GLU B 282 20.98 6.28 -6.96
CA GLU B 282 22.30 5.57 -7.01
C GLU B 282 23.33 6.46 -7.72
N THR B 283 22.90 7.29 -8.66
CA THR B 283 23.81 8.16 -9.47
C THR B 283 23.14 9.51 -9.76
N ALA B 284 23.87 10.44 -10.35
CA ALA B 284 23.35 11.78 -10.78
C ALA B 284 22.60 11.64 -12.10
N GLY B 285 21.79 12.64 -12.45
CA GLY B 285 21.09 12.74 -13.75
C GLY B 285 19.95 11.73 -13.88
N THR B 286 19.34 11.34 -12.76
CA THR B 286 18.16 10.45 -12.72
C THR B 286 17.29 10.83 -11.52
N ASP B 287 15.99 10.53 -11.59
CA ASP B 287 15.04 10.64 -10.45
C ASP B 287 14.83 9.26 -9.82
N ASP B 288 15.27 8.18 -10.48
CA ASP B 288 15.02 6.77 -10.04
C ASP B 288 15.83 6.51 -8.76
N ALA B 289 15.21 5.85 -7.79
CA ALA B 289 15.85 5.44 -6.52
C ALA B 289 16.46 4.04 -6.71
N ASP B 290 17.60 3.77 -6.09
CA ASP B 290 18.13 2.40 -5.88
C ASP B 290 18.33 1.68 -7.21
N GLY B 291 18.85 2.37 -8.22
CA GLY B 291 19.35 1.72 -9.45
C GLY B 291 20.70 1.03 -9.20
N GLY B 292 21.34 0.56 -10.27
CA GLY B 292 22.60 -0.19 -10.20
C GLY B 292 22.43 -1.46 -9.39
N VAL B 293 23.31 -1.69 -8.41
CA VAL B 293 23.27 -2.90 -7.53
C VAL B 293 22.04 -2.87 -6.63
N GLY B 294 21.37 -1.71 -6.49
CA GLY B 294 20.09 -1.60 -5.75
C GLY B 294 20.28 -1.44 -4.24
N LEU B 295 21.44 -0.99 -3.78
CA LEU B 295 21.79 -0.97 -2.34
C LEU B 295 22.03 0.47 -1.83
N ALA B 296 21.75 1.51 -2.60
CA ALA B 296 21.99 2.91 -2.18
C ALA B 296 21.27 3.19 -0.85
N SER B 297 19.98 2.87 -0.75
CA SER B 297 19.17 3.16 0.44
C SER B 297 19.67 2.35 1.63
N ALA B 298 19.97 1.06 1.45
CA ALA B 298 20.40 0.16 2.54
C ALA B 298 21.76 0.61 3.09
N PHE B 299 22.70 1.00 2.24
CA PHE B 299 24.03 1.49 2.71
C PHE B 299 23.88 2.90 3.33
N THR B 300 22.94 3.71 2.86
CA THR B 300 22.70 5.05 3.45
C THR B 300 22.11 4.87 4.85
N LEU B 301 21.28 3.83 5.05
CA LEU B 301 20.76 3.48 6.38
C LEU B 301 21.95 3.22 7.32
N LEU B 302 22.94 2.45 6.88
CA LEU B 302 24.14 2.19 7.71
C LEU B 302 24.89 3.51 7.96
N LEU B 303 25.06 4.33 6.93
CA LEU B 303 25.81 5.61 7.07
C LEU B 303 25.07 6.52 8.07
N ALA B 304 23.75 6.63 7.95
CA ALA B 304 22.91 7.44 8.87
C ALA B 304 23.18 6.96 10.30
N ARG B 305 23.22 5.65 10.53
CA ARG B 305 23.49 5.09 11.88
C ARG B 305 24.89 5.52 12.32
N GLU B 306 25.89 5.36 11.45
CA GLU B 306 27.31 5.68 11.78
C GLU B 306 27.40 7.17 12.15
N MET B 307 26.69 8.06 11.46
CA MET B 307 26.81 9.52 11.65
C MET B 307 25.88 10.02 12.77
N GLY B 308 25.02 9.17 13.35
CA GLY B 308 24.09 9.55 14.43
C GLY B 308 22.89 10.36 13.93
N ASP B 309 22.52 10.22 12.66
CA ASP B 309 21.38 10.94 12.00
C ASP B 309 20.09 10.12 12.15
N GLN B 310 19.41 10.27 13.29
CA GLN B 310 18.20 9.49 13.64
C GLN B 310 17.09 9.77 12.63
N GLN B 311 16.96 11.02 12.20
CA GLN B 311 15.85 11.43 11.30
C GLN B 311 15.99 10.65 9.98
N LEU B 312 17.16 10.67 9.35
CA LEU B 312 17.35 9.99 8.04
C LEU B 312 17.21 8.47 8.24
N PHE B 313 17.75 7.93 9.33
CA PHE B 313 17.62 6.50 9.66
C PHE B 313 16.14 6.13 9.64
N ASP B 314 15.33 6.89 10.38
CA ASP B 314 13.87 6.62 10.53
C ASP B 314 13.19 6.68 9.16
N GLN B 315 13.50 7.70 8.37
CA GLN B 315 12.92 7.90 7.02
C GLN B 315 13.28 6.71 6.11
N LEU B 316 14.55 6.29 6.09
CA LEU B 316 15.01 5.18 5.21
C LEU B 316 14.38 3.87 5.66
N LEU B 317 14.33 3.61 6.97
CA LEU B 317 13.75 2.33 7.47
C LEU B 317 12.24 2.29 7.19
N ASN B 318 11.56 3.45 7.21
CA ASN B 318 10.12 3.55 6.85
C ASN B 318 9.93 3.22 5.37
N HIS B 319 10.89 3.54 4.51
CA HIS B 319 10.88 3.17 3.07
C HIS B 319 11.18 1.68 2.89
N LEU B 320 12.18 1.15 3.60
CA LEU B 320 12.80 -0.18 3.32
C LEU B 320 12.00 -1.32 3.95
N GLU B 321 11.62 -1.21 5.22
CA GLU B 321 11.14 -2.38 6.01
C GLU B 321 9.69 -2.74 5.67
N PRO B 322 8.69 -1.83 5.75
CA PRO B 322 7.29 -2.21 5.58
C PRO B 322 6.99 -3.01 4.29
N PRO B 323 7.43 -2.58 3.09
CA PRO B 323 7.13 -3.37 1.88
C PRO B 323 7.79 -4.76 1.89
N ALA B 324 8.85 -4.96 2.66
CA ALA B 324 9.54 -6.27 2.78
C ALA B 324 8.72 -7.26 3.63
N LYS B 325 7.72 -6.76 4.37
CA LYS B 325 6.70 -7.59 5.09
C LYS B 325 7.42 -8.48 6.10
N PRO B 326 7.97 -7.89 7.17
CA PRO B 326 8.57 -8.68 8.24
C PRO B 326 7.48 -9.47 8.96
N SER B 327 7.77 -10.68 9.39
CA SER B 327 6.95 -11.41 10.39
C SER B 327 7.87 -12.14 11.36
N ILE B 328 7.46 -12.19 12.62
CA ILE B 328 8.16 -12.97 13.68
C ILE B 328 7.28 -14.21 13.94
N VAL B 329 7.79 -15.38 13.57
CA VAL B 329 7.12 -16.70 13.76
C VAL B 329 8.06 -17.53 14.64
N SER B 330 7.54 -18.08 15.74
CA SER B 330 8.34 -18.90 16.68
C SER B 330 9.61 -18.13 17.07
N ALA B 331 9.47 -16.82 17.33
CA ALA B 331 10.52 -15.92 17.86
C ALA B 331 11.68 -15.77 16.88
N SER B 332 11.44 -15.96 15.59
CA SER B 332 12.46 -15.85 14.52
C SER B 332 11.95 -14.90 13.43
N LEU B 333 12.80 -13.96 12.98
CA LEU B 333 12.44 -12.92 11.98
C LEU B 333 12.62 -13.46 10.56
N ARG B 334 11.59 -13.28 9.72
CA ARG B 334 11.62 -13.53 8.25
C ARG B 334 11.05 -12.27 7.56
N TYR B 335 11.61 -11.94 6.39
CA TYR B 335 11.02 -10.96 5.44
C TYR B 335 10.43 -11.74 4.27
N GLU B 336 9.14 -11.54 3.96
CA GLU B 336 8.45 -12.23 2.85
C GLU B 336 8.93 -11.66 1.50
N HIS B 337 9.21 -10.36 1.39
CA HIS B 337 9.59 -9.70 0.11
C HIS B 337 10.83 -8.82 0.30
N PRO B 338 12.03 -9.42 0.50
CA PRO B 338 13.25 -8.62 0.60
C PRO B 338 13.38 -7.78 -0.67
N GLY B 339 13.68 -6.48 -0.52
CA GLY B 339 13.64 -5.51 -1.63
C GLY B 339 14.93 -5.44 -2.42
N SER B 340 15.98 -6.14 -1.99
CA SER B 340 17.33 -6.08 -2.58
C SER B 340 18.14 -7.30 -2.18
N LEU B 341 19.34 -7.42 -2.77
CA LEU B 341 20.40 -8.33 -2.25
C LEU B 341 20.78 -7.86 -0.83
N LEU B 342 21.29 -8.78 -0.02
CA LEU B 342 21.90 -8.46 1.31
C LEU B 342 20.88 -7.76 2.21
N PHE B 343 19.59 -8.06 2.04
CA PHE B 343 18.50 -7.29 2.69
C PHE B 343 18.52 -7.50 4.21
N ASP B 344 18.35 -8.73 4.69
CA ASP B 344 18.30 -8.96 6.16
C ASP B 344 19.68 -8.65 6.75
N GLU B 345 20.76 -8.85 6.00
CA GLU B 345 22.15 -8.58 6.46
C GLU B 345 22.30 -7.09 6.76
N LEU B 346 21.93 -6.21 5.83
CA LEU B 346 22.18 -4.75 5.95
C LEU B 346 21.19 -4.11 6.94
N LEU B 347 19.96 -4.59 7.03
CA LEU B 347 19.00 -4.07 8.04
C LEU B 347 19.45 -4.48 9.43
N PHE B 348 19.89 -5.73 9.60
CA PHE B 348 20.49 -6.23 10.86
C PHE B 348 21.65 -5.31 11.27
N LEU B 349 22.62 -5.15 10.39
CA LEU B 349 23.82 -4.32 10.65
C LEU B 349 23.40 -2.89 11.05
N ALA B 350 22.53 -2.24 10.27
CA ALA B 350 22.14 -0.83 10.53
C ALA B 350 21.42 -0.71 11.89
N LYS B 351 20.62 -1.72 12.25
CA LYS B 351 19.85 -1.72 13.52
C LYS B 351 20.78 -1.77 14.72
N VAL B 352 21.90 -2.50 14.64
CA VAL B 352 22.78 -2.72 15.82
C VAL B 352 24.04 -1.86 15.77
N HIS B 353 24.39 -1.29 14.62
CA HIS B 353 25.75 -0.72 14.39
C HIS B 353 26.10 0.29 15.50
N ALA B 354 27.22 0.08 16.20
CA ALA B 354 27.67 0.93 17.33
C ALA B 354 28.66 2.00 16.85
N GLY B 355 29.00 2.02 15.55
CA GLY B 355 30.07 2.86 15.00
C GLY B 355 31.38 2.09 14.89
N PHE B 356 32.10 2.26 13.78
CA PHE B 356 33.35 1.50 13.51
C PHE B 356 34.42 1.92 14.52
N GLY B 357 34.41 3.19 14.95
CA GLY B 357 35.27 3.71 16.05
C GLY B 357 35.05 2.96 17.34
N ALA B 358 33.80 2.74 17.74
CA ALA B 358 33.45 2.03 18.99
C ALA B 358 33.90 0.57 18.89
N LEU B 359 33.81 -0.06 17.72
CA LEU B 359 34.28 -1.48 17.55
C LEU B 359 35.79 -1.54 17.76
N LEU B 360 36.53 -0.54 17.25
CA LEU B 360 37.99 -0.41 17.45
C LEU B 360 38.35 -0.33 18.94
N ARG B 361 37.51 0.29 19.77
CA ARG B 361 37.82 0.51 21.21
C ARG B 361 37.08 -0.53 22.06
N MET B 362 36.60 -1.62 21.46
CA MET B 362 35.86 -2.67 22.19
C MET B 362 36.66 -3.07 23.42
N PRO B 363 36.11 -3.00 24.65
CA PRO B 363 36.79 -3.49 25.85
C PRO B 363 37.16 -4.96 25.75
N PRO B 364 38.27 -5.42 26.36
CA PRO B 364 38.68 -6.81 26.20
C PRO B 364 37.73 -7.77 26.90
N PRO B 365 37.83 -9.07 26.57
CA PRO B 365 37.20 -10.14 27.37
C PRO B 365 38.04 -10.58 28.58
N LEU C 4 11.58 15.19 -33.00
CA LEU C 4 11.89 13.85 -32.41
C LEU C 4 10.79 12.84 -32.77
N PRO C 5 11.01 11.94 -33.75
CA PRO C 5 10.00 10.94 -34.13
C PRO C 5 9.60 10.09 -32.91
N PRO C 6 8.43 9.42 -32.92
CA PRO C 6 7.96 8.73 -31.71
C PRO C 6 8.81 7.48 -31.38
N GLY C 7 9.13 7.24 -30.11
CA GLY C 7 9.92 6.07 -29.64
C GLY C 7 11.45 6.23 -29.80
N ARG C 8 11.90 7.30 -30.44
CA ARG C 8 13.34 7.64 -30.64
C ARG C 8 13.83 8.37 -29.39
N LEU C 9 15.12 8.31 -29.10
CA LEU C 9 15.72 8.92 -27.88
C LEU C 9 16.37 10.24 -28.24
N ALA C 10 16.87 10.39 -29.46
CA ALA C 10 17.51 11.64 -29.91
C ALA C 10 17.45 11.73 -31.43
N THR C 11 17.63 12.93 -31.95
CA THR C 11 17.49 13.24 -33.40
C THR C 11 18.73 12.74 -34.11
N THR C 12 18.58 12.38 -35.38
CA THR C 12 19.71 12.08 -36.28
C THR C 12 20.71 13.25 -36.25
N GLU C 13 20.21 14.48 -36.31
CA GLU C 13 21.06 15.71 -36.26
C GLU C 13 21.94 15.62 -35.01
N ASP C 14 21.38 15.26 -33.85
CA ASP C 14 22.13 15.17 -32.57
C ASP C 14 23.26 14.13 -32.71
N TYR C 15 23.01 12.94 -33.25
CA TYR C 15 24.06 11.87 -33.35
C TYR C 15 25.19 12.37 -34.24
N PHE C 16 24.86 12.98 -35.38
CA PHE C 16 25.86 13.45 -36.37
C PHE C 16 26.62 14.68 -35.85
N ALA C 17 26.11 15.39 -34.87
CA ALA C 17 26.74 16.61 -34.30
C ALA C 17 27.66 16.29 -33.11
N GLN C 18 27.64 15.04 -32.60
CA GLN C 18 28.37 14.68 -31.36
C GLN C 18 29.84 15.08 -31.46
N GLN C 19 30.49 14.80 -32.59
CA GLN C 19 31.94 15.05 -32.76
C GLN C 19 32.23 16.55 -32.69
N ALA C 20 31.44 17.38 -33.38
CA ALA C 20 31.61 18.85 -33.41
C ALA C 20 31.40 19.43 -32.00
N LYS C 21 30.42 18.94 -31.25
CA LYS C 21 30.08 19.41 -29.88
C LYS C 21 31.05 18.81 -28.84
N GLN C 22 31.86 17.82 -29.22
CA GLN C 22 32.79 17.10 -28.31
C GLN C 22 32.04 16.54 -27.11
N ALA C 23 30.86 15.97 -27.34
CA ALA C 23 29.99 15.37 -26.30
C ALA C 23 29.11 14.29 -26.93
N VAL C 24 28.95 13.16 -26.24
CA VAL C 24 28.00 12.09 -26.65
C VAL C 24 26.60 12.56 -26.23
N THR C 25 25.56 12.10 -26.91
CA THR C 25 24.15 12.34 -26.54
C THR C 25 23.89 11.66 -25.19
N PRO C 26 22.91 12.12 -24.39
CA PRO C 26 22.57 11.44 -23.15
C PRO C 26 22.28 9.94 -23.30
N ASP C 27 21.68 9.50 -24.41
CA ASP C 27 21.29 8.08 -24.61
C ASP C 27 22.57 7.25 -24.87
N VAL C 28 23.58 7.83 -25.53
CA VAL C 28 24.88 7.14 -25.73
C VAL C 28 25.60 7.03 -24.38
N MET C 29 25.53 8.07 -23.56
CA MET C 29 26.10 8.05 -22.19
C MET C 29 25.42 6.94 -21.39
N ALA C 30 24.10 6.79 -21.55
CA ALA C 30 23.31 5.76 -20.84
C ALA C 30 23.68 4.36 -21.34
N GLN C 31 24.05 4.22 -22.62
CA GLN C 31 24.58 2.95 -23.19
C GLN C 31 25.94 2.65 -22.55
N LEU C 32 26.82 3.66 -22.44
CA LEU C 32 28.14 3.49 -21.78
C LEU C 32 27.92 3.09 -20.31
N ALA C 33 26.84 3.57 -19.67
CA ALA C 33 26.51 3.19 -18.28
C ALA C 33 26.06 1.73 -18.25
N TYR C 34 25.23 1.28 -19.19
CA TYR C 34 24.86 -0.16 -19.27
C TYR C 34 26.16 -0.96 -19.36
N MET C 35 27.10 -0.47 -20.18
CA MET C 35 28.33 -1.22 -20.50
C MET C 35 29.28 -1.27 -19.29
N ASN C 36 29.22 -0.31 -18.36
CA ASN C 36 30.29 -0.08 -17.36
C ASN C 36 29.81 -0.06 -15.91
N TYR C 37 28.51 0.10 -15.62
CA TYR C 37 28.08 0.63 -14.29
C TYR C 37 28.00 -0.49 -13.24
N ILE C 38 27.17 -1.51 -13.46
CA ILE C 38 26.78 -2.46 -12.38
C ILE C 38 27.89 -3.49 -12.17
N ASP C 39 28.28 -3.70 -10.91
CA ASP C 39 29.27 -4.73 -10.47
C ASP C 39 28.89 -6.09 -11.07
N PHE C 40 29.89 -6.81 -11.59
CA PHE C 40 29.85 -8.24 -11.98
C PHE C 40 29.09 -8.47 -13.28
N ILE C 41 27.95 -7.81 -13.53
CA ILE C 41 27.05 -8.19 -14.66
C ILE C 41 27.21 -7.24 -15.86
N SER C 42 27.80 -6.06 -15.71
CA SER C 42 28.07 -5.15 -16.86
C SER C 42 29.14 -5.81 -17.74
N PRO C 43 29.05 -5.73 -19.07
CA PRO C 43 30.00 -6.42 -19.94
C PRO C 43 31.46 -5.97 -19.78
N PHE C 44 31.71 -4.71 -19.40
CA PHE C 44 33.09 -4.15 -19.29
C PHE C 44 33.45 -3.96 -17.83
N TYR C 45 32.96 -4.83 -16.95
CA TYR C 45 33.28 -4.79 -15.50
C TYR C 45 34.74 -5.20 -15.26
N SER C 46 35.23 -6.28 -15.87
CA SER C 46 36.60 -6.78 -15.58
C SER C 46 37.24 -7.49 -16.77
N ARG C 47 38.57 -7.57 -16.76
CA ARG C 47 39.44 -8.30 -17.72
C ARG C 47 39.17 -9.81 -17.69
N GLY C 48 38.56 -10.32 -16.63
CA GLY C 48 38.42 -11.76 -16.37
C GLY C 48 37.58 -12.48 -17.42
N CYS C 49 37.61 -13.80 -17.39
CA CYS C 49 36.85 -14.69 -18.32
C CYS C 49 35.45 -14.95 -17.75
N SER C 50 34.76 -13.88 -17.35
CA SER C 50 33.34 -13.88 -16.91
C SER C 50 32.46 -13.29 -18.05
N PHE C 51 31.38 -13.98 -18.39
CA PHE C 51 30.51 -13.65 -19.54
C PHE C 51 29.05 -13.53 -19.08
N GLU C 52 28.84 -13.11 -17.84
CA GLU C 52 27.51 -12.95 -17.22
C GLU C 52 26.69 -11.98 -18.07
N ALA C 53 27.25 -10.86 -18.53
CA ALA C 53 26.50 -9.86 -19.32
C ALA C 53 25.91 -10.55 -20.56
N TRP C 54 26.68 -11.44 -21.17
CA TRP C 54 26.26 -12.15 -22.42
C TRP C 54 25.27 -13.27 -22.08
N GLU C 55 25.43 -13.95 -20.95
CA GLU C 55 24.46 -14.98 -20.47
C GLU C 55 23.10 -14.31 -20.24
N LEU C 56 23.08 -13.13 -19.61
CA LEU C 56 21.81 -12.39 -19.31
C LEU C 56 21.11 -11.97 -20.59
N LYS C 57 21.81 -11.62 -21.66
CA LYS C 57 21.16 -11.25 -22.95
C LYS C 57 20.95 -12.48 -23.85
N HIS C 58 21.34 -13.69 -23.43
CA HIS C 58 21.19 -14.94 -24.22
C HIS C 58 21.98 -14.86 -25.53
N THR C 59 23.14 -14.20 -25.54
CA THR C 59 24.05 -14.19 -26.71
C THR C 59 24.53 -15.61 -26.98
N PRO C 60 24.29 -16.19 -28.17
CA PRO C 60 24.87 -17.49 -28.52
C PRO C 60 26.40 -17.39 -28.47
N GLN C 61 27.05 -18.47 -28.02
CA GLN C 61 28.52 -18.56 -27.88
C GLN C 61 29.20 -18.00 -29.14
N ARG C 62 28.77 -18.42 -30.33
CA ARG C 62 29.49 -18.12 -31.60
C ARG C 62 29.47 -16.61 -31.92
N VAL C 63 28.54 -15.87 -31.29
CA VAL C 63 28.30 -14.44 -31.61
C VAL C 63 29.06 -13.55 -30.61
N ILE C 64 29.55 -14.11 -29.50
CA ILE C 64 30.20 -13.27 -28.45
C ILE C 64 31.38 -12.52 -29.05
N LYS C 65 32.18 -13.15 -29.90
CA LYS C 65 33.37 -12.51 -30.54
C LYS C 65 32.93 -11.25 -31.31
N TYR C 66 31.78 -11.27 -31.99
CA TYR C 66 31.25 -10.12 -32.77
C TYR C 66 30.73 -9.05 -31.81
N SER C 67 30.05 -9.46 -30.74
CA SER C 67 29.57 -8.55 -29.69
C SER C 67 30.73 -7.72 -29.17
N ILE C 68 31.81 -8.37 -28.76
CA ILE C 68 32.97 -7.65 -28.16
C ILE C 68 33.57 -6.71 -29.21
N ALA C 69 33.78 -7.19 -30.43
CA ALA C 69 34.40 -6.41 -31.53
C ALA C 69 33.58 -5.14 -31.81
N PHE C 70 32.27 -5.27 -31.96
CA PHE C 70 31.40 -4.13 -32.35
C PHE C 70 31.37 -3.11 -31.20
N TYR C 71 31.30 -3.56 -29.95
CA TYR C 71 31.48 -2.67 -28.78
C TYR C 71 32.82 -1.93 -28.90
N ALA C 72 33.90 -2.66 -29.21
CA ALA C 72 35.26 -2.08 -29.33
C ALA C 72 35.28 -0.99 -30.40
N TYR C 73 34.69 -1.24 -31.58
CA TYR C 73 34.71 -0.26 -32.70
C TYR C 73 33.95 1.00 -32.28
N GLY C 74 32.84 0.85 -31.55
CA GLY C 74 32.08 1.98 -30.99
C GLY C 74 32.91 2.76 -30.00
N LEU C 75 33.59 2.06 -29.09
CA LEU C 75 34.41 2.73 -28.05
C LEU C 75 35.52 3.57 -28.70
N ALA C 76 36.08 3.12 -29.82
CA ALA C 76 37.14 3.87 -30.53
C ALA C 76 36.57 5.23 -31.00
N SER C 77 35.34 5.26 -31.49
CA SER C 77 34.69 6.52 -31.92
C SER C 77 34.37 7.39 -30.70
N VAL C 78 33.96 6.81 -29.57
CA VAL C 78 33.70 7.59 -28.33
C VAL C 78 34.99 8.35 -27.96
N ALA C 79 36.15 7.71 -28.11
CA ALA C 79 37.47 8.29 -27.79
C ALA C 79 37.71 9.54 -28.64
N LEU C 80 37.29 9.49 -29.90
CA LEU C 80 37.45 10.59 -30.89
C LEU C 80 36.42 11.69 -30.60
N ILE C 81 35.20 11.33 -30.17
CA ILE C 81 34.10 12.30 -29.91
C ILE C 81 34.43 13.17 -28.69
N ASP C 82 34.70 12.56 -27.53
CA ASP C 82 34.84 13.30 -26.25
C ASP C 82 36.18 12.97 -25.63
N PRO C 83 37.15 13.91 -25.67
CA PRO C 83 38.45 13.72 -25.01
C PRO C 83 38.34 13.34 -23.53
N LYS C 84 37.30 13.79 -22.83
CA LYS C 84 37.08 13.48 -21.38
C LYS C 84 36.67 12.00 -21.22
N LEU C 85 36.22 11.33 -22.30
CA LEU C 85 35.83 9.90 -22.23
C LEU C 85 36.93 9.01 -22.84
N ARG C 86 38.03 9.60 -23.31
CA ARG C 86 39.07 8.83 -24.03
C ARG C 86 39.71 7.78 -23.11
N ALA C 87 40.01 8.15 -21.86
CA ALA C 87 40.61 7.23 -20.87
C ALA C 87 39.63 6.08 -20.58
N LEU C 88 38.33 6.38 -20.39
CA LEU C 88 37.29 5.34 -20.20
C LEU C 88 37.25 4.41 -21.41
N ALA C 89 37.22 4.96 -22.63
CA ALA C 89 37.18 4.18 -23.88
C ALA C 89 38.39 3.25 -23.91
N GLY C 90 39.57 3.78 -23.55
CA GLY C 90 40.83 3.01 -23.48
C GLY C 90 40.74 1.86 -22.51
N HIS C 91 40.22 2.11 -21.31
CA HIS C 91 40.02 1.09 -20.26
C HIS C 91 39.10 0.00 -20.82
N ASP C 92 38.00 0.38 -21.44
CA ASP C 92 37.00 -0.57 -21.98
C ASP C 92 37.65 -1.40 -23.09
N LEU C 93 38.50 -0.80 -23.92
CA LEU C 93 39.16 -1.53 -25.03
C LEU C 93 40.17 -2.53 -24.47
N ASP C 94 40.88 -2.17 -23.41
CA ASP C 94 41.78 -3.08 -22.66
C ASP C 94 40.98 -4.33 -22.26
N ILE C 95 39.80 -4.14 -21.66
CA ILE C 95 38.91 -5.25 -21.23
C ILE C 95 38.43 -6.02 -22.46
N ALA C 96 38.10 -5.33 -23.55
CA ALA C 96 37.58 -5.97 -24.78
C ALA C 96 38.63 -6.97 -25.28
N VAL C 97 39.88 -6.55 -25.34
CA VAL C 97 41.00 -7.41 -25.82
C VAL C 97 41.15 -8.62 -24.90
N SER C 98 41.18 -8.41 -23.56
CA SER C 98 41.33 -9.53 -22.60
C SER C 98 40.21 -10.53 -22.79
N LYS C 99 38.97 -10.06 -22.85
CA LYS C 99 37.80 -10.98 -22.94
C LYS C 99 37.87 -11.71 -24.27
N MET C 100 38.30 -11.01 -25.32
CA MET C 100 38.34 -11.59 -26.70
C MET C 100 39.28 -12.81 -26.70
N LYS C 101 40.26 -12.85 -25.80
CA LYS C 101 41.28 -13.94 -25.77
C LYS C 101 40.81 -15.10 -24.89
N CYS C 102 39.69 -14.99 -24.17
CA CYS C 102 39.15 -16.09 -23.35
C CYS C 102 38.65 -17.24 -24.24
N LYS C 103 38.83 -18.48 -23.79
CA LYS C 103 38.45 -19.69 -24.55
C LYS C 103 36.92 -19.70 -24.79
N ARG C 104 36.11 -19.15 -23.90
CA ARG C 104 34.64 -19.05 -24.11
C ARG C 104 34.37 -18.36 -25.46
N VAL C 105 35.19 -17.39 -25.84
CA VAL C 105 34.99 -16.57 -27.07
C VAL C 105 35.50 -17.34 -28.31
N TRP C 106 36.72 -17.88 -28.27
CA TRP C 106 37.35 -18.50 -29.48
C TRP C 106 37.12 -20.02 -29.54
N GLY C 107 36.67 -20.62 -28.44
CA GLY C 107 36.65 -22.08 -28.20
C GLY C 107 35.90 -22.87 -29.24
N ASP C 108 34.94 -22.27 -29.95
CA ASP C 108 34.17 -22.96 -31.03
C ASP C 108 35.15 -23.52 -32.07
N TRP C 109 36.28 -22.86 -32.29
CA TRP C 109 37.32 -23.29 -33.26
C TRP C 109 37.83 -24.70 -32.90
N GLU C 110 38.11 -24.93 -31.61
CA GLU C 110 38.56 -26.24 -31.10
C GLU C 110 37.38 -27.23 -31.11
N GLU C 111 36.21 -26.87 -30.57
CA GLU C 111 35.05 -27.79 -30.47
C GLU C 111 34.62 -28.29 -31.86
N ASP C 112 34.74 -27.44 -32.90
CA ASP C 112 34.40 -27.81 -34.30
C ASP C 112 35.45 -28.79 -34.87
N GLY C 113 36.60 -28.95 -34.21
CA GLY C 113 37.67 -29.88 -34.65
C GLY C 113 38.71 -29.21 -35.56
N PHE C 114 38.81 -27.88 -35.59
CA PHE C 114 39.70 -27.17 -36.54
C PHE C 114 41.09 -26.90 -35.97
N GLY C 115 41.32 -27.09 -34.66
CA GLY C 115 42.65 -26.88 -34.06
C GLY C 115 42.55 -26.36 -32.64
N THR C 116 43.69 -26.37 -31.95
CA THR C 116 43.85 -26.01 -30.52
C THR C 116 44.26 -24.54 -30.41
N ASP C 117 44.74 -23.93 -31.49
CA ASP C 117 45.26 -22.54 -31.50
C ASP C 117 44.40 -21.73 -32.47
N PRO C 118 43.69 -20.69 -31.98
CA PRO C 118 42.73 -19.96 -32.80
C PRO C 118 43.35 -18.94 -33.76
N ILE C 119 44.66 -18.73 -33.70
CA ILE C 119 45.36 -17.66 -34.49
C ILE C 119 46.29 -18.22 -35.55
N GLU C 120 46.81 -19.44 -35.36
CA GLU C 120 47.93 -20.05 -36.15
C GLU C 120 47.61 -20.02 -37.66
N LYS C 121 46.41 -20.42 -38.05
CA LYS C 121 45.99 -20.45 -39.48
C LYS C 121 44.47 -20.28 -39.57
N GLU C 122 44.02 -19.69 -40.66
CA GLU C 122 42.59 -19.54 -41.01
C GLU C 122 41.90 -18.73 -39.88
N ASN C 123 40.62 -18.98 -39.64
CA ASN C 123 39.87 -18.39 -38.50
C ASN C 123 39.97 -16.86 -38.57
N ILE C 124 39.90 -16.28 -39.77
CA ILE C 124 40.11 -14.82 -39.97
C ILE C 124 38.96 -14.04 -39.33
N MET C 125 37.78 -14.64 -39.22
CA MET C 125 36.62 -14.05 -38.48
C MET C 125 37.10 -13.62 -37.08
N TYR C 126 37.69 -14.56 -36.33
CA TYR C 126 38.14 -14.28 -34.96
C TYR C 126 39.37 -13.36 -34.98
N LYS C 127 40.41 -13.74 -35.71
CA LYS C 127 41.73 -13.10 -35.50
C LYS C 127 41.80 -11.77 -36.26
N GLY C 128 40.98 -11.57 -37.29
CA GLY C 128 40.80 -10.24 -37.93
C GLY C 128 40.31 -9.22 -36.93
N HIS C 129 39.24 -9.54 -36.20
CA HIS C 129 38.67 -8.66 -35.15
C HIS C 129 39.72 -8.44 -34.07
N LEU C 130 40.34 -9.50 -33.57
CA LEU C 130 41.37 -9.38 -32.51
C LEU C 130 42.45 -8.42 -32.96
N ASN C 131 42.93 -8.57 -34.20
CA ASN C 131 44.05 -7.75 -34.71
C ASN C 131 43.61 -6.29 -34.82
N LEU C 132 42.40 -6.04 -35.30
CA LEU C 132 41.88 -4.65 -35.40
C LEU C 132 41.73 -4.09 -33.98
N MET C 133 41.29 -4.90 -33.02
CA MET C 133 41.10 -4.45 -31.62
C MET C 133 42.44 -4.10 -30.97
N TYR C 134 43.49 -4.89 -31.18
CA TYR C 134 44.86 -4.58 -30.70
C TYR C 134 45.24 -3.17 -31.17
N GLY C 135 44.99 -2.88 -32.44
CA GLY C 135 45.38 -1.63 -33.08
C GLY C 135 44.61 -0.46 -32.54
N LEU C 136 43.28 -0.59 -32.44
CA LEU C 136 42.42 0.51 -31.94
C LEU C 136 42.77 0.80 -30.48
N TYR C 137 43.04 -0.24 -29.69
CA TYR C 137 43.45 -0.07 -28.28
C TYR C 137 44.69 0.83 -28.24
N GLN C 138 45.67 0.55 -29.10
CA GLN C 138 46.96 1.29 -29.05
C GLN C 138 46.77 2.70 -29.61
N LEU C 139 45.96 2.91 -30.65
CA LEU C 139 45.61 4.26 -31.16
C LEU C 139 44.95 5.09 -30.05
N VAL C 140 44.05 4.49 -29.27
CA VAL C 140 43.25 5.24 -28.28
C VAL C 140 44.14 5.60 -27.07
N THR C 141 44.95 4.67 -26.58
CA THR C 141 45.65 4.78 -25.28
C THR C 141 47.12 5.17 -25.44
N GLY C 142 47.77 4.83 -26.56
CA GLY C 142 49.23 4.91 -26.71
C GLY C 142 49.97 3.82 -25.94
N SER C 143 49.26 2.88 -25.32
CA SER C 143 49.86 1.78 -24.51
C SER C 143 50.41 0.69 -25.43
N ARG C 144 51.58 0.14 -25.06
CA ARG C 144 52.33 -0.91 -25.81
C ARG C 144 52.07 -2.29 -25.17
N ARG C 145 51.10 -2.37 -24.26
CA ARG C 145 50.72 -3.61 -23.52
C ARG C 145 50.59 -4.82 -24.47
N TYR C 146 50.00 -4.65 -25.65
CA TYR C 146 49.67 -5.77 -26.57
C TYR C 146 50.55 -5.71 -27.83
N GLU C 147 51.54 -4.82 -27.88
CA GLU C 147 52.36 -4.54 -29.10
C GLU C 147 53.00 -5.85 -29.63
N ALA C 148 53.58 -6.66 -28.77
CA ALA C 148 54.26 -7.93 -29.16
C ALA C 148 53.23 -8.86 -29.84
N GLU C 149 52.08 -9.05 -29.19
CA GLU C 149 50.99 -9.91 -29.71
C GLU C 149 50.48 -9.35 -31.04
N HIS C 150 50.36 -8.02 -31.14
CA HIS C 150 49.86 -7.28 -32.32
C HIS C 150 50.80 -7.52 -33.52
N ALA C 151 52.11 -7.37 -33.31
CA ALA C 151 53.16 -7.63 -34.33
C ALA C 151 53.09 -9.09 -34.78
N HIS C 152 52.97 -10.03 -33.84
CA HIS C 152 52.91 -11.49 -34.13
C HIS C 152 51.70 -11.79 -35.01
N LEU C 153 50.51 -11.31 -34.63
CA LEU C 153 49.26 -11.62 -35.36
C LEU C 153 49.27 -10.90 -36.72
N THR C 154 49.75 -9.66 -36.78
CA THR C 154 49.87 -8.91 -38.06
C THR C 154 50.74 -9.71 -39.03
N ARG C 155 51.86 -10.26 -38.56
CA ARG C 155 52.82 -11.02 -39.41
C ARG C 155 52.13 -12.32 -39.86
N ILE C 156 51.40 -13.01 -38.98
CA ILE C 156 50.63 -14.22 -39.39
C ILE C 156 49.67 -13.83 -40.53
N ILE C 157 48.94 -12.72 -40.39
CA ILE C 157 47.91 -12.34 -41.40
C ILE C 157 48.62 -12.02 -42.72
N HIS C 158 49.71 -11.25 -42.67
CA HIS C 158 50.51 -10.88 -43.86
C HIS C 158 51.01 -12.15 -44.57
N ASP C 159 51.61 -13.08 -43.81
CA ASP C 159 52.23 -14.32 -44.36
C ASP C 159 51.14 -15.17 -45.00
N GLU C 160 49.96 -15.25 -44.39
CA GLU C 160 48.87 -16.12 -44.90
C GLU C 160 48.33 -15.54 -46.21
N ILE C 161 48.17 -14.21 -46.28
CA ILE C 161 47.77 -13.52 -47.54
C ILE C 161 48.82 -13.83 -48.62
N ALA C 162 50.11 -13.65 -48.33
CA ALA C 162 51.21 -13.88 -49.30
C ALA C 162 51.17 -15.33 -49.82
N ALA C 163 50.81 -16.31 -49.00
CA ALA C 163 50.83 -17.76 -49.33
C ALA C 163 49.62 -18.18 -50.17
N ASN C 164 48.51 -17.45 -50.16
CA ASN C 164 47.23 -17.91 -50.75
C ASN C 164 47.18 -17.48 -52.21
N PRO C 165 46.68 -18.34 -53.12
CA PRO C 165 46.51 -18.00 -54.54
C PRO C 165 45.34 -17.05 -54.82
N PHE C 166 44.30 -17.09 -53.98
CA PHE C 166 43.21 -16.09 -53.90
C PHE C 166 43.69 -14.97 -52.96
N ALA C 167 43.13 -13.77 -53.07
CA ALA C 167 43.48 -12.63 -52.21
C ALA C 167 42.70 -12.72 -50.89
N GLY C 168 43.40 -13.00 -49.79
CA GLY C 168 42.83 -12.99 -48.43
C GLY C 168 43.00 -14.31 -47.72
N ILE C 169 42.15 -14.56 -46.72
CA ILE C 169 42.25 -15.70 -45.77
C ILE C 169 40.85 -16.28 -45.53
N VAL C 170 40.76 -17.59 -45.35
CA VAL C 170 39.48 -18.30 -45.07
C VAL C 170 39.13 -18.20 -43.58
N CYS C 171 37.88 -18.50 -43.24
CA CYS C 171 37.39 -18.59 -41.84
C CYS C 171 37.56 -20.04 -41.38
N GLU C 172 36.49 -20.83 -41.37
CA GLU C 172 36.57 -22.32 -41.35
C GLU C 172 37.36 -22.68 -42.60
N PRO C 173 38.06 -23.84 -42.64
CA PRO C 173 38.77 -24.23 -43.87
C PRO C 173 37.83 -24.26 -45.07
N ASP C 174 38.28 -23.74 -46.21
CA ASP C 174 37.54 -23.70 -47.50
C ASP C 174 36.30 -22.77 -47.48
N ASN C 175 36.15 -21.92 -46.46
CA ASN C 175 35.05 -20.91 -46.37
C ASN C 175 35.65 -19.51 -46.40
N TYR C 176 35.47 -18.79 -47.51
CA TYR C 176 35.98 -17.41 -47.69
C TYR C 176 34.80 -16.43 -47.63
N PHE C 177 34.89 -15.44 -46.74
CA PHE C 177 33.87 -14.38 -46.57
C PHE C 177 34.49 -13.00 -46.78
N VAL C 178 33.91 -12.17 -47.63
CA VAL C 178 34.50 -10.82 -47.91
C VAL C 178 34.45 -9.98 -46.64
N GLN C 179 33.39 -10.08 -45.82
CA GLN C 179 33.21 -9.18 -44.64
C GLN C 179 34.30 -9.47 -43.62
N CYS C 180 34.65 -10.74 -43.42
CA CYS C 180 35.70 -11.16 -42.45
C CYS C 180 37.06 -10.69 -42.94
N ASN C 181 37.32 -10.78 -44.25
CA ASN C 181 38.56 -10.26 -44.87
C ASN C 181 38.66 -8.74 -44.68
N SER C 182 37.54 -8.03 -44.83
CA SER C 182 37.55 -6.54 -44.78
C SER C 182 38.08 -6.08 -43.42
N VAL C 183 37.79 -6.81 -42.35
CA VAL C 183 38.27 -6.50 -40.97
C VAL C 183 39.78 -6.73 -40.90
N ALA C 184 40.26 -7.85 -41.42
CA ALA C 184 41.70 -8.20 -41.43
C ALA C 184 42.50 -7.13 -42.19
N TYR C 185 42.04 -6.73 -43.38
CA TYR C 185 42.76 -5.72 -44.21
C TYR C 185 42.78 -4.39 -43.43
N LEU C 186 41.64 -3.99 -42.86
CA LEU C 186 41.61 -2.73 -42.08
C LEU C 186 42.61 -2.82 -40.92
N SER C 187 42.79 -4.00 -40.31
CA SER C 187 43.75 -4.15 -39.18
C SER C 187 45.19 -3.88 -39.66
N LEU C 188 45.48 -4.14 -40.94
CA LEU C 188 46.83 -3.90 -41.52
C LEU C 188 47.04 -2.39 -41.68
N TRP C 189 46.00 -1.65 -42.08
CA TRP C 189 46.05 -0.17 -42.17
C TRP C 189 46.33 0.40 -40.79
N VAL C 190 45.71 -0.13 -39.74
CA VAL C 190 45.90 0.39 -38.36
C VAL C 190 47.33 0.11 -37.92
N TYR C 191 47.84 -1.10 -38.17
CA TYR C 191 49.23 -1.45 -37.80
C TYR C 191 50.20 -0.46 -38.49
N ASP C 192 50.04 -0.25 -39.80
CA ASP C 192 50.87 0.69 -40.60
C ASP C 192 50.83 2.10 -40.01
N ARG C 193 49.66 2.59 -39.60
CA ARG C 193 49.55 3.92 -38.97
C ARG C 193 50.40 3.98 -37.69
N LEU C 194 50.46 2.89 -36.91
CA LEU C 194 51.20 2.89 -35.62
C LEU C 194 52.71 2.74 -35.83
N HIS C 195 53.17 2.10 -36.90
CA HIS C 195 54.57 1.61 -37.03
C HIS C 195 55.27 2.09 -38.30
N GLY C 196 54.57 2.73 -39.24
CA GLY C 196 55.16 3.25 -40.49
C GLY C 196 55.47 2.16 -41.50
N THR C 197 54.92 0.96 -41.32
CA THR C 197 55.11 -0.22 -42.22
C THR C 197 54.20 -0.09 -43.45
N ASP C 198 54.22 -1.08 -44.34
CA ASP C 198 53.40 -1.10 -45.59
C ASP C 198 52.70 -2.45 -45.75
N TYR C 199 52.18 -3.04 -44.67
CA TYR C 199 51.35 -4.27 -44.74
C TYR C 199 50.10 -4.02 -45.59
N ARG C 200 49.61 -2.77 -45.62
CA ARG C 200 48.37 -2.39 -46.34
C ARG C 200 48.53 -2.48 -47.87
N ALA C 201 49.74 -2.64 -48.39
CA ALA C 201 50.02 -2.74 -49.84
C ALA C 201 49.27 -3.93 -50.45
N ALA C 202 48.96 -4.95 -49.64
CA ALA C 202 48.19 -6.14 -50.09
C ALA C 202 46.73 -5.76 -50.45
N THR C 203 46.25 -4.60 -50.00
CA THR C 203 44.82 -4.21 -50.14
C THR C 203 44.40 -4.14 -51.62
N ARG C 204 45.25 -3.60 -52.51
CA ARG C 204 44.84 -3.35 -53.92
C ARG C 204 44.47 -4.68 -54.58
N ALA C 205 45.30 -5.72 -54.44
CA ALA C 205 45.02 -7.04 -55.04
C ALA C 205 43.71 -7.61 -54.47
N TRP C 206 43.45 -7.37 -53.18
CA TRP C 206 42.20 -7.84 -52.52
C TRP C 206 41.00 -7.15 -53.13
N LEU C 207 41.04 -5.81 -53.26
CA LEU C 207 39.91 -5.04 -53.83
C LEU C 207 39.67 -5.46 -55.28
N ASP C 208 40.72 -5.79 -56.04
CA ASP C 208 40.58 -6.28 -57.45
C ASP C 208 39.92 -7.66 -57.43
N PHE C 209 40.34 -8.55 -56.52
CA PHE C 209 39.85 -9.94 -56.42
C PHE C 209 38.35 -9.96 -56.10
N ILE C 210 37.90 -9.18 -55.11
CA ILE C 210 36.48 -9.24 -54.65
C ILE C 210 35.55 -8.61 -55.69
N GLN C 211 36.07 -7.86 -56.66
CA GLN C 211 35.26 -7.27 -57.78
C GLN C 211 35.14 -8.24 -58.95
N LYS C 212 35.75 -9.43 -58.91
CA LYS C 212 35.53 -10.48 -59.95
C LYS C 212 34.27 -11.28 -59.59
N ASP C 213 34.36 -12.57 -59.25
CA ASP C 213 33.14 -13.42 -59.12
C ASP C 213 32.41 -13.16 -57.78
N LEU C 214 33.03 -12.47 -56.83
CA LEU C 214 32.43 -12.27 -55.48
C LEU C 214 31.40 -11.15 -55.46
N ILE C 215 31.36 -10.28 -56.47
CA ILE C 215 30.36 -9.16 -56.52
C ILE C 215 29.47 -9.33 -57.75
N ASP C 216 28.20 -8.96 -57.59
CA ASP C 216 27.29 -8.63 -58.70
C ASP C 216 27.37 -7.11 -58.90
N PRO C 217 28.14 -6.64 -59.91
CA PRO C 217 28.41 -5.21 -60.08
C PRO C 217 27.14 -4.39 -60.41
N GLU C 218 26.16 -4.99 -61.10
CA GLU C 218 24.89 -4.30 -61.44
C GLU C 218 24.11 -4.01 -60.14
N ARG C 219 24.09 -4.96 -59.18
CA ARG C 219 23.26 -4.83 -57.97
C ARG C 219 24.06 -4.18 -56.83
N GLY C 220 25.39 -4.02 -56.99
CA GLY C 220 26.28 -3.47 -55.94
C GLY C 220 26.25 -4.36 -54.69
N ALA C 221 26.25 -5.68 -54.88
CA ALA C 221 26.01 -6.67 -53.82
C ALA C 221 27.03 -7.81 -53.92
N PHE C 222 27.63 -8.19 -52.80
CA PHE C 222 28.52 -9.37 -52.69
C PHE C 222 27.69 -10.64 -52.56
N TYR C 223 28.17 -11.72 -53.16
CA TYR C 223 27.68 -13.10 -52.91
C TYR C 223 28.10 -13.50 -51.49
N LEU C 224 27.31 -14.42 -50.94
CA LEU C 224 27.37 -14.88 -49.53
C LEU C 224 28.79 -15.31 -49.16
N SER C 225 29.43 -16.10 -50.01
CA SER C 225 30.74 -16.72 -49.71
C SER C 225 31.36 -17.35 -50.96
N TYR C 226 32.66 -17.60 -50.86
CA TYR C 226 33.52 -18.26 -51.88
C TYR C 226 34.20 -19.46 -51.23
N HIS C 227 34.45 -20.50 -52.02
CA HIS C 227 34.96 -21.81 -51.54
C HIS C 227 36.10 -22.25 -52.47
N PRO C 228 37.36 -21.89 -52.14
CA PRO C 228 38.48 -22.05 -53.06
C PRO C 228 38.72 -23.46 -53.58
N GLU C 229 38.59 -24.49 -52.73
CA GLU C 229 38.85 -25.92 -53.11
C GLU C 229 37.98 -26.26 -54.33
N SER C 230 36.67 -25.97 -54.28
CA SER C 230 35.68 -26.30 -55.35
C SER C 230 35.57 -25.16 -56.38
N GLY C 231 36.03 -23.94 -56.08
CA GLY C 231 35.80 -22.76 -56.93
C GLY C 231 34.37 -22.20 -56.80
N ALA C 232 33.52 -22.79 -55.95
CA ALA C 232 32.10 -22.38 -55.80
C ALA C 232 31.98 -20.97 -55.20
N VAL C 233 31.11 -20.16 -55.79
CA VAL C 233 30.54 -18.93 -55.17
C VAL C 233 29.07 -19.24 -54.89
N LYS C 234 28.62 -19.12 -53.63
CA LYS C 234 27.19 -19.38 -53.31
C LYS C 234 26.36 -18.40 -54.11
N PRO C 235 25.31 -18.87 -54.80
CA PRO C 235 24.61 -18.02 -55.78
C PRO C 235 23.60 -17.02 -55.20
N TRP C 236 23.63 -16.72 -53.90
CA TRP C 236 22.76 -15.68 -53.29
C TRP C 236 23.60 -14.47 -52.94
N ILE C 237 23.09 -13.28 -53.21
CA ILE C 237 23.66 -12.00 -52.72
C ILE C 237 23.14 -11.76 -51.30
N SER C 238 23.93 -11.08 -50.47
CA SER C 238 23.64 -10.83 -49.04
C SER C 238 23.83 -9.34 -48.73
N ALA C 239 22.77 -8.72 -48.21
CA ALA C 239 22.75 -7.30 -47.78
C ALA C 239 23.66 -7.10 -46.58
N TYR C 240 23.57 -7.95 -45.54
CA TYR C 240 24.34 -7.70 -44.30
C TYR C 240 25.83 -7.83 -44.66
N THR C 241 26.15 -8.82 -45.48
CA THR C 241 27.52 -9.05 -45.99
C THR C 241 28.02 -7.78 -46.69
N THR C 242 27.20 -7.23 -47.58
CA THR C 242 27.56 -6.07 -48.42
C THR C 242 27.67 -4.82 -47.54
N ALA C 243 26.71 -4.59 -46.67
CA ALA C 243 26.66 -3.35 -45.84
C ALA C 243 27.92 -3.29 -44.97
N TRP C 244 28.24 -4.42 -44.34
CA TRP C 244 29.44 -4.53 -43.47
C TRP C 244 30.69 -4.28 -44.31
N THR C 245 30.85 -4.99 -45.43
CA THR C 245 32.06 -4.92 -46.29
C THR C 245 32.24 -3.48 -46.78
N LEU C 246 31.20 -2.85 -47.32
CA LEU C 246 31.30 -1.48 -47.91
C LEU C 246 31.63 -0.49 -46.78
N ALA C 247 31.13 -0.70 -45.57
CA ALA C 247 31.41 0.24 -44.45
C ALA C 247 32.90 0.22 -44.16
N MET C 248 33.49 -0.97 -44.07
CA MET C 248 34.92 -1.10 -43.69
C MET C 248 35.81 -0.70 -44.87
N VAL C 249 35.45 -1.08 -46.09
CA VAL C 249 36.24 -0.72 -47.31
C VAL C 249 36.27 0.80 -47.45
N HIS C 250 35.21 1.51 -47.06
CA HIS C 250 35.14 2.99 -47.20
C HIS C 250 36.31 3.65 -46.47
N GLY C 251 36.80 3.02 -45.40
CA GLY C 251 37.94 3.52 -44.60
C GLY C 251 39.26 3.34 -45.31
N MET C 252 39.34 2.44 -46.28
CA MET C 252 40.61 2.08 -46.97
C MET C 252 40.59 2.61 -48.42
N ASP C 253 39.47 2.47 -49.12
CA ASP C 253 39.28 2.97 -50.52
C ASP C 253 37.88 3.56 -50.60
N PRO C 254 37.72 4.84 -50.23
CA PRO C 254 36.41 5.49 -50.24
C PRO C 254 35.71 5.37 -51.60
N ALA C 255 36.44 5.49 -52.71
CA ALA C 255 35.86 5.50 -54.07
C ALA C 255 35.15 4.17 -54.35
N PHE C 256 35.68 3.05 -53.84
CA PHE C 256 35.11 1.68 -54.01
C PHE C 256 33.69 1.66 -53.44
N SER C 257 33.52 2.11 -52.20
CA SER C 257 32.20 2.06 -51.51
C SER C 257 31.25 3.08 -52.14
N GLU C 258 31.76 4.25 -52.51
CA GLU C 258 30.97 5.34 -53.18
C GLU C 258 30.38 4.81 -54.50
N ARG C 259 31.17 4.04 -55.26
CA ARG C 259 30.74 3.41 -56.53
C ARG C 259 29.51 2.51 -56.30
N TYR C 260 29.52 1.66 -55.27
CA TYR C 260 28.50 0.57 -55.16
C TYR C 260 27.33 0.98 -54.28
N TYR C 261 27.50 1.96 -53.39
CA TYR C 261 26.50 2.29 -52.35
C TYR C 261 25.12 2.54 -52.96
N PRO C 262 24.98 3.38 -54.02
CA PRO C 262 23.66 3.65 -54.59
C PRO C 262 23.01 2.39 -55.17
N ARG C 263 23.78 1.50 -55.79
CA ARG C 263 23.24 0.22 -56.34
C ARG C 263 22.80 -0.71 -55.19
N PHE C 264 23.62 -0.80 -54.13
CA PHE C 264 23.29 -1.54 -52.89
C PHE C 264 21.90 -1.12 -52.40
N LYS C 265 21.67 0.20 -52.27
CA LYS C 265 20.39 0.73 -51.73
C LYS C 265 19.22 0.36 -52.65
N GLN C 266 19.39 0.52 -53.97
CA GLN C 266 18.36 0.15 -54.96
C GLN C 266 18.04 -1.35 -54.79
N THR C 267 19.05 -2.20 -54.68
CA THR C 267 18.88 -3.68 -54.59
C THR C 267 18.10 -4.07 -53.32
N PHE C 268 18.40 -3.48 -52.17
CA PHE C 268 18.02 -4.08 -50.86
C PHE C 268 17.09 -3.20 -50.02
N VAL C 269 17.19 -1.87 -50.13
CA VAL C 269 16.57 -0.95 -49.13
C VAL C 269 15.12 -0.67 -49.54
N GLU C 270 14.17 -0.98 -48.65
CA GLU C 270 12.75 -0.62 -48.80
C GLU C 270 12.43 0.56 -47.89
N VAL C 271 12.18 1.72 -48.50
CA VAL C 271 11.60 2.92 -47.81
C VAL C 271 10.09 2.67 -47.70
N TYR C 272 9.50 2.91 -46.52
CA TYR C 272 8.05 2.71 -46.30
C TYR C 272 7.55 3.80 -45.34
N ASP C 273 6.26 3.77 -45.00
CA ASP C 273 5.60 4.74 -44.09
C ASP C 273 5.88 6.17 -44.59
N GLU C 274 5.67 6.41 -45.89
CA GLU C 274 5.68 7.75 -46.53
C GLU C 274 7.06 8.39 -46.33
N GLY C 275 8.14 7.61 -46.47
CA GLY C 275 9.53 8.10 -46.40
C GLY C 275 10.09 8.24 -44.99
N ARG C 276 9.33 7.89 -43.95
CA ARG C 276 9.77 8.11 -42.53
C ARG C 276 10.62 6.92 -42.04
N LYS C 277 10.48 5.74 -42.66
CA LYS C 277 11.11 4.47 -42.21
C LYS C 277 11.73 3.72 -43.39
N ALA C 278 12.69 2.85 -43.08
CA ALA C 278 13.32 1.92 -44.04
C ALA C 278 13.64 0.60 -43.35
N ARG C 279 13.61 -0.47 -44.13
CA ARG C 279 14.03 -1.81 -43.68
C ARG C 279 14.74 -2.45 -44.87
N VAL C 280 15.62 -3.41 -44.61
CA VAL C 280 16.54 -3.94 -45.64
C VAL C 280 16.25 -5.43 -45.86
N ARG C 281 16.01 -5.81 -47.11
CA ARG C 281 15.92 -7.21 -47.57
C ARG C 281 17.32 -7.84 -47.49
N GLU C 282 17.44 -9.09 -47.05
CA GLU C 282 18.75 -9.77 -46.83
C GLU C 282 19.27 -10.30 -48.17
N THR C 283 18.38 -10.70 -49.09
CA THR C 283 18.77 -11.32 -50.38
C THR C 283 17.81 -10.88 -51.49
N ALA C 284 18.08 -11.26 -52.73
CA ALA C 284 17.22 -11.00 -53.92
C ALA C 284 16.08 -12.01 -53.96
N GLY C 285 15.03 -11.72 -54.75
CA GLY C 285 13.91 -12.62 -55.04
C GLY C 285 13.00 -12.82 -53.84
N THR C 286 12.90 -11.81 -52.95
CA THR C 286 12.02 -11.82 -51.77
C THR C 286 11.59 -10.39 -51.47
N ASP C 287 10.44 -10.23 -50.83
CA ASP C 287 9.93 -8.94 -50.28
C ASP C 287 10.20 -8.89 -48.79
N ASP C 288 10.58 -10.01 -48.16
CA ASP C 288 10.80 -10.10 -46.68
C ASP C 288 12.04 -9.27 -46.29
N ALA C 289 11.94 -8.49 -45.22
CA ALA C 289 13.05 -7.72 -44.63
C ALA C 289 13.79 -8.59 -43.61
N ASP C 290 15.11 -8.44 -43.52
CA ASP C 290 15.92 -8.93 -42.38
C ASP C 290 15.74 -10.45 -42.20
N GLY C 291 15.74 -11.20 -43.29
CA GLY C 291 15.88 -12.67 -43.25
C GLY C 291 17.32 -13.09 -42.98
N GLY C 292 17.61 -14.38 -43.10
CA GLY C 292 18.94 -14.95 -42.80
C GLY C 292 19.33 -14.68 -41.36
N VAL C 293 20.52 -14.11 -41.12
CA VAL C 293 21.03 -13.82 -39.75
C VAL C 293 20.19 -12.70 -39.11
N GLY C 294 19.42 -11.94 -39.89
CA GLY C 294 18.51 -10.90 -39.38
C GLY C 294 19.20 -9.57 -39.11
N LEU C 295 20.36 -9.29 -39.73
CA LEU C 295 21.18 -8.11 -39.39
C LEU C 295 21.31 -7.13 -40.57
N ALA C 296 20.58 -7.31 -41.66
CA ALA C 296 20.69 -6.44 -42.86
C ALA C 296 20.44 -4.97 -42.47
N SER C 297 19.36 -4.70 -41.75
CA SER C 297 18.97 -3.32 -41.38
C SER C 297 20.01 -2.70 -40.44
N ALA C 298 20.46 -3.46 -39.43
CA ALA C 298 21.41 -2.96 -38.42
C ALA C 298 22.77 -2.64 -39.07
N PHE C 299 23.26 -3.48 -39.98
CA PHE C 299 24.54 -3.20 -40.68
C PHE C 299 24.37 -2.08 -41.70
N THR C 300 23.17 -1.92 -42.29
CA THR C 300 22.91 -0.80 -43.23
C THR C 300 22.89 0.50 -42.43
N LEU C 301 22.40 0.47 -41.19
CA LEU C 301 22.45 1.65 -40.29
C LEU C 301 23.92 2.07 -40.13
N LEU C 302 24.82 1.11 -39.87
CA LEU C 302 26.26 1.44 -39.76
C LEU C 302 26.78 2.01 -41.09
N LEU C 303 26.42 1.38 -42.20
CA LEU C 303 26.91 1.83 -43.54
C LEU C 303 26.42 3.25 -43.82
N ALA C 304 25.14 3.53 -43.54
CA ALA C 304 24.55 4.88 -43.72
C ALA C 304 25.39 5.89 -42.92
N ARG C 305 25.76 5.55 -41.69
CA ARG C 305 26.58 6.46 -40.86
C ARG C 305 27.95 6.65 -41.52
N GLU C 306 28.58 5.57 -41.96
CA GLU C 306 29.93 5.61 -42.60
C GLU C 306 29.87 6.52 -43.84
N MET C 307 28.80 6.43 -44.64
CA MET C 307 28.69 7.16 -45.93
C MET C 307 28.13 8.58 -45.73
N GLY C 308 27.72 8.97 -44.52
CA GLY C 308 27.19 10.32 -44.23
C GLY C 308 25.75 10.51 -44.74
N ASP C 309 24.99 9.42 -44.90
CA ASP C 309 23.59 9.41 -45.43
C ASP C 309 22.61 9.56 -44.25
N GLN C 310 22.35 10.79 -43.83
CA GLN C 310 21.51 11.10 -42.65
C GLN C 310 20.09 10.62 -42.89
N GLN C 311 19.57 10.76 -44.11
CA GLN C 311 18.17 10.40 -44.42
C GLN C 311 17.99 8.89 -44.15
N LEU C 312 18.84 8.04 -44.74
CA LEU C 312 18.67 6.56 -44.60
C LEU C 312 18.90 6.18 -43.12
N PHE C 313 19.89 6.80 -42.46
CA PHE C 313 20.16 6.57 -41.02
C PHE C 313 18.87 6.78 -40.24
N ASP C 314 18.23 7.93 -40.44
CA ASP C 314 17.01 8.33 -39.71
C ASP C 314 15.89 7.30 -39.97
N GLN C 315 15.70 6.92 -41.24
CA GLN C 315 14.66 5.96 -41.67
C GLN C 315 14.91 4.60 -41.00
N LEU C 316 16.15 4.09 -41.02
CA LEU C 316 16.47 2.76 -40.45
C LEU C 316 16.29 2.80 -38.92
N LEU C 317 16.74 3.86 -38.26
CA LEU C 317 16.64 3.95 -36.79
C LEU C 317 15.16 4.07 -36.38
N ASN C 318 14.33 4.71 -37.21
CA ASN C 318 12.86 4.81 -36.97
C ASN C 318 12.23 3.42 -37.08
N HIS C 319 12.75 2.53 -37.93
CA HIS C 319 12.31 1.11 -38.05
C HIS C 319 12.80 0.29 -36.84
N LEU C 320 14.06 0.47 -36.45
CA LEU C 320 14.78 -0.45 -35.51
C LEU C 320 14.48 -0.13 -34.04
N GLU C 321 14.55 1.13 -33.64
CA GLU C 321 14.59 1.50 -32.21
C GLU C 321 13.21 1.44 -31.55
N PRO C 322 12.16 2.13 -32.05
CA PRO C 322 10.87 2.18 -31.36
C PRO C 322 10.31 0.81 -30.95
N PRO C 323 10.21 -0.20 -31.84
CA PRO C 323 9.66 -1.50 -31.43
C PRO C 323 10.51 -2.21 -30.37
N ALA C 324 11.80 -1.86 -30.25
CA ALA C 324 12.71 -2.46 -29.24
C ALA C 324 12.44 -1.88 -27.85
N LYS C 325 11.69 -0.78 -27.75
CA LYS C 325 11.15 -0.20 -26.49
C LYS C 325 12.33 0.15 -25.58
N PRO C 326 13.11 1.19 -25.96
CA PRO C 326 14.19 1.66 -25.10
C PRO C 326 13.59 2.26 -23.83
N SER C 327 14.25 2.09 -22.69
CA SER C 327 13.99 2.89 -21.48
C SER C 327 15.33 3.22 -20.82
N ILE C 328 15.41 4.43 -20.26
CA ILE C 328 16.58 4.88 -19.45
C ILE C 328 16.11 4.85 -17.99
N VAL C 329 16.66 3.93 -17.20
CA VAL C 329 16.37 3.75 -15.75
C VAL C 329 17.69 3.97 -15.01
N SER C 330 17.70 4.87 -14.03
CA SER C 330 18.90 5.21 -13.24
C SER C 330 20.06 5.53 -14.19
N ALA C 331 19.78 6.30 -15.26
CA ALA C 331 20.75 6.83 -16.24
C ALA C 331 21.47 5.70 -17.01
N SER C 332 20.82 4.55 -17.15
CA SER C 332 21.36 3.38 -17.90
C SER C 332 20.33 2.92 -18.94
N LEU C 333 20.76 2.66 -20.17
CA LEU C 333 19.89 2.28 -21.30
C LEU C 333 19.65 0.78 -21.33
N ARG C 334 18.39 0.37 -21.44
CA ARG C 334 17.94 -1.03 -21.69
C ARG C 334 16.93 -1.00 -22.85
N TYR C 335 16.94 -2.03 -23.69
CA TYR C 335 15.87 -2.34 -24.68
C TYR C 335 15.08 -3.53 -24.15
N GLU C 336 13.75 -3.39 -24.02
CA GLU C 336 12.85 -4.47 -23.56
C GLU C 336 12.72 -5.55 -24.64
N HIS C 337 12.70 -5.20 -25.94
CA HIS C 337 12.47 -6.18 -27.05
C HIS C 337 13.50 -5.99 -28.14
N PRO C 338 14.79 -6.34 -27.92
CA PRO C 338 15.79 -6.25 -28.98
C PRO C 338 15.30 -7.07 -30.17
N GLY C 339 15.39 -6.52 -31.38
CA GLY C 339 14.77 -7.11 -32.59
C GLY C 339 15.67 -8.14 -33.28
N SER C 340 16.91 -8.29 -32.83
CA SER C 340 17.95 -9.15 -33.48
C SER C 340 19.08 -9.44 -32.49
N LEU C 341 19.98 -10.32 -32.90
CA LEU C 341 21.32 -10.48 -32.26
C LEU C 341 22.07 -9.14 -32.39
N LEU C 342 23.01 -8.91 -31.48
CA LEU C 342 23.96 -7.78 -31.56
C LEU C 342 23.22 -6.44 -31.58
N PHE C 343 22.04 -6.38 -30.98
CA PHE C 343 21.11 -5.22 -31.13
C PHE C 343 21.70 -3.96 -30.47
N ASP C 344 21.95 -3.97 -29.17
CA ASP C 344 22.47 -2.76 -28.49
C ASP C 344 23.88 -2.47 -29.02
N GLU C 345 24.64 -3.50 -29.40
CA GLU C 345 26.02 -3.33 -29.92
C GLU C 345 25.99 -2.51 -31.22
N LEU C 346 25.15 -2.89 -32.17
CA LEU C 346 25.14 -2.27 -33.52
C LEU C 346 24.46 -0.89 -33.48
N LEU C 347 23.45 -0.69 -32.65
CA LEU C 347 22.83 0.66 -32.50
C LEU C 347 23.82 1.61 -31.83
N PHE C 348 24.52 1.14 -30.79
CA PHE C 348 25.61 1.89 -30.13
C PHE C 348 26.63 2.34 -31.17
N LEU C 349 27.18 1.37 -31.90
CA LEU C 349 28.23 1.63 -32.92
C LEU C 349 27.71 2.66 -33.94
N ALA C 350 26.53 2.47 -34.52
CA ALA C 350 26.00 3.35 -35.58
C ALA C 350 25.79 4.77 -35.02
N LYS C 351 25.37 4.90 -33.76
CA LYS C 351 25.10 6.21 -33.13
C LYS C 351 26.39 7.03 -32.98
N VAL C 352 27.54 6.38 -32.70
CA VAL C 352 28.81 7.10 -32.40
C VAL C 352 29.77 7.08 -33.59
N HIS C 353 29.58 6.20 -34.58
CA HIS C 353 30.63 5.88 -35.58
C HIS C 353 31.14 7.17 -36.24
N ALA C 354 32.45 7.42 -36.19
CA ALA C 354 33.11 8.61 -36.75
C ALA C 354 33.63 8.35 -38.18
N GLY C 355 33.48 7.12 -38.69
CA GLY C 355 34.11 6.67 -39.94
C GLY C 355 35.41 5.94 -39.68
N PHE C 356 35.66 4.84 -40.38
CA PHE C 356 36.86 3.99 -40.20
C PHE C 356 38.11 4.79 -40.62
N GLY C 357 37.98 5.69 -41.60
CA GLY C 357 39.02 6.64 -42.02
C GLY C 357 39.44 7.55 -40.88
N ALA C 358 38.48 8.13 -40.16
CA ALA C 358 38.75 9.02 -39.02
C ALA C 358 39.43 8.24 -37.88
N LEU C 359 39.07 6.98 -37.66
CA LEU C 359 39.72 6.15 -36.59
C LEU C 359 41.19 5.92 -36.97
N LEU C 360 41.48 5.68 -38.26
CA LEU C 360 42.86 5.54 -38.79
C LEU C 360 43.69 6.79 -38.52
N ARG C 361 43.09 7.99 -38.55
CA ARG C 361 43.81 9.27 -38.40
C ARG C 361 43.69 9.80 -36.97
N MET C 362 43.24 8.96 -36.04
CA MET C 362 43.01 9.40 -34.64
C MET C 362 44.26 10.10 -34.12
N PRO C 363 44.18 11.38 -33.67
CA PRO C 363 45.34 12.04 -33.05
C PRO C 363 45.83 11.29 -31.82
N PRO C 364 47.13 11.34 -31.47
CA PRO C 364 47.62 10.73 -30.25
C PRO C 364 47.05 11.36 -29.00
N PRO C 365 47.11 10.65 -27.84
CA PRO C 365 46.50 11.14 -26.60
C PRO C 365 47.17 12.30 -25.83
N PRO D 5 -16.40 -60.04 -25.46
CA PRO D 5 -16.67 -58.91 -24.54
C PRO D 5 -16.03 -57.64 -25.06
N PRO D 6 -16.52 -56.44 -24.69
CA PRO D 6 -15.97 -55.19 -25.23
C PRO D 6 -14.55 -54.91 -24.70
N GLY D 7 -13.63 -54.44 -25.54
CA GLY D 7 -12.23 -54.13 -25.17
C GLY D 7 -11.30 -55.37 -25.17
N ARG D 8 -11.83 -56.58 -25.32
CA ARG D 8 -11.06 -57.83 -25.56
C ARG D 8 -10.71 -57.93 -27.04
N LEU D 9 -9.58 -58.54 -27.37
CA LEU D 9 -9.10 -58.63 -28.78
C LEU D 9 -9.47 -59.99 -29.37
N ALA D 10 -9.54 -61.02 -28.54
CA ALA D 10 -9.90 -62.39 -28.99
C ALA D 10 -10.45 -63.17 -27.80
N THR D 11 -11.16 -64.26 -28.10
CA THR D 11 -11.88 -65.08 -27.10
C THR D 11 -10.86 -65.95 -26.38
N THR D 12 -11.16 -66.30 -25.15
CA THR D 12 -10.39 -67.30 -24.37
C THR D 12 -10.27 -68.59 -25.18
N GLU D 13 -11.37 -69.03 -25.81
CA GLU D 13 -11.37 -70.24 -26.66
C GLU D 13 -10.27 -70.10 -27.71
N ASP D 14 -10.15 -68.94 -28.36
CA ASP D 14 -9.14 -68.69 -29.42
C ASP D 14 -7.71 -68.87 -28.85
N TYR D 15 -7.40 -68.30 -27.67
CA TYR D 15 -6.04 -68.37 -27.08
C TYR D 15 -5.71 -69.84 -26.78
N PHE D 16 -6.66 -70.59 -26.19
CA PHE D 16 -6.44 -72.00 -25.78
C PHE D 16 -6.39 -72.92 -27.01
N ALA D 17 -6.90 -72.50 -28.17
CA ALA D 17 -6.90 -73.33 -29.41
C ALA D 17 -5.63 -73.09 -30.26
N GLN D 18 -4.80 -72.10 -29.92
CA GLN D 18 -3.65 -71.69 -30.79
C GLN D 18 -2.77 -72.90 -31.10
N GLN D 19 -2.46 -73.73 -30.10
CA GLN D 19 -1.52 -74.87 -30.27
C GLN D 19 -2.12 -75.88 -31.25
N ALA D 20 -3.40 -76.23 -31.10
CA ALA D 20 -4.10 -77.21 -31.96
C ALA D 20 -4.16 -76.69 -33.41
N LYS D 21 -4.42 -75.40 -33.61
CA LYS D 21 -4.52 -74.75 -34.95
C LYS D 21 -3.11 -74.47 -35.52
N GLN D 22 -2.05 -74.60 -34.73
CA GLN D 22 -0.65 -74.31 -35.13
C GLN D 22 -0.55 -72.87 -35.68
N ALA D 23 -1.22 -71.93 -35.02
CA ALA D 23 -1.22 -70.49 -35.41
C ALA D 23 -1.48 -69.64 -34.17
N VAL D 24 -0.76 -68.53 -34.04
CA VAL D 24 -1.03 -67.52 -32.97
C VAL D 24 -2.23 -66.69 -33.44
N THR D 25 -2.99 -66.12 -32.51
CA THR D 25 -4.09 -65.18 -32.80
C THR D 25 -3.49 -63.93 -33.44
N PRO D 26 -4.27 -63.17 -34.25
CA PRO D 26 -3.77 -61.91 -34.81
C PRO D 26 -3.20 -60.93 -33.76
N ASP D 27 -3.77 -60.88 -32.55
CA ASP D 27 -3.32 -59.93 -31.50
C ASP D 27 -1.95 -60.38 -30.94
N VAL D 28 -1.70 -61.68 -30.87
CA VAL D 28 -0.37 -62.19 -30.46
C VAL D 28 0.65 -61.89 -31.55
N MET D 29 0.27 -62.02 -32.82
CA MET D 29 1.15 -61.66 -33.96
C MET D 29 1.47 -60.16 -33.86
N ALA D 30 0.49 -59.33 -33.50
CA ALA D 30 0.66 -57.88 -33.37
C ALA D 30 1.56 -57.54 -32.18
N GLN D 31 1.56 -58.36 -31.13
CA GLN D 31 2.50 -58.24 -29.98
C GLN D 31 3.91 -58.57 -30.49
N LEU D 32 4.06 -59.65 -31.25
CA LEU D 32 5.38 -60.02 -31.84
C LEU D 32 5.86 -58.89 -32.77
N ALA D 33 4.97 -58.17 -33.43
CA ALA D 33 5.32 -57.02 -34.28
C ALA D 33 5.82 -55.87 -33.41
N TYR D 34 5.13 -55.57 -32.30
CA TYR D 34 5.63 -54.53 -31.36
C TYR D 34 7.06 -54.94 -30.95
N MET D 35 7.26 -56.23 -30.68
CA MET D 35 8.55 -56.74 -30.13
C MET D 35 9.67 -56.66 -31.17
N ASN D 36 9.35 -56.71 -32.48
CA ASN D 36 10.36 -57.00 -33.54
C ASN D 36 10.41 -55.96 -34.66
N TYR D 37 9.43 -55.09 -34.84
CA TYR D 37 9.20 -54.44 -36.16
C TYR D 37 10.11 -53.21 -36.36
N ILE D 38 10.01 -52.21 -35.49
CA ILE D 38 10.61 -50.86 -35.77
C ILE D 38 12.10 -50.87 -35.45
N ASP D 39 12.91 -50.37 -36.38
CA ASP D 39 14.37 -50.13 -36.21
C ASP D 39 14.64 -49.38 -34.89
N PHE D 40 15.65 -49.86 -34.15
CA PHE D 40 16.28 -49.19 -32.98
C PHE D 40 15.41 -49.28 -31.72
N ILE D 41 14.09 -49.09 -31.81
CA ILE D 41 13.26 -48.86 -30.60
C ILE D 41 12.47 -50.12 -30.20
N SER D 42 12.31 -51.11 -31.08
CA SER D 42 11.66 -52.39 -30.72
C SER D 42 12.58 -53.13 -29.75
N PRO D 43 12.05 -53.80 -28.71
CA PRO D 43 12.90 -54.45 -27.71
C PRO D 43 13.82 -55.55 -28.27
N PHE D 44 13.43 -56.25 -29.34
CA PHE D 44 14.22 -57.37 -29.91
C PHE D 44 14.84 -56.95 -31.24
N TYR D 45 15.25 -55.69 -31.36
CA TYR D 45 15.91 -55.16 -32.56
C TYR D 45 17.33 -55.73 -32.69
N SER D 46 18.12 -55.73 -31.62
CA SER D 46 19.55 -56.15 -31.72
C SER D 46 20.08 -56.75 -30.42
N ARG D 47 21.15 -57.52 -30.53
CA ARG D 47 21.94 -58.13 -29.42
C ARG D 47 22.58 -57.05 -28.53
N GLY D 48 22.71 -55.83 -29.02
CA GLY D 48 23.46 -54.75 -28.35
C GLY D 48 22.87 -54.37 -27.01
N CYS D 49 23.64 -53.61 -26.23
CA CYS D 49 23.25 -53.08 -24.90
C CYS D 49 22.50 -51.75 -25.06
N SER D 50 21.50 -51.74 -25.94
CA SER D 50 20.52 -50.64 -26.15
C SER D 50 19.18 -51.02 -25.51
N PHE D 51 18.61 -50.12 -24.71
CA PHE D 51 17.41 -50.37 -23.88
C PHE D 51 16.36 -49.29 -24.14
N GLU D 52 16.36 -48.75 -25.37
CA GLU D 52 15.42 -47.69 -25.82
C GLU D 52 13.98 -48.17 -25.57
N ALA D 53 13.65 -49.41 -25.93
CA ALA D 53 12.28 -49.94 -25.81
C ALA D 53 11.83 -49.81 -24.35
N TRP D 54 12.72 -50.09 -23.40
CA TRP D 54 12.42 -50.06 -21.96
C TRP D 54 12.39 -48.61 -21.44
N GLU D 55 13.24 -47.72 -21.96
CA GLU D 55 13.21 -46.27 -21.63
C GLU D 55 11.86 -45.69 -22.08
N LEU D 56 11.38 -46.03 -23.28
CA LEU D 56 10.11 -45.51 -23.82
C LEU D 56 8.91 -45.98 -22.98
N LYS D 57 8.92 -47.19 -22.40
CA LYS D 57 7.81 -47.65 -21.53
C LYS D 57 8.05 -47.27 -20.06
N HIS D 58 9.16 -46.59 -19.72
CA HIS D 58 9.49 -46.17 -18.32
C HIS D 58 9.63 -47.39 -17.41
N THR D 59 10.15 -48.52 -17.92
CA THR D 59 10.47 -49.70 -17.09
C THR D 59 11.55 -49.31 -16.08
N PRO D 60 11.32 -49.44 -14.76
CA PRO D 60 12.38 -49.20 -13.78
C PRO D 60 13.53 -50.19 -14.03
N GLN D 61 14.77 -49.73 -13.82
CA GLN D 61 16.00 -50.53 -14.06
C GLN D 61 15.83 -51.93 -13.46
N ARG D 62 15.36 -52.02 -12.21
CA ARG D 62 15.37 -53.31 -11.44
C ARG D 62 14.42 -54.33 -12.07
N VAL D 63 13.49 -53.88 -12.91
CA VAL D 63 12.40 -54.72 -13.49
C VAL D 63 12.81 -55.20 -14.89
N ILE D 64 13.84 -54.61 -15.51
CA ILE D 64 14.19 -54.94 -16.92
C ILE D 64 14.51 -56.45 -17.00
N LYS D 65 15.23 -57.00 -16.02
CA LYS D 65 15.60 -58.44 -16.03
C LYS D 65 14.33 -59.32 -16.09
N TYR D 66 13.25 -58.93 -15.40
CA TYR D 66 11.97 -59.70 -15.41
C TYR D 66 11.26 -59.51 -16.75
N SER D 67 11.28 -58.29 -17.28
CA SER D 67 10.71 -57.98 -18.61
C SER D 67 11.31 -58.94 -19.65
N ILE D 68 12.64 -59.02 -19.71
CA ILE D 68 13.32 -59.85 -20.73
C ILE D 68 12.95 -61.33 -20.51
N ALA D 69 12.99 -61.80 -19.27
CA ALA D 69 12.72 -63.21 -18.92
C ALA D 69 11.30 -63.59 -19.34
N PHE D 70 10.30 -62.77 -19.01
CA PHE D 70 8.87 -63.08 -19.27
C PHE D 70 8.63 -63.07 -20.79
N TYR D 71 9.21 -62.12 -21.52
CA TYR D 71 9.21 -62.15 -23.00
C TYR D 71 9.79 -63.48 -23.46
N ALA D 72 10.94 -63.89 -22.92
CA ALA D 72 11.62 -65.14 -23.32
C ALA D 72 10.70 -66.35 -23.09
N TYR D 73 10.03 -66.44 -21.95
CA TYR D 73 9.16 -67.60 -21.62
C TYR D 73 8.00 -67.65 -22.63
N GLY D 74 7.45 -66.49 -22.99
CA GLY D 74 6.39 -66.39 -24.02
C GLY D 74 6.91 -66.85 -25.38
N LEU D 75 8.11 -66.40 -25.76
CA LEU D 75 8.68 -66.75 -27.08
C LEU D 75 8.87 -68.26 -27.18
N ALA D 76 9.23 -68.94 -26.09
CA ALA D 76 9.42 -70.41 -26.08
C ALA D 76 8.09 -71.07 -26.45
N SER D 77 6.96 -70.59 -25.93
CA SER D 77 5.62 -71.14 -26.25
C SER D 77 5.27 -70.81 -27.71
N VAL D 78 5.61 -69.63 -28.22
CA VAL D 78 5.36 -69.28 -29.66
C VAL D 78 6.05 -70.33 -30.54
N ALA D 79 7.25 -70.76 -30.17
CA ALA D 79 8.06 -71.76 -30.92
C ALA D 79 7.29 -73.09 -30.99
N LEU D 80 6.62 -73.44 -29.90
CA LEU D 80 5.84 -74.70 -29.77
C LEU D 80 4.50 -74.55 -30.51
N ILE D 81 3.90 -73.36 -30.54
CA ILE D 81 2.58 -73.11 -31.19
C ILE D 81 2.72 -73.19 -32.72
N ASP D 82 3.62 -72.40 -33.32
CA ASP D 82 3.70 -72.28 -34.80
C ASP D 82 5.12 -72.60 -35.25
N PRO D 83 5.34 -73.80 -35.85
CA PRO D 83 6.66 -74.14 -36.39
C PRO D 83 7.22 -73.11 -37.38
N LYS D 84 6.37 -72.37 -38.09
CA LYS D 84 6.80 -71.31 -39.05
C LYS D 84 7.35 -70.09 -38.28
N LEU D 85 7.06 -69.97 -36.98
CA LEU D 85 7.59 -68.84 -36.15
C LEU D 85 8.74 -69.32 -35.26
N ARG D 86 9.13 -70.59 -35.35
CA ARG D 86 10.14 -71.15 -34.42
C ARG D 86 11.49 -70.46 -34.62
N ALA D 87 11.90 -70.22 -35.86
CA ALA D 87 13.17 -69.54 -36.19
C ALA D 87 13.14 -68.11 -35.64
N LEU D 88 12.04 -67.37 -35.81
CA LEU D 88 11.86 -66.00 -35.25
C LEU D 88 11.98 -66.07 -33.72
N ALA D 89 11.29 -67.00 -33.07
CA ALA D 89 11.32 -67.17 -31.60
C ALA D 89 12.76 -67.41 -31.16
N GLY D 90 13.48 -68.26 -31.89
CA GLY D 90 14.90 -68.58 -31.65
C GLY D 90 15.77 -67.33 -31.72
N HIS D 91 15.59 -66.54 -32.78
CA HIS D 91 16.33 -65.28 -32.98
C HIS D 91 16.05 -64.35 -31.79
N ASP D 92 14.80 -64.21 -31.40
CA ASP D 92 14.39 -63.30 -30.30
C ASP D 92 15.01 -63.81 -28.99
N LEU D 93 15.07 -65.12 -28.78
CA LEU D 93 15.65 -65.69 -27.53
C LEU D 93 17.16 -65.43 -27.49
N ASP D 94 17.83 -65.54 -28.63
CA ASP D 94 19.27 -65.19 -28.79
C ASP D 94 19.46 -63.75 -28.28
N ILE D 95 18.64 -62.82 -28.74
CA ILE D 95 18.71 -61.39 -28.35
C ILE D 95 18.36 -61.27 -26.86
N ALA D 96 17.40 -62.03 -26.35
CA ALA D 96 16.98 -61.96 -24.94
C ALA D 96 18.20 -62.30 -24.06
N VAL D 97 18.90 -63.36 -24.40
CA VAL D 97 20.09 -63.81 -23.62
C VAL D 97 21.18 -62.72 -23.69
N SER D 98 21.49 -62.17 -24.87
CA SER D 98 22.53 -61.12 -25.00
C SER D 98 22.17 -59.93 -24.13
N LYS D 99 20.93 -59.45 -24.23
CA LYS D 99 20.50 -58.23 -23.49
C LYS D 99 20.55 -58.54 -22.00
N MET D 100 20.17 -59.76 -21.61
CA MET D 100 20.11 -60.17 -20.19
C MET D 100 21.50 -60.04 -19.56
N LYS D 101 22.57 -60.16 -20.35
CA LYS D 101 23.96 -60.14 -19.86
C LYS D 101 24.51 -58.71 -19.81
N CYS D 102 23.81 -57.71 -20.33
CA CYS D 102 24.26 -56.29 -20.29
C CYS D 102 24.22 -55.76 -18.85
N LYS D 103 25.19 -54.92 -18.50
CA LYS D 103 25.33 -54.35 -17.14
C LYS D 103 24.10 -53.50 -16.78
N ARG D 104 23.44 -52.86 -17.73
CA ARG D 104 22.17 -52.11 -17.46
C ARG D 104 21.16 -53.04 -16.75
N VAL D 105 21.15 -54.32 -17.11
CA VAL D 105 20.17 -55.31 -16.59
C VAL D 105 20.60 -55.81 -15.21
N TRP D 106 21.86 -56.23 -15.03
CA TRP D 106 22.31 -56.89 -13.77
C TRP D 106 22.96 -55.89 -12.81
N GLY D 107 23.29 -54.68 -13.29
CA GLY D 107 24.16 -53.69 -12.63
C GLY D 107 23.71 -53.29 -11.25
N ASP D 108 22.41 -53.42 -10.93
CA ASP D 108 21.88 -53.08 -9.58
C ASP D 108 22.63 -53.90 -8.52
N TRP D 109 23.06 -55.11 -8.85
CA TRP D 109 23.81 -56.00 -7.93
C TRP D 109 25.09 -55.30 -7.44
N GLU D 110 25.83 -54.69 -8.37
CA GLU D 110 27.06 -53.93 -8.05
C GLU D 110 26.71 -52.62 -7.34
N GLU D 111 25.77 -51.82 -7.87
CA GLU D 111 25.41 -50.49 -7.29
C GLU D 111 24.92 -50.64 -5.85
N ASP D 112 24.23 -51.73 -5.52
CA ASP D 112 23.73 -52.01 -4.14
C ASP D 112 24.90 -52.40 -3.21
N GLY D 113 26.09 -52.69 -3.76
CA GLY D 113 27.29 -53.04 -2.97
C GLY D 113 27.45 -54.55 -2.75
N PHE D 114 26.78 -55.41 -3.52
CA PHE D 114 26.77 -56.88 -3.27
C PHE D 114 27.90 -57.60 -4.03
N GLY D 115 28.59 -56.96 -4.98
CA GLY D 115 29.68 -57.61 -5.73
C GLY D 115 29.75 -57.13 -7.18
N THR D 116 30.85 -57.45 -7.87
CA THR D 116 31.11 -56.99 -9.27
C THR D 116 30.70 -58.11 -10.24
N ASP D 117 30.45 -59.32 -9.76
CA ASP D 117 30.06 -60.48 -10.61
C ASP D 117 28.66 -60.92 -10.21
N PRO D 118 27.67 -60.84 -11.14
CA PRO D 118 26.28 -61.10 -10.80
C PRO D 118 25.90 -62.59 -10.72
N ILE D 119 26.83 -63.50 -11.02
CA ILE D 119 26.59 -64.96 -11.19
C ILE D 119 27.27 -65.76 -10.06
N GLU D 120 28.39 -65.26 -9.53
CA GLU D 120 29.34 -66.02 -8.66
C GLU D 120 28.61 -66.61 -7.45
N LYS D 121 27.78 -65.82 -6.77
CA LYS D 121 27.04 -66.29 -5.58
C LYS D 121 25.75 -65.50 -5.43
N GLU D 122 24.72 -66.14 -4.87
CA GLU D 122 23.43 -65.49 -4.50
C GLU D 122 22.79 -64.95 -5.80
N ASN D 123 22.02 -63.88 -5.71
CA ASN D 123 21.46 -63.17 -6.88
C ASN D 123 20.67 -64.16 -7.74
N ILE D 124 19.93 -65.09 -7.11
CA ILE D 124 19.22 -66.18 -7.84
C ILE D 124 18.10 -65.59 -8.68
N MET D 125 17.54 -64.43 -8.28
N MET D 125 17.54 -64.43 -8.30
CA MET D 125 16.55 -63.65 -9.08
CA MET D 125 16.49 -63.86 -9.17
C MET D 125 17.10 -63.51 -10.51
C MET D 125 17.10 -63.53 -10.53
N TYR D 126 18.30 -62.96 -10.64
CA TYR D 126 18.92 -62.68 -11.96
C TYR D 126 19.35 -63.99 -12.60
N LYS D 127 20.15 -64.80 -11.92
CA LYS D 127 20.86 -65.91 -12.59
C LYS D 127 19.94 -67.11 -12.78
N GLY D 128 18.89 -67.26 -11.98
CA GLY D 128 17.83 -68.26 -12.22
C GLY D 128 17.18 -68.02 -13.57
N HIS D 129 16.75 -66.78 -13.84
CA HIS D 129 16.13 -66.41 -15.14
C HIS D 129 17.14 -66.65 -16.26
N LEU D 130 18.37 -66.16 -16.10
CA LEU D 130 19.41 -66.32 -17.14
C LEU D 130 19.58 -67.80 -17.45
N ASN D 131 19.67 -68.64 -16.43
CA ASN D 131 19.92 -70.09 -16.63
C ASN D 131 18.72 -70.73 -17.35
N LEU D 132 17.49 -70.38 -16.97
CA LEU D 132 16.30 -70.92 -17.66
C LEU D 132 16.29 -70.43 -19.11
N MET D 133 16.69 -69.17 -19.36
CA MET D 133 16.72 -68.59 -20.71
C MET D 133 17.77 -69.30 -21.59
N TYR D 134 18.96 -69.59 -21.06
CA TYR D 134 19.99 -70.38 -21.79
C TYR D 134 19.37 -71.70 -22.27
N GLY D 135 18.63 -72.36 -21.40
CA GLY D 135 18.04 -73.68 -21.68
C GLY D 135 16.96 -73.59 -22.73
N LEU D 136 16.04 -72.64 -22.59
CA LEU D 136 14.91 -72.47 -23.54
C LEU D 136 15.48 -72.11 -24.92
N TYR D 137 16.52 -71.27 -24.97
CA TYR D 137 17.17 -70.90 -26.24
C TYR D 137 17.64 -72.18 -26.93
N GLN D 138 18.28 -73.08 -26.19
CA GLN D 138 18.88 -74.29 -26.79
C GLN D 138 17.77 -75.28 -27.17
N LEU D 139 16.71 -75.42 -26.36
CA LEU D 139 15.53 -76.25 -26.73
C LEU D 139 14.91 -75.76 -28.03
N VAL D 140 14.80 -74.44 -28.21
CA VAL D 140 14.07 -73.86 -29.38
C VAL D 140 14.92 -74.02 -30.64
N THR D 141 16.22 -73.72 -30.56
CA THR D 141 17.10 -73.55 -31.74
C THR D 141 17.97 -74.78 -32.01
N GLY D 142 18.33 -75.55 -30.98
CA GLY D 142 19.35 -76.62 -31.08
C GLY D 142 20.76 -76.04 -31.13
N SER D 143 20.94 -74.72 -31.01
CA SER D 143 22.26 -74.04 -31.09
C SER D 143 23.01 -74.21 -29.75
N ARG D 144 24.34 -74.42 -29.85
CA ARG D 144 25.27 -74.67 -28.72
C ARG D 144 26.02 -73.36 -28.39
N ARG D 145 25.59 -72.24 -28.94
CA ARG D 145 26.20 -70.90 -28.75
C ARG D 145 26.46 -70.60 -27.27
N TYR D 146 25.54 -70.94 -26.38
CA TYR D 146 25.62 -70.57 -24.93
C TYR D 146 25.85 -71.82 -24.07
N GLU D 147 26.10 -72.98 -24.68
CA GLU D 147 26.24 -74.29 -23.95
C GLU D 147 27.28 -74.20 -22.84
N ALA D 148 28.45 -73.63 -23.11
CA ALA D 148 29.56 -73.55 -22.13
C ALA D 148 29.10 -72.70 -20.93
N GLU D 149 28.51 -71.54 -21.21
CA GLU D 149 27.99 -70.61 -20.17
C GLU D 149 26.89 -71.31 -19.36
N HIS D 150 26.02 -72.06 -20.05
CA HIS D 150 24.86 -72.78 -19.47
C HIS D 150 25.35 -73.84 -18.47
N ALA D 151 26.34 -74.64 -18.89
CA ALA D 151 26.97 -75.68 -18.03
C ALA D 151 27.59 -75.02 -16.80
N HIS D 152 28.33 -73.93 -17.00
CA HIS D 152 29.02 -73.20 -15.90
C HIS D 152 27.99 -72.68 -14.87
N LEU D 153 26.92 -72.03 -15.34
CA LEU D 153 25.90 -71.42 -14.44
C LEU D 153 25.09 -72.55 -13.76
N THR D 154 24.75 -73.61 -14.49
CA THR D 154 24.03 -74.77 -13.92
C THR D 154 24.85 -75.35 -12.77
N ARG D 155 26.16 -75.49 -12.94
CA ARG D 155 27.05 -76.10 -11.92
C ARG D 155 27.12 -75.13 -10.72
N ILE D 156 27.22 -73.82 -10.94
CA ILE D 156 27.19 -72.84 -9.83
C ILE D 156 25.89 -73.04 -9.03
N ILE D 157 24.74 -73.15 -9.70
CA ILE D 157 23.43 -73.23 -9.00
C ILE D 157 23.39 -74.54 -8.21
N HIS D 158 23.79 -75.65 -8.83
CA HIS D 158 23.81 -76.99 -8.18
C HIS D 158 24.70 -76.94 -6.93
N ASP D 159 25.92 -76.39 -7.06
CA ASP D 159 26.91 -76.34 -5.95
C ASP D 159 26.37 -75.49 -4.80
N GLU D 160 25.70 -74.39 -5.12
CA GLU D 160 25.19 -73.44 -4.08
C GLU D 160 24.05 -74.10 -3.32
N ILE D 161 23.15 -74.81 -4.03
CA ILE D 161 22.07 -75.60 -3.39
C ILE D 161 22.71 -76.63 -2.44
N ALA D 162 23.69 -77.41 -2.93
CA ALA D 162 24.34 -78.48 -2.13
C ALA D 162 24.96 -77.88 -0.85
N ALA D 163 25.51 -76.67 -0.90
CA ALA D 163 26.25 -76.02 0.21
C ALA D 163 25.32 -75.42 1.26
N ASN D 164 24.05 -75.13 0.94
CA ASN D 164 23.15 -74.36 1.83
C ASN D 164 22.42 -75.31 2.77
N PRO D 165 22.25 -74.95 4.06
CA PRO D 165 21.50 -75.77 5.02
C PRO D 165 19.97 -75.73 4.83
N PHE D 166 19.46 -74.62 4.29
CA PHE D 166 18.09 -74.49 3.74
C PHE D 166 18.11 -74.97 2.29
N ALA D 167 16.99 -75.40 1.74
CA ALA D 167 16.88 -75.85 0.32
C ALA D 167 16.73 -74.62 -0.58
N GLY D 168 17.76 -74.32 -1.39
CA GLY D 168 17.71 -73.28 -2.42
C GLY D 168 18.80 -72.26 -2.24
N ILE D 169 18.59 -71.06 -2.79
CA ILE D 169 19.59 -69.96 -2.89
C ILE D 169 18.90 -68.63 -2.58
N VAL D 170 19.62 -67.70 -1.96
CA VAL D 170 19.11 -66.35 -1.62
C VAL D 170 19.22 -65.44 -2.85
N CYS D 171 18.52 -64.30 -2.82
CA CYS D 171 18.61 -63.23 -3.83
C CYS D 171 19.68 -62.24 -3.37
N GLU D 172 19.28 -61.09 -2.81
CA GLU D 172 20.17 -60.24 -1.97
C GLU D 172 20.60 -61.17 -0.82
N PRO D 173 21.76 -60.94 -0.18
CA PRO D 173 22.17 -61.78 0.95
C PRO D 173 21.07 -61.78 2.04
N ASP D 174 20.80 -62.96 2.60
CA ASP D 174 19.80 -63.18 3.70
C ASP D 174 18.34 -62.95 3.27
N ASN D 175 18.06 -62.86 1.96
CA ASN D 175 16.69 -62.72 1.41
C ASN D 175 16.38 -63.95 0.56
N TYR D 176 15.49 -64.82 1.04
CA TYR D 176 15.06 -66.04 0.35
C TYR D 176 13.63 -65.86 -0.15
N PHE D 177 13.42 -66.05 -1.46
CA PHE D 177 12.09 -65.94 -2.11
C PHE D 177 11.77 -67.24 -2.83
N VAL D 178 10.59 -67.82 -2.56
CA VAL D 178 10.21 -69.13 -3.19
C VAL D 178 10.09 -68.94 -4.71
N GLN D 179 9.57 -67.79 -5.18
CA GLN D 179 9.28 -67.60 -6.63
C GLN D 179 10.61 -67.59 -7.40
N CYS D 180 11.64 -66.95 -6.86
CA CYS D 180 12.99 -66.86 -7.50
C CYS D 180 13.63 -68.25 -7.53
N ASN D 181 13.49 -69.03 -6.46
CA ASN D 181 13.98 -70.42 -6.40
C ASN D 181 13.26 -71.28 -7.46
N SER D 182 11.95 -71.08 -7.64
CA SER D 182 11.14 -71.93 -8.54
C SER D 182 11.71 -71.84 -9.96
N VAL D 183 12.21 -70.66 -10.36
CA VAL D 183 12.83 -70.44 -11.71
C VAL D 183 14.13 -71.23 -11.79
N ALA D 184 14.98 -71.13 -10.77
CA ALA D 184 16.29 -71.83 -10.72
C ALA D 184 16.07 -73.35 -10.83
N TYR D 185 15.13 -73.91 -10.06
CA TYR D 185 14.87 -75.38 -10.07
C TYR D 185 14.37 -75.77 -11.47
N LEU D 186 13.45 -75.01 -12.03
CA LEU D 186 12.96 -75.32 -13.39
C LEU D 186 14.13 -75.29 -14.39
N SER D 187 15.12 -74.40 -14.20
CA SER D 187 16.29 -74.31 -15.12
C SER D 187 17.10 -75.62 -15.05
N LEU D 188 17.10 -76.31 -13.91
CA LEU D 188 17.82 -77.59 -13.74
C LEU D 188 17.10 -78.69 -14.54
N TRP D 189 15.76 -78.68 -14.53
CA TRP D 189 14.94 -79.63 -15.32
C TRP D 189 15.27 -79.43 -16.81
N VAL D 190 15.40 -78.18 -17.27
CA VAL D 190 15.66 -77.90 -18.71
C VAL D 190 17.07 -78.40 -19.05
N TYR D 191 18.07 -78.13 -18.19
CA TYR D 191 19.44 -78.61 -18.44
C TYR D 191 19.43 -80.15 -18.58
N ASP D 192 18.78 -80.84 -17.64
CA ASP D 192 18.68 -82.32 -17.63
C ASP D 192 18.05 -82.84 -18.93
N ARG D 193 17.00 -82.17 -19.42
CA ARG D 193 16.36 -82.56 -20.70
C ARG D 193 17.38 -82.48 -21.84
N LEU D 194 18.26 -81.48 -21.85
CA LEU D 194 19.21 -81.25 -22.96
C LEU D 194 20.41 -82.22 -22.88
N HIS D 195 20.79 -82.67 -21.68
CA HIS D 195 22.11 -83.32 -21.46
C HIS D 195 22.00 -84.70 -20.79
N GLY D 196 20.82 -85.14 -20.36
CA GLY D 196 20.63 -86.46 -19.73
C GLY D 196 21.17 -86.54 -18.30
N THR D 197 21.45 -85.40 -17.67
CA THR D 197 21.96 -85.28 -16.27
C THR D 197 20.80 -85.43 -15.28
N ASP D 198 21.09 -85.32 -13.97
CA ASP D 198 20.08 -85.46 -12.89
C ASP D 198 20.25 -84.31 -11.87
N TYR D 199 20.52 -83.08 -12.33
CA TYR D 199 20.54 -81.88 -11.45
C TYR D 199 19.17 -81.68 -10.79
N ARG D 200 18.09 -82.12 -11.44
CA ARG D 200 16.70 -81.93 -10.95
C ARG D 200 16.40 -82.77 -9.69
N ALA D 201 17.27 -83.71 -9.31
CA ALA D 201 17.08 -84.57 -8.13
C ALA D 201 16.99 -83.72 -6.86
N ALA D 202 17.56 -82.52 -6.86
CA ALA D 202 17.52 -81.57 -5.73
C ALA D 202 16.09 -81.04 -5.50
N THR D 203 15.19 -81.18 -6.48
CA THR D 203 13.82 -80.58 -6.44
C THR D 203 13.02 -81.11 -5.24
N ARG D 204 13.09 -82.42 -4.94
CA ARG D 204 12.22 -83.03 -3.91
C ARG D 204 12.49 -82.37 -2.55
N ALA D 205 13.75 -82.21 -2.15
CA ALA D 205 14.10 -81.57 -0.87
C ALA D 205 13.58 -80.13 -0.84
N TRP D 206 13.63 -79.43 -1.98
CA TRP D 206 13.13 -78.03 -2.09
C TRP D 206 11.61 -78.01 -1.87
N LEU D 207 10.87 -78.88 -2.56
CA LEU D 207 9.39 -78.94 -2.44
C LEU D 207 9.00 -79.28 -0.99
N ASP D 208 9.78 -80.13 -0.30
CA ASP D 208 9.52 -80.49 1.13
C ASP D 208 9.79 -79.25 1.99
N PHE D 209 10.88 -78.52 1.73
CA PHE D 209 11.30 -77.34 2.52
C PHE D 209 10.25 -76.22 2.44
N ILE D 210 9.76 -75.90 1.24
CA ILE D 210 8.84 -74.73 1.07
C ILE D 210 7.45 -75.07 1.63
N GLN D 211 7.16 -76.34 1.91
CA GLN D 211 5.87 -76.76 2.53
C GLN D 211 5.94 -76.72 4.06
N LYS D 212 7.08 -76.37 4.67
CA LYS D 212 7.18 -76.16 6.14
C LYS D 212 6.73 -74.72 6.45
N ASP D 213 7.62 -73.84 6.92
CA ASP D 213 7.19 -72.51 7.46
C ASP D 213 6.86 -71.53 6.32
N LEU D 214 7.26 -71.81 5.08
CA LEU D 214 7.09 -70.85 3.96
C LEU D 214 5.67 -70.87 3.39
N ILE D 215 4.86 -71.89 3.68
CA ILE D 215 3.46 -71.95 3.16
C ILE D 215 2.47 -71.95 4.33
N ASP D 216 1.31 -71.34 4.13
CA ASP D 216 0.07 -71.59 4.91
C ASP D 216 -0.74 -72.62 4.13
N PRO D 217 -0.69 -73.91 4.53
CA PRO D 217 -1.25 -74.99 3.72
C PRO D 217 -2.80 -74.91 3.63
N GLU D 218 -3.46 -74.38 4.66
CA GLU D 218 -4.94 -74.22 4.67
C GLU D 218 -5.34 -73.17 3.61
N ARG D 219 -4.59 -72.08 3.47
CA ARG D 219 -4.96 -70.96 2.56
C ARG D 219 -4.31 -71.16 1.18
N GLY D 220 -3.42 -72.14 1.03
CA GLY D 220 -2.72 -72.43 -0.24
C GLY D 220 -1.87 -71.25 -0.68
N ALA D 221 -1.19 -70.60 0.25
CA ALA D 221 -0.51 -69.31 0.05
C ALA D 221 0.87 -69.33 0.69
N PHE D 222 1.89 -68.90 -0.06
CA PHE D 222 3.26 -68.72 0.45
C PHE D 222 3.36 -67.38 1.19
N TYR D 223 4.17 -67.35 2.24
CA TYR D 223 4.62 -66.10 2.91
C TYR D 223 5.59 -65.37 1.97
N LEU D 224 5.66 -64.06 2.16
CA LEU D 224 6.38 -63.10 1.31
C LEU D 224 7.84 -63.55 1.10
N SER D 225 8.53 -63.92 2.17
CA SER D 225 9.98 -64.21 2.13
C SER D 225 10.46 -64.86 3.42
N TYR D 226 11.64 -65.48 3.35
CA TYR D 226 12.36 -66.15 4.46
C TYR D 226 13.76 -65.53 4.56
N HIS D 227 14.29 -65.48 5.78
CA HIS D 227 15.55 -64.77 6.11
C HIS D 227 16.39 -65.68 6.99
N PRO D 228 17.28 -66.51 6.39
CA PRO D 228 17.97 -67.59 7.10
C PRO D 228 18.77 -67.16 8.34
N GLU D 229 19.49 -66.03 8.26
CA GLU D 229 20.33 -65.52 9.40
C GLU D 229 19.48 -65.43 10.67
N SER D 230 18.31 -64.77 10.60
CA SER D 230 17.40 -64.53 11.74
C SER D 230 16.37 -65.67 11.91
N GLY D 231 16.17 -66.51 10.88
CA GLY D 231 15.09 -67.53 10.85
C GLY D 231 13.71 -66.91 10.60
N ALA D 232 13.63 -65.61 10.34
CA ALA D 232 12.33 -64.90 10.17
C ALA D 232 11.65 -65.34 8.87
N VAL D 233 10.34 -65.59 8.97
CA VAL D 233 9.41 -65.62 7.81
C VAL D 233 8.53 -64.38 7.93
N LYS D 234 8.47 -63.54 6.91
CA LYS D 234 7.62 -62.32 6.96
C LYS D 234 6.18 -62.79 7.12
N PRO D 235 5.42 -62.20 8.07
CA PRO D 235 4.11 -62.76 8.45
C PRO D 235 2.94 -62.45 7.52
N TRP D 236 3.17 -61.98 6.29
CA TRP D 236 2.11 -61.73 5.30
C TRP D 236 2.19 -62.79 4.20
N ILE D 237 1.04 -63.31 3.78
CA ILE D 237 0.92 -64.17 2.58
C ILE D 237 0.80 -63.26 1.35
N SER D 238 1.28 -63.73 0.19
CA SER D 238 1.38 -62.95 -1.05
C SER D 238 0.80 -63.76 -2.21
N ALA D 239 -0.20 -63.20 -2.88
CA ALA D 239 -0.87 -63.80 -4.05
C ALA D 239 0.10 -63.86 -5.24
N TYR D 240 0.82 -62.78 -5.55
CA TYR D 240 1.67 -62.76 -6.77
C TYR D 240 2.78 -63.80 -6.56
N THR D 241 3.32 -63.84 -5.35
CA THR D 241 4.37 -64.83 -4.96
C THR D 241 3.84 -66.25 -5.20
N THR D 242 2.62 -66.52 -4.74
CA THR D 242 2.00 -67.86 -4.79
C THR D 242 1.67 -68.21 -6.24
N ALA D 243 1.05 -67.30 -6.97
CA ALA D 243 0.60 -67.55 -8.36
C ALA D 243 1.80 -67.93 -9.22
N TRP D 244 2.87 -67.15 -9.11
CA TRP D 244 4.13 -67.37 -9.88
C TRP D 244 4.70 -68.74 -9.49
N THR D 245 4.87 -68.99 -8.18
CA THR D 245 5.51 -70.24 -7.67
C THR D 245 4.71 -71.47 -8.13
N LEU D 246 3.38 -71.45 -7.96
CA LEU D 246 2.54 -72.62 -8.31
C LEU D 246 2.58 -72.84 -9.83
N ALA D 247 2.67 -71.77 -10.63
CA ALA D 247 2.70 -71.91 -12.09
C ALA D 247 3.95 -72.70 -12.48
N MET D 248 5.10 -72.33 -11.90
CA MET D 248 6.39 -72.95 -12.29
C MET D 248 6.50 -74.35 -11.68
N VAL D 249 6.06 -74.52 -10.43
CA VAL D 249 6.10 -75.85 -9.75
C VAL D 249 5.21 -76.83 -10.54
N HIS D 250 4.12 -76.39 -11.15
CA HIS D 250 3.19 -77.29 -11.90
C HIS D 250 3.96 -78.03 -13.00
N GLY D 251 5.03 -77.42 -13.54
CA GLY D 251 5.85 -78.03 -14.59
C GLY D 251 6.76 -79.13 -14.05
N MET D 252 7.03 -79.14 -12.74
CA MET D 252 7.99 -80.06 -12.11
C MET D 252 7.26 -81.10 -11.25
N ASP D 253 6.25 -80.67 -10.48
CA ASP D 253 5.40 -81.53 -9.62
C ASP D 253 3.96 -81.07 -9.76
N PRO D 254 3.24 -81.55 -10.79
CA PRO D 254 1.86 -81.11 -11.04
C PRO D 254 0.96 -81.30 -9.80
N ALA D 255 1.12 -82.40 -9.06
CA ALA D 255 0.25 -82.73 -7.90
C ALA D 255 0.36 -81.64 -6.83
N PHE D 256 1.54 -81.06 -6.63
CA PHE D 256 1.81 -79.99 -5.64
C PHE D 256 0.89 -78.79 -5.94
N SER D 257 0.89 -78.32 -7.18
CA SER D 257 0.12 -77.11 -7.57
C SER D 257 -1.38 -77.43 -7.57
N GLU D 258 -1.75 -78.64 -8.00
CA GLU D 258 -3.17 -79.11 -8.01
C GLU D 258 -3.72 -79.10 -6.57
N ARG D 259 -2.92 -79.55 -5.60
CA ARG D 259 -3.29 -79.56 -4.15
C ARG D 259 -3.67 -78.13 -3.68
N TYR D 260 -2.87 -77.12 -4.02
CA TYR D 260 -3.01 -75.77 -3.39
C TYR D 260 -3.88 -74.83 -4.22
N TYR D 261 -4.05 -75.08 -5.52
CA TYR D 261 -4.69 -74.12 -6.46
C TYR D 261 -6.07 -73.73 -5.97
N PRO D 262 -6.97 -74.68 -5.61
CA PRO D 262 -8.33 -74.32 -5.17
C PRO D 262 -8.31 -73.46 -3.89
N ARG D 263 -7.40 -73.73 -2.96
CA ARG D 263 -7.27 -72.96 -1.69
C ARG D 263 -6.75 -71.55 -2.01
N PHE D 264 -5.75 -71.44 -2.90
CA PHE D 264 -5.20 -70.15 -3.41
C PHE D 264 -6.37 -69.29 -3.90
N LYS D 265 -7.24 -69.84 -4.75
CA LYS D 265 -8.37 -69.09 -5.36
C LYS D 265 -9.34 -68.62 -4.28
N GLN D 266 -9.69 -69.49 -3.33
CA GLN D 266 -10.58 -69.14 -2.20
C GLN D 266 -9.95 -67.99 -1.42
N THR D 267 -8.65 -68.07 -1.11
CA THR D 267 -7.95 -67.05 -0.29
C THR D 267 -7.94 -65.68 -1.00
N PHE D 268 -7.68 -65.61 -2.30
CA PHE D 268 -7.25 -64.34 -2.95
C PHE D 268 -8.20 -63.85 -4.05
N VAL D 269 -8.89 -64.75 -4.75
CA VAL D 269 -9.57 -64.40 -6.03
C VAL D 269 -10.97 -63.86 -5.72
N GLU D 270 -11.25 -62.62 -6.15
CA GLU D 270 -12.60 -62.01 -6.07
C GLU D 270 -13.24 -62.04 -7.47
N VAL D 271 -14.28 -62.88 -7.61
CA VAL D 271 -15.17 -62.88 -8.80
C VAL D 271 -16.16 -61.73 -8.60
N TYR D 272 -16.40 -60.90 -9.62
CA TYR D 272 -17.34 -59.76 -9.54
C TYR D 272 -18.04 -59.59 -10.90
N ASP D 273 -18.91 -58.58 -11.01
CA ASP D 273 -19.69 -58.28 -12.24
C ASP D 273 -20.43 -59.55 -12.71
N GLU D 274 -21.11 -60.23 -11.78
CA GLU D 274 -22.03 -61.37 -12.06
C GLU D 274 -21.27 -62.49 -12.75
N GLY D 275 -20.04 -62.78 -12.28
CA GLY D 275 -19.22 -63.90 -12.77
C GLY D 275 -18.41 -63.62 -14.04
N ARG D 276 -18.48 -62.39 -14.60
CA ARG D 276 -17.84 -62.07 -15.90
C ARG D 276 -16.37 -61.65 -15.70
N LYS D 277 -16.01 -61.20 -14.50
CA LYS D 277 -14.69 -60.61 -14.18
C LYS D 277 -14.15 -61.18 -12.86
N ALA D 278 -12.83 -61.10 -12.70
CA ALA D 278 -12.13 -61.44 -11.45
C ALA D 278 -10.94 -60.50 -11.25
N ARG D 279 -10.59 -60.26 -10.00
CA ARG D 279 -9.39 -59.49 -9.61
C ARG D 279 -8.84 -60.16 -8.36
N VAL D 280 -7.54 -60.01 -8.11
CA VAL D 280 -6.85 -60.81 -7.07
C VAL D 280 -6.34 -59.86 -5.99
N ARG D 281 -6.69 -60.15 -4.74
CA ARG D 281 -6.13 -59.49 -3.53
C ARG D 281 -4.68 -59.96 -3.37
N GLU D 282 -3.77 -59.06 -3.00
CA GLU D 282 -2.30 -59.38 -2.91
C GLU D 282 -2.01 -60.07 -1.57
N THR D 283 -2.76 -59.77 -0.53
CA THR D 283 -2.53 -60.32 0.84
C THR D 283 -3.87 -60.54 1.55
N ALA D 284 -3.85 -61.15 2.75
CA ALA D 284 -5.05 -61.38 3.60
C ALA D 284 -5.35 -60.10 4.39
N GLY D 285 -6.55 -60.02 4.97
CA GLY D 285 -7.00 -58.91 5.85
C GLY D 285 -7.24 -57.62 5.10
N THR D 286 -7.60 -57.69 3.82
CA THR D 286 -7.93 -56.51 2.97
C THR D 286 -8.97 -56.94 1.93
N ASP D 287 -9.76 -55.99 1.43
CA ASP D 287 -10.67 -56.17 0.27
C ASP D 287 -10.03 -55.60 -1.00
N ASP D 288 -8.93 -54.84 -0.87
CA ASP D 288 -8.27 -54.16 -2.02
C ASP D 288 -7.62 -55.20 -2.94
N ALA D 289 -7.79 -55.03 -4.25
CA ALA D 289 -7.17 -55.88 -5.29
C ALA D 289 -5.80 -55.30 -5.66
N ASP D 290 -4.84 -56.17 -5.97
CA ASP D 290 -3.59 -55.79 -6.68
C ASP D 290 -2.82 -54.70 -5.92
N GLY D 291 -2.74 -54.82 -4.60
CA GLY D 291 -1.80 -54.03 -3.78
C GLY D 291 -0.37 -54.55 -3.93
N GLY D 292 0.54 -54.06 -3.09
CA GLY D 292 1.98 -54.42 -3.15
C GLY D 292 2.58 -54.05 -4.50
N VAL D 293 3.23 -55.01 -5.17
CA VAL D 293 3.88 -54.77 -6.49
C VAL D 293 2.82 -54.58 -7.57
N GLY D 294 1.56 -54.94 -7.30
CA GLY D 294 0.42 -54.73 -8.22
C GLY D 294 0.32 -55.80 -9.31
N LEU D 295 0.87 -57.00 -9.10
CA LEU D 295 0.95 -58.05 -10.16
C LEU D 295 0.15 -59.30 -9.79
N ALA D 296 -0.65 -59.29 -8.72
CA ALA D 296 -1.41 -60.50 -8.28
C ALA D 296 -2.30 -61.00 -9.44
N SER D 297 -3.07 -60.11 -10.05
CA SER D 297 -4.02 -60.49 -11.12
C SER D 297 -3.27 -61.02 -12.35
N ALA D 298 -2.19 -60.34 -12.76
CA ALA D 298 -1.41 -60.70 -13.97
C ALA D 298 -0.75 -62.08 -13.77
N PHE D 299 -0.19 -62.35 -12.60
CA PHE D 299 0.45 -63.68 -12.35
C PHE D 299 -0.63 -64.75 -12.17
N THR D 300 -1.82 -64.41 -11.66
CA THR D 300 -2.94 -65.38 -11.56
C THR D 300 -3.43 -65.73 -12.96
N LEU D 301 -3.42 -64.75 -13.89
CA LEU D 301 -3.76 -65.02 -15.30
C LEU D 301 -2.79 -66.10 -15.85
N LEU D 302 -1.49 -65.98 -15.58
CA LEU D 302 -0.52 -67.00 -16.02
C LEU D 302 -0.84 -68.34 -15.35
N LEU D 303 -1.11 -68.33 -14.03
CA LEU D 303 -1.39 -69.58 -13.29
C LEU D 303 -2.65 -70.25 -13.85
N ALA D 304 -3.71 -69.48 -14.09
CA ALA D 304 -4.96 -69.99 -14.69
C ALA D 304 -4.63 -70.69 -16.01
N ARG D 305 -3.78 -70.09 -16.84
CA ARG D 305 -3.38 -70.70 -18.14
C ARG D 305 -2.64 -72.02 -17.86
N GLU D 306 -1.69 -72.01 -16.93
CA GLU D 306 -0.86 -73.20 -16.60
C GLU D 306 -1.79 -74.33 -16.12
N MET D 307 -2.81 -74.03 -15.32
CA MET D 307 -3.70 -75.05 -14.70
C MET D 307 -4.85 -75.45 -15.63
N GLY D 308 -5.02 -74.79 -16.79
CA GLY D 308 -6.09 -75.10 -17.76
C GLY D 308 -7.45 -74.57 -17.32
N ASP D 309 -7.50 -73.54 -16.46
CA ASP D 309 -8.73 -72.93 -15.89
C ASP D 309 -9.21 -71.80 -16.80
N GLN D 310 -9.96 -72.13 -17.85
CA GLN D 310 -10.42 -71.17 -18.89
C GLN D 310 -11.33 -70.13 -18.26
N GLN D 311 -12.18 -70.54 -17.31
CA GLN D 311 -13.17 -69.60 -16.70
C GLN D 311 -12.40 -68.47 -16.00
N LEU D 312 -11.45 -68.80 -15.13
CA LEU D 312 -10.72 -67.76 -14.35
C LEU D 312 -9.86 -66.92 -15.32
N PHE D 313 -9.24 -67.56 -16.32
CA PHE D 313 -8.46 -66.84 -17.36
C PHE D 313 -9.34 -65.75 -17.98
N ASP D 314 -10.54 -66.14 -18.41
CA ASP D 314 -11.49 -65.22 -19.10
C ASP D 314 -11.87 -64.07 -18.16
N GLN D 315 -12.20 -64.39 -16.91
CA GLN D 315 -12.59 -63.40 -15.87
C GLN D 315 -11.43 -62.41 -15.63
N LEU D 316 -10.20 -62.89 -15.46
CA LEU D 316 -9.04 -62.01 -15.17
C LEU D 316 -8.73 -61.14 -16.38
N LEU D 317 -8.76 -61.70 -17.59
CA LEU D 317 -8.45 -60.92 -18.81
C LEU D 317 -9.53 -59.86 -19.04
N ASN D 318 -10.79 -60.14 -18.67
CA ASN D 318 -11.91 -59.16 -18.77
C ASN D 318 -11.67 -58.01 -17.78
N HIS D 319 -11.02 -58.26 -16.63
CA HIS D 319 -10.62 -57.22 -15.66
C HIS D 319 -9.41 -56.42 -16.18
N LEU D 320 -8.42 -57.11 -16.73
CA LEU D 320 -7.06 -56.53 -17.00
C LEU D 320 -7.01 -55.77 -18.32
N GLU D 321 -7.52 -56.35 -19.41
CA GLU D 321 -7.23 -55.85 -20.77
C GLU D 321 -8.06 -54.61 -21.11
N PRO D 322 -9.42 -54.62 -21.01
CA PRO D 322 -10.21 -53.48 -21.47
C PRO D 322 -9.77 -52.13 -20.94
N PRO D 323 -9.57 -51.92 -19.62
CA PRO D 323 -9.15 -50.61 -19.12
C PRO D 323 -7.76 -50.19 -19.63
N ALA D 324 -6.92 -51.12 -20.06
CA ALA D 324 -5.57 -50.83 -20.62
C ALA D 324 -5.67 -50.27 -22.05
N LYS D 325 -6.83 -50.41 -22.69
CA LYS D 325 -7.18 -49.77 -24.00
C LYS D 325 -6.17 -50.23 -25.05
N PRO D 326 -6.24 -51.52 -25.45
CA PRO D 326 -5.39 -52.01 -26.53
C PRO D 326 -5.81 -51.34 -27.84
N SER D 327 -4.86 -51.04 -28.71
CA SER D 327 -5.14 -50.71 -30.12
C SER D 327 -4.10 -51.40 -31.01
N ILE D 328 -4.54 -51.86 -32.16
CA ILE D 328 -3.66 -52.42 -33.21
C ILE D 328 -3.58 -51.37 -34.31
N VAL D 329 -2.39 -50.77 -34.47
CA VAL D 329 -2.07 -49.75 -35.50
C VAL D 329 -0.97 -50.35 -36.37
N SER D 330 -1.18 -50.38 -37.69
CA SER D 330 -0.23 -50.93 -38.67
C SER D 330 0.21 -52.32 -38.22
N ALA D 331 -0.75 -53.15 -37.76
CA ALA D 331 -0.58 -54.57 -37.39
C ALA D 331 0.37 -54.73 -36.20
N SER D 332 0.47 -53.73 -35.34
CA SER D 332 1.34 -53.75 -34.13
C SER D 332 0.50 -53.37 -32.91
N LEU D 333 0.63 -54.12 -31.81
CA LEU D 333 -0.20 -53.95 -30.58
C LEU D 333 0.45 -52.93 -29.64
N ARG D 334 -0.32 -51.94 -29.18
CA ARG D 334 0.03 -51.00 -28.08
C ARG D 334 -1.13 -50.99 -27.06
N TYR D 335 -0.80 -50.82 -25.78
CA TYR D 335 -1.76 -50.51 -24.70
C TYR D 335 -1.57 -49.03 -24.32
N GLU D 336 -2.64 -48.23 -24.36
CA GLU D 336 -2.62 -46.79 -24.02
C GLU D 336 -2.45 -46.62 -22.49
N HIS D 337 -3.05 -47.48 -21.66
CA HIS D 337 -3.04 -47.34 -20.17
C HIS D 337 -2.69 -48.66 -19.51
N PRO D 338 -1.43 -49.16 -19.62
CA PRO D 338 -1.05 -50.40 -18.96
C PRO D 338 -1.33 -50.23 -17.46
N GLY D 339 -1.93 -51.24 -16.84
CA GLY D 339 -2.42 -51.12 -15.45
C GLY D 339 -1.38 -51.47 -14.41
N SER D 340 -0.18 -51.92 -14.82
CA SER D 340 0.89 -52.39 -13.91
C SER D 340 2.23 -52.41 -14.63
N LEU D 341 3.29 -52.69 -13.88
CA LEU D 341 4.61 -53.10 -14.43
C LEU D 341 4.42 -54.40 -15.21
N LEU D 342 5.31 -54.64 -16.18
CA LEU D 342 5.41 -55.93 -16.92
C LEU D 342 4.07 -56.26 -17.60
N PHE D 343 3.30 -55.24 -17.98
CA PHE D 343 1.90 -55.43 -18.44
C PHE D 343 1.85 -56.18 -19.77
N ASP D 344 2.44 -55.64 -20.84
CA ASP D 344 2.38 -56.33 -22.16
C ASP D 344 3.14 -57.66 -22.08
N GLU D 345 4.19 -57.73 -21.25
CA GLU D 345 5.01 -58.95 -21.10
C GLU D 345 4.13 -60.08 -20.54
N LEU D 346 3.42 -59.84 -19.43
CA LEU D 346 2.65 -60.89 -18.73
C LEU D 346 1.38 -61.26 -19.49
N LEU D 347 0.73 -60.32 -20.17
CA LEU D 347 -0.45 -60.64 -21.00
C LEU D 347 -0.02 -61.47 -22.22
N PHE D 348 1.09 -61.09 -22.84
CA PHE D 348 1.71 -61.86 -23.95
C PHE D 348 1.95 -63.30 -23.49
N LEU D 349 2.69 -63.46 -22.41
CA LEU D 349 3.04 -64.79 -21.85
C LEU D 349 1.75 -65.60 -21.58
N ALA D 350 0.78 -65.04 -20.88
CA ALA D 350 -0.44 -65.78 -20.48
C ALA D 350 -1.24 -66.20 -21.74
N LYS D 351 -1.25 -65.35 -22.77
CA LYS D 351 -2.00 -65.63 -24.03
C LYS D 351 -1.41 -66.84 -24.76
N VAL D 352 -0.08 -67.03 -24.73
CA VAL D 352 0.58 -68.09 -25.54
C VAL D 352 0.98 -69.29 -24.68
N HIS D 353 1.04 -69.17 -23.36
CA HIS D 353 1.72 -70.15 -22.48
C HIS D 353 1.20 -71.57 -22.76
N ALA D 354 2.10 -72.50 -23.08
CA ALA D 354 1.78 -73.90 -23.41
C ALA D 354 1.88 -74.81 -22.18
N GLY D 355 2.28 -74.27 -21.02
CA GLY D 355 2.60 -75.04 -19.81
C GLY D 355 4.10 -75.31 -19.72
N PHE D 356 4.68 -75.19 -18.53
CA PHE D 356 6.14 -75.34 -18.31
C PHE D 356 6.56 -76.79 -18.60
N GLY D 357 5.68 -77.74 -18.31
CA GLY D 357 5.87 -79.16 -18.68
C GLY D 357 6.01 -79.35 -20.18
N ALA D 358 5.15 -78.72 -20.98
CA ALA D 358 5.20 -78.82 -22.47
C ALA D 358 6.51 -78.19 -22.99
N LEU D 359 7.00 -77.10 -22.39
CA LEU D 359 8.27 -76.47 -22.82
C LEU D 359 9.43 -77.44 -22.55
N LEU D 360 9.42 -78.13 -21.41
CA LEU D 360 10.39 -79.19 -21.06
C LEU D 360 10.44 -80.30 -22.12
N ARG D 361 9.30 -80.64 -22.73
CA ARG D 361 9.19 -81.79 -23.67
C ARG D 361 9.23 -81.27 -25.11
N MET D 362 9.64 -80.02 -25.33
CA MET D 362 9.65 -79.42 -26.68
C MET D 362 10.37 -80.35 -27.65
N PRO D 363 9.73 -80.80 -28.75
CA PRO D 363 10.43 -81.60 -29.76
C PRO D 363 11.61 -80.85 -30.37
N PRO D 364 12.68 -81.54 -30.83
CA PRO D 364 13.80 -80.86 -31.48
C PRO D 364 13.38 -80.22 -32.81
N PRO D 365 14.18 -79.26 -33.33
CA PRO D 365 13.89 -78.68 -34.64
C PRO D 365 14.46 -79.61 -35.73
N ALA E 2 0.29 -28.71 -66.33
CA ALA E 2 -1.13 -28.22 -66.25
C ALA E 2 -1.34 -27.48 -64.91
N GLU E 3 -2.36 -27.82 -64.12
CA GLU E 3 -2.80 -27.07 -62.90
C GLU E 3 -1.92 -27.45 -61.69
N LEU E 4 -1.74 -26.49 -60.79
CA LEU E 4 -1.02 -26.60 -59.50
C LEU E 4 -1.99 -27.02 -58.38
N PRO E 5 -1.98 -28.30 -57.93
CA PRO E 5 -2.86 -28.73 -56.84
C PRO E 5 -2.65 -27.89 -55.59
N PRO E 6 -3.62 -27.82 -54.66
CA PRO E 6 -3.54 -26.84 -53.56
C PRO E 6 -2.44 -27.24 -52.55
N GLY E 7 -1.65 -26.28 -52.04
CA GLY E 7 -0.57 -26.49 -51.04
C GLY E 7 0.75 -27.05 -51.63
N ARG E 8 0.79 -27.36 -52.93
CA ARG E 8 1.99 -27.79 -53.69
C ARG E 8 2.75 -26.55 -54.11
N LEU E 9 4.07 -26.66 -54.31
CA LEU E 9 4.93 -25.49 -54.66
C LEU E 9 5.19 -25.46 -56.17
N ALA E 10 5.20 -26.61 -56.82
CA ALA E 10 5.42 -26.71 -58.28
C ALA E 10 4.84 -28.01 -58.79
N THR E 11 4.61 -28.07 -60.11
CA THR E 11 3.93 -29.21 -60.75
C THR E 11 4.93 -30.36 -60.88
N THR E 12 4.42 -31.58 -60.89
CA THR E 12 5.20 -32.80 -61.21
C THR E 12 5.92 -32.59 -62.55
N GLU E 13 5.23 -32.04 -63.55
CA GLU E 13 5.83 -31.76 -64.89
C GLU E 13 7.08 -30.91 -64.67
N ASP E 14 7.02 -29.87 -63.83
CA ASP E 14 8.17 -28.96 -63.58
C ASP E 14 9.36 -29.76 -62.99
N TYR E 15 9.14 -30.64 -61.99
CA TYR E 15 10.24 -31.41 -61.34
C TYR E 15 10.89 -32.30 -62.39
N PHE E 16 10.10 -33.00 -63.19
CA PHE E 16 10.61 -33.97 -64.21
C PHE E 16 11.28 -33.25 -65.38
N ALA E 17 11.02 -31.96 -65.59
CA ALA E 17 11.61 -31.17 -66.70
C ALA E 17 12.92 -30.48 -66.28
N GLN E 18 13.29 -30.50 -65.00
CA GLN E 18 14.46 -29.72 -64.48
C GLN E 18 15.72 -30.06 -65.29
N GLN E 19 15.96 -31.34 -65.56
CA GLN E 19 17.19 -31.78 -66.25
C GLN E 19 17.23 -31.20 -67.68
N ALA E 20 16.11 -31.30 -68.42
CA ALA E 20 15.99 -30.81 -69.81
C ALA E 20 16.19 -29.28 -69.84
N LYS E 21 15.63 -28.55 -68.87
CA LYS E 21 15.72 -27.06 -68.79
C LYS E 21 17.07 -26.63 -68.21
N GLN E 22 17.86 -27.55 -67.65
CA GLN E 22 19.17 -27.26 -67.00
C GLN E 22 18.98 -26.20 -65.91
N ALA E 23 17.90 -26.31 -65.13
CA ALA E 23 17.58 -25.37 -64.01
C ALA E 23 16.73 -26.11 -62.97
N VAL E 24 17.02 -25.88 -61.70
CA VAL E 24 16.17 -26.40 -60.59
C VAL E 24 14.95 -25.48 -60.49
N THR E 25 13.82 -25.99 -60.00
CA THR E 25 12.61 -25.19 -59.71
C THR E 25 12.95 -24.19 -58.61
N PRO E 26 12.23 -23.04 -58.51
CA PRO E 26 12.45 -22.11 -57.41
C PRO E 26 12.38 -22.73 -56.01
N ASP E 27 11.52 -23.72 -55.78
CA ASP E 27 11.35 -24.34 -54.44
C ASP E 27 12.57 -25.22 -54.12
N VAL E 28 13.19 -25.85 -55.12
CA VAL E 28 14.44 -26.62 -54.92
C VAL E 28 15.58 -25.64 -54.61
N MET E 29 15.62 -24.50 -55.29
CA MET E 29 16.63 -23.44 -55.01
C MET E 29 16.43 -22.97 -53.56
N ALA E 30 15.19 -22.82 -53.11
CA ALA E 30 14.88 -22.36 -51.74
C ALA E 30 15.27 -23.45 -50.71
N GLN E 31 15.22 -24.72 -51.07
CA GLN E 31 15.73 -25.85 -50.25
C GLN E 31 17.27 -25.73 -50.16
N LEU E 32 17.94 -25.48 -51.28
CA LEU E 32 19.41 -25.30 -51.30
C LEU E 32 19.78 -24.08 -50.43
N ALA E 33 18.92 -23.06 -50.37
CA ALA E 33 19.14 -21.88 -49.52
C ALA E 33 19.00 -22.30 -48.05
N TYR E 34 17.99 -23.07 -47.69
CA TYR E 34 17.86 -23.59 -46.30
C TYR E 34 19.17 -24.32 -45.97
N MET E 35 19.68 -25.10 -46.93
CA MET E 35 20.85 -25.98 -46.69
C MET E 35 22.13 -25.16 -46.54
N ASN E 36 22.23 -23.97 -47.12
CA ASN E 36 23.52 -23.27 -47.32
C ASN E 36 23.56 -21.84 -46.76
N TYR E 37 22.44 -21.18 -46.46
CA TYR E 37 22.38 -19.70 -46.39
C TYR E 37 22.87 -19.18 -45.04
N ILE E 38 22.24 -19.56 -43.93
CA ILE E 38 22.44 -18.85 -42.63
C ILE E 38 23.74 -19.33 -41.97
N ASP E 39 24.57 -18.40 -41.52
CA ASP E 39 25.81 -18.65 -40.74
C ASP E 39 25.52 -19.61 -39.57
N PHE E 40 26.38 -20.60 -39.38
CA PHE E 40 26.47 -21.49 -38.20
C PHE E 40 25.36 -22.54 -38.19
N ILE E 41 24.10 -22.20 -38.51
CA ILE E 41 22.95 -23.11 -38.23
C ILE E 41 22.48 -23.85 -39.49
N SER E 42 22.84 -23.42 -40.70
CA SER E 42 22.52 -24.17 -41.93
C SER E 42 23.34 -25.48 -41.91
N PRO E 43 22.75 -26.61 -42.35
CA PRO E 43 23.45 -27.90 -42.26
C PRO E 43 24.77 -27.97 -43.05
N PHE E 44 24.92 -27.23 -44.14
CA PHE E 44 26.12 -27.27 -45.01
C PHE E 44 26.94 -26.00 -44.85
N TYR E 45 26.96 -25.44 -43.65
CA TYR E 45 27.75 -24.21 -43.36
C TYR E 45 29.25 -24.53 -43.33
N SER E 46 29.68 -25.61 -42.67
CA SER E 46 31.13 -25.89 -42.50
C SER E 46 31.43 -27.38 -42.40
N ARG E 47 32.70 -27.72 -42.69
CA ARG E 47 33.27 -29.09 -42.56
C ARG E 47 33.27 -29.56 -41.09
N GLY E 48 33.16 -28.65 -40.13
CA GLY E 48 33.35 -28.95 -38.70
C GLY E 48 32.35 -29.93 -38.15
N CYS E 49 32.60 -30.44 -36.94
CA CYS E 49 31.72 -31.39 -36.21
C CYS E 49 30.68 -30.62 -35.39
N SER E 50 30.01 -29.67 -36.05
CA SER E 50 28.84 -28.91 -35.53
C SER E 50 27.55 -29.44 -36.17
N PHE E 51 26.55 -29.73 -35.36
CA PHE E 51 25.29 -30.38 -35.77
C PHE E 51 24.08 -29.55 -35.31
N GLU E 52 24.28 -28.23 -35.24
CA GLU E 52 23.23 -27.25 -34.84
C GLU E 52 21.99 -27.45 -35.71
N ALA E 53 22.16 -27.59 -37.03
CA ALA E 53 21.02 -27.71 -37.97
C ALA E 53 20.17 -28.91 -37.56
N TRP E 54 20.80 -30.01 -37.16
CA TRP E 54 20.11 -31.27 -36.76
C TRP E 54 19.51 -31.13 -35.35
N GLU E 55 20.17 -30.41 -34.45
CA GLU E 55 19.61 -30.12 -33.08
C GLU E 55 18.33 -29.30 -33.25
N LEU E 56 18.33 -28.29 -34.13
CA LEU E 56 17.14 -27.41 -34.35
C LEU E 56 15.97 -28.19 -34.93
N LYS E 57 16.18 -29.21 -35.77
CA LYS E 57 15.08 -30.04 -36.31
C LYS E 57 14.79 -31.25 -35.41
N HIS E 58 15.48 -31.43 -34.29
CA HIS E 58 15.28 -32.55 -33.33
C HIS E 58 15.53 -33.90 -34.02
N THR E 59 16.49 -33.97 -34.95
CA THR E 59 16.89 -35.26 -35.59
C THR E 59 17.48 -36.17 -34.52
N PRO E 60 16.93 -37.38 -34.31
CA PRO E 60 17.53 -38.35 -33.39
C PRO E 60 18.96 -38.67 -33.88
N GLN E 61 19.87 -38.86 -32.94
CA GLN E 61 21.31 -39.13 -33.23
C GLN E 61 21.42 -40.21 -34.33
N ARG E 62 20.68 -41.32 -34.19
CA ARG E 62 20.86 -42.52 -35.06
C ARG E 62 20.46 -42.22 -36.51
N VAL E 63 19.71 -41.14 -36.74
CA VAL E 63 19.13 -40.80 -38.06
C VAL E 63 20.03 -39.78 -38.77
N ILE E 64 20.97 -39.15 -38.08
CA ILE E 64 21.81 -38.08 -38.69
C ILE E 64 22.56 -38.66 -39.90
N LYS E 65 23.08 -39.88 -39.79
CA LYS E 65 23.86 -40.50 -40.90
C LYS E 65 22.97 -40.60 -42.15
N TYR E 66 21.67 -40.90 -42.02
CA TYR E 66 20.74 -41.02 -43.17
C TYR E 66 20.42 -39.62 -43.70
N SER E 67 20.24 -38.65 -42.81
CA SER E 67 20.00 -37.25 -43.19
C SER E 67 21.13 -36.77 -44.12
N ILE E 68 22.38 -36.95 -43.70
CA ILE E 68 23.54 -36.47 -44.49
C ILE E 68 23.58 -37.20 -45.84
N ALA E 69 23.40 -38.52 -45.84
CA ALA E 69 23.47 -39.36 -47.05
C ALA E 69 22.41 -38.91 -48.06
N PHE E 70 21.16 -38.73 -47.63
CA PHE E 70 20.04 -38.42 -48.55
C PHE E 70 20.25 -37.02 -49.11
N TYR E 71 20.70 -36.05 -48.29
CA TYR E 71 21.12 -34.73 -48.80
C TYR E 71 22.18 -34.92 -49.88
N ALA E 72 23.20 -35.76 -49.62
CA ALA E 72 24.30 -35.99 -50.57
C ALA E 72 23.76 -36.56 -51.89
N TYR E 73 22.86 -37.53 -51.85
CA TYR E 73 22.32 -38.16 -53.08
C TYR E 73 21.54 -37.10 -53.89
N GLY E 74 20.80 -36.23 -53.21
CA GLY E 74 20.10 -35.12 -53.86
C GLY E 74 21.09 -34.15 -54.51
N LEU E 75 22.15 -33.80 -53.79
CA LEU E 75 23.14 -32.83 -54.30
C LEU E 75 23.79 -33.38 -55.58
N ALA E 76 24.01 -34.69 -55.67
CA ALA E 76 24.61 -35.32 -56.86
C ALA E 76 23.71 -35.07 -58.07
N SER E 77 22.39 -35.18 -57.92
CA SER E 77 21.43 -34.91 -59.02
C SER E 77 21.40 -33.42 -59.35
N VAL E 78 21.51 -32.53 -58.35
CA VAL E 78 21.58 -31.06 -58.62
C VAL E 78 22.76 -30.79 -59.56
N ALA E 79 23.90 -31.45 -59.34
CA ALA E 79 25.13 -31.28 -60.14
C ALA E 79 24.86 -31.66 -61.61
N LEU E 80 24.06 -32.69 -61.82
CA LEU E 80 23.68 -33.21 -63.16
C LEU E 80 22.63 -32.28 -63.79
N ILE E 81 21.72 -31.71 -63.00
CA ILE E 81 20.64 -30.81 -63.50
C ILE E 81 21.23 -29.48 -64.00
N ASP E 82 21.97 -28.76 -63.18
CA ASP E 82 22.42 -27.37 -63.49
C ASP E 82 23.93 -27.28 -63.38
N PRO E 83 24.66 -27.23 -64.51
CA PRO E 83 26.10 -27.04 -64.50
C PRO E 83 26.58 -25.82 -63.69
N LYS E 84 25.77 -24.76 -63.61
CA LYS E 84 26.11 -23.54 -62.84
C LYS E 84 26.05 -23.83 -61.33
N LEU E 85 25.38 -24.91 -60.90
CA LEU E 85 25.29 -25.29 -59.47
C LEU E 85 26.25 -26.44 -59.15
N ARG E 86 27.01 -26.92 -60.12
CA ARG E 86 27.83 -28.15 -59.93
C ARG E 86 28.91 -27.90 -58.87
N ALA E 87 29.57 -26.76 -58.91
CA ALA E 87 30.62 -26.37 -57.94
C ALA E 87 30.01 -26.28 -56.53
N LEU E 88 28.83 -25.65 -56.38
CA LEU E 88 28.11 -25.60 -55.08
C LEU E 88 27.80 -27.01 -54.59
N ALA E 89 27.25 -27.87 -55.46
CA ALA E 89 26.91 -29.27 -55.13
C ALA E 89 28.17 -29.98 -54.62
N GLY E 90 29.29 -29.77 -55.32
CA GLY E 90 30.60 -30.33 -54.96
C GLY E 90 31.04 -29.89 -53.59
N HIS E 91 30.95 -28.58 -53.31
CA HIS E 91 31.30 -28.00 -52.00
C HIS E 91 30.45 -28.65 -50.92
N ASP E 92 29.14 -28.76 -51.16
CA ASP E 92 28.19 -29.33 -50.17
C ASP E 92 28.55 -30.80 -49.94
N LEU E 93 28.93 -31.54 -50.98
CA LEU E 93 29.29 -32.98 -50.85
C LEU E 93 30.59 -33.13 -50.04
N ASP E 94 31.55 -32.24 -50.24
CA ASP E 94 32.80 -32.15 -49.44
C ASP E 94 32.41 -32.07 -47.95
N ILE E 95 31.50 -31.14 -47.62
CA ILE E 95 31.03 -30.95 -46.23
C ILE E 95 30.27 -32.20 -45.77
N ALA E 96 29.48 -32.83 -46.64
CA ALA E 96 28.69 -34.02 -46.28
C ALA E 96 29.65 -35.12 -45.82
N VAL E 97 30.72 -35.33 -46.58
CA VAL E 97 31.73 -36.39 -46.26
C VAL E 97 32.41 -36.05 -44.92
N SER E 98 32.85 -34.80 -44.71
CA SER E 98 33.51 -34.39 -43.44
C SER E 98 32.58 -34.66 -42.26
N LYS E 99 31.33 -34.22 -42.35
CA LYS E 99 30.37 -34.35 -41.24
C LYS E 99 30.09 -35.83 -41.02
N MET E 100 30.01 -36.61 -42.09
CA MET E 100 29.68 -38.05 -42.00
C MET E 100 30.74 -38.77 -41.16
N LYS E 101 31.98 -38.25 -41.12
CA LYS E 101 33.10 -38.89 -40.39
C LYS E 101 33.15 -38.44 -38.93
N CYS E 102 32.34 -37.46 -38.50
CA CYS E 102 32.33 -37.00 -37.09
C CYS E 102 31.73 -38.09 -36.18
N LYS E 103 32.26 -38.19 -34.96
CA LYS E 103 31.82 -39.21 -33.98
C LYS E 103 30.34 -39.03 -33.62
N ARG E 104 29.80 -37.81 -33.64
CA ARG E 104 28.34 -37.58 -33.38
C ARG E 104 27.52 -38.44 -34.34
N VAL E 105 27.98 -38.63 -35.58
CA VAL E 105 27.24 -39.39 -36.63
C VAL E 105 27.39 -40.89 -36.44
N TRP E 106 28.61 -41.41 -36.26
CA TRP E 106 28.87 -42.87 -36.24
C TRP E 106 28.89 -43.42 -34.80
N GLY E 107 28.96 -42.55 -33.80
CA GLY E 107 29.27 -42.87 -32.39
C GLY E 107 28.33 -43.89 -31.76
N ASP E 108 27.10 -44.05 -32.27
CA ASP E 108 26.14 -45.05 -31.76
C ASP E 108 26.77 -46.45 -31.84
N TRP E 109 27.64 -46.69 -32.81
CA TRP E 109 28.33 -47.99 -33.00
C TRP E 109 29.13 -48.34 -31.72
N GLU E 110 29.89 -47.37 -31.21
CA GLU E 110 30.69 -47.52 -29.97
C GLU E 110 29.75 -47.59 -28.75
N GLU E 111 28.80 -46.66 -28.60
CA GLU E 111 27.90 -46.61 -27.42
C GLU E 111 27.11 -47.90 -27.28
N ASP E 112 26.73 -48.54 -28.38
CA ASP E 112 25.97 -49.83 -28.38
C ASP E 112 26.89 -50.99 -27.97
N GLY E 113 28.21 -50.78 -27.93
CA GLY E 113 29.19 -51.81 -27.50
C GLY E 113 29.75 -52.63 -28.66
N PHE E 114 29.62 -52.18 -29.92
CA PHE E 114 29.99 -52.99 -31.11
C PHE E 114 31.43 -52.77 -31.55
N GLY E 115 32.12 -51.75 -31.04
CA GLY E 115 33.52 -51.49 -31.41
C GLY E 115 33.85 -50.01 -31.40
N THR E 116 35.15 -49.68 -31.49
CA THR E 116 35.66 -48.28 -31.45
C THR E 116 35.89 -47.79 -32.88
N ASP E 117 35.88 -48.68 -33.88
CA ASP E 117 36.13 -48.31 -35.30
C ASP E 117 34.88 -48.63 -36.11
N PRO E 118 34.23 -47.60 -36.72
CA PRO E 118 32.94 -47.80 -37.37
C PRO E 118 33.01 -48.44 -38.77
N ILE E 119 34.21 -48.65 -39.30
CA ILE E 119 34.50 -49.04 -40.71
C ILE E 119 35.05 -50.48 -40.78
N GLU E 120 35.77 -50.94 -39.75
CA GLU E 120 36.66 -52.14 -39.79
C GLU E 120 35.83 -53.38 -40.19
N LYS E 121 34.65 -53.56 -39.59
CA LYS E 121 33.77 -54.71 -39.86
C LYS E 121 32.30 -54.32 -39.62
N GLU E 122 31.41 -54.96 -40.36
CA GLU E 122 29.93 -54.83 -40.18
C GLU E 122 29.55 -53.36 -40.38
N ASN E 123 28.48 -52.91 -39.73
CA ASN E 123 28.08 -51.48 -39.72
C ASN E 123 27.89 -50.99 -41.17
N ILE E 124 27.33 -51.83 -42.04
CA ILE E 124 27.22 -51.52 -43.50
C ILE E 124 26.25 -50.35 -43.70
N MET E 125 25.29 -50.15 -42.80
CA MET E 125 24.40 -48.97 -42.95
C MET E 125 25.25 -47.70 -42.93
N TYR E 126 26.19 -47.55 -42.00
CA TYR E 126 27.05 -46.34 -41.95
C TYR E 126 28.02 -46.34 -43.13
N LYS E 127 28.80 -47.41 -43.29
CA LYS E 127 29.99 -47.34 -44.18
C LYS E 127 29.57 -47.52 -45.64
N GLY E 128 28.43 -48.16 -45.92
CA GLY E 128 27.82 -48.16 -47.26
C GLY E 128 27.54 -46.74 -47.76
N HIS E 129 26.86 -45.94 -46.94
CA HIS E 129 26.53 -44.54 -47.27
C HIS E 129 27.84 -43.76 -47.44
N LEU E 130 28.77 -43.90 -46.49
CA LEU E 130 30.06 -43.16 -46.56
C LEU E 130 30.74 -43.49 -47.89
N ASN E 131 30.78 -44.77 -48.26
CA ASN E 131 31.50 -45.20 -49.47
C ASN E 131 30.80 -44.63 -50.72
N LEU E 132 29.48 -44.66 -50.76
CA LEU E 132 28.73 -44.10 -51.90
C LEU E 132 28.98 -42.58 -51.95
N MET E 133 29.03 -41.92 -50.80
CA MET E 133 29.27 -40.45 -50.74
C MET E 133 30.68 -40.10 -51.24
N TYR E 134 31.71 -40.87 -50.86
CA TYR E 134 33.09 -40.68 -51.39
C TYR E 134 33.04 -40.67 -52.92
N GLY E 135 32.32 -41.63 -53.49
CA GLY E 135 32.26 -41.81 -54.95
C GLY E 135 31.52 -40.68 -55.63
N LEU E 136 30.36 -40.30 -55.10
CA LEU E 136 29.53 -39.21 -55.69
C LEU E 136 30.31 -37.91 -55.62
N TYR E 137 31.03 -37.67 -54.51
CA TYR E 137 31.86 -36.46 -54.36
C TYR E 137 32.85 -36.41 -55.52
N GLN E 138 33.50 -37.54 -55.82
CA GLN E 138 34.59 -37.55 -56.83
C GLN E 138 33.97 -37.46 -58.24
N LEU E 139 32.83 -38.09 -58.50
CA LEU E 139 32.09 -37.94 -59.79
C LEU E 139 31.74 -36.47 -60.02
N VAL E 140 31.29 -35.76 -58.98
CA VAL E 140 30.78 -34.37 -59.13
C VAL E 140 31.95 -33.41 -59.35
N THR E 141 33.02 -33.55 -58.56
CA THR E 141 34.10 -32.53 -58.47
C THR E 141 35.34 -32.91 -59.28
N GLY E 142 35.61 -34.21 -59.49
CA GLY E 142 36.90 -34.70 -60.03
C GLY E 142 38.03 -34.60 -59.01
N SER E 143 37.73 -34.26 -57.76
CA SER E 143 38.76 -34.10 -56.69
C SER E 143 39.17 -35.48 -56.15
N ARG E 144 40.45 -35.66 -55.86
CA ARG E 144 41.10 -36.91 -55.36
C ARG E 144 41.29 -36.81 -53.84
N ARG E 145 40.72 -35.79 -53.20
CA ARG E 145 40.84 -35.51 -51.74
C ARG E 145 40.61 -36.77 -50.90
N TYR E 146 39.63 -37.58 -51.23
CA TYR E 146 39.19 -38.74 -50.40
C TYR E 146 39.55 -40.06 -51.10
N GLU E 147 40.29 -40.03 -52.20
CA GLU E 147 40.57 -41.22 -53.07
C GLU E 147 41.21 -42.36 -52.24
N ALA E 148 42.18 -42.07 -51.40
CA ALA E 148 42.88 -43.08 -50.57
C ALA E 148 41.87 -43.74 -49.62
N GLU E 149 41.07 -42.93 -48.93
CA GLU E 149 40.01 -43.40 -48.00
C GLU E 149 38.98 -44.24 -48.77
N HIS E 150 38.62 -43.81 -49.97
CA HIS E 150 37.61 -44.45 -50.86
C HIS E 150 38.10 -45.84 -51.27
N ALA E 151 39.36 -45.95 -51.70
CA ALA E 151 40.01 -47.23 -52.07
C ALA E 151 40.03 -48.17 -50.85
N HIS E 152 40.41 -47.65 -49.68
CA HIS E 152 40.50 -48.43 -48.42
C HIS E 152 39.13 -48.99 -48.06
N LEU E 153 38.08 -48.16 -48.08
CA LEU E 153 36.73 -48.59 -47.65
C LEU E 153 36.14 -49.52 -48.71
N THR E 154 36.36 -49.25 -50.00
CA THR E 154 35.86 -50.12 -51.09
C THR E 154 36.44 -51.51 -50.90
N ARG E 155 37.73 -51.60 -50.57
CA ARG E 155 38.42 -52.92 -50.43
C ARG E 155 37.90 -53.60 -49.17
N ILE E 156 37.68 -52.88 -48.08
CA ILE E 156 37.03 -53.48 -46.86
C ILE E 156 35.69 -54.09 -47.27
N ILE E 157 34.86 -53.36 -48.01
CA ILE E 157 33.48 -53.84 -48.34
C ILE E 157 33.61 -55.09 -49.24
N HIS E 158 34.47 -55.02 -50.25
CA HIS E 158 34.69 -56.15 -51.19
C HIS E 158 35.18 -57.39 -50.43
N ASP E 159 36.17 -57.22 -49.54
CA ASP E 159 36.80 -58.34 -48.76
C ASP E 159 35.74 -58.95 -47.84
N GLU E 160 34.88 -58.14 -47.23
CA GLU E 160 33.87 -58.63 -46.25
C GLU E 160 32.80 -59.44 -47.01
N ILE E 161 32.39 -58.97 -48.18
CA ILE E 161 31.47 -59.73 -49.07
C ILE E 161 32.11 -61.09 -49.41
N ALA E 162 33.37 -61.09 -49.87
CA ALA E 162 34.09 -62.33 -50.27
C ALA E 162 34.13 -63.33 -49.09
N ALA E 163 34.29 -62.85 -47.86
CA ALA E 163 34.47 -63.69 -46.64
C ALA E 163 33.15 -64.27 -46.12
N ASN E 164 31.99 -63.71 -46.47
CA ASN E 164 30.69 -64.08 -45.85
C ASN E 164 30.07 -65.23 -46.64
N PRO E 165 29.44 -66.22 -45.96
CA PRO E 165 28.74 -67.33 -46.63
C PRO E 165 27.40 -66.92 -47.25
N PHE E 166 26.75 -65.91 -46.69
CA PHE E 166 25.59 -65.19 -47.30
C PHE E 166 26.16 -64.07 -48.19
N ALA E 167 25.40 -63.59 -49.18
CA ALA E 167 25.83 -62.48 -50.05
C ALA E 167 25.56 -61.14 -49.36
N GLY E 168 26.61 -60.44 -48.96
CA GLY E 168 26.54 -59.07 -48.42
C GLY E 168 27.18 -58.96 -47.05
N ILE E 169 26.76 -57.96 -46.28
CA ILE E 169 27.38 -57.56 -44.98
C ILE E 169 26.24 -57.20 -44.01
N VAL E 170 26.43 -57.48 -42.72
CA VAL E 170 25.44 -57.18 -41.65
C VAL E 170 25.60 -55.73 -41.21
N CYS E 171 24.60 -55.20 -40.51
CA CYS E 171 24.66 -53.87 -39.85
C CYS E 171 25.20 -54.05 -38.44
N GLU E 172 24.33 -54.05 -37.42
CA GLU E 172 24.65 -54.62 -36.08
C GLU E 172 25.01 -56.08 -36.34
N PRO E 173 25.83 -56.74 -35.51
CA PRO E 173 26.13 -58.16 -35.71
C PRO E 173 24.84 -58.99 -35.78
N ASP E 174 24.79 -59.92 -36.74
CA ASP E 174 23.66 -60.87 -36.97
C ASP E 174 22.37 -60.18 -37.45
N ASN E 175 22.44 -58.91 -37.88
CA ASN E 175 21.29 -58.17 -38.46
C ASN E 175 21.61 -57.84 -39.92
N TYR E 176 20.92 -58.50 -40.85
CA TYR E 176 21.11 -58.29 -42.30
C TYR E 176 19.89 -57.56 -42.86
N PHE E 177 20.12 -56.43 -43.52
CA PHE E 177 19.07 -55.60 -44.14
C PHE E 177 19.38 -55.43 -45.64
N VAL E 178 18.42 -55.73 -46.50
CA VAL E 178 18.64 -55.62 -47.97
C VAL E 178 18.90 -54.15 -48.34
N GLN E 179 18.21 -53.19 -47.71
CA GLN E 179 18.29 -51.77 -48.13
C GLN E 179 19.72 -51.24 -47.84
N CYS E 180 20.31 -51.64 -46.71
CA CYS E 180 21.67 -51.21 -46.31
C CYS E 180 22.70 -51.83 -47.28
N ASN E 181 22.51 -53.08 -47.66
CA ASN E 181 23.37 -53.77 -48.66
C ASN E 181 23.28 -53.06 -50.02
N SER E 182 22.08 -52.63 -50.41
CA SER E 182 21.85 -52.03 -51.74
C SER E 182 22.73 -50.80 -51.90
N VAL E 183 22.95 -50.03 -50.83
CA VAL E 183 23.81 -48.81 -50.84
C VAL E 183 25.27 -49.22 -51.05
N ALA E 184 25.73 -50.22 -50.30
CA ALA E 184 27.12 -50.73 -50.40
C ALA E 184 27.41 -51.23 -51.82
N TYR E 185 26.51 -52.02 -52.41
CA TYR E 185 26.71 -52.56 -53.78
C TYR E 185 26.77 -51.39 -54.77
N LEU E 186 25.85 -50.44 -54.65
CA LEU E 186 25.87 -49.26 -55.56
C LEU E 186 27.21 -48.52 -55.41
N SER E 187 27.79 -48.47 -54.21
CA SER E 187 29.09 -47.77 -53.99
C SER E 187 30.21 -48.47 -54.79
N LEU E 188 30.09 -49.79 -55.01
CA LEU E 188 31.08 -50.56 -55.81
C LEU E 188 30.96 -50.18 -57.30
N TRP E 189 29.73 -49.99 -57.78
CA TRP E 189 29.48 -49.53 -59.18
C TRP E 189 30.12 -48.15 -59.36
N VAL E 190 30.00 -47.26 -58.37
CA VAL E 190 30.55 -45.88 -58.50
C VAL E 190 32.08 -45.97 -58.51
N TYR E 191 32.67 -46.77 -57.63
CA TYR E 191 34.15 -46.94 -57.62
C TYR E 191 34.62 -47.43 -59.00
N ASP E 192 34.00 -48.45 -59.54
CA ASP E 192 34.31 -49.03 -60.88
C ASP E 192 34.23 -47.97 -61.98
N ARG E 193 33.21 -47.12 -61.95
CA ARG E 193 33.10 -46.02 -62.95
C ARG E 193 34.32 -45.10 -62.86
N LEU E 194 34.83 -44.82 -61.66
CA LEU E 194 35.94 -43.86 -61.47
C LEU E 194 37.29 -44.49 -61.84
N HIS E 195 37.45 -45.80 -61.70
CA HIS E 195 38.79 -46.47 -61.70
C HIS E 195 38.90 -47.61 -62.73
N GLY E 196 37.83 -47.99 -63.41
CA GLY E 196 37.84 -49.05 -64.46
C GLY E 196 37.96 -50.45 -63.89
N THR E 197 37.73 -50.63 -62.58
CA THR E 197 37.78 -51.92 -61.86
C THR E 197 36.48 -52.70 -62.07
N ASP E 198 36.36 -53.88 -61.47
CA ASP E 198 35.18 -54.77 -61.59
C ASP E 198 34.74 -55.26 -60.19
N TYR E 199 34.77 -54.40 -59.18
CA TYR E 199 34.22 -54.74 -57.83
C TYR E 199 32.71 -55.04 -57.93
N ARG E 200 32.03 -54.47 -58.92
CA ARG E 200 30.56 -54.64 -59.10
C ARG E 200 30.18 -56.06 -59.54
N ALA E 201 31.14 -56.90 -59.93
CA ALA E 201 30.88 -58.30 -60.37
C ALA E 201 30.22 -59.10 -59.22
N ALA E 202 30.43 -58.70 -57.98
CA ALA E 202 29.81 -59.36 -56.79
C ALA E 202 28.28 -59.13 -56.77
N THR E 203 27.77 -58.16 -57.53
CA THR E 203 26.33 -57.78 -57.50
C THR E 203 25.43 -58.96 -57.89
N ARG E 204 25.78 -59.73 -58.91
CA ARG E 204 24.92 -60.82 -59.45
C ARG E 204 24.60 -61.83 -58.32
N ALA E 205 25.60 -62.30 -57.58
CA ALA E 205 25.38 -63.27 -56.47
C ALA E 205 24.46 -62.65 -55.42
N TRP E 206 24.60 -61.33 -55.16
CA TRP E 206 23.74 -60.63 -54.18
C TRP E 206 22.29 -60.60 -54.68
N LEU E 207 22.06 -60.23 -55.93
CA LEU E 207 20.70 -60.14 -56.52
C LEU E 207 20.06 -61.54 -56.51
N ASP E 208 20.84 -62.61 -56.72
CA ASP E 208 20.33 -64.01 -56.68
C ASP E 208 19.94 -64.35 -55.23
N PHE E 209 20.79 -63.98 -54.28
CA PHE E 209 20.59 -64.29 -52.84
C PHE E 209 19.30 -63.62 -52.31
N ILE E 210 19.09 -62.33 -52.60
CA ILE E 210 17.95 -61.57 -52.01
C ILE E 210 16.63 -62.01 -52.66
N GLN E 211 16.66 -62.72 -53.78
CA GLN E 211 15.45 -63.26 -54.44
C GLN E 211 15.07 -64.64 -53.90
N LYS E 212 15.83 -65.23 -52.97
CA LYS E 212 15.45 -66.49 -52.27
C LYS E 212 14.52 -66.12 -51.10
N ASP E 213 14.94 -66.30 -49.84
CA ASP E 213 13.99 -66.22 -48.69
C ASP E 213 13.71 -64.76 -48.32
N LEU E 214 14.50 -63.80 -48.82
CA LEU E 214 14.37 -62.38 -48.41
C LEU E 214 13.24 -61.66 -49.15
N ILE E 215 12.72 -62.22 -50.25
CA ILE E 215 11.61 -61.57 -51.00
C ILE E 215 10.38 -62.47 -51.02
N ASP E 216 9.19 -61.87 -50.99
CA ASP E 216 7.92 -62.49 -51.43
C ASP E 216 7.70 -62.08 -52.89
N PRO E 217 8.03 -62.96 -53.86
CA PRO E 217 8.02 -62.59 -55.27
C PRO E 217 6.62 -62.25 -55.81
N GLU E 218 5.57 -62.87 -55.26
CA GLU E 218 4.17 -62.60 -55.67
C GLU E 218 3.80 -61.16 -55.27
N ARG E 219 4.20 -60.72 -54.07
CA ARG E 219 3.79 -59.39 -53.54
C ARG E 219 4.82 -58.31 -53.91
N GLY E 220 5.98 -58.70 -54.48
CA GLY E 220 7.05 -57.77 -54.86
C GLY E 220 7.59 -57.01 -53.66
N ALA E 221 7.78 -57.70 -52.55
CA ALA E 221 8.06 -57.09 -51.23
C ALA E 221 9.15 -57.88 -50.51
N PHE E 222 10.15 -57.19 -49.99
CA PHE E 222 11.21 -57.78 -49.13
C PHE E 222 10.69 -57.92 -47.70
N TYR E 223 11.13 -58.98 -47.04
CA TYR E 223 10.97 -59.16 -45.57
C TYR E 223 11.87 -58.14 -44.86
N LEU E 224 11.49 -57.82 -43.63
CA LEU E 224 12.07 -56.77 -42.77
C LEU E 224 13.59 -56.95 -42.67
N SER E 225 14.04 -58.16 -42.40
CA SER E 225 15.46 -58.45 -42.09
C SER E 225 15.70 -59.96 -42.08
N TYR E 226 16.98 -60.30 -42.18
CA TYR E 226 17.55 -61.68 -42.16
C TYR E 226 18.60 -61.74 -41.05
N HIS E 227 18.75 -62.90 -40.43
CA HIS E 227 19.60 -63.10 -39.23
C HIS E 227 20.42 -64.37 -39.45
N PRO E 228 21.64 -64.23 -40.02
CA PRO E 228 22.41 -65.39 -40.50
C PRO E 228 22.69 -66.48 -39.44
N GLU E 229 23.02 -66.10 -38.20
CA GLU E 229 23.34 -67.06 -37.11
C GLU E 229 22.19 -68.09 -36.99
N SER E 230 20.95 -67.62 -36.88
CA SER E 230 19.73 -68.46 -36.68
C SER E 230 19.11 -68.88 -38.02
N GLY E 231 19.44 -68.22 -39.14
CA GLY E 231 18.76 -68.41 -40.44
C GLY E 231 17.39 -67.76 -40.49
N ALA E 232 16.98 -67.04 -39.45
CA ALA E 232 15.62 -66.44 -39.34
C ALA E 232 15.45 -65.29 -40.34
N VAL E 233 14.31 -65.27 -41.01
CA VAL E 233 13.79 -64.11 -41.75
C VAL E 233 12.58 -63.60 -40.97
N LYS E 234 12.56 -62.33 -40.58
CA LYS E 234 11.38 -61.78 -39.85
C LYS E 234 10.18 -61.90 -40.78
N PRO E 235 9.04 -62.43 -40.30
CA PRO E 235 7.93 -62.79 -41.18
C PRO E 235 7.02 -61.64 -41.64
N TRP E 236 7.43 -60.38 -41.51
CA TRP E 236 6.67 -59.21 -42.01
C TRP E 236 7.37 -58.65 -43.24
N ILE E 237 6.59 -58.28 -44.26
CA ILE E 237 7.09 -57.52 -45.43
C ILE E 237 7.05 -56.03 -45.07
N SER E 238 7.96 -55.25 -45.66
CA SER E 238 8.15 -53.81 -45.35
C SER E 238 8.19 -53.00 -46.65
N ALA E 239 7.29 -52.03 -46.76
CA ALA E 239 7.19 -51.12 -47.91
C ALA E 239 8.42 -50.20 -47.98
N TYR E 240 8.84 -49.59 -46.87
CA TYR E 240 9.94 -48.59 -46.92
C TYR E 240 11.21 -49.35 -47.31
N THR E 241 11.39 -50.55 -46.75
CA THR E 241 12.52 -51.45 -47.07
C THR E 241 12.55 -51.72 -48.57
N THR E 242 11.38 -52.07 -49.13
CA THR E 242 11.25 -52.48 -50.54
C THR E 242 11.46 -51.26 -51.44
N ALA E 243 10.81 -50.14 -51.12
CA ALA E 243 10.85 -48.93 -51.98
C ALA E 243 12.30 -48.48 -52.12
N TRP E 244 13.02 -48.41 -50.99
CA TRP E 244 14.43 -47.99 -50.94
C TRP E 244 15.26 -48.98 -51.78
N THR E 245 15.14 -50.28 -51.51
CA THR E 245 15.97 -51.32 -52.17
C THR E 245 15.73 -51.30 -53.69
N LEU E 246 14.48 -51.27 -54.13
CA LEU E 246 14.15 -51.30 -55.59
C LEU E 246 14.68 -50.01 -56.25
N ALA E 247 14.64 -48.88 -55.56
CA ALA E 247 15.13 -47.61 -56.15
C ALA E 247 16.62 -47.75 -56.46
N MET E 248 17.39 -48.27 -55.52
CA MET E 248 18.86 -48.37 -55.68
C MET E 248 19.22 -49.50 -56.65
N VAL E 249 18.53 -50.63 -56.56
CA VAL E 249 18.78 -51.78 -57.47
C VAL E 249 18.48 -51.35 -58.91
N HIS E 250 17.53 -50.46 -59.16
CA HIS E 250 17.17 -50.00 -60.52
C HIS E 250 18.39 -49.43 -61.23
N GLY E 251 19.32 -48.84 -60.47
CA GLY E 251 20.57 -48.25 -61.01
C GLY E 251 21.57 -49.32 -61.44
N MET E 252 21.44 -50.54 -60.92
CA MET E 252 22.42 -51.63 -61.12
C MET E 252 21.83 -52.73 -62.01
N ASP E 253 20.59 -53.11 -61.79
CA ASP E 253 19.83 -54.12 -62.58
C ASP E 253 18.42 -53.61 -62.78
N PRO E 254 18.19 -52.75 -63.81
CA PRO E 254 16.88 -52.17 -64.03
C PRO E 254 15.77 -53.24 -64.15
N ALA E 255 16.04 -54.38 -64.78
CA ALA E 255 15.02 -55.42 -65.04
C ALA E 255 14.49 -55.97 -63.71
N PHE E 256 15.34 -56.09 -62.70
CA PHE E 256 14.98 -56.60 -61.34
C PHE E 256 13.88 -55.70 -60.75
N SER E 257 14.09 -54.38 -60.74
CA SER E 257 13.13 -53.43 -60.13
C SER E 257 11.86 -53.35 -60.98
N GLU E 258 12.00 -53.39 -62.31
CA GLU E 258 10.85 -53.37 -63.26
C GLU E 258 9.95 -54.58 -63.01
N ARG E 259 10.52 -55.75 -62.78
CA ARG E 259 9.79 -57.00 -62.47
C ARG E 259 8.88 -56.81 -61.24
N TYR E 260 9.40 -56.21 -60.15
CA TYR E 260 8.69 -56.22 -58.84
C TYR E 260 7.84 -54.96 -58.64
N TYR E 261 8.15 -53.86 -59.32
CA TYR E 261 7.52 -52.53 -59.07
C TYR E 261 6.00 -52.62 -59.11
N PRO E 262 5.38 -53.22 -60.16
CA PRO E 262 3.91 -53.27 -60.23
C PRO E 262 3.30 -54.06 -59.07
N ARG E 263 3.96 -55.15 -58.64
CA ARG E 263 3.48 -56.00 -57.52
C ARG E 263 3.62 -55.22 -56.21
N PHE E 264 4.74 -54.51 -56.01
CA PHE E 264 4.99 -53.60 -54.85
C PHE E 264 3.80 -52.65 -54.72
N LYS E 265 3.41 -51.98 -55.81
CA LYS E 265 2.32 -50.98 -55.80
C LYS E 265 0.99 -51.64 -55.41
N GLN E 266 0.68 -52.78 -56.01
CA GLN E 266 -0.55 -53.55 -55.68
C GLN E 266 -0.54 -53.87 -54.19
N THR E 267 0.58 -54.37 -53.65
CA THR E 267 0.69 -54.81 -52.24
C THR E 267 0.47 -53.62 -51.27
N PHE E 268 1.04 -52.45 -51.54
CA PHE E 268 1.22 -51.42 -50.48
C PHE E 268 0.52 -50.09 -50.77
N VAL E 269 0.36 -49.71 -52.04
CA VAL E 269 -0.02 -48.32 -52.41
C VAL E 269 -1.54 -48.18 -52.40
N GLU E 270 -2.06 -47.24 -51.59
CA GLU E 270 -3.50 -46.88 -51.56
C GLU E 270 -3.68 -45.54 -52.28
N VAL E 271 -4.31 -45.58 -53.45
CA VAL E 271 -4.79 -44.38 -54.18
C VAL E 271 -6.10 -43.97 -53.52
N TYR E 272 -6.28 -42.67 -53.22
CA TYR E 272 -7.53 -42.17 -52.58
C TYR E 272 -7.85 -40.78 -53.15
N ASP E 273 -8.93 -40.15 -52.65
CA ASP E 273 -9.39 -38.81 -53.09
C ASP E 273 -9.54 -38.79 -54.62
N GLU E 274 -10.19 -39.82 -55.18
CA GLU E 274 -10.62 -39.87 -56.61
C GLU E 274 -9.38 -39.81 -57.51
N GLY E 275 -8.30 -40.50 -57.12
CA GLY E 275 -7.07 -40.63 -57.94
C GLY E 275 -6.09 -39.46 -57.77
N ARG E 276 -6.38 -38.46 -56.94
CA ARG E 276 -5.51 -37.25 -56.82
C ARG E 276 -4.36 -37.47 -55.83
N LYS E 277 -4.51 -38.44 -54.91
CA LYS E 277 -3.57 -38.68 -53.79
C LYS E 277 -3.28 -40.17 -53.63
N ALA E 278 -2.14 -40.48 -53.00
CA ALA E 278 -1.74 -41.85 -52.63
C ALA E 278 -1.00 -41.81 -51.29
N ARG E 279 -1.11 -42.90 -50.54
CA ARG E 279 -0.34 -43.12 -49.29
C ARG E 279 0.00 -44.59 -49.25
N VAL E 280 1.07 -44.95 -48.55
CA VAL E 280 1.65 -46.32 -48.63
C VAL E 280 1.55 -46.98 -47.27
N ARG E 281 0.97 -48.17 -47.23
CA ARG E 281 0.94 -49.07 -46.05
C ARG E 281 2.37 -49.61 -45.86
N GLU E 282 2.84 -49.72 -44.61
CA GLU E 282 4.23 -50.15 -44.29
C GLU E 282 4.34 -51.67 -44.35
N THR E 283 3.27 -52.40 -44.03
CA THR E 283 3.28 -53.88 -43.96
C THR E 283 1.91 -54.42 -44.43
N ALA E 284 1.79 -55.75 -44.57
CA ALA E 284 0.54 -56.45 -44.93
C ALA E 284 -0.36 -56.58 -43.70
N GLY E 285 -1.66 -56.86 -43.91
CA GLY E 285 -2.63 -57.16 -42.83
C GLY E 285 -3.00 -55.93 -42.02
N THR E 286 -2.96 -54.75 -42.64
CA THR E 286 -3.40 -53.46 -42.04
C THR E 286 -3.90 -52.56 -43.16
N ASP E 287 -4.77 -51.60 -42.84
CA ASP E 287 -5.24 -50.53 -43.75
C ASP E 287 -4.48 -49.23 -43.43
N ASP E 288 -3.77 -49.18 -42.31
CA ASP E 288 -3.06 -47.95 -41.84
C ASP E 288 -1.88 -47.65 -42.78
N ALA E 289 -1.71 -46.38 -43.14
CA ALA E 289 -0.60 -45.86 -43.95
C ALA E 289 0.57 -45.48 -43.04
N ASP E 290 1.81 -45.71 -43.51
CA ASP E 290 3.03 -45.10 -42.93
C ASP E 290 3.17 -45.46 -41.45
N GLY E 291 2.91 -46.72 -41.09
CA GLY E 291 3.30 -47.26 -39.78
C GLY E 291 4.80 -47.55 -39.71
N GLY E 292 5.24 -48.18 -38.62
CA GLY E 292 6.67 -48.48 -38.39
C GLY E 292 7.49 -47.22 -38.31
N VAL E 293 8.57 -47.12 -39.09
CA VAL E 293 9.47 -45.91 -39.07
C VAL E 293 8.74 -44.71 -39.68
N GLY E 294 7.63 -44.91 -40.40
CA GLY E 294 6.79 -43.84 -40.94
C GLY E 294 7.29 -43.27 -42.26
N LEU E 295 8.09 -44.02 -43.02
CA LEU E 295 8.78 -43.51 -44.23
C LEU E 295 8.33 -44.25 -45.50
N ALA E 296 7.31 -45.12 -45.46
CA ALA E 296 6.86 -45.87 -46.65
C ALA E 296 6.52 -44.91 -47.80
N SER E 297 5.72 -43.87 -47.55
CA SER E 297 5.27 -42.93 -48.60
C SER E 297 6.46 -42.13 -49.15
N ALA E 298 7.33 -41.64 -48.27
CA ALA E 298 8.49 -40.81 -48.68
C ALA E 298 9.47 -41.63 -49.54
N PHE E 299 9.73 -42.88 -49.19
CA PHE E 299 10.65 -43.73 -49.99
C PHE E 299 9.94 -44.17 -51.29
N THR E 300 8.62 -44.32 -51.28
CA THR E 300 7.87 -44.66 -52.51
C THR E 300 7.91 -43.47 -53.46
N LEU E 301 7.88 -42.24 -52.92
CA LEU E 301 8.05 -41.02 -53.74
C LEU E 301 9.40 -41.10 -54.48
N LEU E 302 10.48 -41.47 -53.78
CA LEU E 302 11.80 -41.63 -54.43
C LEU E 302 11.73 -42.74 -55.48
N LEU E 303 11.11 -43.87 -55.16
CA LEU E 303 11.02 -45.01 -56.10
C LEU E 303 10.24 -44.60 -57.35
N ALA E 304 9.11 -43.91 -57.18
CA ALA E 304 8.29 -43.41 -58.29
C ALA E 304 9.17 -42.56 -59.19
N ARG E 305 9.99 -41.67 -58.63
CA ARG E 305 10.90 -40.80 -59.42
C ARG E 305 11.88 -41.69 -60.18
N GLU E 306 12.50 -42.65 -59.49
CA GLU E 306 13.52 -43.54 -60.10
C GLU E 306 12.89 -44.30 -61.28
N MET E 307 11.64 -44.76 -61.15
CA MET E 307 10.98 -45.62 -62.16
C MET E 307 10.29 -44.77 -63.26
N GLY E 308 10.26 -43.45 -63.15
CA GLY E 308 9.66 -42.54 -64.15
C GLY E 308 8.14 -42.52 -64.07
N ASP E 309 7.54 -42.87 -62.92
CA ASP E 309 6.07 -42.96 -62.69
C ASP E 309 5.55 -41.61 -62.18
N GLN E 310 5.27 -40.68 -63.11
CA GLN E 310 4.84 -39.30 -62.79
C GLN E 310 3.52 -39.32 -62.03
N GLN E 311 2.61 -40.21 -62.39
CA GLN E 311 1.26 -40.24 -61.77
C GLN E 311 1.42 -40.53 -60.27
N LEU E 312 2.14 -41.60 -59.90
CA LEU E 312 2.27 -41.98 -58.48
C LEU E 312 3.07 -40.89 -57.75
N PHE E 313 4.10 -40.34 -58.37
CA PHE E 313 4.89 -39.22 -57.80
C PHE E 313 3.93 -38.10 -57.39
N ASP E 314 3.08 -37.68 -58.33
CA ASP E 314 2.13 -36.56 -58.13
C ASP E 314 1.18 -36.89 -56.97
N GLN E 315 0.63 -38.11 -56.96
CA GLN E 315 -0.33 -38.57 -55.93
C GLN E 315 0.35 -38.56 -54.55
N LEU E 316 1.58 -39.09 -54.44
CA LEU E 316 2.29 -39.16 -53.13
C LEU E 316 2.64 -37.74 -52.65
N LEU E 317 3.11 -36.89 -53.55
CA LEU E 317 3.52 -35.52 -53.15
C LEU E 317 2.27 -34.72 -52.73
N ASN E 318 1.11 -34.99 -53.35
CA ASN E 318 -0.18 -34.36 -52.95
C ASN E 318 -0.58 -34.82 -51.55
N HIS E 319 -0.25 -36.04 -51.16
CA HIS E 319 -0.46 -36.56 -49.77
C HIS E 319 0.55 -35.93 -48.79
N LEU E 320 1.82 -35.85 -49.17
CA LEU E 320 2.95 -35.56 -48.24
C LEU E 320 3.12 -34.05 -47.99
N GLU E 321 3.13 -33.24 -49.04
CA GLU E 321 3.61 -31.84 -48.95
C GLU E 321 2.56 -30.92 -48.32
N PRO E 322 1.31 -30.82 -48.82
CA PRO E 322 0.35 -29.85 -48.30
C PRO E 322 0.19 -29.85 -46.78
N PRO E 323 -0.04 -30.99 -46.10
CA PRO E 323 -0.20 -30.97 -44.64
C PRO E 323 1.06 -30.51 -43.90
N ALA E 324 2.24 -30.61 -44.53
CA ALA E 324 3.52 -30.18 -43.92
C ALA E 324 3.66 -28.65 -43.94
N LYS E 325 2.82 -27.96 -44.73
CA LYS E 325 2.66 -26.47 -44.73
C LYS E 325 4.01 -25.85 -45.09
N PRO E 326 4.45 -26.00 -46.35
CA PRO E 326 5.67 -25.35 -46.79
C PRO E 326 5.46 -23.83 -46.82
N SER E 327 6.48 -23.06 -46.48
CA SER E 327 6.52 -21.61 -46.77
C SER E 327 7.93 -21.25 -47.21
N ILE E 328 8.02 -20.30 -48.13
CA ILE E 328 9.29 -19.67 -48.57
C ILE E 328 9.36 -18.29 -47.93
N VAL E 329 10.32 -18.10 -47.02
CA VAL E 329 10.59 -16.84 -46.30
C VAL E 329 12.02 -16.45 -46.65
N SER E 330 12.22 -15.22 -47.14
CA SER E 330 13.55 -14.71 -47.54
C SER E 330 14.24 -15.71 -48.48
N ALA E 331 13.47 -16.28 -49.42
CA ALA E 331 13.93 -17.18 -50.51
C ALA E 331 14.51 -18.49 -49.95
N SER E 332 14.06 -18.90 -48.78
CA SER E 332 14.50 -20.16 -48.12
C SER E 332 13.27 -20.99 -47.72
N LEU E 333 13.29 -22.30 -47.99
CA LEU E 333 12.14 -23.22 -47.75
C LEU E 333 12.15 -23.74 -46.31
N ARG E 334 11.02 -23.66 -45.63
CA ARG E 334 10.74 -24.29 -44.30
C ARG E 334 9.39 -25.02 -44.40
N TYR E 335 9.26 -26.16 -43.72
CA TYR E 335 7.99 -26.87 -43.47
C TYR E 335 7.60 -26.64 -42.01
N GLU E 336 6.39 -26.15 -41.75
CA GLU E 336 5.87 -25.89 -40.38
C GLU E 336 5.55 -27.23 -39.68
N HIS E 337 5.05 -28.24 -40.39
CA HIS E 337 4.63 -29.55 -39.78
C HIS E 337 5.20 -30.72 -40.57
N PRO E 338 6.54 -30.96 -40.54
CA PRO E 338 7.11 -32.12 -41.24
C PRO E 338 6.40 -33.38 -40.71
N GLY E 339 5.99 -34.27 -41.61
CA GLY E 339 5.10 -35.40 -41.27
C GLY E 339 5.86 -36.63 -40.84
N SER E 340 7.19 -36.61 -40.88
CA SER E 340 8.05 -37.79 -40.60
C SER E 340 9.49 -37.34 -40.31
N LEU E 341 10.32 -38.28 -39.91
CA LEU E 341 11.80 -38.14 -39.93
C LEU E 341 12.25 -37.92 -41.37
N LEU E 342 13.39 -37.27 -41.56
CA LEU E 342 14.08 -37.15 -42.87
C LEU E 342 13.14 -36.47 -43.89
N PHE E 343 12.25 -35.60 -43.43
CA PHE E 343 11.16 -35.06 -44.28
C PHE E 343 11.73 -34.15 -45.38
N ASP E 344 12.40 -33.06 -45.05
CA ASP E 344 12.91 -32.13 -46.09
C ASP E 344 13.99 -32.87 -46.92
N GLU E 345 14.73 -33.80 -46.31
CA GLU E 345 15.80 -34.56 -47.00
C GLU E 345 15.18 -35.39 -48.14
N LEU E 346 14.14 -36.18 -47.84
CA LEU E 346 13.57 -37.14 -48.81
C LEU E 346 12.72 -36.41 -49.86
N LEU E 347 12.04 -35.32 -49.51
CA LEU E 347 11.30 -34.53 -50.53
C LEU E 347 12.28 -33.85 -51.47
N PHE E 348 13.35 -33.27 -50.93
CA PHE E 348 14.46 -32.68 -51.72
C PHE E 348 14.98 -33.71 -52.73
N LEU E 349 15.41 -34.87 -52.21
CA LEU E 349 15.95 -35.96 -53.05
C LEU E 349 14.95 -36.35 -54.15
N ALA E 350 13.70 -36.63 -53.81
CA ALA E 350 12.68 -37.10 -54.78
C ALA E 350 12.45 -36.02 -55.86
N LYS E 351 12.47 -34.74 -55.48
CA LYS E 351 12.22 -33.61 -56.41
C LYS E 351 13.32 -33.53 -57.47
N VAL E 352 14.59 -33.82 -57.13
CA VAL E 352 15.75 -33.62 -58.05
C VAL E 352 16.22 -34.94 -58.64
N HIS E 353 15.87 -36.09 -58.09
CA HIS E 353 16.55 -37.38 -58.39
C HIS E 353 16.56 -37.63 -59.91
N ALA E 354 17.75 -37.83 -60.50
CA ALA E 354 17.95 -38.04 -61.94
C ALA E 354 18.00 -39.53 -62.27
N GLY E 355 17.90 -40.41 -61.28
CA GLY E 355 18.08 -41.87 -61.44
C GLY E 355 19.52 -42.28 -61.08
N PHE E 356 19.69 -43.38 -60.36
CA PHE E 356 21.01 -43.83 -59.86
C PHE E 356 21.90 -44.22 -61.05
N GLY E 357 21.30 -44.76 -62.12
CA GLY E 357 22.00 -45.03 -63.40
C GLY E 357 22.60 -43.77 -64.01
N ALA E 358 21.84 -42.67 -64.06
CA ALA E 358 22.31 -41.39 -64.63
C ALA E 358 23.45 -40.83 -63.77
N LEU E 359 23.40 -40.99 -62.44
CA LEU E 359 24.49 -40.50 -61.54
C LEU E 359 25.77 -41.29 -61.85
N LEU E 360 25.67 -42.60 -62.07
CA LEU E 360 26.80 -43.48 -62.48
C LEU E 360 27.45 -42.98 -63.77
N ARG E 361 26.68 -42.42 -64.71
CA ARG E 361 27.19 -41.99 -66.04
C ARG E 361 27.47 -40.49 -66.06
N MET E 362 27.51 -39.86 -64.88
CA MET E 362 27.70 -38.38 -64.79
C MET E 362 28.92 -37.98 -65.63
N PRO E 363 28.77 -37.08 -66.63
CA PRO E 363 29.92 -36.58 -67.39
C PRO E 363 30.92 -35.86 -66.48
N PRO E 364 32.23 -35.86 -66.81
CA PRO E 364 33.20 -35.11 -66.03
C PRO E 364 32.97 -33.60 -66.08
N PRO E 365 33.56 -32.84 -65.14
CA PRO E 365 33.48 -31.38 -65.19
C PRO E 365 34.51 -30.85 -66.20
N PRO F 5 4.79 17.54 -22.65
CA PRO F 5 5.67 18.60 -22.09
C PRO F 5 5.78 18.53 -20.57
N PRO F 6 5.65 17.35 -19.93
CA PRO F 6 5.71 17.27 -18.46
C PRO F 6 4.69 18.10 -17.62
N GLY F 7 3.89 17.35 -16.82
CA GLY F 7 2.72 17.82 -16.02
C GLY F 7 1.46 18.13 -16.86
N ARG F 8 1.53 18.00 -18.19
CA ARG F 8 0.38 18.01 -19.12
C ARG F 8 -0.25 16.62 -19.13
N LEU F 9 -1.55 16.52 -19.38
CA LEU F 9 -2.28 15.22 -19.33
C LEU F 9 -2.47 14.68 -20.75
N ALA F 10 -2.56 15.56 -21.74
CA ALA F 10 -2.72 15.17 -23.15
C ALA F 10 -2.19 16.30 -24.05
N THR F 11 -1.89 15.97 -25.29
CA THR F 11 -1.31 16.89 -26.29
C THR F 11 -2.40 17.82 -26.78
N THR F 12 -2.02 19.01 -27.19
CA THR F 12 -2.90 19.98 -27.89
C THR F 12 -3.54 19.28 -29.09
N GLU F 13 -2.75 18.51 -29.86
CA GLU F 13 -3.27 17.76 -31.04
C GLU F 13 -4.45 16.90 -30.57
N ASP F 14 -4.31 16.19 -29.43
CA ASP F 14 -5.39 15.31 -28.90
C ASP F 14 -6.66 16.13 -28.62
N TYR F 15 -6.57 17.30 -27.96
CA TYR F 15 -7.76 18.13 -27.62
C TYR F 15 -8.46 18.56 -28.91
N PHE F 16 -7.69 19.03 -29.89
CA PHE F 16 -8.24 19.56 -31.17
C PHE F 16 -8.78 18.42 -32.06
N ALA F 17 -8.39 17.18 -31.82
CA ALA F 17 -8.87 16.01 -32.62
C ALA F 17 -10.14 15.37 -32.01
N GLN F 18 -10.56 15.78 -30.81
CA GLN F 18 -11.67 15.10 -30.07
C GLN F 18 -12.92 15.01 -30.95
N GLN F 19 -13.28 16.10 -31.63
CA GLN F 19 -14.54 16.15 -32.43
C GLN F 19 -14.45 15.17 -33.60
N ALA F 20 -13.33 15.14 -34.32
CA ALA F 20 -13.11 14.24 -35.49
C ALA F 20 -13.15 12.77 -35.02
N LYS F 21 -12.56 12.46 -33.87
CA LYS F 21 -12.50 11.08 -33.30
C LYS F 21 -13.84 10.72 -32.61
N GLN F 22 -14.74 11.69 -32.42
CA GLN F 22 -16.04 11.50 -31.71
C GLN F 22 -15.81 10.89 -30.32
N ALA F 23 -14.80 11.35 -29.61
CA ALA F 23 -14.42 10.86 -28.26
C ALA F 23 -13.69 11.98 -27.52
N VAL F 24 -14.00 12.15 -26.24
CA VAL F 24 -13.25 13.09 -25.36
C VAL F 24 -11.95 12.38 -24.94
N THR F 25 -10.90 13.13 -24.63
CA THR F 25 -9.64 12.59 -24.07
C THR F 25 -9.95 11.97 -22.71
N PRO F 26 -9.14 10.99 -22.24
CA PRO F 26 -9.34 10.44 -20.90
C PRO F 26 -9.39 11.49 -19.77
N ASP F 27 -8.63 12.59 -19.87
CA ASP F 27 -8.58 13.62 -18.80
C ASP F 27 -9.89 14.42 -18.80
N VAL F 28 -10.51 14.63 -19.95
CA VAL F 28 -11.83 15.30 -20.03
C VAL F 28 -12.89 14.36 -19.45
N MET F 29 -12.80 13.06 -19.72
CA MET F 29 -13.73 12.06 -19.15
C MET F 29 -13.58 12.09 -17.62
N ALA F 30 -12.34 12.22 -17.12
CA ALA F 30 -12.06 12.27 -15.67
C ALA F 30 -12.61 13.57 -15.05
N GLN F 31 -12.65 14.67 -15.82
CA GLN F 31 -13.30 15.94 -15.40
C GLN F 31 -14.81 15.71 -15.30
N LEU F 32 -15.40 15.04 -16.29
CA LEU F 32 -16.85 14.72 -16.27
C LEU F 32 -17.15 13.81 -15.06
N ALA F 33 -16.21 12.96 -14.66
CA ALA F 33 -16.36 12.09 -13.47
C ALA F 33 -16.34 12.96 -12.21
N TYR F 34 -15.41 13.91 -12.10
CA TYR F 34 -15.40 14.85 -10.96
C TYR F 34 -16.80 15.50 -10.90
N MET F 35 -17.33 15.90 -12.06
CA MET F 35 -18.57 16.69 -12.14
C MET F 35 -19.80 15.83 -11.75
N ASN F 36 -19.75 14.51 -11.92
CA ASN F 36 -20.96 13.65 -11.92
C ASN F 36 -20.91 12.48 -10.93
N TYR F 37 -19.74 12.07 -10.42
CA TYR F 37 -19.56 10.69 -9.88
C TYR F 37 -20.10 10.57 -8.44
N ILE F 38 -19.56 11.33 -7.49
CA ILE F 38 -19.77 11.06 -6.03
C ILE F 38 -21.13 11.60 -5.57
N ASP F 39 -21.91 10.75 -4.87
CA ASP F 39 -23.20 11.13 -4.26
C ASP F 39 -23.05 12.41 -3.44
N PHE F 40 -24.00 13.34 -3.60
CA PHE F 40 -24.21 14.54 -2.76
C PHE F 40 -23.17 15.64 -3.02
N ILE F 41 -21.89 15.32 -3.21
CA ILE F 41 -20.82 16.38 -3.21
C ILE F 41 -20.37 16.75 -4.64
N SER F 42 -20.65 15.94 -5.64
CA SER F 42 -20.34 16.29 -7.06
C SER F 42 -21.26 17.44 -7.46
N PRO F 43 -20.77 18.44 -8.24
CA PRO F 43 -21.58 19.61 -8.57
C PRO F 43 -22.86 19.29 -9.36
N PHE F 44 -22.88 18.24 -10.17
CA PHE F 44 -24.03 17.89 -11.05
C PHE F 44 -24.76 16.66 -10.51
N TYR F 45 -24.79 16.49 -9.19
CA TYR F 45 -25.48 15.36 -8.54
C TYR F 45 -27.00 15.54 -8.62
N SER F 46 -27.54 16.72 -8.33
CA SER F 46 -29.02 16.89 -8.24
C SER F 46 -29.46 18.32 -8.61
N ARG F 47 -30.73 18.43 -8.98
CA ARG F 47 -31.44 19.70 -9.28
C ARG F 47 -31.56 20.59 -8.04
N GLY F 48 -31.40 20.03 -6.86
CA GLY F 48 -31.67 20.73 -5.58
C GLY F 48 -30.76 21.94 -5.37
N CYS F 49 -31.12 22.80 -4.42
CA CYS F 49 -30.36 24.02 -4.03
C CYS F 49 -29.30 23.65 -2.99
N SER F 50 -28.50 22.63 -3.28
CA SER F 50 -27.30 22.18 -2.53
C SER F 50 -26.05 22.61 -3.31
N PHE F 51 -25.09 23.25 -2.62
CA PHE F 51 -23.88 23.87 -3.22
C PHE F 51 -22.64 23.33 -2.52
N GLU F 52 -22.71 22.08 -2.02
CA GLU F 52 -21.59 21.39 -1.33
C GLU F 52 -20.35 21.43 -2.22
N ALA F 53 -20.48 21.12 -3.51
CA ALA F 53 -19.31 21.04 -4.42
C ALA F 53 -18.60 22.40 -4.42
N TRP F 54 -19.35 23.50 -4.39
CA TRP F 54 -18.80 24.88 -4.44
C TRP F 54 -18.24 25.27 -3.05
N GLU F 55 -18.85 24.82 -1.96
CA GLU F 55 -18.33 25.03 -0.58
C GLU F 55 -16.97 24.33 -0.46
N LEU F 56 -16.85 23.10 -0.96
CA LEU F 56 -15.59 22.31 -0.88
C LEU F 56 -14.47 22.99 -1.67
N LYS F 57 -14.73 23.65 -2.80
CA LYS F 57 -13.68 24.37 -3.56
C LYS F 57 -13.53 25.83 -3.10
N HIS F 58 -14.30 26.30 -2.10
CA HIS F 58 -14.23 27.68 -1.57
C HIS F 58 -14.59 28.70 -2.67
N THR F 59 -15.50 28.37 -3.58
CA THR F 59 -16.01 29.34 -4.59
C THR F 59 -16.73 30.49 -3.87
N PRO F 60 -16.31 31.75 -4.04
CA PRO F 60 -17.02 32.89 -3.48
C PRO F 60 -18.46 32.91 -4.03
N GLN F 61 -19.42 33.30 -3.20
CA GLN F 61 -20.86 33.32 -3.58
C GLN F 61 -21.04 34.00 -4.96
N ARG F 62 -20.41 35.16 -5.17
CA ARG F 62 -20.66 36.00 -6.36
C ARG F 62 -20.17 35.31 -7.65
N VAL F 63 -19.31 34.30 -7.53
CA VAL F 63 -18.64 33.63 -8.67
C VAL F 63 -19.42 32.35 -9.03
N ILE F 64 -20.32 31.87 -8.17
CA ILE F 64 -21.00 30.57 -8.41
C ILE F 64 -21.75 30.63 -9.74
N LYS F 65 -22.41 31.75 -10.04
CA LYS F 65 -23.19 31.92 -11.31
C LYS F 65 -22.26 31.69 -12.51
N TYR F 66 -21.01 32.16 -12.47
CA TYR F 66 -20.04 32.01 -13.59
C TYR F 66 -19.54 30.56 -13.64
N SER F 67 -19.30 29.96 -12.47
CA SER F 67 -18.92 28.54 -12.38
C SER F 67 -19.94 27.68 -13.13
N ILE F 68 -21.20 27.84 -12.81
CA ILE F 68 -22.28 27.00 -13.41
C ILE F 68 -22.32 27.27 -14.92
N ALA F 69 -22.29 28.54 -15.34
CA ALA F 69 -22.37 28.93 -16.76
C ALA F 69 -21.24 28.31 -17.56
N PHE F 70 -20.00 28.42 -17.09
CA PHE F 70 -18.81 27.94 -17.84
C PHE F 70 -18.85 26.42 -17.92
N TYR F 71 -19.23 25.72 -16.85
CA TYR F 71 -19.50 24.27 -16.91
C TYR F 71 -20.53 23.99 -18.02
N ALA F 72 -21.64 24.75 -18.04
CA ALA F 72 -22.72 24.56 -19.03
C ALA F 72 -22.18 24.72 -20.46
N TYR F 73 -21.37 25.74 -20.73
CA TYR F 73 -20.83 25.98 -22.08
C TYR F 73 -19.93 24.82 -22.51
N GLY F 74 -19.13 24.28 -21.57
CA GLY F 74 -18.29 23.10 -21.80
C GLY F 74 -19.16 21.88 -22.12
N LEU F 75 -20.22 21.67 -21.35
CA LEU F 75 -21.09 20.49 -21.54
C LEU F 75 -21.73 20.53 -22.93
N ALA F 76 -22.07 21.71 -23.44
CA ALA F 76 -22.67 21.85 -24.79
C ALA F 76 -21.68 21.32 -25.84
N SER F 77 -20.38 21.61 -25.69
CA SER F 77 -19.34 21.12 -26.62
C SER F 77 -19.17 19.60 -26.46
N VAL F 78 -19.24 19.07 -25.23
CA VAL F 78 -19.16 17.59 -25.01
C VAL F 78 -20.27 16.91 -25.84
N ALA F 79 -21.46 17.50 -25.87
CA ALA F 79 -22.65 16.97 -26.59
C ALA F 79 -22.33 16.87 -28.09
N LEU F 80 -21.60 17.85 -28.62
CA LEU F 80 -21.22 17.94 -30.04
C LEU F 80 -20.06 16.98 -30.33
N ILE F 81 -19.14 16.77 -29.38
CA ILE F 81 -17.96 15.89 -29.56
C ILE F 81 -18.39 14.42 -29.62
N ASP F 82 -19.12 13.92 -28.60
CA ASP F 82 -19.43 12.47 -28.48
C ASP F 82 -20.93 12.29 -28.37
N PRO F 83 -21.62 11.83 -29.44
CA PRO F 83 -23.05 11.55 -29.38
C PRO F 83 -23.45 10.59 -28.25
N LYS F 84 -22.57 9.70 -27.83
CA LYS F 84 -22.83 8.74 -26.70
C LYS F 84 -22.84 9.50 -25.36
N LEU F 85 -22.30 10.72 -25.29
CA LEU F 85 -22.30 11.55 -24.06
C LEU F 85 -23.38 12.63 -24.13
N ARG F 86 -24.13 12.70 -25.22
CA ARG F 86 -25.07 13.83 -25.44
C ARG F 86 -26.19 13.80 -24.39
N ALA F 87 -26.74 12.63 -24.07
CA ALA F 87 -27.82 12.53 -23.05
C ALA F 87 -27.25 12.93 -21.67
N LEU F 88 -26.04 12.49 -21.31
CA LEU F 88 -25.37 12.92 -20.06
C LEU F 88 -25.21 14.45 -20.04
N ALA F 89 -24.70 15.03 -21.13
CA ALA F 89 -24.51 16.50 -21.25
C ALA F 89 -25.85 17.21 -21.02
N GLY F 90 -26.90 16.66 -21.63
CA GLY F 90 -28.28 17.18 -21.48
C GLY F 90 -28.73 17.15 -20.03
N HIS F 91 -28.53 16.03 -19.35
CA HIS F 91 -28.88 15.85 -17.93
C HIS F 91 -28.14 16.90 -17.10
N ASP F 92 -26.84 17.07 -17.35
CA ASP F 92 -26.00 18.01 -16.58
C ASP F 92 -26.49 19.44 -16.83
N LEU F 93 -26.90 19.76 -18.06
CA LEU F 93 -27.39 21.13 -18.39
C LEU F 93 -28.72 21.40 -17.68
N ASP F 94 -29.59 20.40 -17.60
CA ASP F 94 -30.86 20.45 -16.82
C ASP F 94 -30.51 20.87 -15.38
N ILE F 95 -29.54 20.20 -14.77
CA ILE F 95 -29.12 20.51 -13.37
C ILE F 95 -28.49 21.91 -13.32
N ALA F 96 -27.72 22.30 -14.32
CA ALA F 96 -27.07 23.61 -14.37
C ALA F 96 -28.14 24.70 -14.29
N VAL F 97 -29.18 24.56 -15.09
CA VAL F 97 -30.30 25.55 -15.13
C VAL F 97 -30.99 25.58 -13.76
N SER F 98 -31.34 24.44 -13.17
CA SER F 98 -32.04 24.40 -11.86
C SER F 98 -31.19 25.11 -10.81
N LYS F 99 -29.91 24.80 -10.73
CA LYS F 99 -29.03 25.36 -9.70
C LYS F 99 -28.89 26.85 -9.95
N MET F 100 -28.82 27.27 -11.22
CA MET F 100 -28.64 28.68 -11.58
C MET F 100 -29.79 29.52 -11.03
N LYS F 101 -30.97 28.92 -10.84
CA LYS F 101 -32.19 29.64 -10.39
C LYS F 101 -32.28 29.68 -8.86
N CYS F 102 -31.41 28.98 -8.13
CA CYS F 102 -31.43 29.00 -6.64
C CYS F 102 -30.99 30.38 -6.12
N LYS F 103 -31.58 30.81 -5.02
CA LYS F 103 -31.28 32.13 -4.40
C LYS F 103 -29.81 32.23 -3.97
N ARG F 104 -29.17 31.14 -3.58
CA ARG F 104 -27.72 31.12 -3.25
C ARG F 104 -26.93 31.73 -4.42
N VAL F 105 -27.36 31.47 -5.65
CA VAL F 105 -26.62 31.89 -6.88
C VAL F 105 -26.92 33.37 -7.19
N TRP F 106 -28.18 33.79 -7.21
CA TRP F 106 -28.57 35.15 -7.66
C TRP F 106 -28.71 36.13 -6.49
N GLY F 107 -28.75 35.62 -5.26
CA GLY F 107 -29.16 36.36 -4.05
C GLY F 107 -28.34 37.63 -3.77
N ASP F 108 -27.13 37.75 -4.28
CA ASP F 108 -26.27 38.95 -4.11
C ASP F 108 -27.02 40.18 -4.67
N TRP F 109 -27.85 40.00 -5.69
CA TRP F 109 -28.67 41.09 -6.30
C TRP F 109 -29.57 41.72 -5.23
N GLU F 110 -30.25 40.89 -4.43
CA GLU F 110 -31.12 41.35 -3.33
C GLU F 110 -30.27 41.91 -2.19
N GLU F 111 -29.24 41.21 -1.72
CA GLU F 111 -28.42 41.64 -0.56
C GLU F 111 -27.76 43.00 -0.84
N ASP F 112 -27.39 43.28 -2.09
CA ASP F 112 -26.79 44.58 -2.51
C ASP F 112 -27.84 45.70 -2.50
N GLY F 113 -29.14 45.36 -2.41
CA GLY F 113 -30.25 46.33 -2.35
C GLY F 113 -30.81 46.67 -3.74
N PHE F 114 -30.59 45.87 -4.77
CA PHE F 114 -30.98 46.21 -6.17
C PHE F 114 -32.37 45.67 -6.52
N GLY F 115 -32.97 44.80 -5.71
CA GLY F 115 -34.32 44.26 -5.97
C GLY F 115 -34.47 42.83 -5.49
N THR F 116 -35.70 42.35 -5.46
CA THR F 116 -36.10 40.99 -5.01
C THR F 116 -36.21 40.06 -6.21
N ASP F 117 -36.23 40.57 -7.42
CA ASP F 117 -36.37 39.78 -8.67
C ASP F 117 -35.12 39.96 -9.52
N PRO F 118 -34.34 38.88 -9.77
CA PRO F 118 -33.04 39.00 -10.44
C PRO F 118 -33.12 39.13 -11.96
N ILE F 119 -34.32 39.04 -12.54
CA ILE F 119 -34.57 38.94 -14.02
C ILE F 119 -35.23 40.22 -14.55
N GLU F 120 -36.03 40.92 -13.72
CA GLU F 120 -37.01 41.96 -14.13
C GLU F 120 -36.29 43.07 -14.91
N LYS F 121 -35.15 43.56 -14.42
CA LYS F 121 -34.39 44.64 -15.07
C LYS F 121 -32.91 44.51 -14.70
N GLU F 122 -32.04 44.95 -15.61
CA GLU F 122 -30.58 45.03 -15.40
C GLU F 122 -30.05 43.63 -15.10
N ASN F 123 -28.99 43.52 -14.31
CA ASN F 123 -28.46 42.23 -13.82
C ASN F 123 -28.15 41.33 -15.03
N ILE F 124 -27.63 41.88 -16.12
CA ILE F 124 -27.41 41.13 -17.38
C ILE F 124 -26.31 40.07 -17.17
N MET F 125 -25.39 40.30 -16.25
CA MET F 125 -24.37 39.29 -15.82
C MET F 125 -25.09 37.98 -15.51
N TYR F 126 -26.08 38.02 -14.63
CA TYR F 126 -26.81 36.79 -14.21
C TYR F 126 -27.70 36.30 -15.35
N LYS F 127 -28.57 37.17 -15.85
CA LYS F 127 -29.69 36.70 -16.71
C LYS F 127 -29.22 36.45 -18.14
N GLY F 128 -28.13 37.08 -18.58
CA GLY F 128 -27.46 36.74 -19.85
C GLY F 128 -27.03 35.28 -19.87
N HIS F 129 -26.31 34.85 -18.83
CA HIS F 129 -25.85 33.45 -18.68
C HIS F 129 -27.07 32.53 -18.61
N LEU F 130 -28.05 32.86 -17.77
CA LEU F 130 -29.25 32.03 -17.61
C LEU F 130 -29.91 31.83 -18.99
N ASN F 131 -30.05 32.91 -19.74
CA ASN F 131 -30.75 32.85 -21.04
C ASN F 131 -29.96 31.98 -22.02
N LEU F 132 -28.64 32.13 -22.06
CA LEU F 132 -27.78 31.31 -22.94
C LEU F 132 -27.90 29.85 -22.50
N MET F 133 -27.94 29.59 -21.19
CA MET F 133 -28.04 28.20 -20.66
C MET F 133 -29.38 27.55 -21.04
N TYR F 134 -30.49 28.28 -20.94
CA TYR F 134 -31.82 27.80 -21.39
C TYR F 134 -31.71 27.31 -22.85
N GLY F 135 -31.06 28.10 -23.68
CA GLY F 135 -30.94 27.82 -25.13
C GLY F 135 -30.10 26.61 -25.39
N LEU F 136 -28.91 26.53 -24.77
CA LEU F 136 -27.97 25.41 -24.98
C LEU F 136 -28.64 24.12 -24.49
N TYR F 137 -29.37 24.17 -23.37
CA TYR F 137 -30.10 23.01 -22.85
C TYR F 137 -31.03 22.48 -23.94
N GLN F 138 -31.78 23.37 -24.58
CA GLN F 138 -32.81 22.97 -25.56
C GLN F 138 -32.14 22.49 -26.85
N LEU F 139 -31.04 23.12 -27.29
CA LEU F 139 -30.26 22.65 -28.46
C LEU F 139 -29.76 21.22 -28.20
N VAL F 140 -29.28 20.93 -26.99
CA VAL F 140 -28.63 19.63 -26.71
C VAL F 140 -29.70 18.53 -26.61
N THR F 141 -30.82 18.79 -25.94
CA THR F 141 -31.79 17.74 -25.52
C THR F 141 -33.02 17.73 -26.42
N GLY F 142 -33.41 18.85 -27.02
CA GLY F 142 -34.72 19.00 -27.70
C GLY F 142 -35.87 19.13 -26.71
N SER F 143 -35.61 19.18 -25.41
CA SER F 143 -36.66 19.27 -24.36
C SER F 143 -37.18 20.72 -24.25
N ARG F 144 -38.50 20.86 -24.06
CA ARG F 144 -39.24 22.15 -23.98
C ARG F 144 -39.50 22.50 -22.51
N ARG F 145 -38.85 21.81 -21.58
CA ARG F 145 -39.01 21.99 -20.11
C ARG F 145 -38.91 23.46 -19.71
N TYR F 146 -37.98 24.22 -20.30
CA TYR F 146 -37.72 25.62 -19.89
C TYR F 146 -38.16 26.61 -20.98
N GLU F 147 -38.85 26.13 -22.01
CA GLU F 147 -39.23 26.96 -23.20
C GLU F 147 -39.99 28.23 -22.79
N ALA F 148 -40.97 28.11 -21.89
CA ALA F 148 -41.79 29.24 -21.42
C ALA F 148 -40.89 30.29 -20.76
N GLU F 149 -40.04 29.85 -19.84
CA GLU F 149 -39.09 30.72 -19.10
C GLU F 149 -38.12 31.38 -20.09
N HIS F 150 -37.66 30.61 -21.08
CA HIS F 150 -36.69 31.03 -22.12
C HIS F 150 -37.30 32.18 -22.96
N ALA F 151 -38.55 31.99 -23.42
CA ALA F 151 -39.29 33.00 -24.20
C ALA F 151 -39.47 34.27 -23.34
N HIS F 152 -39.86 34.13 -22.08
CA HIS F 152 -40.09 35.26 -21.16
C HIS F 152 -38.79 36.07 -20.97
N LEU F 153 -37.67 35.39 -20.70
CA LEU F 153 -36.38 36.08 -20.44
C LEU F 153 -35.85 36.69 -21.74
N THR F 154 -35.97 35.97 -22.86
CA THR F 154 -35.54 36.51 -24.19
C THR F 154 -36.28 37.82 -24.47
N ARG F 155 -37.59 37.87 -24.19
CA ARG F 155 -38.43 39.06 -24.47
C ARG F 155 -37.99 40.19 -23.52
N ILE F 156 -37.73 39.90 -22.24
CA ILE F 156 -37.22 40.93 -21.31
C ILE F 156 -35.92 41.51 -21.88
N ILE F 157 -34.98 40.66 -22.34
CA ILE F 157 -33.65 41.15 -22.82
C ILE F 157 -33.87 42.00 -24.06
N HIS F 158 -34.70 41.53 -25.01
CA HIS F 158 -35.00 42.28 -26.26
C HIS F 158 -35.61 43.64 -25.92
N ASP F 159 -36.61 43.68 -25.03
CA ASP F 159 -37.34 44.93 -24.66
C ASP F 159 -36.36 45.91 -24.01
N GLU F 160 -35.46 45.41 -23.17
CA GLU F 160 -34.53 46.28 -22.40
C GLU F 160 -33.51 46.89 -23.38
N ILE F 161 -33.02 46.10 -24.33
CA ILE F 161 -32.13 46.60 -25.42
C ILE F 161 -32.88 47.70 -26.20
N ALA F 162 -34.10 47.44 -26.64
CA ALA F 162 -34.90 48.41 -27.44
C ALA F 162 -35.07 49.73 -26.67
N ALA F 163 -35.23 49.69 -25.33
CA ALA F 163 -35.52 50.86 -24.48
C ALA F 163 -34.26 51.71 -24.20
N ASN F 164 -33.06 51.16 -24.32
CA ASN F 164 -31.82 51.84 -23.86
C ASN F 164 -31.26 52.69 -25.00
N PRO F 165 -30.75 53.92 -24.71
CA PRO F 165 -30.14 54.79 -25.73
C PRO F 165 -28.73 54.33 -26.17
N PHE F 166 -28.00 53.65 -25.28
CA PHE F 166 -26.77 52.88 -25.59
C PHE F 166 -27.21 51.47 -26.05
N ALA F 167 -26.38 50.76 -26.81
CA ALA F 167 -26.66 49.39 -27.27
C ALA F 167 -26.32 48.39 -26.14
N GLY F 168 -27.33 47.77 -25.55
CA GLY F 168 -27.17 46.67 -24.57
C GLY F 168 -27.86 46.96 -23.26
N ILE F 169 -27.39 46.31 -22.19
CA ILE F 169 -28.02 46.30 -20.84
C ILE F 169 -26.92 46.41 -19.78
N VAL F 170 -27.20 47.09 -18.67
CA VAL F 170 -26.26 47.24 -17.53
C VAL F 170 -26.33 46.00 -16.64
N CYS F 171 -25.34 45.84 -15.77
CA CYS F 171 -25.28 44.80 -14.72
C CYS F 171 -25.93 45.36 -13.45
N GLU F 172 -25.12 45.78 -12.47
CA GLU F 172 -25.57 46.72 -11.41
C GLU F 172 -26.04 47.97 -12.15
N PRO F 173 -26.95 48.78 -11.59
CA PRO F 173 -27.37 50.02 -12.27
C PRO F 173 -26.16 50.90 -12.59
N ASP F 174 -26.13 51.48 -13.79
CA ASP F 174 -25.08 52.40 -14.30
C ASP F 174 -23.71 51.74 -14.51
N ASN F 175 -23.64 50.39 -14.49
CA ASN F 175 -22.40 49.62 -14.77
C ASN F 175 -22.62 48.80 -16.05
N TYR F 176 -21.97 49.19 -17.14
CA TYR F 176 -22.05 48.48 -18.45
C TYR F 176 -20.74 47.74 -18.71
N PHE F 177 -20.82 46.44 -18.97
CA PHE F 177 -19.65 45.58 -19.28
C PHE F 177 -19.85 44.90 -20.64
N VAL F 178 -18.88 44.99 -21.54
CA VAL F 178 -19.01 44.40 -22.90
C VAL F 178 -19.13 42.87 -22.78
N GLN F 179 -18.38 42.24 -21.86
CA GLN F 179 -18.32 40.75 -21.77
C GLN F 179 -19.69 40.22 -21.36
N CYS F 180 -20.37 40.90 -20.44
CA CYS F 180 -21.72 40.48 -19.94
C CYS F 180 -22.74 40.64 -21.09
N ASN F 181 -22.64 41.72 -21.85
CA ASN F 181 -23.52 41.95 -23.04
C ASN F 181 -23.28 40.85 -24.08
N SER F 182 -22.03 40.44 -24.29
CA SER F 182 -21.68 39.48 -25.36
C SER F 182 -22.44 38.17 -25.12
N VAL F 183 -22.62 37.78 -23.86
CA VAL F 183 -23.37 36.54 -23.47
C VAL F 183 -24.85 36.72 -23.83
N ALA F 184 -25.44 37.86 -23.45
CA ALA F 184 -26.85 38.18 -23.71
C ALA F 184 -27.13 38.14 -25.24
N TYR F 185 -26.29 38.78 -26.04
CA TYR F 185 -26.47 38.82 -27.52
C TYR F 185 -26.37 37.40 -28.06
N LEU F 186 -25.37 36.63 -27.63
CA LEU F 186 -25.25 35.23 -28.10
C LEU F 186 -26.52 34.45 -27.73
N SER F 187 -27.15 34.74 -26.58
CA SER F 187 -28.38 34.03 -26.15
C SER F 187 -29.51 34.30 -27.15
N LEU F 188 -29.52 35.48 -27.79
CA LEU F 188 -30.56 35.86 -28.80
C LEU F 188 -30.34 35.04 -30.07
N TRP F 189 -29.08 34.82 -30.47
CA TRP F 189 -28.73 33.97 -31.63
C TRP F 189 -29.23 32.54 -31.36
N VAL F 190 -29.07 32.04 -30.13
CA VAL F 190 -29.48 30.64 -29.81
C VAL F 190 -31.00 30.57 -29.86
N TYR F 191 -31.70 31.55 -29.27
CA TYR F 191 -33.19 31.56 -29.32
C TYR F 191 -33.65 31.52 -30.79
N ASP F 192 -33.09 32.39 -31.64
CA ASP F 192 -33.42 32.48 -33.09
C ASP F 192 -33.21 31.14 -33.79
N ARG F 193 -32.11 30.44 -33.49
CA ARG F 193 -31.85 29.10 -34.07
C ARG F 193 -32.98 28.13 -33.69
N LEU F 194 -33.52 28.22 -32.48
CA LEU F 194 -34.56 27.27 -31.98
C LEU F 194 -35.94 27.62 -32.54
N HIS F 195 -36.22 28.89 -32.83
CA HIS F 195 -37.62 29.38 -33.05
C HIS F 195 -37.80 30.11 -34.39
N GLY F 196 -36.75 30.36 -35.16
CA GLY F 196 -36.82 31.04 -36.48
C GLY F 196 -37.10 32.53 -36.37
N THR F 197 -36.93 33.12 -35.19
CA THR F 197 -37.15 34.57 -34.90
C THR F 197 -35.93 35.37 -35.37
N ASP F 198 -35.94 36.69 -35.15
CA ASP F 198 -34.85 37.61 -35.57
C ASP F 198 -34.49 38.55 -34.41
N TYR F 199 -34.45 38.06 -33.16
CA TYR F 199 -33.96 38.85 -32.00
C TYR F 199 -32.50 39.25 -32.22
N ARG F 200 -31.73 38.46 -32.97
CA ARG F 200 -30.28 38.69 -33.21
C ARG F 200 -30.04 39.93 -34.08
N ALA F 201 -31.06 40.52 -34.71
CA ALA F 201 -30.93 41.71 -35.58
C ALA F 201 -30.36 42.89 -34.79
N ALA F 202 -30.55 42.91 -33.46
CA ALA F 202 -30.02 43.96 -32.56
C ALA F 202 -28.48 43.89 -32.49
N THR F 203 -27.86 42.79 -32.90
CA THR F 203 -26.40 42.56 -32.76
C THR F 203 -25.60 43.62 -33.51
N ARG F 204 -26.00 44.00 -34.74
CA ARG F 204 -25.19 44.92 -35.59
C ARG F 204 -24.99 46.26 -34.84
N ALA F 205 -26.05 46.85 -34.30
CA ALA F 205 -25.97 48.14 -33.59
C ALA F 205 -25.04 47.98 -32.36
N TRP F 206 -25.08 46.82 -31.70
CA TRP F 206 -24.21 46.53 -30.52
C TRP F 206 -22.75 46.49 -30.96
N LEU F 207 -22.43 45.76 -32.03
CA LEU F 207 -21.03 45.63 -32.53
C LEU F 207 -20.52 47.01 -32.97
N ASP F 208 -21.37 47.87 -33.53
CA ASP F 208 -20.99 49.25 -33.94
C ASP F 208 -20.72 50.08 -32.66
N PHE F 209 -21.57 49.95 -31.64
CA PHE F 209 -21.48 50.72 -30.38
C PHE F 209 -20.16 50.40 -29.63
N ILE F 210 -19.83 49.11 -29.49
CA ILE F 210 -18.65 48.70 -28.66
C ILE F 210 -17.35 49.06 -29.39
N GLN F 211 -17.39 49.35 -30.69
CA GLN F 211 -16.19 49.77 -31.47
C GLN F 211 -15.98 51.28 -31.42
N LYS F 212 -16.84 52.05 -30.74
CA LYS F 212 -16.61 53.50 -30.48
C LYS F 212 -15.71 53.63 -29.24
N ASP F 213 -16.21 54.17 -28.12
CA ASP F 213 -15.30 54.56 -26.99
C ASP F 213 -14.90 53.34 -26.15
N LEU F 214 -15.59 52.20 -26.32
CA LEU F 214 -15.34 51.00 -25.46
C LEU F 214 -14.11 50.20 -25.92
N ILE F 215 -13.61 50.42 -27.14
CA ILE F 215 -12.41 49.68 -27.63
C ILE F 215 -11.27 50.66 -27.91
N ASP F 216 -10.04 50.22 -27.68
CA ASP F 216 -8.82 50.80 -28.29
C ASP F 216 -8.49 49.96 -29.52
N PRO F 217 -8.85 50.45 -30.73
CA PRO F 217 -8.75 49.63 -31.95
C PRO F 217 -7.29 49.29 -32.32
N GLU F 218 -6.33 50.15 -31.99
CA GLU F 218 -4.89 49.92 -32.26
C GLU F 218 -4.40 48.74 -31.41
N ARG F 219 -4.83 48.66 -30.14
CA ARG F 219 -4.32 47.62 -29.20
C ARG F 219 -5.22 46.38 -29.23
N GLY F 220 -6.38 46.44 -29.90
CA GLY F 220 -7.34 45.34 -29.98
C GLY F 220 -7.87 44.96 -28.61
N ALA F 221 -8.16 45.95 -27.77
CA ALA F 221 -8.46 45.77 -26.34
C ALA F 221 -9.65 46.63 -25.92
N PHE F 222 -10.61 46.05 -25.22
CA PHE F 222 -11.75 46.76 -24.61
C PHE F 222 -11.32 47.41 -23.30
N TYR F 223 -11.87 48.59 -23.02
CA TYR F 223 -11.82 49.24 -21.70
C TYR F 223 -12.68 48.43 -20.72
N LEU F 224 -12.34 48.54 -19.45
CA LEU F 224 -12.89 47.77 -18.31
C LEU F 224 -14.42 47.84 -18.29
N SER F 225 -14.98 49.04 -18.44
CA SER F 225 -16.44 49.26 -18.28
C SER F 225 -16.83 50.65 -18.74
N TYR F 226 -18.14 50.83 -18.96
CA TYR F 226 -18.81 52.08 -19.37
C TYR F 226 -19.91 52.39 -18.35
N HIS F 227 -20.17 53.68 -18.13
CA HIS F 227 -21.08 54.17 -17.08
C HIS F 227 -21.99 55.24 -17.69
N PRO F 228 -23.17 54.84 -18.23
CA PRO F 228 -23.98 55.72 -19.05
C PRO F 228 -24.39 57.05 -18.40
N GLU F 229 -24.76 57.04 -17.10
CA GLU F 229 -25.22 58.25 -16.37
C GLU F 229 -24.14 59.35 -16.49
N SER F 230 -22.88 59.04 -16.20
CA SER F 230 -21.73 59.98 -16.23
C SER F 230 -21.07 60.06 -17.62
N GLY F 231 -21.29 59.09 -18.50
CA GLY F 231 -20.58 58.95 -19.79
C GLY F 231 -19.16 58.40 -19.62
N ALA F 232 -18.75 58.06 -18.39
CA ALA F 232 -17.37 57.61 -18.11
C ALA F 232 -17.08 56.25 -18.76
N VAL F 233 -15.92 56.14 -19.38
CA VAL F 233 -15.26 54.85 -19.72
C VAL F 233 -14.05 54.73 -18.81
N LYS F 234 -13.92 53.66 -18.04
CA LYS F 234 -12.75 53.48 -17.14
C LYS F 234 -11.52 53.42 -18.03
N PRO F 235 -10.46 54.17 -17.71
CA PRO F 235 -9.33 54.34 -18.63
C PRO F 235 -8.32 53.19 -18.67
N TRP F 236 -8.64 52.00 -18.16
CA TRP F 236 -7.75 50.82 -18.25
C TRP F 236 -8.33 49.84 -19.27
N ILE F 237 -7.46 49.27 -20.11
CA ILE F 237 -7.83 48.13 -20.99
C ILE F 237 -7.67 46.84 -20.17
N SER F 238 -8.47 45.82 -20.47
CA SER F 238 -8.53 44.54 -19.73
C SER F 238 -8.45 43.36 -20.70
N ALA F 239 -7.46 42.51 -20.49
CA ALA F 239 -7.22 41.28 -21.28
C ALA F 239 -8.35 40.27 -21.07
N TYR F 240 -8.77 40.01 -19.82
CA TYR F 240 -9.77 38.95 -19.56
C TYR F 240 -11.07 39.41 -20.19
N THR F 241 -11.38 40.70 -20.05
CA THR F 241 -12.60 41.32 -20.66
C THR F 241 -12.56 41.10 -22.18
N THR F 242 -11.42 41.38 -22.80
CA THR F 242 -11.25 41.32 -24.26
C THR F 242 -11.30 39.86 -24.73
N ALA F 243 -10.58 38.97 -24.06
CA ALA F 243 -10.47 37.55 -24.48
C ALA F 243 -11.87 36.93 -24.47
N TRP F 244 -12.61 37.16 -23.41
CA TRP F 244 -13.99 36.64 -23.24
C TRP F 244 -14.86 37.22 -24.37
N THR F 245 -14.87 38.55 -24.54
CA THR F 245 -15.75 39.24 -25.50
C THR F 245 -15.43 38.76 -26.93
N LEU F 246 -14.16 38.71 -27.32
CA LEU F 246 -13.77 38.29 -28.70
C LEU F 246 -14.16 36.82 -28.91
N ALA F 247 -14.06 35.98 -27.89
CA ALA F 247 -14.39 34.55 -28.04
C ALA F 247 -15.87 34.45 -28.39
N MET F 248 -16.74 35.16 -27.68
CA MET F 248 -18.20 35.05 -27.87
C MET F 248 -18.61 35.75 -29.17
N VAL F 249 -18.03 36.93 -29.45
CA VAL F 249 -18.34 37.68 -30.69
C VAL F 249 -17.94 36.84 -31.92
N HIS F 250 -16.89 36.02 -31.83
CA HIS F 250 -16.42 35.18 -32.97
C HIS F 250 -17.55 34.28 -33.47
N GLY F 251 -18.47 33.88 -32.57
CA GLY F 251 -19.63 33.04 -32.90
C GLY F 251 -20.70 33.80 -33.66
N MET F 252 -20.71 35.12 -33.58
CA MET F 252 -21.78 35.99 -34.13
C MET F 252 -21.24 36.78 -35.34
N ASP F 253 -20.04 37.33 -35.24
CA ASP F 253 -19.33 38.08 -36.31
C ASP F 253 -17.87 37.67 -36.30
N PRO F 254 -17.53 36.56 -36.98
CA PRO F 254 -16.15 36.07 -37.01
C PRO F 254 -15.14 37.14 -37.45
N ALA F 255 -15.48 37.97 -38.44
CA ALA F 255 -14.55 38.98 -39.02
C ALA F 255 -14.12 39.98 -37.92
N PHE F 256 -15.04 40.34 -37.01
CA PHE F 256 -14.79 41.29 -35.88
C PHE F 256 -13.64 40.76 -35.04
N SER F 257 -13.71 39.51 -34.60
CA SER F 257 -12.69 38.91 -33.70
C SER F 257 -11.39 38.70 -34.45
N GLU F 258 -11.47 38.28 -35.72
CA GLU F 258 -10.28 38.06 -36.60
C GLU F 258 -9.51 39.39 -36.75
N ARG F 259 -10.21 40.51 -36.92
CA ARG F 259 -9.60 41.87 -37.02
C ARG F 259 -8.75 42.18 -35.78
N TYR F 260 -9.25 41.91 -34.57
CA TYR F 260 -8.61 42.43 -33.32
C TYR F 260 -7.66 41.40 -32.71
N TYR F 261 -7.82 40.11 -33.00
CA TYR F 261 -7.10 39.02 -32.30
C TYR F 261 -5.59 39.24 -32.35
N PRO F 262 -4.97 39.53 -33.52
CA PRO F 262 -3.51 39.70 -33.58
C PRO F 262 -3.04 40.91 -32.73
N ARG F 263 -3.82 41.98 -32.70
CA ARG F 263 -3.47 43.20 -31.90
C ARG F 263 -3.61 42.87 -30.40
N PHE F 264 -4.67 42.15 -30.02
CA PHE F 264 -4.89 41.64 -28.64
C PHE F 264 -3.63 40.90 -28.18
N LYS F 265 -3.13 39.97 -29.00
CA LYS F 265 -1.95 39.13 -28.64
C LYS F 265 -0.70 40.01 -28.47
N GLN F 266 -0.47 40.94 -29.38
CA GLN F 266 0.66 41.89 -29.30
C GLN F 266 0.55 42.67 -27.99
N THR F 267 -0.64 43.19 -27.67
CA THR F 267 -0.85 44.04 -26.47
C THR F 267 -0.59 43.24 -25.17
N PHE F 268 -1.04 41.99 -25.06
CA PHE F 268 -1.18 41.33 -23.73
C PHE F 268 -0.34 40.06 -23.58
N VAL F 269 -0.07 39.33 -24.66
CA VAL F 269 0.45 37.94 -24.56
C VAL F 269 1.98 37.97 -24.47
N GLU F 270 2.55 37.42 -23.40
CA GLU F 270 4.01 37.23 -23.23
C GLU F 270 4.34 35.74 -23.48
N VAL F 271 5.03 35.48 -24.61
CA VAL F 271 5.66 34.16 -24.89
C VAL F 271 6.97 34.11 -24.11
N TYR F 272 7.26 33.02 -23.40
CA TYR F 272 8.50 32.87 -22.61
C TYR F 272 8.97 31.41 -22.69
N ASP F 273 10.06 31.07 -22.01
CA ASP F 273 10.66 29.70 -21.96
C ASP F 273 10.90 29.21 -23.39
N GLU F 274 11.50 30.04 -24.24
CA GLU F 274 11.99 29.67 -25.60
C GLU F 274 10.81 29.21 -26.45
N GLY F 275 9.66 29.89 -26.34
CA GLY F 275 8.46 29.65 -27.19
C GLY F 275 7.57 28.51 -26.67
N ARG F 276 7.90 27.86 -25.55
CA ARG F 276 7.14 26.66 -25.06
C ARG F 276 5.94 27.08 -24.20
N LYS F 277 5.96 28.31 -23.64
CA LYS F 277 4.94 28.80 -22.67
C LYS F 277 4.52 30.23 -23.02
N ALA F 278 3.33 30.60 -22.54
CA ALA F 278 2.78 31.97 -22.62
C ALA F 278 1.98 32.29 -21.36
N ARG F 279 1.95 33.57 -21.00
CA ARG F 279 1.12 34.09 -19.89
C ARG F 279 0.62 35.47 -20.35
N VAL F 280 -0.50 35.92 -19.82
CA VAL F 280 -1.21 37.10 -20.35
C VAL F 280 -1.24 38.19 -19.25
N ARG F 281 -0.79 39.38 -19.61
CA ARG F 281 -0.90 40.62 -18.80
C ARG F 281 -2.38 41.03 -18.80
N GLU F 282 -2.91 41.47 -17.65
CA GLU F 282 -4.36 41.83 -17.51
C GLU F 282 -4.60 43.24 -18.06
N THR F 283 -3.62 44.14 -17.97
CA THR F 283 -3.79 45.56 -18.39
C THR F 283 -2.50 46.10 -19.02
N ALA F 284 -2.52 47.33 -19.53
CA ALA F 284 -1.34 48.04 -20.09
C ALA F 284 -0.51 48.63 -18.94
N GLY F 285 0.76 48.96 -19.23
CA GLY F 285 1.66 49.68 -18.32
C GLY F 285 2.15 48.80 -17.19
N THR F 286 2.24 47.48 -17.41
CA THR F 286 2.72 46.50 -16.41
C THR F 286 3.42 45.36 -17.13
N ASP F 287 4.35 44.69 -16.45
CA ASP F 287 4.98 43.43 -16.93
C ASP F 287 4.32 42.24 -16.22
N ASP F 288 3.52 42.47 -15.18
CA ASP F 288 2.93 41.39 -14.32
C ASP F 288 1.86 40.66 -15.15
N ALA F 289 1.84 39.32 -15.07
CA ALA F 289 0.83 38.46 -15.71
C ALA F 289 -0.36 38.28 -14.75
N ASP F 290 -1.58 38.20 -15.29
CA ASP F 290 -2.78 37.68 -14.57
C ASP F 290 -3.05 38.47 -13.29
N GLY F 291 -2.92 39.79 -13.34
CA GLY F 291 -3.43 40.69 -12.28
C GLY F 291 -4.95 40.82 -12.35
N GLY F 292 -5.51 41.74 -11.57
CA GLY F 292 -6.97 41.95 -11.49
C GLY F 292 -7.66 40.69 -10.98
N VAL F 293 -8.69 40.22 -11.67
CA VAL F 293 -9.45 38.99 -11.27
C VAL F 293 -8.59 37.75 -11.44
N GLY F 294 -7.47 37.84 -12.17
CA GLY F 294 -6.49 36.74 -12.32
C GLY F 294 -6.89 35.73 -13.40
N LEU F 295 -7.72 36.11 -14.36
CA LEU F 295 -8.29 35.18 -15.36
C LEU F 295 -7.84 35.50 -16.79
N ALA F 296 -6.90 36.43 -17.01
CA ALA F 296 -6.47 36.80 -18.37
C ALA F 296 -5.99 35.56 -19.14
N SER F 297 -5.10 34.76 -18.56
CA SER F 297 -4.50 33.58 -19.24
C SER F 297 -5.59 32.52 -19.51
N ALA F 298 -6.47 32.25 -18.53
CA ALA F 298 -7.52 31.21 -18.66
C ALA F 298 -8.51 31.62 -19.76
N PHE F 299 -8.93 32.87 -19.83
CA PHE F 299 -9.87 33.33 -20.90
C PHE F 299 -9.15 33.40 -22.26
N THR F 300 -7.84 33.68 -22.27
CA THR F 300 -7.05 33.69 -23.54
C THR F 300 -6.96 32.25 -24.04
N LEU F 301 -6.83 31.27 -23.14
CA LEU F 301 -6.85 29.83 -23.52
C LEU F 301 -8.15 29.53 -24.25
N LEU F 302 -9.29 30.00 -23.73
CA LEU F 302 -10.60 29.81 -24.41
C LEU F 302 -10.57 30.52 -25.78
N LEU F 303 -10.08 31.76 -25.84
CA LEU F 303 -10.06 32.53 -27.10
C LEU F 303 -9.17 31.83 -28.13
N ALA F 304 -7.99 31.35 -27.73
CA ALA F 304 -7.06 30.60 -28.60
C ALA F 304 -7.82 29.40 -29.19
N ARG F 305 -8.58 28.68 -28.37
CA ARG F 305 -9.38 27.51 -28.85
C ARG F 305 -10.40 27.99 -29.87
N GLU F 306 -11.14 29.06 -29.55
CA GLU F 306 -12.21 29.60 -30.43
C GLU F 306 -11.60 30.00 -31.78
N MET F 307 -10.41 30.58 -31.79
CA MET F 307 -9.78 31.13 -33.03
C MET F 307 -8.97 30.06 -33.76
N GLY F 308 -8.82 28.85 -33.22
CA GLY F 308 -8.09 27.74 -33.86
C GLY F 308 -6.59 27.88 -33.75
N ASP F 309 -6.07 28.64 -32.79
CA ASP F 309 -4.64 28.97 -32.60
C ASP F 309 -4.00 27.92 -31.68
N GLN F 310 -3.57 26.80 -32.25
CA GLN F 310 -3.05 25.64 -31.50
C GLN F 310 -1.76 26.03 -30.77
N GLN F 311 -0.93 26.86 -31.40
CA GLN F 311 0.38 27.22 -30.81
C GLN F 311 0.12 27.96 -29.49
N LEU F 312 -0.71 29.00 -29.49
CA LEU F 312 -0.95 29.81 -28.26
C LEU F 312 -1.68 28.93 -27.22
N PHE F 313 -2.62 28.09 -27.65
CA PHE F 313 -3.32 27.15 -26.75
C PHE F 313 -2.28 26.32 -26.00
N ASP F 314 -1.36 25.71 -26.74
CA ASP F 314 -0.30 24.82 -26.18
C ASP F 314 0.56 25.60 -25.17
N GLN F 315 0.98 26.80 -25.55
CA GLN F 315 1.85 27.67 -24.71
C GLN F 315 1.11 28.03 -23.41
N LEU F 316 -0.16 28.44 -23.50
CA LEU F 316 -0.94 28.86 -22.30
C LEU F 316 -1.19 27.65 -21.39
N LEU F 317 -1.53 26.50 -21.96
CA LEU F 317 -1.83 25.30 -21.13
C LEU F 317 -0.54 24.82 -20.46
N ASN F 318 0.62 24.99 -21.13
CA ASN F 318 1.95 24.65 -20.52
C ASN F 318 2.24 25.57 -19.34
N HIS F 319 1.77 26.82 -19.37
CA HIS F 319 1.88 27.78 -18.23
C HIS F 319 0.89 27.41 -17.11
N LEU F 320 -0.35 27.09 -17.47
CA LEU F 320 -1.49 27.00 -16.51
C LEU F 320 -1.56 25.65 -15.78
N GLU F 321 -1.43 24.54 -16.51
CA GLU F 321 -1.79 23.21 -15.97
C GLU F 321 -0.71 22.64 -15.06
N PRO F 322 0.58 22.53 -15.47
CA PRO F 322 1.59 21.87 -14.64
C PRO F 322 1.68 22.38 -13.21
N PRO F 323 1.77 23.70 -12.93
CA PRO F 323 1.86 24.17 -11.54
C PRO F 323 0.59 23.86 -10.72
N ALA F 324 -0.56 23.63 -11.36
CA ALA F 324 -1.83 23.29 -10.68
C ALA F 324 -1.82 21.82 -10.21
N LYS F 325 -0.89 21.00 -10.71
CA LYS F 325 -0.61 19.62 -10.24
C LYS F 325 -1.89 18.78 -10.37
N PRO F 326 -2.29 18.47 -11.62
CA PRO F 326 -3.42 17.58 -11.84
C PRO F 326 -3.07 16.17 -11.37
N SER F 327 -4.02 15.45 -10.80
CA SER F 327 -3.92 13.99 -10.59
C SER F 327 -5.27 13.35 -10.91
N ILE F 328 -5.22 12.15 -11.48
CA ILE F 328 -6.40 11.30 -11.74
C ILE F 328 -6.39 10.19 -10.67
N VAL F 329 -7.37 10.22 -9.78
CA VAL F 329 -7.57 9.22 -8.68
C VAL F 329 -8.94 8.59 -8.93
N SER F 330 -8.99 7.26 -9.03
CA SER F 330 -10.24 6.50 -9.29
C SER F 330 -10.96 7.10 -10.50
N ALA F 331 -10.20 7.41 -11.56
CA ALA F 331 -10.70 7.88 -12.88
C ALA F 331 -11.40 9.23 -12.76
N SER F 332 -11.05 10.03 -11.77
CA SER F 332 -11.65 11.38 -11.54
C SER F 332 -10.52 12.42 -11.41
N LEU F 333 -10.66 13.56 -12.07
CA LEU F 333 -9.60 14.61 -12.14
C LEU F 333 -9.74 15.57 -10.96
N ARG F 334 -8.62 15.83 -10.26
CA ARG F 334 -8.46 16.89 -9.24
C ARG F 334 -7.19 17.69 -9.56
N TYR F 335 -7.21 18.99 -9.27
CA TYR F 335 -6.02 19.88 -9.24
C TYR F 335 -5.68 20.16 -7.78
N GLU F 336 -4.44 19.90 -7.36
CA GLU F 336 -3.96 20.16 -5.98
C GLU F 336 -3.81 21.68 -5.75
N HIS F 337 -3.37 22.46 -6.74
CA HIS F 337 -3.08 23.92 -6.59
C HIS F 337 -3.71 24.71 -7.72
N PRO F 338 -5.05 24.82 -7.79
CA PRO F 338 -5.68 25.64 -8.84
C PRO F 338 -5.12 27.06 -8.73
N GLY F 339 -4.74 27.66 -9.85
CA GLY F 339 -3.98 28.94 -9.85
C GLY F 339 -4.89 30.16 -9.85
N SER F 340 -6.21 29.97 -9.95
CA SER F 340 -7.20 31.09 -10.06
C SER F 340 -8.59 30.61 -9.65
N LEU F 341 -9.53 31.54 -9.57
CA LEU F 341 -10.98 31.25 -9.57
C LEU F 341 -11.34 30.53 -10.86
N LEU F 342 -12.41 29.72 -10.83
CA LEU F 342 -13.02 29.12 -12.04
C LEU F 342 -11.99 28.25 -12.78
N PHE F 343 -11.04 27.68 -12.08
CA PHE F 343 -9.86 27.02 -12.69
C PHE F 343 -10.28 25.75 -13.43
N ASP F 344 -10.87 24.76 -12.76
CA ASP F 344 -11.25 23.50 -13.46
C ASP F 344 -12.35 23.80 -14.49
N GLU F 345 -13.21 24.79 -14.21
CA GLU F 345 -14.31 25.17 -15.13
C GLU F 345 -13.72 25.65 -16.47
N LEU F 346 -12.78 26.60 -16.43
CA LEU F 346 -12.25 27.26 -17.66
C LEU F 346 -11.29 26.31 -18.40
N LEU F 347 -10.52 25.47 -17.71
CA LEU F 347 -9.65 24.49 -18.39
C LEU F 347 -10.51 23.42 -19.06
N PHE F 348 -11.56 22.96 -18.39
CA PHE F 348 -12.57 22.03 -18.96
C PHE F 348 -13.12 22.63 -20.25
N LEU F 349 -13.67 23.83 -20.16
CA LEU F 349 -14.29 24.53 -21.31
C LEU F 349 -13.25 24.65 -22.47
N ALA F 350 -12.05 25.15 -22.21
CA ALA F 350 -11.03 25.36 -23.26
C ALA F 350 -10.64 24.02 -23.93
N LYS F 351 -10.56 22.95 -23.16
CA LYS F 351 -10.18 21.61 -23.67
C LYS F 351 -11.22 21.06 -24.64
N VAL F 352 -12.52 21.33 -24.43
CA VAL F 352 -13.60 20.72 -25.25
C VAL F 352 -14.17 21.72 -26.24
N HIS F 353 -13.95 23.02 -26.09
CA HIS F 353 -14.72 24.07 -26.80
C HIS F 353 -14.70 23.80 -28.32
N ALA F 354 -15.87 23.70 -28.95
CA ALA F 354 -16.04 23.42 -30.40
C ALA F 354 -16.16 24.73 -31.20
N GLY F 355 -16.20 25.89 -30.53
CA GLY F 355 -16.55 27.18 -31.12
C GLY F 355 -18.01 27.52 -30.91
N PHE F 356 -18.31 28.77 -30.59
CA PHE F 356 -19.70 29.24 -30.28
C PHE F 356 -20.54 29.15 -31.56
N GLY F 357 -19.92 29.35 -32.73
CA GLY F 357 -20.58 29.15 -34.04
C GLY F 357 -21.05 27.72 -34.22
N ALA F 358 -20.19 26.74 -33.91
CA ALA F 358 -20.54 25.30 -34.01
C ALA F 358 -21.67 24.96 -33.03
N LEU F 359 -21.69 25.54 -31.83
CA LEU F 359 -22.79 25.29 -30.84
C LEU F 359 -24.11 25.79 -31.40
N LEU F 360 -24.09 26.97 -32.04
CA LEU F 360 -25.28 27.55 -32.73
C LEU F 360 -25.84 26.59 -33.78
N ARG F 361 -24.99 25.84 -34.48
CA ARG F 361 -25.41 24.96 -35.61
C ARG F 361 -25.52 23.52 -35.15
N MET F 362 -25.55 23.28 -33.84
CA MET F 362 -25.62 21.91 -33.29
C MET F 362 -26.75 21.15 -33.97
N PRO F 363 -26.50 19.98 -34.62
CA PRO F 363 -27.59 19.18 -35.18
C PRO F 363 -28.59 18.74 -34.13
N PRO F 364 -29.89 18.56 -34.45
CA PRO F 364 -30.86 18.10 -33.46
C PRO F 364 -30.57 16.66 -33.00
N PRO F 365 -31.10 16.21 -31.86
CA PRO F 365 -30.88 14.83 -31.41
C PRO F 365 -31.84 13.85 -32.10
N ALA G 2 13.77 66.63 -7.51
CA ALA G 2 14.39 65.80 -8.60
C ALA G 2 14.87 64.45 -8.03
N GLU G 3 15.54 64.44 -6.86
CA GLU G 3 16.05 63.19 -6.20
C GLU G 3 14.89 62.49 -5.48
N LEU G 4 14.76 61.17 -5.71
CA LEU G 4 13.66 60.31 -5.19
C LEU G 4 14.11 59.67 -3.88
N PRO G 5 13.62 60.13 -2.70
CA PRO G 5 14.05 59.54 -1.43
C PRO G 5 13.70 58.05 -1.39
N PRO G 6 14.34 57.24 -0.53
CA PRO G 6 14.18 55.78 -0.58
C PRO G 6 12.76 55.36 -0.14
N GLY G 7 12.13 54.40 -0.85
CA GLY G 7 10.78 53.86 -0.57
C GLY G 7 9.60 54.75 -1.02
N ARG G 8 9.88 55.94 -1.54
CA ARG G 8 8.88 56.90 -2.10
C ARG G 8 8.57 56.49 -3.54
N LEU G 9 7.39 56.83 -4.05
CA LEU G 9 6.96 56.44 -5.42
C LEU G 9 7.17 57.60 -6.38
N ALA G 10 7.08 58.84 -5.90
CA ALA G 10 7.28 60.03 -6.74
C ALA G 10 7.69 61.20 -5.84
N THR G 11 8.27 62.23 -6.46
CA THR G 11 8.83 63.40 -5.76
C THR G 11 7.69 64.30 -5.33
N THR G 12 7.89 65.05 -4.26
CA THR G 12 6.97 66.12 -3.83
C THR G 12 6.74 67.08 -4.99
N GLU G 13 7.79 67.45 -5.72
CA GLU G 13 7.69 68.34 -6.90
C GLU G 13 6.66 67.74 -7.87
N ASP G 14 6.71 66.43 -8.12
CA ASP G 14 5.76 65.76 -9.07
C ASP G 14 4.31 65.92 -8.57
N TYR G 15 4.03 65.69 -7.27
CA TYR G 15 2.64 65.77 -6.72
C TYR G 15 2.13 67.21 -6.89
N PHE G 16 2.96 68.20 -6.55
CA PHE G 16 2.57 69.63 -6.60
C PHE G 16 2.45 70.15 -8.04
N ALA G 17 3.04 69.46 -9.01
CA ALA G 17 2.99 69.86 -10.45
C ALA G 17 1.80 69.22 -11.19
N GLN G 18 1.07 68.28 -10.57
CA GLN G 18 0.00 67.50 -11.26
C GLN G 18 -0.99 68.45 -11.94
N GLN G 19 -1.43 69.49 -11.24
CA GLN G 19 -2.49 70.40 -11.76
C GLN G 19 -1.97 71.15 -13.00
N ALA G 20 -0.73 71.68 -12.94
CA ALA G 20 -0.11 72.44 -14.05
C ALA G 20 0.08 71.53 -15.28
N LYS G 21 0.47 70.26 -15.07
CA LYS G 21 0.70 69.27 -16.17
C LYS G 21 -0.63 68.66 -16.63
N GLN G 22 -1.73 68.90 -15.91
CA GLN G 22 -3.07 68.32 -16.24
C GLN G 22 -2.97 66.77 -16.32
N ALA G 23 -2.23 66.16 -15.40
CA ALA G 23 -2.04 64.70 -15.33
C ALA G 23 -1.74 64.29 -13.90
N VAL G 24 -2.32 63.19 -13.44
CA VAL G 24 -1.98 62.59 -12.12
C VAL G 24 -0.66 61.83 -12.31
N THR G 25 0.12 61.66 -11.25
CA THR G 25 1.35 60.83 -11.25
C THR G 25 0.93 59.38 -11.49
N PRO G 26 1.81 58.51 -12.04
CA PRO G 26 1.50 57.09 -12.18
C PRO G 26 1.01 56.41 -10.89
N ASP G 27 1.52 56.79 -9.72
CA ASP G 27 1.15 56.14 -8.43
C ASP G 27 -0.27 56.58 -8.03
N VAL G 28 -0.68 57.79 -8.35
CA VAL G 28 -2.08 58.24 -8.10
C VAL G 28 -3.01 57.50 -9.06
N MET G 29 -2.60 57.29 -10.31
CA MET G 29 -3.39 56.51 -11.29
C MET G 29 -3.53 55.09 -10.75
N ALA G 30 -2.47 54.53 -10.16
CA ALA G 30 -2.48 53.16 -9.60
C ALA G 30 -3.38 53.09 -8.36
N GLN G 31 -3.51 54.17 -7.59
CA GLN G 31 -4.48 54.28 -6.46
C GLN G 31 -5.90 54.28 -7.05
N LEU G 32 -6.15 55.04 -8.12
CA LEU G 32 -7.48 55.06 -8.78
C LEU G 32 -7.80 53.67 -9.32
N ALA G 33 -6.79 52.89 -9.73
CA ALA G 33 -6.97 51.49 -10.20
C ALA G 33 -7.34 50.63 -8.99
N TYR G 34 -6.68 50.76 -7.86
CA TYR G 34 -7.08 50.02 -6.64
C TYR G 34 -8.56 50.33 -6.39
N MET G 35 -8.95 51.60 -6.53
CA MET G 35 -10.30 52.07 -6.15
C MET G 35 -11.36 51.53 -7.14
N ASN G 36 -11.00 51.24 -8.39
CA ASN G 36 -11.98 51.04 -9.50
C ASN G 36 -11.84 49.70 -10.25
N TYR G 37 -10.72 48.97 -10.15
CA TYR G 37 -10.32 47.99 -11.21
C TYR G 37 -11.02 46.64 -10.98
N ILE G 38 -10.82 45.99 -9.83
CA ILE G 38 -11.20 44.56 -9.67
C ILE G 38 -12.69 44.43 -9.40
N ASP G 39 -13.37 43.54 -10.13
CA ASP G 39 -14.81 43.22 -9.95
C ASP G 39 -15.09 42.88 -8.47
N PHE G 40 -16.18 43.44 -7.93
CA PHE G 40 -16.79 43.08 -6.64
C PHE G 40 -16.01 43.61 -5.44
N ILE G 41 -14.68 43.59 -5.44
CA ILE G 41 -13.90 43.89 -4.20
C ILE G 41 -13.32 45.31 -4.20
N SER G 42 -13.25 45.99 -5.35
CA SER G 42 -12.80 47.39 -5.38
C SER G 42 -13.85 48.26 -4.71
N PRO G 43 -13.47 49.29 -3.93
CA PRO G 43 -14.45 50.08 -3.17
C PRO G 43 -15.47 50.82 -4.04
N PHE G 44 -15.12 51.21 -5.27
CA PHE G 44 -16.00 52.01 -6.15
C PHE G 44 -16.50 51.14 -7.31
N TYR G 45 -16.70 49.84 -7.05
CA TYR G 45 -17.24 48.90 -8.04
C TYR G 45 -18.72 49.16 -8.29
N SER G 46 -19.54 49.38 -7.26
CA SER G 46 -21.00 49.56 -7.47
C SER G 46 -21.65 50.47 -6.43
N ARG G 47 -22.80 51.03 -6.81
CA ARG G 47 -23.68 51.87 -5.95
C ARG G 47 -24.29 51.07 -4.79
N GLY G 48 -24.28 49.76 -4.88
CA GLY G 48 -24.94 48.87 -3.91
C GLY G 48 -24.39 48.98 -2.49
N CYS G 49 -25.11 48.42 -1.52
CA CYS G 49 -24.71 48.36 -0.09
C CYS G 49 -23.82 47.15 0.17
N SER G 50 -22.79 46.99 -0.65
CA SER G 50 -21.69 46.00 -0.49
C SER G 50 -20.42 46.71 0.00
N PHE G 51 -19.78 46.17 1.03
CA PHE G 51 -18.64 46.82 1.74
C PHE G 51 -17.46 45.84 1.80
N GLU G 52 -17.35 44.98 0.79
CA GLU G 52 -16.26 43.96 0.69
C GLU G 52 -14.92 44.66 0.78
N ALA G 53 -14.71 45.77 0.05
CA ALA G 53 -13.41 46.48 0.04
C ALA G 53 -13.02 46.86 1.47
N TRP G 54 -13.99 47.29 2.28
CA TRP G 54 -13.75 47.74 3.68
C TRP G 54 -13.59 46.52 4.60
N GLU G 55 -14.29 45.42 4.36
CA GLU G 55 -14.12 44.15 5.13
C GLU G 55 -12.68 43.65 4.89
N LEU G 56 -12.19 43.67 3.66
CA LEU G 56 -10.82 43.18 3.31
C LEU G 56 -9.75 44.03 3.97
N LYS G 57 -9.93 45.34 4.15
CA LYS G 57 -8.95 46.20 4.86
C LYS G 57 -9.23 46.26 6.37
N HIS G 58 -10.24 45.56 6.89
CA HIS G 58 -10.57 45.53 8.33
C HIS G 58 -10.93 46.94 8.85
N THR G 59 -11.58 47.77 8.03
CA THR G 59 -12.06 49.11 8.46
C THR G 59 -13.12 48.93 9.54
N PRO G 60 -12.93 49.49 10.76
CA PRO G 60 -13.98 49.43 11.79
C PRO G 60 -15.24 50.14 11.26
N GLN G 61 -16.42 49.62 11.61
CA GLN G 61 -17.73 50.12 11.10
C GLN G 61 -17.77 51.64 11.25
N ARG G 62 -17.38 52.18 12.43
CA ARG G 62 -17.56 53.62 12.75
C ARG G 62 -16.71 54.51 11.82
N VAL G 63 -15.71 53.95 11.17
CA VAL G 63 -14.69 54.70 10.38
C VAL G 63 -15.09 54.68 8.89
N ILE G 64 -16.02 53.80 8.48
CA ILE G 64 -16.35 53.66 7.04
C ILE G 64 -16.82 55.01 6.49
N LYS G 65 -17.64 55.75 7.25
CA LYS G 65 -18.17 57.07 6.81
C LYS G 65 -17.01 58.03 6.48
N TYR G 66 -15.92 58.00 7.24
CA TYR G 66 -14.74 58.87 7.03
C TYR G 66 -13.95 58.38 5.82
N SER G 67 -13.82 57.06 5.68
CA SER G 67 -13.15 56.44 4.51
C SER G 67 -13.81 56.95 3.22
N ILE G 68 -15.12 56.84 3.14
CA ILE G 68 -15.87 57.24 1.91
C ILE G 68 -15.67 58.73 1.67
N ALA G 69 -15.83 59.56 2.71
CA ALA G 69 -15.74 61.03 2.60
C ALA G 69 -14.35 61.44 2.08
N PHE G 70 -13.28 60.89 2.64
CA PHE G 70 -11.90 61.30 2.29
C PHE G 70 -11.61 60.86 0.86
N TYR G 71 -12.03 59.67 0.45
CA TYR G 71 -11.98 59.24 -0.97
C TYR G 71 -12.70 60.28 -1.83
N ALA G 72 -13.90 60.70 -1.43
CA ALA G 72 -14.71 61.67 -2.20
C ALA G 72 -13.95 63.00 -2.35
N TYR G 73 -13.34 63.50 -1.28
CA TYR G 73 -12.61 64.80 -1.32
C TYR G 73 -11.42 64.68 -2.29
N GLY G 74 -10.72 63.53 -2.28
CA GLY G 74 -9.63 63.26 -3.22
C GLY G 74 -10.14 63.23 -4.65
N LEU G 75 -11.25 62.54 -4.89
CA LEU G 75 -11.80 62.41 -6.26
C LEU G 75 -12.15 63.78 -6.82
N ALA G 76 -12.62 64.71 -5.99
CA ALA G 76 -12.98 66.07 -6.43
C ALA G 76 -11.72 66.76 -6.98
N SER G 77 -10.58 66.60 -6.33
CA SER G 77 -9.30 67.19 -6.80
C SER G 77 -8.84 66.49 -8.08
N VAL G 78 -9.02 65.16 -8.21
CA VAL G 78 -8.67 64.45 -9.47
C VAL G 78 -9.43 65.10 -10.63
N ALA G 79 -10.70 65.45 -10.43
CA ALA G 79 -11.58 66.07 -11.43
C ALA G 79 -10.97 67.40 -11.91
N LEU G 80 -10.40 68.16 -10.98
CA LEU G 80 -9.76 69.48 -11.22
C LEU G 80 -8.38 69.30 -11.89
N ILE G 81 -7.64 68.24 -11.54
CA ILE G 81 -6.28 67.98 -12.08
C ILE G 81 -6.37 67.58 -13.56
N ASP G 82 -7.15 66.54 -13.90
CA ASP G 82 -7.15 65.97 -15.27
C ASP G 82 -8.57 65.97 -15.81
N PRO G 83 -8.91 66.87 -16.75
CA PRO G 83 -10.22 66.88 -17.36
C PRO G 83 -10.64 65.53 -17.96
N LYS G 84 -9.68 64.72 -18.43
CA LYS G 84 -9.98 63.39 -19.02
C LYS G 84 -10.40 62.40 -17.91
N LEU G 85 -10.14 62.70 -16.63
CA LEU G 85 -10.55 61.83 -15.50
C LEU G 85 -11.78 62.39 -14.79
N ARG G 86 -12.31 63.53 -15.26
CA ARG G 86 -13.45 64.20 -14.57
C ARG G 86 -14.69 63.29 -14.58
N ALA G 87 -14.98 62.63 -15.71
CA ALA G 87 -16.18 61.74 -15.80
C ALA G 87 -16.00 60.55 -14.85
N LEU G 88 -14.80 59.94 -14.80
CA LEU G 88 -14.50 58.84 -13.84
C LEU G 88 -14.71 59.34 -12.40
N ALA G 89 -14.16 60.51 -12.06
CA ALA G 89 -14.27 61.09 -10.70
C ALA G 89 -15.75 61.27 -10.37
N GLY G 90 -16.52 61.78 -11.32
CA GLY G 90 -17.99 61.99 -11.18
C GLY G 90 -18.70 60.67 -10.90
N HIS G 91 -18.38 59.63 -11.67
CA HIS G 91 -18.96 58.27 -11.48
C HIS G 91 -18.63 57.78 -10.05
N ASP G 92 -17.37 57.92 -9.64
CA ASP G 92 -16.90 57.46 -8.31
C ASP G 92 -17.64 58.24 -7.21
N LEU G 93 -17.86 59.54 -7.41
CA LEU G 93 -18.55 60.39 -6.40
C LEU G 93 -20.02 59.97 -6.28
N ASP G 94 -20.65 59.64 -7.39
CA ASP G 94 -22.03 59.08 -7.43
C ASP G 94 -22.07 57.85 -6.52
N ILE G 95 -21.13 56.93 -6.68
CA ILE G 95 -21.03 55.70 -5.86
C ILE G 95 -20.75 56.08 -4.41
N ALA G 96 -19.90 57.07 -4.16
CA ALA G 96 -19.53 57.49 -2.78
C ALA G 96 -20.80 57.91 -2.05
N VAL G 97 -21.62 58.73 -2.70
CA VAL G 97 -22.88 59.23 -2.09
C VAL G 97 -23.83 58.05 -1.82
N SER G 98 -24.02 57.14 -2.77
CA SER G 98 -24.93 55.96 -2.59
C SER G 98 -24.47 55.15 -1.40
N LYS G 99 -23.18 54.83 -1.33
CA LYS G 99 -22.65 53.96 -0.25
C LYS G 99 -22.79 54.71 1.08
N MET G 100 -22.59 56.03 1.06
CA MET G 100 -22.63 56.85 2.30
C MET G 100 -24.03 56.75 2.92
N LYS G 101 -25.07 56.49 2.12
CA LYS G 101 -26.48 56.45 2.61
C LYS G 101 -26.85 55.03 3.08
N CYS G 102 -25.99 54.02 2.93
CA CYS G 102 -26.28 52.64 3.39
C CYS G 102 -26.27 52.59 4.92
N LYS G 103 -27.16 51.78 5.50
CA LYS G 103 -27.28 51.63 6.97
C LYS G 103 -25.96 51.10 7.59
N ARG G 104 -25.20 50.29 6.86
CA ARG G 104 -23.88 49.82 7.35
C ARG G 104 -23.02 51.03 7.76
N VAL G 105 -23.13 52.14 7.03
CA VAL G 105 -22.29 53.35 7.24
C VAL G 105 -22.83 54.19 8.40
N TRP G 106 -24.13 54.48 8.45
CA TRP G 106 -24.71 55.44 9.43
C TRP G 106 -25.29 54.70 10.65
N GLY G 107 -25.45 53.38 10.57
CA GLY G 107 -26.24 52.54 11.49
C GLY G 107 -25.81 52.65 12.94
N ASP G 108 -24.57 53.01 13.22
CA ASP G 108 -24.06 53.19 14.62
C ASP G 108 -24.94 54.20 15.36
N TRP G 109 -25.49 55.20 14.65
CA TRP G 109 -26.40 56.22 15.26
C TRP G 109 -27.61 55.54 15.92
N GLU G 110 -28.23 54.58 15.21
CA GLU G 110 -29.38 53.80 15.74
C GLU G 110 -28.90 52.84 16.83
N GLU G 111 -27.84 52.05 16.59
CA GLU G 111 -27.36 51.03 17.55
C GLU G 111 -26.98 51.68 18.89
N ASP G 112 -26.44 52.90 18.87
CA ASP G 112 -26.07 53.66 20.09
C ASP G 112 -27.32 54.14 20.85
N GLY G 113 -28.51 54.08 20.22
CA GLY G 113 -29.78 54.49 20.85
C GLY G 113 -30.14 55.96 20.58
N PHE G 114 -29.55 56.63 19.60
CA PHE G 114 -29.75 58.08 19.38
C PHE G 114 -30.89 58.38 18.41
N GLY G 115 -31.43 57.40 17.69
CA GLY G 115 -32.55 57.63 16.77
C GLY G 115 -32.49 56.73 15.54
N THR G 116 -33.57 56.68 14.78
CA THR G 116 -33.73 55.79 13.59
C THR G 116 -33.39 56.57 12.31
N ASP G 117 -33.29 57.88 12.37
CA ASP G 117 -33.00 58.76 11.22
C ASP G 117 -31.68 59.50 11.47
N PRO G 118 -30.65 59.27 10.63
CA PRO G 118 -29.31 59.80 10.89
C PRO G 118 -29.13 61.29 10.52
N ILE G 119 -30.14 61.92 9.95
CA ILE G 119 -30.05 63.33 9.43
C ILE G 119 -30.92 64.30 10.24
N GLU G 120 -31.97 63.84 10.87
CA GLU G 120 -33.07 64.65 11.49
C GLU G 120 -32.49 65.67 12.49
N LYS G 121 -31.59 65.24 13.38
CA LYS G 121 -30.95 66.16 14.36
C LYS G 121 -29.57 65.63 14.76
N GLU G 122 -28.67 66.54 15.09
CA GLU G 122 -27.32 66.23 15.62
C GLU G 122 -26.55 65.41 14.58
N ASN G 123 -25.67 64.52 15.01
CA ASN G 123 -24.98 63.56 14.11
C ASN G 123 -24.25 64.35 12.99
N ILE G 124 -23.67 65.50 13.32
CA ILE G 124 -23.07 66.39 12.30
C ILE G 124 -21.82 65.72 11.67
N MET G 125 -21.16 64.84 12.40
CA MET G 125 -20.04 64.01 11.88
C MET G 125 -20.50 63.34 10.58
N TYR G 126 -21.61 62.61 10.63
CA TYR G 126 -22.12 61.87 9.45
C TYR G 126 -22.66 62.87 8.42
N LYS G 127 -23.60 63.72 8.83
CA LYS G 127 -24.41 64.46 7.84
C LYS G 127 -23.64 65.68 7.29
N GLY G 128 -22.66 66.20 8.01
CA GLY G 128 -21.70 67.18 7.48
C GLY G 128 -20.96 66.65 6.26
N HIS G 129 -20.38 65.45 6.38
CA HIS G 129 -19.66 64.78 5.25
C HIS G 129 -20.65 64.53 4.11
N LEU G 130 -21.81 63.97 4.42
CA LEU G 130 -22.83 63.65 3.38
C LEU G 130 -23.16 64.95 2.64
N ASN G 131 -23.39 66.04 3.36
CA ASN G 131 -23.81 67.31 2.73
C ASN G 131 -22.67 67.85 1.85
N LEU G 132 -21.43 67.78 2.31
CA LEU G 132 -20.27 68.22 1.50
C LEU G 132 -20.15 67.33 0.27
N MET G 133 -20.38 66.03 0.41
CA MET G 133 -20.29 65.06 -0.72
C MET G 133 -21.37 65.35 -1.76
N TYR G 134 -22.61 65.63 -1.35
CA TYR G 134 -23.70 66.04 -2.27
C TYR G 134 -23.22 67.20 -3.14
N GLY G 135 -22.60 68.18 -2.50
CA GLY G 135 -22.16 69.42 -3.17
C GLY G 135 -21.03 69.15 -4.16
N LEU G 136 -20.01 68.42 -3.73
CA LEU G 136 -18.84 68.13 -4.58
C LEU G 136 -19.28 67.29 -5.79
N TYR G 137 -20.21 66.34 -5.57
CA TYR G 137 -20.75 65.52 -6.67
C TYR G 137 -21.34 66.44 -7.72
N GLN G 138 -22.12 67.43 -7.29
CA GLN G 138 -22.84 68.31 -8.24
C GLN G 138 -21.85 69.28 -8.91
N LEU G 139 -20.85 69.78 -8.18
CA LEU G 139 -19.77 70.64 -8.79
C LEU G 139 -19.05 69.84 -9.88
N VAL G 140 -18.76 68.56 -9.64
CA VAL G 140 -17.92 67.76 -10.57
C VAL G 140 -18.72 67.41 -11.83
N THR G 141 -19.98 66.99 -11.66
CA THR G 141 -20.79 66.36 -12.74
C THR G 141 -21.80 67.34 -13.35
N GLY G 142 -22.28 68.32 -12.61
CA GLY G 142 -23.46 69.15 -12.99
C GLY G 142 -24.77 68.40 -12.87
N SER G 143 -24.78 67.18 -12.34
CA SER G 143 -26.00 66.35 -12.19
C SER G 143 -26.82 66.81 -10.98
N ARG G 144 -28.16 66.83 -11.13
CA ARG G 144 -29.15 67.28 -10.12
C ARG G 144 -29.76 66.06 -9.41
N ARG G 145 -29.17 64.89 -9.57
CA ARG G 145 -29.66 63.59 -9.02
C ARG G 145 -29.96 63.71 -7.51
N TYR G 146 -29.13 64.42 -6.75
CA TYR G 146 -29.20 64.50 -5.27
C TYR G 146 -29.63 65.90 -4.81
N GLU G 147 -29.98 66.79 -5.75
CA GLU G 147 -30.27 68.23 -5.46
C GLU G 147 -31.35 68.36 -4.37
N ALA G 148 -32.44 67.60 -4.45
CA ALA G 148 -33.57 67.71 -3.50
C ALA G 148 -33.07 67.32 -2.10
N GLU G 149 -32.34 66.21 -1.99
CA GLU G 149 -31.77 65.72 -0.72
C GLU G 149 -30.77 66.75 -0.17
N HIS G 150 -29.97 67.36 -1.06
CA HIS G 150 -28.93 68.35 -0.71
C HIS G 150 -29.59 69.60 -0.09
N ALA G 151 -30.65 70.11 -0.73
CA ALA G 151 -31.44 71.26 -0.24
C ALA G 151 -32.02 70.94 1.14
N HIS G 152 -32.62 69.75 1.28
CA HIS G 152 -33.27 69.31 2.53
C HIS G 152 -32.23 69.27 3.67
N LEU G 153 -31.07 68.64 3.44
CA LEU G 153 -30.04 68.48 4.49
C LEU G 153 -29.40 69.85 4.80
N THR G 154 -29.13 70.68 3.79
CA THR G 154 -28.59 72.03 3.99
C THR G 154 -29.55 72.83 4.91
N ARG G 155 -30.87 72.74 4.67
CA ARG G 155 -31.87 73.50 5.46
C ARG G 155 -31.89 72.96 6.91
N ILE G 156 -31.82 71.63 7.09
CA ILE G 156 -31.72 71.06 8.46
C ILE G 156 -30.48 71.66 9.16
N ILE G 157 -29.33 71.71 8.48
CA ILE G 157 -28.06 72.19 9.12
C ILE G 157 -28.24 73.67 9.46
N HIS G 158 -28.79 74.48 8.56
CA HIS G 158 -29.05 75.93 8.80
C HIS G 158 -29.96 76.09 10.02
N ASP G 159 -31.07 75.35 10.09
CA ASP G 159 -32.07 75.47 11.19
C ASP G 159 -31.42 75.11 12.52
N GLU G 160 -30.57 74.08 12.53
CA GLU G 160 -29.97 73.58 13.79
C GLU G 160 -28.95 74.62 14.30
N ILE G 161 -28.17 75.20 13.39
CA ILE G 161 -27.25 76.33 13.73
C ILE G 161 -28.08 77.49 14.32
N ALA G 162 -29.14 77.90 13.64
CA ALA G 162 -30.01 79.04 14.07
C ALA G 162 -30.57 78.79 15.48
N ALA G 163 -30.91 77.54 15.83
CA ALA G 163 -31.56 77.17 17.11
C ALA G 163 -30.56 77.13 18.28
N ASN G 164 -29.26 76.96 18.04
CA ASN G 164 -28.28 76.66 19.10
C ASN G 164 -27.74 77.98 19.65
N PRO G 165 -27.54 78.07 21.00
CA PRO G 165 -26.92 79.25 21.62
C PRO G 165 -25.40 79.33 21.44
N PHE G 166 -24.75 78.18 21.27
CA PHE G 166 -23.34 78.06 20.80
C PHE G 166 -23.38 78.03 19.26
N ALA G 167 -22.28 78.39 18.60
CA ALA G 167 -22.19 78.36 17.12
C ALA G 167 -21.87 76.93 16.64
N GLY G 168 -22.82 76.28 15.99
CA GLY G 168 -22.63 74.98 15.32
C GLY G 168 -23.59 73.92 15.82
N ILE G 169 -23.21 72.66 15.65
CA ILE G 169 -24.08 71.47 15.88
C ILE G 169 -23.25 70.39 16.57
N VAL G 170 -23.88 69.62 17.46
CA VAL G 170 -23.22 68.50 18.18
C VAL G 170 -23.20 67.25 17.29
N CYS G 171 -22.38 66.27 17.68
CA CYS G 171 -22.33 64.93 17.04
C CYS G 171 -23.31 64.01 17.79
N GLU G 172 -22.81 63.15 18.67
CA GLU G 172 -23.62 62.52 19.75
C GLU G 172 -24.19 63.71 20.54
N PRO G 173 -25.35 63.58 21.21
CA PRO G 173 -25.88 64.70 22.03
C PRO G 173 -24.84 65.15 23.07
N ASP G 174 -24.69 66.45 23.24
CA ASP G 174 -23.77 67.13 24.19
C ASP G 174 -22.26 66.92 23.88
N ASN G 175 -21.93 66.44 22.68
CA ASN G 175 -20.53 66.31 22.20
C ASN G 175 -20.33 67.25 21.00
N TYR G 176 -19.55 68.30 21.19
CA TYR G 176 -19.25 69.30 20.13
C TYR G 176 -17.80 69.14 19.70
N PHE G 177 -17.56 68.94 18.40
CA PHE G 177 -16.21 68.79 17.82
C PHE G 177 -16.00 69.86 16.74
N VAL G 178 -14.91 70.62 16.82
CA VAL G 178 -14.64 71.68 15.81
C VAL G 178 -14.45 71.04 14.43
N GLN G 179 -13.79 69.88 14.33
CA GLN G 179 -13.43 69.29 13.01
C GLN G 179 -14.72 68.89 12.29
N CYS G 180 -15.70 68.34 13.01
CA CYS G 180 -16.99 67.89 12.43
C CYS G 180 -17.78 69.12 11.96
N ASN G 181 -17.77 70.20 12.75
CA ASN G 181 -18.43 71.48 12.36
C ASN G 181 -17.76 72.04 11.10
N SER G 182 -16.44 71.96 11.00
CA SER G 182 -15.69 72.58 9.87
C SER G 182 -16.19 71.99 8.55
N VAL G 183 -16.52 70.70 8.52
CA VAL G 183 -17.06 70.00 7.32
C VAL G 183 -18.44 70.56 6.98
N ALA G 184 -19.31 70.67 7.98
CA ALA G 184 -20.69 71.19 7.83
C ALA G 184 -20.65 72.62 7.26
N TYR G 185 -19.83 73.49 7.82
CA TYR G 185 -19.73 74.91 7.36
C TYR G 185 -19.23 74.92 5.92
N LEU G 186 -18.20 74.15 5.61
CA LEU G 186 -17.68 74.11 4.22
C LEU G 186 -18.81 73.63 3.29
N SER G 187 -19.68 72.70 3.73
CA SER G 187 -20.80 72.20 2.89
C SER G 187 -21.76 73.36 2.55
N LEU G 188 -21.89 74.36 3.43
CA LEU G 188 -22.77 75.53 3.20
C LEU G 188 -22.15 76.43 2.13
N TRP G 189 -20.83 76.57 2.12
CA TRP G 189 -20.10 77.33 1.06
C TRP G 189 -20.33 76.66 -0.28
N VAL G 190 -20.30 75.32 -0.33
CA VAL G 190 -20.48 74.61 -1.62
C VAL G 190 -21.93 74.78 -2.08
N TYR G 191 -22.89 74.65 -1.18
CA TYR G 191 -24.32 74.86 -1.52
C TYR G 191 -24.50 76.26 -2.13
N ASP G 192 -23.98 77.29 -1.46
CA ASP G 192 -24.06 78.72 -1.90
C ASP G 192 -23.44 78.88 -3.30
N ARG G 193 -22.31 78.24 -3.58
CA ARG G 193 -21.68 78.29 -4.92
C ARG G 193 -22.64 77.72 -5.97
N LEU G 194 -23.40 76.69 -5.65
CA LEU G 194 -24.31 76.02 -6.63
C LEU G 194 -25.60 76.81 -6.83
N HIS G 195 -26.07 77.56 -5.83
CA HIS G 195 -27.47 78.08 -5.80
C HIS G 195 -27.55 79.60 -5.59
N GLY G 196 -26.44 80.29 -5.30
CA GLY G 196 -26.43 81.75 -5.09
C GLY G 196 -27.04 82.16 -3.76
N THR G 197 -27.21 81.23 -2.82
CA THR G 197 -27.76 81.47 -1.46
C THR G 197 -26.67 82.06 -0.56
N ASP G 198 -26.99 82.30 0.72
CA ASP G 198 -26.04 82.89 1.71
C ASP G 198 -26.10 82.08 3.02
N TYR G 199 -26.19 80.76 2.96
CA TYR G 199 -26.09 79.88 4.16
C TYR G 199 -24.71 80.05 4.83
N ARG G 200 -23.69 80.40 4.06
CA ARG G 200 -22.29 80.55 4.54
C ARG G 200 -22.14 81.76 5.48
N ALA G 201 -23.12 82.67 5.56
CA ALA G 201 -23.06 83.88 6.42
C ALA G 201 -22.93 83.46 7.89
N ALA G 202 -23.38 82.25 8.26
CA ALA G 202 -23.26 81.73 9.64
C ALA G 202 -21.80 81.45 9.99
N THR G 203 -20.89 81.39 9.01
CA THR G 203 -19.46 81.04 9.23
C THR G 203 -18.78 82.02 10.18
N ARG G 204 -19.00 83.32 10.04
CA ARG G 204 -18.27 84.35 10.82
C ARG G 204 -18.50 84.11 12.33
N ALA G 205 -19.74 83.92 12.76
CA ALA G 205 -20.05 83.69 14.19
C ALA G 205 -19.36 82.41 14.67
N TRP G 206 -19.28 81.39 13.80
CA TRP G 206 -18.63 80.10 14.13
C TRP G 206 -17.12 80.33 14.33
N LEU G 207 -16.47 81.03 13.40
CA LEU G 207 -15.01 81.29 13.48
C LEU G 207 -14.71 82.12 14.73
N ASP G 208 -15.59 83.05 15.12
CA ASP G 208 -15.42 83.85 16.37
C ASP G 208 -15.55 82.92 17.58
N PHE G 209 -16.55 82.03 17.58
CA PHE G 209 -16.86 81.12 18.71
C PHE G 209 -15.67 80.17 18.96
N ILE G 210 -15.12 79.54 17.92
CA ILE G 210 -14.07 78.50 18.10
C ILE G 210 -12.75 79.16 18.52
N GLN G 211 -12.60 80.47 18.36
CA GLN G 211 -11.39 81.21 18.82
C GLN G 211 -11.49 81.65 20.28
N LYS G 212 -12.60 81.39 20.98
CA LYS G 212 -12.72 81.64 22.45
C LYS G 212 -12.13 80.44 23.20
N ASP G 213 -12.95 79.63 23.89
CA ASP G 213 -12.41 78.59 24.82
C ASP G 213 -11.94 77.35 24.05
N LEU G 214 -12.30 77.21 22.77
CA LEU G 214 -12.01 75.95 22.02
C LEU G 214 -10.57 75.95 21.47
N ILE G 215 -9.88 77.10 21.43
CA ILE G 215 -8.49 77.14 20.91
C ILE G 215 -7.54 77.62 22.01
N ASP G 216 -6.32 77.10 22.01
CA ASP G 216 -5.15 77.72 22.67
C ASP G 216 -4.42 78.54 21.63
N PRO G 217 -4.61 79.88 21.59
CA PRO G 217 -4.09 80.70 20.49
C PRO G 217 -2.56 80.76 20.47
N GLU G 218 -1.90 80.65 21.62
CA GLU G 218 -0.41 80.65 21.70
C GLU G 218 0.13 79.37 21.05
N ARG G 219 -0.51 78.22 21.24
CA ARG G 219 -0.02 76.91 20.71
C ARG G 219 -0.61 76.63 19.32
N GLY G 220 -1.58 77.41 18.87
CA GLY G 220 -2.27 77.22 17.57
C GLY G 220 -2.96 75.87 17.50
N ALA G 221 -3.61 75.48 18.58
CA ALA G 221 -4.13 74.11 18.79
C ALA G 221 -5.53 74.17 19.40
N PHE G 222 -6.47 73.43 18.82
CA PHE G 222 -7.84 73.24 19.35
C PHE G 222 -7.83 72.20 20.47
N TYR G 223 -8.66 72.42 21.48
CA TYR G 223 -9.00 71.40 22.50
C TYR G 223 -9.85 70.30 21.83
N LEU G 224 -9.79 69.12 22.41
CA LEU G 224 -10.34 67.85 21.88
C LEU G 224 -11.83 68.03 21.54
N SER G 225 -12.59 68.62 22.46
CA SER G 225 -14.06 68.75 22.33
C SER G 225 -14.63 69.72 23.37
N TYR G 226 -15.86 70.14 23.12
CA TYR G 226 -16.69 71.03 23.97
C TYR G 226 -18.01 70.32 24.27
N HIS G 227 -18.58 70.59 25.44
CA HIS G 227 -19.78 69.88 25.98
C HIS G 227 -20.75 70.91 26.52
N PRO G 228 -21.68 71.41 25.68
CA PRO G 228 -22.49 72.59 26.02
C PRO G 228 -23.31 72.48 27.31
N GLU G 229 -23.91 71.32 27.60
CA GLU G 229 -24.76 71.11 28.81
C GLU G 229 -23.94 71.47 30.05
N SER G 230 -22.72 70.94 30.20
CA SER G 230 -21.83 71.16 31.37
C SER G 230 -20.93 72.40 31.19
N GLY G 231 -20.77 72.92 29.97
CA GLY G 231 -19.81 74.00 29.67
C GLY G 231 -18.37 73.49 29.58
N ALA G 232 -18.14 72.18 29.74
CA ALA G 232 -16.78 71.59 29.79
C ALA G 232 -16.07 71.70 28.44
N VAL G 233 -14.81 72.09 28.46
CA VAL G 233 -13.85 71.88 27.34
C VAL G 233 -12.84 70.85 27.82
N LYS G 234 -12.65 69.76 27.09
CA LYS G 234 -11.67 68.72 27.50
C LYS G 234 -10.30 69.39 27.51
N PRO G 235 -9.52 69.22 28.59
CA PRO G 235 -8.29 70.01 28.77
C PRO G 235 -7.06 69.55 27.98
N TRP G 236 -7.22 68.70 26.95
CA TRP G 236 -6.11 68.28 26.08
C TRP G 236 -6.25 68.94 24.72
N ILE G 237 -5.14 69.41 24.16
CA ILE G 237 -5.07 69.88 22.75
C ILE G 237 -4.81 68.66 21.87
N SER G 238 -5.29 68.69 20.63
CA SER G 238 -5.24 67.55 19.68
C SER G 238 -4.73 68.04 18.33
N ALA G 239 -3.65 67.44 17.87
CA ALA G 239 -3.00 67.71 16.58
C ALA G 239 -3.93 67.29 15.43
N TYR G 240 -4.50 66.09 15.45
CA TYR G 240 -5.28 65.60 14.29
C TYR G 240 -6.52 66.50 14.18
N THR G 241 -7.11 66.85 15.31
CA THR G 241 -8.28 67.77 15.38
C THR G 241 -7.91 69.10 14.72
N THR G 242 -6.75 69.65 15.08
CA THR G 242 -6.29 70.98 14.61
C THR G 242 -5.94 70.91 13.13
N ALA G 243 -5.19 69.88 12.71
CA ALA G 243 -4.71 69.75 11.32
C ALA G 243 -5.92 69.71 10.38
N TRP G 244 -6.90 68.88 10.73
CA TRP G 244 -8.15 68.70 9.94
C TRP G 244 -8.89 70.04 9.90
N THR G 245 -9.13 70.66 11.06
CA THR G 245 -9.93 71.90 11.17
C THR G 245 -9.27 73.02 10.36
N LEU G 246 -7.96 73.23 10.50
CA LEU G 246 -7.24 74.32 9.81
C LEU G 246 -7.26 74.05 8.31
N ALA G 247 -7.18 72.79 7.88
CA ALA G 247 -7.17 72.48 6.44
C ALA G 247 -8.50 72.95 5.83
N MET G 248 -9.62 72.62 6.48
CA MET G 248 -10.96 72.92 5.94
C MET G 248 -11.25 74.43 6.07
N VAL G 249 -10.90 75.02 7.22
CA VAL G 249 -11.11 76.47 7.45
C VAL G 249 -10.33 77.28 6.41
N HIS G 250 -9.17 76.81 5.96
CA HIS G 250 -8.33 77.53 4.97
C HIS G 250 -9.12 77.81 3.70
N GLY G 251 -10.09 76.93 3.37
CA GLY G 251 -10.95 77.08 2.18
C GLY G 251 -12.01 78.16 2.37
N MET G 252 -12.31 78.54 3.61
CA MET G 252 -13.40 79.51 3.93
C MET G 252 -12.80 80.85 4.39
N ASP G 253 -11.80 80.79 5.25
CA ASP G 253 -11.09 81.97 5.81
C ASP G 253 -9.59 81.65 5.83
N PRO G 254 -8.88 81.87 4.70
CA PRO G 254 -7.46 81.55 4.61
C PRO G 254 -6.64 82.22 5.72
N ALA G 255 -6.95 83.46 6.09
CA ALA G 255 -6.17 84.24 7.09
C ALA G 255 -6.20 83.52 8.44
N PHE G 256 -7.32 82.90 8.80
CA PHE G 256 -7.50 82.15 10.08
C PHE G 256 -6.45 81.04 10.18
N SER G 257 -6.34 80.21 9.14
CA SER G 257 -5.43 79.04 9.17
C SER G 257 -3.99 79.51 9.08
N GLU G 258 -3.73 80.56 8.29
CA GLU G 258 -2.37 81.17 8.13
C GLU G 258 -1.88 81.68 9.49
N ARG G 259 -2.75 82.29 10.27
CA ARG G 259 -2.44 82.81 11.65
C ARG G 259 -1.91 81.67 12.53
N TYR G 260 -2.57 80.50 12.54
CA TYR G 260 -2.29 79.46 13.57
C TYR G 260 -1.27 78.44 13.08
N TYR G 261 -1.10 78.27 11.76
CA TYR G 261 -0.31 77.19 11.16
C TYR G 261 1.11 77.14 11.74
N PRO G 262 1.86 78.27 11.81
CA PRO G 262 3.23 78.23 12.33
C PRO G 262 3.28 77.78 13.80
N ARG G 263 2.31 78.21 14.61
CA ARG G 263 2.24 77.83 16.05
C ARG G 263 1.90 76.34 16.17
N PHE G 264 0.95 75.86 15.36
CA PHE G 264 0.58 74.42 15.25
C PHE G 264 1.86 73.58 15.05
N LYS G 265 2.69 73.96 14.08
CA LYS G 265 3.92 73.20 13.73
C LYS G 265 4.89 73.21 14.90
N GLN G 266 5.10 74.35 15.54
CA GLN G 266 5.98 74.48 16.72
C GLN G 266 5.46 73.55 17.82
N THR G 267 4.15 73.57 18.10
CA THR G 267 3.53 72.77 19.18
C THR G 267 3.70 71.26 18.93
N PHE G 268 3.51 70.76 17.70
CA PHE G 268 3.26 69.31 17.48
C PHE G 268 4.31 68.63 16.59
N VAL G 269 4.93 69.35 15.64
CA VAL G 269 5.69 68.70 14.54
C VAL G 269 7.12 68.47 15.00
N GLU G 270 7.57 67.21 14.96
CA GLU G 270 8.98 66.80 15.23
C GLU G 270 9.67 66.50 13.90
N VAL G 271 10.61 67.38 13.51
CA VAL G 271 11.54 67.13 12.38
C VAL G 271 12.65 66.22 12.91
N TYR G 272 13.02 65.17 12.17
CA TYR G 272 14.10 64.23 12.58
C TYR G 272 14.85 63.77 11.32
N ASP G 273 15.84 62.87 11.50
CA ASP G 273 16.70 62.32 10.42
C ASP G 273 17.30 63.49 9.60
N GLU G 274 17.87 64.48 10.28
CA GLU G 274 18.66 65.58 9.68
C GLU G 274 17.79 66.36 8.68
N GLY G 275 16.53 66.62 9.05
CA GLY G 275 15.59 67.44 8.25
C GLY G 275 14.87 66.70 7.14
N ARG G 276 15.11 65.38 6.96
CA ARG G 276 14.54 64.62 5.81
C ARG G 276 13.14 64.10 6.15
N LYS G 277 12.78 63.99 7.44
CA LYS G 277 11.53 63.36 7.92
C LYS G 277 10.89 64.20 9.02
N ALA G 278 9.57 64.02 9.18
CA ALA G 278 8.78 64.63 10.28
C ALA G 278 7.71 63.64 10.74
N ARG G 279 7.35 63.74 12.01
CA ARG G 279 6.22 62.99 12.61
C ARG G 279 5.54 63.93 13.60
N VAL G 280 4.27 63.73 13.88
CA VAL G 280 3.44 64.70 14.63
C VAL G 280 3.00 64.06 15.95
N ARG G 281 3.25 64.75 17.06
CA ARG G 281 2.71 64.42 18.40
C ARG G 281 1.21 64.74 18.40
N GLU G 282 0.39 63.90 19.02
CA GLU G 282 -1.11 64.06 19.00
C GLU G 282 -1.53 65.08 20.04
N THR G 283 -0.80 65.18 21.16
CA THR G 283 -1.17 66.09 22.29
C THR G 283 0.10 66.69 22.92
N ALA G 284 -0.06 67.61 23.87
CA ALA G 284 1.04 68.23 24.65
C ALA G 284 1.46 67.30 25.78
N GLY G 285 2.63 67.53 26.37
CA GLY G 285 3.14 66.80 27.55
C GLY G 285 3.57 65.37 27.20
N THR G 286 3.98 65.12 25.95
CA THR G 286 4.47 63.81 25.49
C THR G 286 5.51 64.02 24.40
N ASP G 287 6.42 63.07 24.24
CA ASP G 287 7.38 63.01 23.11
C ASP G 287 6.88 62.02 22.05
N ASP G 288 5.86 61.22 22.37
CA ASP G 288 5.36 60.12 21.48
C ASP G 288 4.65 60.75 20.27
N ALA G 289 4.89 60.22 19.08
CA ALA G 289 4.23 60.62 17.82
C ALA G 289 2.94 59.80 17.64
N ASP G 290 1.90 60.41 17.08
CA ASP G 290 0.73 59.69 16.52
C ASP G 290 0.04 58.81 17.57
N GLY G 291 -0.10 59.32 18.80
CA GLY G 291 -0.98 58.70 19.82
C GLY G 291 -2.46 58.96 19.50
N GLY G 292 -3.34 58.60 20.43
CA GLY G 292 -4.78 58.78 20.26
C GLY G 292 -5.28 57.93 19.10
N VAL G 293 -6.04 58.52 18.18
CA VAL G 293 -6.60 57.82 16.99
C VAL G 293 -5.47 57.46 16.01
N GLY G 294 -4.28 58.05 16.16
CA GLY G 294 -3.09 57.68 15.37
C GLY G 294 -3.03 58.39 14.01
N LEU G 295 -3.73 59.52 13.84
CA LEU G 295 -3.88 60.18 12.53
C LEU G 295 -3.24 61.58 12.49
N ALA G 296 -2.51 62.00 13.52
CA ALA G 296 -1.90 63.36 13.57
C ALA G 296 -1.01 63.60 12.33
N SER G 297 -0.13 62.67 12.01
CA SER G 297 0.82 62.81 10.88
C SER G 297 0.07 62.86 9.55
N ALA G 298 -0.90 61.96 9.36
CA ALA G 298 -1.66 61.84 8.10
C ALA G 298 -2.49 63.10 7.85
N PHE G 299 -3.13 63.65 8.89
CA PHE G 299 -3.93 64.90 8.73
C PHE G 299 -2.99 66.10 8.55
N THR G 300 -1.79 66.07 9.15
CA THR G 300 -0.80 67.17 8.97
C THR G 300 -0.30 67.14 7.53
N LEU G 301 -0.15 65.95 6.94
CA LEU G 301 0.21 65.82 5.52
C LEU G 301 -0.83 66.55 4.67
N LEU G 302 -2.12 66.35 4.96
CA LEU G 302 -3.21 67.06 4.23
C LEU G 302 -3.07 68.57 4.47
N LEU G 303 -2.85 68.99 5.71
CA LEU G 303 -2.77 70.43 6.03
C LEU G 303 -1.56 71.05 5.30
N ALA G 304 -0.41 70.38 5.31
CA ALA G 304 0.80 70.84 4.59
C ALA G 304 0.44 71.06 3.11
N ARG G 305 -0.31 70.14 2.50
CA ARG G 305 -0.71 70.27 1.09
C ARG G 305 -1.62 71.50 0.95
N GLU G 306 -2.60 71.64 1.83
CA GLU G 306 -3.58 72.76 1.78
C GLU G 306 -2.82 74.09 1.89
N MET G 307 -1.79 74.17 2.74
CA MET G 307 -1.06 75.44 3.03
C MET G 307 0.07 75.67 2.01
N GLY G 308 0.36 74.73 1.11
CA GLY G 308 1.43 74.85 0.10
C GLY G 308 2.84 74.68 0.68
N ASP G 309 2.97 73.99 1.82
CA ASP G 309 4.23 73.74 2.56
C ASP G 309 4.89 72.45 2.03
N GLN G 310 5.65 72.56 0.94
CA GLN G 310 6.27 71.41 0.26
C GLN G 310 7.27 70.73 1.18
N GLN G 311 8.02 71.51 1.95
CA GLN G 311 9.07 70.93 2.83
C GLN G 311 8.42 69.96 3.83
N LEU G 312 7.39 70.42 4.56
CA LEU G 312 6.76 69.57 5.61
C LEU G 312 6.06 68.38 4.93
N PHE G 313 5.41 68.60 3.78
CA PHE G 313 4.77 67.52 2.99
C PHE G 313 5.81 66.42 2.74
N ASP G 314 6.96 66.80 2.22
CA ASP G 314 8.05 65.86 1.83
C ASP G 314 8.50 65.09 3.08
N GLN G 315 8.73 65.81 4.18
CA GLN G 315 9.19 65.23 5.47
C GLN G 315 8.16 64.21 5.98
N LEU G 316 6.87 64.57 5.99
CA LEU G 316 5.81 63.68 6.54
C LEU G 316 5.66 62.46 5.62
N LEU G 317 5.68 62.64 4.31
CA LEU G 317 5.50 61.50 3.37
C LEU G 317 6.71 60.56 3.48
N ASN G 318 7.91 61.10 3.74
CA ASN G 318 9.14 60.27 3.97
C ASN G 318 8.99 59.45 5.25
N HIS G 319 8.28 59.96 6.26
CA HIS G 319 7.95 59.21 7.51
C HIS G 319 6.87 58.15 7.24
N LEU G 320 5.82 58.50 6.50
CA LEU G 320 4.56 57.72 6.41
C LEU G 320 4.66 56.60 5.37
N GLU G 321 5.16 56.89 4.17
CA GLU G 321 4.99 55.97 3.01
C GLU G 321 5.97 54.80 3.08
N PRO G 322 7.31 55.01 3.16
CA PRO G 322 8.25 53.88 3.08
C PRO G 322 7.96 52.71 4.02
N PRO G 323 7.72 52.91 5.33
CA PRO G 323 7.44 51.77 6.21
C PRO G 323 6.13 51.04 5.86
N ALA G 324 5.21 51.69 5.16
CA ALA G 324 3.92 51.08 4.73
C ALA G 324 4.14 50.15 3.52
N LYS G 325 5.32 50.22 2.87
CA LYS G 325 5.78 49.26 1.84
C LYS G 325 4.79 49.29 0.68
N PRO G 326 4.76 50.39 -0.09
CA PRO G 326 3.92 50.44 -1.28
C PRO G 326 4.47 49.47 -2.32
N SER G 327 3.60 48.82 -3.08
CA SER G 327 4.00 48.12 -4.33
C SER G 327 2.92 48.35 -5.38
N ILE G 328 3.35 48.50 -6.63
CA ILE G 328 2.47 48.60 -7.81
C ILE G 328 2.55 47.25 -8.53
N VAL G 329 1.46 46.50 -8.51
CA VAL G 329 1.31 45.17 -9.18
C VAL G 329 0.17 45.33 -10.19
N SER G 330 0.41 44.99 -11.45
CA SER G 330 -0.60 45.07 -12.53
C SER G 330 -1.22 46.48 -12.52
N ALA G 331 -0.37 47.52 -12.34
CA ALA G 331 -0.72 48.95 -12.44
C ALA G 331 -1.73 49.35 -11.36
N SER G 332 -1.74 48.66 -10.22
CA SER G 332 -2.64 48.94 -9.09
C SER G 332 -1.80 49.06 -7.80
N LEU G 333 -2.05 50.09 -6.99
CA LEU G 333 -1.26 50.38 -5.76
C LEU G 333 -1.84 49.60 -4.58
N ARG G 334 -0.97 48.90 -3.84
CA ARG G 334 -1.26 48.29 -2.52
C ARG G 334 -0.17 48.76 -1.52
N TYR G 335 -0.54 48.95 -0.26
CA TYR G 335 0.38 49.09 0.88
C TYR G 335 0.34 47.78 1.68
N GLU G 336 1.49 47.15 1.90
CA GLU G 336 1.60 45.88 2.66
C GLU G 336 1.39 46.15 4.16
N HIS G 337 1.86 47.29 4.71
CA HIS G 337 1.79 47.58 6.17
C HIS G 337 1.26 48.99 6.42
N PRO G 338 -0.03 49.27 6.13
CA PRO G 338 -0.59 50.59 6.41
C PRO G 338 -0.36 50.90 7.90
N GLY G 339 0.09 52.12 8.21
CA GLY G 339 0.54 52.48 9.57
C GLY G 339 -0.58 52.97 10.46
N SER G 340 -1.78 53.14 9.92
CA SER G 340 -2.94 53.74 10.63
C SER G 340 -4.25 53.35 9.94
N LEU G 341 -5.36 53.71 10.56
CA LEU G 341 -6.70 53.77 9.92
C LEU G 341 -6.63 54.79 8.78
N LEU G 342 -7.49 54.62 7.78
CA LEU G 342 -7.72 55.62 6.70
C LEU G 342 -6.41 55.90 5.96
N PHE G 343 -5.51 54.91 5.88
CA PHE G 343 -4.12 55.13 5.41
C PHE G 343 -4.12 55.46 3.92
N ASP G 344 -4.59 54.57 3.05
CA ASP G 344 -4.55 54.82 1.59
C ASP G 344 -5.47 56.00 1.28
N GLU G 345 -6.55 56.19 2.03
CA GLU G 345 -7.52 57.30 1.82
C GLU G 345 -6.79 58.65 2.00
N LEU G 346 -6.11 58.83 3.13
CA LEU G 346 -5.49 60.14 3.49
C LEU G 346 -4.23 60.40 2.65
N LEU G 347 -3.45 59.37 2.29
CA LEU G 347 -2.28 59.57 1.41
C LEU G 347 -2.75 59.93 -0.01
N PHE G 348 -3.79 59.27 -0.50
CA PHE G 348 -4.44 59.58 -1.79
C PHE G 348 -4.86 61.05 -1.79
N LEU G 349 -5.66 61.44 -0.80
CA LEU G 349 -6.18 62.82 -0.67
C LEU G 349 -5.00 63.82 -0.65
N ALA G 350 -4.00 63.61 0.20
CA ALA G 350 -2.87 64.57 0.35
C ALA G 350 -2.09 64.68 -0.97
N LYS G 351 -1.94 63.58 -1.71
CA LYS G 351 -1.18 63.56 -2.99
C LYS G 351 -1.88 64.40 -4.05
N VAL G 352 -3.21 64.43 -4.09
CA VAL G 352 -3.97 65.11 -5.18
C VAL G 352 -4.55 66.45 -4.71
N HIS G 353 -4.64 66.72 -3.42
CA HIS G 353 -5.48 67.84 -2.89
C HIS G 353 -5.11 69.16 -3.58
N ALA G 354 -6.07 69.83 -4.20
CA ALA G 354 -5.89 71.10 -4.94
C ALA G 354 -6.22 72.29 -4.04
N GLY G 355 -6.62 72.06 -2.78
CA GLY G 355 -7.10 73.11 -1.86
C GLY G 355 -8.62 73.20 -1.87
N PHE G 356 -9.23 73.37 -0.70
CA PHE G 356 -10.72 73.39 -0.55
C PHE G 356 -11.27 74.64 -1.23
N GLY G 357 -10.49 75.75 -1.25
CA GLY G 357 -10.84 76.98 -2.00
C GLY G 357 -10.97 76.70 -3.51
N ALA G 358 -10.01 75.98 -4.08
CA ALA G 358 -10.00 75.64 -5.53
C ALA G 358 -11.19 74.71 -5.85
N LEU G 359 -11.58 73.80 -4.95
CA LEU G 359 -12.75 72.90 -5.17
C LEU G 359 -14.03 73.75 -5.21
N LEU G 360 -14.15 74.75 -4.33
CA LEU G 360 -15.26 75.73 -4.32
C LEU G 360 -15.39 76.45 -5.66
N ARG G 361 -14.28 76.74 -6.35
CA ARG G 361 -14.28 77.55 -7.59
C ARG G 361 -14.18 76.63 -8.82
N MET G 362 -14.41 75.34 -8.65
CA MET G 362 -14.29 74.37 -9.75
C MET G 362 -15.10 74.88 -10.96
N PRO G 363 -14.49 75.05 -12.15
CA PRO G 363 -15.24 75.41 -13.35
C PRO G 363 -16.33 74.39 -13.69
N PRO G 364 -17.48 74.81 -14.26
CA PRO G 364 -18.56 73.85 -14.51
C PRO G 364 -18.17 72.89 -15.63
N PRO G 365 -18.90 71.76 -15.76
CA PRO G 365 -18.81 70.93 -16.96
C PRO G 365 -19.62 71.61 -18.10
N GLU H 3 10.16 59.82 48.47
CA GLU H 3 10.96 58.67 47.91
C GLU H 3 10.04 57.77 47.07
N LEU H 4 10.36 57.52 45.80
CA LEU H 4 9.46 56.84 44.81
C LEU H 4 9.79 55.34 44.77
N PRO H 5 8.98 54.45 45.39
CA PRO H 5 9.26 53.01 45.34
C PRO H 5 9.26 52.49 43.90
N PRO H 6 9.61 51.20 43.71
CA PRO H 6 9.91 50.66 42.37
C PRO H 6 9.07 50.99 41.14
N GLY H 7 8.07 50.22 40.70
CA GLY H 7 7.24 50.52 39.50
C GLY H 7 6.04 51.42 39.82
N ARG H 8 6.12 52.28 40.84
CA ARG H 8 5.11 53.26 41.25
C ARG H 8 5.21 54.51 40.36
N LEU H 9 4.12 55.24 40.17
CA LEU H 9 4.09 56.42 39.28
C LEU H 9 4.22 57.70 40.10
N ALA H 10 3.76 57.70 41.35
CA ALA H 10 3.85 58.88 42.22
C ALA H 10 3.78 58.44 43.69
N THR H 11 4.24 59.31 44.58
CA THR H 11 4.36 59.03 46.03
C THR H 11 2.97 59.08 46.65
N THR H 12 2.78 58.31 47.72
CA THR H 12 1.57 58.39 48.56
C THR H 12 1.34 59.84 48.99
N GLU H 13 2.41 60.53 49.41
CA GLU H 13 2.33 61.96 49.83
C GLU H 13 1.69 62.76 48.69
N ASP H 14 2.09 62.54 47.43
CA ASP H 14 1.55 63.27 46.26
C ASP H 14 0.03 63.04 46.16
N TYR H 15 -0.46 61.79 46.26
CA TYR H 15 -1.92 61.48 46.11
C TYR H 15 -2.68 62.19 47.21
N PHE H 16 -2.19 62.13 48.46
CA PHE H 16 -2.89 62.72 49.63
C PHE H 16 -2.83 64.25 49.61
N ALA H 17 -1.91 64.85 48.88
CA ALA H 17 -1.74 66.33 48.80
C ALA H 17 -2.56 66.94 47.65
N GLN H 18 -3.17 66.13 46.78
CA GLN H 18 -3.82 66.63 45.53
C GLN H 18 -4.83 67.72 45.88
N GLN H 19 -5.66 67.50 46.91
CA GLN H 19 -6.76 68.43 47.27
C GLN H 19 -6.17 69.78 47.72
N ALA H 20 -5.13 69.77 48.57
CA ALA H 20 -4.48 71.00 49.09
C ALA H 20 -3.84 71.78 47.93
N LYS H 21 -3.20 71.10 46.98
CA LYS H 21 -2.53 71.70 45.80
C LYS H 21 -3.56 72.09 44.71
N GLN H 22 -4.81 71.65 44.83
CA GLN H 22 -5.89 71.89 43.83
C GLN H 22 -5.44 71.43 42.45
N ALA H 23 -4.79 70.26 42.37
CA ALA H 23 -4.31 69.67 41.10
C ALA H 23 -4.20 68.16 41.28
N VAL H 24 -4.58 67.40 40.25
CA VAL H 24 -4.40 65.93 40.22
C VAL H 24 -2.93 65.67 39.84
N THR H 25 -2.37 64.54 40.25
CA THR H 25 -1.02 64.10 39.86
C THR H 25 -1.03 63.84 38.35
N PRO H 26 0.12 63.94 37.65
CA PRO H 26 0.18 63.61 36.23
C PRO H 26 -0.39 62.22 35.88
N ASP H 27 -0.22 61.21 36.73
CA ASP H 27 -0.70 59.83 36.43
C ASP H 27 -2.24 59.79 36.52
N VAL H 28 -2.85 60.56 37.41
CA VAL H 28 -4.33 60.68 37.49
C VAL H 28 -4.83 61.42 36.25
N MET H 29 -4.13 62.45 35.80
CA MET H 29 -4.50 63.18 34.56
C MET H 29 -4.42 62.20 33.40
N ALA H 30 -3.42 61.33 33.36
CA ALA H 30 -3.23 60.33 32.29
C ALA H 30 -4.34 59.26 32.35
N GLN H 31 -4.87 58.96 33.54
CA GLN H 31 -6.06 58.07 33.72
C GLN H 31 -7.29 58.77 33.15
N LEU H 32 -7.47 60.07 33.44
CA LEU H 32 -8.59 60.85 32.88
C LEU H 32 -8.47 60.91 31.36
N ALA H 33 -7.26 60.89 30.81
CA ALA H 33 -7.04 60.86 29.34
C ALA H 33 -7.45 59.49 28.82
N TYR H 34 -7.08 58.39 29.48
CA TYR H 34 -7.55 57.04 29.06
C TYR H 34 -9.08 57.10 29.02
N MET H 35 -9.70 57.72 30.03
CA MET H 35 -11.16 57.71 30.20
C MET H 35 -11.87 58.57 29.12
N ASN H 36 -11.20 59.58 28.57
CA ASN H 36 -11.88 60.65 27.80
C ASN H 36 -11.31 60.87 26.38
N TYR H 37 -10.11 60.40 26.04
CA TYR H 37 -9.33 60.99 24.92
C TYR H 37 -9.75 60.39 23.56
N ILE H 38 -9.63 59.09 23.38
CA ILE H 38 -9.70 58.49 22.01
C ILE H 38 -11.18 58.35 21.58
N ASP H 39 -11.49 58.80 20.37
CA ASP H 39 -12.81 58.70 19.73
C ASP H 39 -13.32 57.25 19.81
N PHE H 40 -14.59 57.08 20.18
CA PHE H 40 -15.38 55.84 20.08
C PHE H 40 -15.00 54.81 21.16
N ILE H 41 -13.71 54.63 21.49
CA ILE H 41 -13.28 53.48 22.33
C ILE H 41 -13.02 53.89 23.79
N SER H 42 -12.84 55.17 24.09
CA SER H 42 -12.67 55.64 25.49
C SER H 42 -14.02 55.44 26.21
N PRO H 43 -14.03 55.02 27.49
CA PRO H 43 -15.28 54.71 28.17
C PRO H 43 -16.24 55.90 28.30
N PHE H 44 -15.75 57.14 28.40
CA PHE H 44 -16.60 58.34 28.60
C PHE H 44 -16.64 59.17 27.31
N TYR H 45 -16.61 58.51 26.16
CA TYR H 45 -16.71 59.19 24.85
C TYR H 45 -18.13 59.72 24.63
N SER H 46 -19.18 58.94 24.89
CA SER H 46 -20.56 59.35 24.55
C SER H 46 -21.61 58.77 25.51
N ARG H 47 -22.76 59.44 25.57
CA ARG H 47 -23.98 59.03 26.31
C ARG H 47 -24.55 57.71 25.77
N GLY H 48 -24.20 57.32 24.55
CA GLY H 48 -24.82 56.18 23.85
C GLY H 48 -24.61 54.85 24.55
N CYS H 49 -25.34 53.84 24.11
CA CYS H 49 -25.27 52.45 24.62
C CYS H 49 -24.18 51.67 23.86
N SER H 50 -22.99 52.26 23.77
CA SER H 50 -21.76 51.64 23.22
C SER H 50 -20.82 51.29 24.40
N PHE H 51 -20.31 50.07 24.42
CA PHE H 51 -19.51 49.49 25.53
C PHE H 51 -18.18 48.96 24.99
N GLU H 52 -17.66 49.58 23.93
CA GLU H 52 -16.38 49.21 23.28
C GLU H 52 -15.27 49.21 24.33
N ALA H 53 -15.19 50.23 25.19
CA ALA H 53 -14.09 50.35 26.18
C ALA H 53 -14.10 49.09 27.06
N TRP H 54 -15.28 48.62 27.43
CA TRP H 54 -15.45 47.44 28.32
C TRP H 54 -15.20 46.13 27.54
N GLU H 55 -15.57 46.06 26.25
CA GLU H 55 -15.26 44.90 25.38
C GLU H 55 -13.73 44.77 25.25
N LEU H 56 -13.03 45.87 25.05
CA LEU H 56 -11.55 45.87 24.89
C LEU H 56 -10.86 45.39 26.18
N LYS H 57 -11.36 45.69 27.37
CA LYS H 57 -10.78 45.20 28.65
C LYS H 57 -11.38 43.85 29.08
N HIS H 58 -12.29 43.25 28.31
CA HIS H 58 -12.92 41.94 28.61
C HIS H 58 -13.71 41.99 29.93
N THR H 59 -14.33 43.12 30.26
CA THR H 59 -15.19 43.24 31.47
C THR H 59 -16.39 42.30 31.33
N PRO H 60 -16.60 41.35 32.27
CA PRO H 60 -17.81 40.53 32.25
C PRO H 60 -19.05 41.44 32.37
N GLN H 61 -20.13 41.07 31.68
CA GLN H 61 -21.39 41.86 31.62
C GLN H 61 -21.79 42.29 33.05
N ARG H 62 -21.77 41.36 34.00
CA ARG H 62 -22.33 41.56 35.37
C ARG H 62 -21.52 42.61 36.14
N VAL H 63 -20.30 42.91 35.70
CA VAL H 63 -19.34 43.80 36.41
C VAL H 63 -19.41 45.21 35.82
N ILE H 64 -20.03 45.40 34.66
CA ILE H 64 -20.01 46.73 33.99
C ILE H 64 -20.64 47.77 34.91
N LYS H 65 -21.74 47.43 35.59
CA LYS H 65 -22.45 48.36 36.49
C LYS H 65 -21.49 48.86 37.59
N TYR H 66 -20.62 48.00 38.12
CA TYR H 66 -19.64 48.39 39.17
C TYR H 66 -18.53 49.25 38.57
N SER H 67 -18.08 48.90 37.37
CA SER H 67 -17.07 49.68 36.63
C SER H 67 -17.54 51.13 36.52
N ILE H 68 -18.76 51.33 36.02
CA ILE H 68 -19.28 52.70 35.79
C ILE H 68 -19.39 53.43 37.13
N ALA H 69 -19.94 52.77 38.15
CA ALA H 69 -20.17 53.37 39.48
C ALA H 69 -18.84 53.83 40.08
N PHE H 70 -17.80 52.98 40.07
CA PHE H 70 -16.52 53.29 40.74
C PHE H 70 -15.82 54.43 39.98
N TYR H 71 -15.87 54.43 38.65
CA TYR H 71 -15.43 55.60 37.84
C TYR H 71 -16.18 56.85 38.32
N ALA H 72 -17.51 56.78 38.48
CA ALA H 72 -18.35 57.92 38.88
C ALA H 72 -17.90 58.43 40.26
N TYR H 73 -17.65 57.56 41.22
CA TYR H 73 -17.26 57.97 42.59
C TYR H 73 -15.91 58.69 42.53
N GLY H 74 -14.99 58.20 41.69
CA GLY H 74 -13.69 58.85 41.47
C GLY H 74 -13.87 60.24 40.85
N LEU H 75 -14.72 60.35 39.85
CA LEU H 75 -14.94 61.63 39.15
C LEU H 75 -15.49 62.67 40.13
N ALA H 76 -16.31 62.28 41.09
CA ALA H 76 -16.86 63.20 42.10
C ALA H 76 -15.71 63.81 42.91
N SER H 77 -14.72 63.01 43.28
CA SER H 77 -13.53 63.50 44.03
C SER H 77 -12.68 64.40 43.13
N VAL H 78 -12.54 64.07 41.84
CA VAL H 78 -11.77 64.95 40.89
C VAL H 78 -12.39 66.35 40.93
N ALA H 79 -13.72 66.43 40.94
CA ALA H 79 -14.48 67.69 40.96
C ALA H 79 -14.09 68.53 42.20
N LEU H 80 -13.92 67.86 43.33
CA LEU H 80 -13.55 68.49 44.62
C LEU H 80 -12.05 68.86 44.62
N ILE H 81 -11.19 68.08 43.98
CA ILE H 81 -9.72 68.33 43.94
C ILE H 81 -9.42 69.57 43.10
N ASP H 82 -9.85 69.61 41.84
CA ASP H 82 -9.43 70.67 40.88
C ASP H 82 -10.67 71.34 40.31
N PRO H 83 -11.00 72.59 40.75
CA PRO H 83 -12.12 73.33 40.20
C PRO H 83 -12.10 73.47 38.67
N LYS H 84 -10.92 73.48 38.06
CA LYS H 84 -10.76 73.58 36.57
C LYS H 84 -11.19 72.27 35.91
N LEU H 85 -11.27 71.16 36.65
CA LEU H 85 -11.71 69.84 36.10
C LEU H 85 -13.17 69.55 36.50
N ARG H 86 -13.82 70.44 37.24
CA ARG H 86 -15.18 70.18 37.76
C ARG H 86 -16.18 70.02 36.62
N ALA H 87 -16.11 70.86 35.59
CA ALA H 87 -17.01 70.79 34.42
C ALA H 87 -16.79 69.46 33.69
N LEU H 88 -15.52 69.05 33.48
CA LEU H 88 -15.19 67.76 32.86
C LEU H 88 -15.77 66.62 33.70
N ALA H 89 -15.57 66.63 35.02
CA ALA H 89 -16.08 65.60 35.94
C ALA H 89 -17.62 65.52 35.79
N GLY H 90 -18.27 66.69 35.72
CA GLY H 90 -19.72 66.79 35.52
C GLY H 90 -20.15 66.13 34.21
N HIS H 91 -19.47 66.44 33.12
CA HIS H 91 -19.74 65.85 31.79
C HIS H 91 -19.60 64.32 31.88
N ASP H 92 -18.52 63.84 32.49
CA ASP H 92 -18.25 62.39 32.61
C ASP H 92 -19.34 61.74 33.45
N LEU H 93 -19.82 62.41 34.50
CA LEU H 93 -20.88 61.84 35.39
C LEU H 93 -22.21 61.76 34.62
N ASP H 94 -22.51 62.75 33.80
CA ASP H 94 -23.67 62.76 32.89
C ASP H 94 -23.61 61.48 32.03
N ILE H 95 -22.46 61.20 31.43
CA ILE H 95 -22.27 59.98 30.60
C ILE H 95 -22.39 58.74 31.46
N ALA H 96 -21.86 58.75 32.68
CA ALA H 96 -21.90 57.59 33.58
C ALA H 96 -23.37 57.21 33.82
N VAL H 97 -24.19 58.20 34.13
CA VAL H 97 -25.64 57.97 34.40
C VAL H 97 -26.32 57.40 33.14
N SER H 98 -26.10 58.00 31.96
CA SER H 98 -26.71 57.52 30.70
C SER H 98 -26.32 56.06 30.45
N LYS H 99 -25.04 55.75 30.55
CA LYS H 99 -24.56 54.38 30.26
C LYS H 99 -25.15 53.41 31.29
N MET H 100 -25.27 53.87 32.54
CA MET H 100 -25.74 53.01 33.64
C MET H 100 -27.18 52.55 33.34
N LYS H 101 -27.94 53.33 32.56
CA LYS H 101 -29.36 53.03 32.26
C LYS H 101 -29.48 52.15 31.03
N CYS H 102 -28.41 51.85 30.29
CA CYS H 102 -28.47 50.96 29.10
C CYS H 102 -28.76 49.52 29.53
N LYS H 103 -29.53 48.80 28.72
CA LYS H 103 -29.93 47.39 29.02
C LYS H 103 -28.69 46.48 29.10
N ARG H 104 -27.62 46.76 28.36
CA ARG H 104 -26.34 45.99 28.47
C ARG H 104 -25.89 45.94 29.94
N VAL H 105 -26.10 47.02 30.68
CA VAL H 105 -25.63 47.15 32.08
C VAL H 105 -26.59 46.44 33.05
N TRP H 106 -27.90 46.67 32.96
CA TRP H 106 -28.88 46.16 33.96
C TRP H 106 -29.51 44.84 33.50
N GLY H 107 -29.35 44.47 32.22
CA GLY H 107 -30.09 43.39 31.53
C GLY H 107 -30.00 42.04 32.20
N ASP H 108 -28.96 41.76 32.97
CA ASP H 108 -28.79 40.48 33.71
C ASP H 108 -30.01 40.24 34.60
N TRP H 109 -30.63 41.31 35.12
CA TRP H 109 -31.82 41.21 35.98
C TRP H 109 -32.97 40.49 35.24
N GLU H 110 -33.20 40.87 33.99
CA GLU H 110 -34.23 40.24 33.12
C GLU H 110 -33.77 38.84 32.71
N GLU H 111 -32.54 38.66 32.20
CA GLU H 111 -32.05 37.35 31.72
C GLU H 111 -32.10 36.29 32.84
N ASP H 112 -31.85 36.68 34.10
CA ASP H 112 -31.89 35.77 35.26
C ASP H 112 -33.34 35.39 35.61
N GLY H 113 -34.34 36.07 35.03
CA GLY H 113 -35.77 35.76 35.25
C GLY H 113 -36.39 36.58 36.38
N PHE H 114 -35.77 37.68 36.83
CA PHE H 114 -36.21 38.41 38.06
C PHE H 114 -37.18 39.54 37.73
N GLY H 115 -37.35 39.92 36.46
CA GLY H 115 -38.29 41.00 36.08
C GLY H 115 -37.80 41.79 34.89
N THR H 116 -38.65 42.61 34.29
CA THR H 116 -38.36 43.41 33.07
C THR H 116 -37.96 44.84 33.48
N ASP H 117 -38.19 45.23 34.73
CA ASP H 117 -37.90 46.58 35.24
C ASP H 117 -36.85 46.46 36.35
N PRO H 118 -35.65 47.04 36.17
CA PRO H 118 -34.54 46.84 37.09
C PRO H 118 -34.62 47.67 38.39
N ILE H 119 -35.61 48.54 38.50
CA ILE H 119 -35.74 49.58 39.57
C ILE H 119 -36.91 49.27 40.52
N GLU H 120 -37.96 48.61 40.02
CA GLU H 120 -39.31 48.51 40.66
C GLU H 120 -39.17 47.90 42.07
N LYS H 121 -38.41 46.81 42.21
CA LYS H 121 -38.22 46.12 43.51
C LYS H 121 -36.87 45.41 43.50
N GLU H 122 -36.27 45.26 44.68
CA GLU H 122 -35.03 44.50 44.91
C GLU H 122 -33.91 45.12 44.08
N ASN H 123 -32.94 44.33 43.65
CA ASN H 123 -31.88 44.74 42.70
C ASN H 123 -31.16 45.98 43.27
N ILE H 124 -30.92 46.02 44.58
CA ILE H 124 -30.34 47.20 45.25
C ILE H 124 -28.88 47.39 44.79
N MET H 125 -28.19 46.32 44.38
N MET H 125 -28.20 46.31 44.38
CA MET H 125 -26.81 46.53 43.89
CA MET H 125 -26.84 46.37 43.78
C MET H 125 -26.86 47.44 42.66
C MET H 125 -26.87 47.42 42.66
N TYR H 126 -27.78 47.24 41.70
CA TYR H 126 -27.86 48.13 40.53
C TYR H 126 -28.41 49.51 40.95
N LYS H 127 -29.55 49.55 41.61
CA LYS H 127 -30.31 50.82 41.75
C LYS H 127 -29.72 51.67 42.89
N GLY H 128 -29.05 51.06 43.86
CA GLY H 128 -28.25 51.79 44.86
C GLY H 128 -27.17 52.63 44.20
N HIS H 129 -26.38 52.03 43.32
CA HIS H 129 -25.32 52.74 42.56
C HIS H 129 -25.96 53.83 41.71
N LEU H 130 -27.01 53.49 40.95
CA LEU H 130 -27.68 54.47 40.08
C LEU H 130 -28.11 55.67 40.92
N ASN H 131 -28.74 55.42 42.07
CA ASN H 131 -29.30 56.49 42.92
C ASN H 131 -28.15 57.36 43.44
N LEU H 132 -27.04 56.75 43.89
CA LEU H 132 -25.88 57.52 44.36
C LEU H 132 -25.31 58.34 43.21
N MET H 133 -25.26 57.78 42.01
CA MET H 133 -24.73 58.47 40.80
C MET H 133 -25.60 59.69 40.44
N TYR H 134 -26.93 59.55 40.48
CA TYR H 134 -27.86 60.68 40.25
C TYR H 134 -27.48 61.83 41.19
N GLY H 135 -27.25 61.51 42.45
CA GLY H 135 -26.97 62.51 43.50
C GLY H 135 -25.63 63.18 43.28
N LEU H 136 -24.58 62.40 43.04
CA LEU H 136 -23.22 62.94 42.84
C LEU H 136 -23.22 63.82 41.60
N TYR H 137 -23.92 63.42 40.54
CA TYR H 137 -24.02 64.23 39.30
C TYR H 137 -24.57 65.61 39.67
N GLN H 138 -25.63 65.64 40.48
CA GLN H 138 -26.32 66.92 40.80
C GLN H 138 -25.46 67.75 41.77
N LEU H 139 -24.77 67.13 42.73
CA LEU H 139 -23.81 67.84 43.61
C LEU H 139 -22.70 68.49 42.77
N VAL H 140 -22.19 67.79 41.76
CA VAL H 140 -21.02 68.27 40.98
C VAL H 140 -21.46 69.42 40.06
N THR H 141 -22.59 69.28 39.38
CA THR H 141 -22.98 70.15 38.23
C THR H 141 -24.02 71.19 38.64
N GLY H 142 -24.87 70.91 39.63
CA GLY H 142 -26.07 71.72 39.94
C GLY H 142 -27.17 71.53 38.91
N SER H 143 -27.02 70.59 37.97
CA SER H 143 -28.02 70.32 36.91
C SER H 143 -29.18 69.48 37.48
N ARG H 144 -30.40 69.78 37.06
CA ARG H 144 -31.67 69.13 37.49
C ARG H 144 -32.11 68.12 36.42
N ARG H 145 -31.25 67.80 35.46
CA ARG H 145 -31.53 66.88 34.33
C ARG H 145 -32.15 65.56 34.81
N TYR H 146 -31.68 65.00 35.93
CA TYR H 146 -32.11 63.66 36.41
C TYR H 146 -32.94 63.79 37.69
N GLU H 147 -33.27 65.00 38.12
CA GLU H 147 -33.96 65.27 39.42
C GLU H 147 -35.25 64.43 39.57
N ALA H 148 -36.09 64.38 38.55
CA ALA H 148 -37.38 63.63 38.58
C ALA H 148 -37.09 62.14 38.82
N GLU H 149 -36.16 61.59 38.05
CA GLU H 149 -35.74 60.16 38.15
C GLU H 149 -35.15 59.89 39.53
N HIS H 150 -34.35 60.84 40.04
CA HIS H 150 -33.66 60.76 41.36
C HIS H 150 -34.68 60.69 42.49
N ALA H 151 -35.69 61.58 42.45
CA ALA H 151 -36.80 61.62 43.43
C ALA H 151 -37.56 60.29 43.39
N HIS H 152 -37.87 59.81 42.21
CA HIS H 152 -38.66 58.56 42.00
C HIS H 152 -37.89 57.37 42.61
N LEU H 153 -36.60 57.23 42.29
CA LEU H 153 -35.79 56.09 42.77
C LEU H 153 -35.55 56.21 44.29
N THR H 154 -35.30 57.42 44.80
CA THR H 154 -35.10 57.66 46.25
C THR H 154 -36.37 57.20 46.99
N ARG H 155 -37.56 57.52 46.46
CA ARG H 155 -38.85 57.16 47.11
C ARG H 155 -39.01 55.63 47.03
N ILE H 156 -38.69 54.99 45.92
CA ILE H 156 -38.71 53.50 45.84
C ILE H 156 -37.81 52.93 46.95
N ILE H 157 -36.60 53.43 47.12
CA ILE H 157 -35.65 52.87 48.12
C ILE H 157 -36.22 53.08 49.53
N HIS H 158 -36.71 54.28 49.81
CA HIS H 158 -37.34 54.62 51.13
C HIS H 158 -38.51 53.68 51.40
N ASP H 159 -39.41 53.49 50.44
CA ASP H 159 -40.66 52.68 50.59
C ASP H 159 -40.26 51.22 50.84
N GLU H 160 -39.23 50.72 50.14
CA GLU H 160 -38.84 49.30 50.25
C GLU H 160 -38.21 49.05 51.62
N ILE H 161 -37.38 49.98 52.10
CA ILE H 161 -36.82 49.92 53.47
C ILE H 161 -37.98 49.89 54.48
N ALA H 162 -38.94 50.81 54.36
CA ALA H 162 -40.08 50.90 55.31
C ALA H 162 -40.87 49.58 55.34
N ALA H 163 -41.00 48.89 54.21
CA ALA H 163 -41.82 47.65 54.06
C ALA H 163 -41.12 46.41 54.62
N ASN H 164 -39.79 46.40 54.74
CA ASN H 164 -39.02 45.16 55.04
C ASN H 164 -38.90 45.01 56.56
N PRO H 165 -39.05 43.77 57.11
CA PRO H 165 -38.87 43.52 58.54
C PRO H 165 -37.39 43.52 59.00
N PHE H 166 -36.48 43.17 58.08
CA PHE H 166 -35.01 43.40 58.23
C PHE H 166 -34.73 44.83 57.74
N ALA H 167 -33.65 45.45 58.19
CA ALA H 167 -33.23 46.81 57.78
C ALA H 167 -32.49 46.73 56.43
N GLY H 168 -33.10 47.24 55.37
CA GLY H 168 -32.48 47.38 54.04
C GLY H 168 -33.27 46.66 52.96
N ILE H 169 -32.59 46.31 51.87
CA ILE H 169 -33.18 45.78 50.61
C ILE H 169 -32.29 44.65 50.08
N VAL H 170 -32.89 43.64 49.47
CA VAL H 170 -32.16 42.49 48.87
C VAL H 170 -31.66 42.87 47.48
N CYS H 171 -30.73 42.07 46.95
CA CYS H 171 -30.24 42.19 45.56
C CYS H 171 -31.10 41.29 44.68
N GLU H 172 -30.62 40.10 44.31
CA GLU H 172 -31.47 38.99 43.82
C GLU H 172 -32.47 38.74 44.94
N PRO H 173 -33.67 38.20 44.67
CA PRO H 173 -34.62 37.88 45.74
C PRO H 173 -33.98 36.97 46.79
N ASP H 174 -34.22 37.25 48.07
CA ASP H 174 -33.73 36.48 49.24
C ASP H 174 -32.19 36.53 49.42
N ASN H 175 -31.49 37.42 48.73
CA ASN H 175 -30.01 37.62 48.87
C ASN H 175 -29.77 39.04 49.40
N TYR H 176 -29.35 39.16 50.66
CA TYR H 176 -29.06 40.45 51.31
C TYR H 176 -27.55 40.61 51.47
N PHE H 177 -26.99 41.73 50.97
CA PHE H 177 -25.56 42.05 51.06
C PHE H 177 -25.37 43.41 51.74
N VAL H 178 -24.53 43.49 52.78
CA VAL H 178 -24.29 44.74 53.53
C VAL H 178 -23.68 45.78 52.59
N GLN H 179 -22.77 45.40 51.70
CA GLN H 179 -22.00 46.39 50.87
C GLN H 179 -22.97 47.07 49.89
N CYS H 180 -23.92 46.33 49.34
CA CYS H 180 -24.93 46.86 48.38
C CYS H 180 -25.87 47.82 49.12
N ASN H 181 -26.26 47.47 50.34
CA ASN H 181 -27.10 48.36 51.19
C ASN H 181 -26.34 49.65 51.51
N SER H 182 -25.04 49.56 51.78
CA SER H 182 -24.24 50.73 52.23
C SER H 182 -24.30 51.81 51.13
N VAL H 183 -24.32 51.42 49.85
CA VAL H 183 -24.43 52.36 48.70
C VAL H 183 -25.81 53.03 48.70
N ALA H 184 -26.86 52.24 48.87
CA ALA H 184 -28.26 52.75 48.91
C ALA H 184 -28.42 53.77 50.04
N TYR H 185 -27.95 53.45 51.25
CA TYR H 185 -28.08 54.37 52.42
C TYR H 185 -27.30 55.66 52.12
N LEU H 186 -26.08 55.54 51.61
CA LEU H 186 -25.31 56.75 51.28
C LEU H 186 -26.07 57.59 50.24
N SER H 187 -26.79 56.97 49.30
CA SER H 187 -27.55 57.72 48.27
C SER H 187 -28.66 58.55 48.94
N LEU H 188 -29.19 58.09 50.09
CA LEU H 188 -30.25 58.82 50.83
C LEU H 188 -29.63 60.06 51.48
N TRP H 189 -28.41 59.97 52.00
CA TRP H 189 -27.67 61.11 52.59
C TRP H 189 -27.45 62.15 51.49
N VAL H 190 -27.11 61.73 50.28
CA VAL H 190 -26.83 62.70 49.17
C VAL H 190 -28.15 63.37 48.77
N TYR H 191 -29.24 62.63 48.65
CA TYR H 191 -30.56 63.23 48.33
C TYR H 191 -30.92 64.29 49.40
N ASP H 192 -30.80 63.95 50.68
CA ASP H 192 -31.08 64.86 51.83
C ASP H 192 -30.23 66.13 51.72
N ARG H 193 -28.96 66.02 51.38
CA ARG H 193 -28.08 67.20 51.20
C ARG H 193 -28.64 68.12 50.10
N LEU H 194 -29.19 67.56 49.02
CA LEU H 194 -29.66 68.35 47.87
C LEU H 194 -31.02 68.99 48.16
N HIS H 195 -31.86 68.38 49.00
CA HIS H 195 -33.32 68.71 49.08
C HIS H 195 -33.78 69.06 50.50
N GLY H 196 -32.94 68.90 51.53
CA GLY H 196 -33.31 69.23 52.94
C GLY H 196 -34.27 68.21 53.55
N THR H 197 -34.42 67.03 52.95
CA THR H 197 -35.29 65.92 53.43
C THR H 197 -34.58 65.15 54.55
N ASP H 198 -35.22 64.09 55.07
CA ASP H 198 -34.67 63.24 56.17
C ASP H 198 -34.83 61.76 55.80
N TYR H 199 -34.59 61.37 54.55
CA TYR H 199 -34.57 59.93 54.15
C TYR H 199 -33.46 59.19 54.91
N ARG H 200 -32.40 59.89 55.31
CA ARG H 200 -31.24 59.29 56.01
C ARG H 200 -31.60 58.80 57.43
N ALA H 201 -32.75 59.16 57.98
CA ALA H 201 -33.19 58.78 59.35
C ALA H 201 -33.25 57.24 59.47
N ALA H 202 -33.45 56.53 58.35
CA ALA H 202 -33.49 55.05 58.33
C ALA H 202 -32.10 54.45 58.65
N THR H 203 -31.02 55.23 58.56
CA THR H 203 -29.63 54.74 58.69
C THR H 203 -29.40 54.09 60.07
N ARG H 204 -29.92 54.69 61.16
CA ARG H 204 -29.60 54.21 62.53
C ARG H 204 -30.07 52.75 62.66
N ALA H 205 -31.30 52.43 62.27
CA ALA H 205 -31.85 51.06 62.38
C ALA H 205 -30.99 50.11 61.54
N TRP H 206 -30.49 50.55 60.39
CA TRP H 206 -29.64 49.73 59.50
C TRP H 206 -28.30 49.43 60.20
N LEU H 207 -27.65 50.45 60.77
CA LEU H 207 -26.35 50.27 61.46
C LEU H 207 -26.53 49.35 62.67
N ASP H 208 -27.67 49.42 63.36
CA ASP H 208 -27.96 48.51 64.51
C ASP H 208 -28.14 47.07 63.96
N PHE H 209 -28.86 46.91 62.87
CA PHE H 209 -29.20 45.59 62.27
C PHE H 209 -27.91 44.87 61.83
N ILE H 210 -27.02 45.55 61.11
CA ILE H 210 -25.81 44.88 60.53
C ILE H 210 -24.81 44.53 61.63
N GLN H 211 -24.94 45.09 62.84
CA GLN H 211 -24.07 44.76 64.00
C GLN H 211 -24.61 43.57 64.80
N LYS H 212 -25.75 42.98 64.43
CA LYS H 212 -26.27 41.73 65.05
C LYS H 212 -25.58 40.54 64.36
N ASP H 213 -26.31 39.69 63.64
CA ASP H 213 -25.77 38.39 63.14
C ASP H 213 -24.89 38.62 61.90
N LEU H 214 -24.93 39.81 61.27
CA LEU H 214 -24.17 40.05 60.01
C LEU H 214 -22.70 40.39 60.27
N ILE H 215 -22.31 40.71 61.50
CA ILE H 215 -20.88 41.04 61.82
C ILE H 215 -20.32 40.01 62.80
N ASP H 216 -19.05 39.69 62.64
CA ASP H 216 -18.20 39.08 63.69
C ASP H 216 -17.47 40.22 64.39
N PRO H 217 -17.95 40.66 65.57
CA PRO H 217 -17.43 41.87 66.22
C PRO H 217 -15.97 41.72 66.68
N GLU H 218 -15.53 40.51 67.01
CA GLU H 218 -14.11 40.25 67.44
C GLU H 218 -13.19 40.50 66.24
N ARG H 219 -13.59 40.07 65.03
CA ARG H 219 -12.71 40.14 63.83
C ARG H 219 -12.94 41.46 63.07
N GLY H 220 -13.99 42.23 63.41
CA GLY H 220 -14.36 43.48 62.71
C GLY H 220 -14.68 43.19 61.23
N ALA H 221 -15.41 42.10 60.97
CA ALA H 221 -15.63 41.54 59.63
C ALA H 221 -17.11 41.17 59.45
N PHE H 222 -17.68 41.55 58.31
CA PHE H 222 -19.06 41.15 57.93
C PHE H 222 -19.03 39.75 57.32
N TYR H 223 -20.08 38.97 57.62
CA TYR H 223 -20.38 37.71 56.90
C TYR H 223 -20.81 38.05 55.47
N LEU H 224 -20.61 37.09 54.59
CA LEU H 224 -20.75 37.20 53.12
C LEU H 224 -22.12 37.76 52.76
N SER H 225 -23.17 37.23 53.36
CA SER H 225 -24.56 37.53 52.98
C SER H 225 -25.55 36.97 54.01
N TYR H 226 -26.76 37.52 53.95
CA TYR H 226 -27.94 37.16 54.78
C TYR H 226 -29.08 36.79 53.84
N HIS H 227 -29.93 35.87 54.28
CA HIS H 227 -31.02 35.26 53.47
C HIS H 227 -32.29 35.24 54.29
N PRO H 228 -33.13 36.29 54.20
CA PRO H 228 -34.25 36.51 55.11
C PRO H 228 -35.26 35.35 55.16
N GLU H 229 -35.58 34.72 54.03
CA GLU H 229 -36.57 33.60 53.99
C GLU H 229 -36.18 32.51 55.01
N SER H 230 -34.93 32.05 54.98
CA SER H 230 -34.38 30.97 55.85
C SER H 230 -33.80 31.53 57.16
N GLY H 231 -33.50 32.84 57.23
CA GLY H 231 -32.75 33.45 58.36
C GLY H 231 -31.25 33.10 58.33
N ALA H 232 -30.77 32.42 57.28
CA ALA H 232 -29.36 31.98 57.16
C ALA H 232 -28.43 33.20 56.98
N VAL H 233 -27.32 33.19 57.71
CA VAL H 233 -26.12 34.01 57.43
C VAL H 233 -25.05 33.05 56.95
N LYS H 234 -24.47 33.29 55.77
CA LYS H 234 -23.40 32.41 55.26
C LYS H 234 -22.23 32.50 56.23
N PRO H 235 -21.67 31.35 56.68
CA PRO H 235 -20.72 31.34 57.78
C PRO H 235 -19.28 31.74 57.45
N TRP H 236 -19.02 32.41 56.33
CA TRP H 236 -17.69 32.95 55.97
C TRP H 236 -17.70 34.47 56.10
N ILE H 237 -16.64 35.02 56.67
CA ILE H 237 -16.40 36.49 56.68
C ILE H 237 -15.68 36.85 55.38
N SER H 238 -15.90 38.07 54.89
CA SER H 238 -15.38 38.58 53.60
C SER H 238 -14.69 39.94 53.80
N ALA H 239 -13.43 40.02 53.42
CA ALA H 239 -12.60 41.24 53.46
C ALA H 239 -13.12 42.26 52.47
N TYR H 240 -13.41 41.89 51.21
CA TYR H 240 -13.78 42.90 50.19
C TYR H 240 -15.14 43.48 50.61
N THR H 241 -16.03 42.63 51.09
CA THR H 241 -17.35 43.04 51.62
C THR H 241 -17.15 44.06 52.75
N THR H 242 -16.26 43.77 53.68
CA THR H 242 -16.02 44.59 54.91
C THR H 242 -15.34 45.90 54.49
N ALA H 243 -14.32 45.84 53.64
CA ALA H 243 -13.53 47.04 53.25
C ALA H 243 -14.46 48.04 52.57
N TRP H 244 -15.27 47.55 51.64
CA TRP H 244 -16.25 48.38 50.90
C TRP H 244 -17.24 48.98 51.88
N THR H 245 -17.87 48.17 52.73
CA THR H 245 -18.92 48.60 53.68
C THR H 245 -18.36 49.66 54.63
N LEU H 246 -17.20 49.42 55.23
CA LEU H 246 -16.61 50.36 56.23
C LEU H 246 -16.25 51.67 55.52
N ALA H 247 -15.82 51.61 54.25
CA ALA H 247 -15.44 52.84 53.53
C ALA H 247 -16.68 53.72 53.39
N MET H 248 -17.80 53.14 52.97
CA MET H 248 -19.03 53.93 52.70
C MET H 248 -19.68 54.37 54.02
N VAL H 249 -19.71 53.48 55.02
CA VAL H 249 -20.29 53.80 56.34
C VAL H 249 -19.51 54.95 56.97
N HIS H 250 -18.21 55.06 56.74
CA HIS H 250 -17.36 56.14 57.33
C HIS H 250 -17.92 57.51 56.96
N GLY H 251 -18.56 57.63 55.79
CA GLY H 251 -19.17 58.89 55.34
C GLY H 251 -20.45 59.23 56.07
N MET H 252 -21.09 58.26 56.69
CA MET H 252 -22.42 58.43 57.35
C MET H 252 -22.26 58.38 58.88
N ASP H 253 -21.47 57.44 59.38
CA ASP H 253 -21.18 57.26 60.83
C ASP H 253 -19.70 56.95 60.97
N PRO H 254 -18.84 57.99 61.03
CA PRO H 254 -17.41 57.79 61.12
C PRO H 254 -17.01 56.88 62.31
N ALA H 255 -17.68 57.01 63.46
CA ALA H 255 -17.33 56.26 64.68
C ALA H 255 -17.49 54.75 64.44
N PHE H 256 -18.48 54.34 63.66
CA PHE H 256 -18.75 52.92 63.33
C PHE H 256 -17.52 52.30 62.65
N SER H 257 -17.02 52.95 61.61
CA SER H 257 -15.86 52.43 60.83
C SER H 257 -14.59 52.51 61.67
N GLU H 258 -14.42 53.57 62.44
CA GLU H 258 -13.24 53.77 63.35
C GLU H 258 -13.19 52.62 64.37
N ARG H 259 -14.34 52.22 64.91
N ARG H 259 -14.34 52.23 64.91
CA ARG H 259 -14.46 51.09 65.89
CA ARG H 259 -14.49 51.09 65.88
C ARG H 259 -13.90 49.80 65.26
C ARG H 259 -13.92 49.80 65.26
N TYR H 260 -14.25 49.46 64.01
CA TYR H 260 -13.95 48.12 63.46
C TYR H 260 -12.65 48.08 62.67
N TYR H 261 -12.17 49.23 62.18
CA TYR H 261 -11.04 49.30 61.22
C TYR H 261 -9.81 48.55 61.75
N PRO H 262 -9.37 48.78 63.01
CA PRO H 262 -8.18 48.09 63.53
C PRO H 262 -8.36 46.56 63.58
N ARG H 263 -9.55 46.09 63.94
CA ARG H 263 -9.84 44.62 63.98
C ARG H 263 -9.87 44.05 62.55
N PHE H 264 -10.47 44.76 61.61
CA PHE H 264 -10.47 44.40 60.16
C PHE H 264 -9.02 44.14 59.71
N LYS H 265 -8.11 45.09 60.01
CA LYS H 265 -6.70 44.99 59.56
C LYS H 265 -6.01 43.76 60.19
N GLN H 266 -6.22 43.55 61.49
CA GLN H 266 -5.65 42.39 62.22
C GLN H 266 -6.16 41.11 61.53
N THR H 267 -7.47 41.03 61.24
CA THR H 267 -8.09 39.81 60.68
C THR H 267 -7.53 39.50 59.28
N PHE H 268 -7.34 40.50 58.41
CA PHE H 268 -7.20 40.23 56.95
C PHE H 268 -5.87 40.67 56.36
N VAL H 269 -5.23 41.73 56.90
CA VAL H 269 -4.14 42.44 56.19
C VAL H 269 -2.81 41.75 56.51
N GLU H 270 -2.09 41.28 55.48
CA GLU H 270 -0.73 40.71 55.60
C GLU H 270 0.28 41.74 55.09
N VAL H 271 1.07 42.30 56.01
CA VAL H 271 2.27 43.12 55.71
C VAL H 271 3.40 42.17 55.37
N TYR H 272 4.13 42.42 54.28
CA TYR H 272 5.28 41.56 53.86
C TYR H 272 6.38 42.45 53.26
N ASP H 273 7.47 41.84 52.81
CA ASP H 273 8.65 42.52 52.23
C ASP H 273 9.14 43.61 53.19
N GLU H 274 9.30 43.26 54.46
CA GLU H 274 9.96 44.12 55.51
C GLU H 274 9.17 45.41 55.65
N GLY H 275 7.83 45.34 55.64
CA GLY H 275 6.93 46.47 55.89
C GLY H 275 6.64 47.33 54.65
N ARG H 276 7.20 47.00 53.48
CA ARG H 276 7.10 47.88 52.28
C ARG H 276 5.80 47.58 51.50
N LYS H 277 5.22 46.39 51.68
CA LYS H 277 4.06 45.89 50.91
C LYS H 277 3.02 45.26 51.83
N ALA H 278 1.77 45.21 51.34
CA ALA H 278 0.65 44.52 52.00
C ALA H 278 -0.26 43.88 50.96
N ARG H 279 -0.90 42.79 51.33
CA ARG H 279 -1.93 42.11 50.52
C ARG H 279 -2.98 41.60 51.50
N VAL H 280 -4.21 41.42 51.03
CA VAL H 280 -5.37 41.18 51.93
C VAL H 280 -5.94 39.79 51.64
N ARG H 281 -6.08 38.99 52.69
CA ARG H 281 -6.81 37.68 52.66
C ARG H 281 -8.31 38.00 52.53
N GLU H 282 -9.04 37.24 51.73
CA GLU H 282 -10.49 37.47 51.44
C GLU H 282 -11.35 36.91 52.57
N THR H 283 -10.92 35.84 53.24
CA THR H 283 -11.70 35.16 54.30
C THR H 283 -10.78 34.66 55.41
N ALA H 284 -11.33 34.09 56.48
CA ALA H 284 -10.56 33.49 57.61
C ALA H 284 -10.13 32.07 57.22
N GLY H 285 -9.16 31.49 57.96
CA GLY H 285 -8.76 30.08 57.84
C GLY H 285 -7.98 29.80 56.57
N THR H 286 -7.26 30.79 56.07
CA THR H 286 -6.41 30.70 54.86
C THR H 286 -5.23 31.64 55.01
N ASP H 287 -4.12 31.36 54.32
CA ASP H 287 -2.97 32.29 54.16
C ASP H 287 -3.05 32.98 52.79
N ASP H 288 -3.90 32.51 51.88
CA ASP H 288 -3.96 32.99 50.47
C ASP H 288 -4.53 34.42 50.46
N ALA H 289 -3.92 35.30 49.67
CA ALA H 289 -4.37 36.69 49.45
C ALA H 289 -5.36 36.72 48.28
N ASP H 290 -6.38 37.57 48.36
CA ASP H 290 -7.22 37.99 47.20
C ASP H 290 -7.88 36.76 46.55
N GLY H 291 -8.39 35.83 47.35
CA GLY H 291 -9.31 34.78 46.86
C GLY H 291 -10.70 35.33 46.61
N GLY H 292 -11.65 34.44 46.31
CA GLY H 292 -13.03 34.82 45.97
C GLY H 292 -13.07 35.69 44.73
N VAL H 293 -13.72 36.86 44.80
CA VAL H 293 -13.83 37.78 43.62
C VAL H 293 -12.47 38.42 43.30
N GLY H 294 -11.51 38.33 44.22
CA GLY H 294 -10.13 38.80 44.00
C GLY H 294 -9.95 40.30 44.23
N LEU H 295 -10.82 40.95 45.00
CA LEU H 295 -10.83 42.42 45.15
C LEU H 295 -10.53 42.89 46.57
N ALA H 296 -10.14 42.00 47.48
CA ALA H 296 -9.90 42.36 48.89
C ALA H 296 -8.86 43.49 48.97
N SER H 297 -7.72 43.35 48.28
CA SER H 297 -6.61 44.33 48.34
C SER H 297 -7.06 45.68 47.74
N ALA H 298 -7.75 45.65 46.60
CA ALA H 298 -8.18 46.88 45.90
C ALA H 298 -9.19 47.65 46.75
N PHE H 299 -10.16 46.96 47.38
CA PHE H 299 -11.14 47.66 48.23
C PHE H 299 -10.49 48.11 49.55
N THR H 300 -9.47 47.41 50.04
CA THR H 300 -8.74 47.83 51.27
C THR H 300 -7.95 49.10 50.92
N LEU H 301 -7.43 49.21 49.71
CA LEU H 301 -6.74 50.44 49.25
C LEU H 301 -7.73 51.61 49.35
N LEU H 302 -8.97 51.44 48.88
CA LEU H 302 -10.00 52.50 49.01
C LEU H 302 -10.25 52.80 50.50
N LEU H 303 -10.39 51.76 51.32
CA LEU H 303 -10.71 51.96 52.76
C LEU H 303 -9.56 52.72 53.44
N ALA H 304 -8.31 52.34 53.16
CA ALA H 304 -7.11 53.01 53.70
C ALA H 304 -7.19 54.50 53.34
N ARG H 305 -7.55 54.84 52.10
CA ARG H 305 -7.67 56.25 51.68
C ARG H 305 -8.78 56.92 52.50
N GLU H 306 -9.94 56.28 52.62
CA GLU H 306 -11.11 56.84 53.35
C GLU H 306 -10.71 57.11 54.81
N MET H 307 -9.94 56.22 55.44
CA MET H 307 -9.61 56.31 56.88
C MET H 307 -8.36 57.19 57.10
N GLY H 308 -7.67 57.66 56.06
CA GLY H 308 -6.46 58.50 56.16
C GLY H 308 -5.22 57.71 56.58
N ASP H 309 -5.18 56.40 56.30
CA ASP H 309 -4.08 55.46 56.65
C ASP H 309 -3.06 55.42 55.51
N GLN H 310 -2.13 56.37 55.49
CA GLN H 310 -1.13 56.53 54.40
C GLN H 310 -0.22 55.30 54.36
N GLN H 311 0.14 54.75 55.52
CA GLN H 311 1.08 53.61 55.56
C GLN H 311 0.46 52.42 54.80
N LEU H 312 -0.77 52.04 55.13
CA LEU H 312 -1.40 50.85 54.51
C LEU H 312 -1.65 51.16 53.03
N PHE H 313 -2.08 52.38 52.69
CA PHE H 313 -2.28 52.80 51.29
C PHE H 313 -1.00 52.53 50.51
N ASP H 314 0.13 53.01 51.02
CA ASP H 314 1.44 52.89 50.35
C ASP H 314 1.79 51.41 50.16
N GLN H 315 1.62 50.60 51.21
CA GLN H 315 1.95 49.15 51.21
C GLN H 315 1.07 48.44 50.16
N LEU H 316 -0.23 48.71 50.12
CA LEU H 316 -1.15 48.03 49.18
C LEU H 316 -0.84 48.46 47.75
N LEU H 317 -0.57 49.75 47.52
CA LEU H 317 -0.28 50.23 46.15
C LEU H 317 1.06 49.67 45.68
N ASN H 318 2.02 49.46 46.59
CA ASN H 318 3.32 48.80 46.25
C ASN H 318 3.10 47.34 45.85
N HIS H 319 2.09 46.66 46.42
CA HIS H 319 1.69 45.29 46.03
C HIS H 319 0.96 45.30 44.67
N LEU H 320 0.03 46.26 44.47
CA LEU H 320 -0.96 46.23 43.37
C LEU H 320 -0.38 46.77 42.06
N GLU H 321 0.28 47.93 42.10
CA GLU H 321 0.59 48.69 40.87
C GLU H 321 1.76 48.10 40.10
N PRO H 322 2.97 47.91 40.70
CA PRO H 322 4.14 47.47 39.93
C PRO H 322 3.92 46.23 39.05
N PRO H 323 3.35 45.11 39.56
CA PRO H 323 3.16 43.93 38.71
C PRO H 323 2.17 44.18 37.55
N ALA H 324 1.29 45.18 37.67
CA ALA H 324 0.31 45.53 36.61
C ALA H 324 1.01 46.28 35.46
N LYS H 325 2.24 46.76 35.66
CA LYS H 325 3.13 47.32 34.60
C LYS H 325 2.42 48.51 33.96
N PRO H 326 2.30 49.63 34.70
CA PRO H 326 1.74 50.85 34.14
C PRO H 326 2.70 51.39 33.07
N SER H 327 2.16 51.97 32.00
CA SER H 327 2.94 52.83 31.08
C SER H 327 2.08 54.02 30.67
N ILE H 328 2.72 55.18 30.54
CA ILE H 328 2.09 56.42 30.01
C ILE H 328 2.60 56.61 28.58
N VAL H 329 1.71 56.45 27.61
CA VAL H 329 1.97 56.62 26.15
C VAL H 329 1.08 57.76 25.67
N SER H 330 1.66 58.78 25.04
CA SER H 330 0.91 59.95 24.53
C SER H 330 0.04 60.53 25.65
N ALA H 331 0.59 60.62 26.86
CA ALA H 331 -0.03 61.25 28.06
C ALA H 331 -1.31 60.52 28.50
N SER H 332 -1.41 59.22 28.20
CA SER H 332 -2.56 58.39 28.57
C SER H 332 -2.06 57.13 29.30
N LEU H 333 -2.69 56.77 30.42
CA LEU H 333 -2.27 55.63 31.28
C LEU H 333 -2.89 54.31 30.78
N ARG H 334 -2.08 53.29 30.64
CA ARG H 334 -2.50 51.87 30.43
C ARG H 334 -1.75 50.98 31.43
N TYR H 335 -2.41 49.93 31.91
CA TYR H 335 -1.79 48.80 32.63
C TYR H 335 -1.71 47.60 31.68
N GLU H 336 -0.51 47.05 31.49
CA GLU H 336 -0.28 45.86 30.61
C GLU H 336 -0.86 44.61 31.26
N HIS H 337 -0.79 44.44 32.60
CA HIS H 337 -1.23 43.20 33.30
C HIS H 337 -2.11 43.54 34.50
N PRO H 338 -3.34 44.08 34.31
CA PRO H 338 -4.22 44.37 35.44
C PRO H 338 -4.41 43.08 36.25
N GLY H 339 -4.30 43.16 37.57
CA GLY H 339 -4.25 41.99 38.45
C GLY H 339 -5.62 41.47 38.86
N SER H 340 -6.69 42.18 38.50
CA SER H 340 -8.07 41.85 38.95
C SER H 340 -9.10 42.50 38.04
N LEU H 341 -10.37 42.17 38.25
CA LEU H 341 -11.52 42.96 37.71
C LEU H 341 -11.43 44.36 38.31
N LEU H 342 -11.99 45.35 37.60
CA LEU H 342 -12.19 46.72 38.13
C LEU H 342 -10.84 47.35 38.51
N PHE H 343 -9.76 46.95 37.85
CA PHE H 343 -8.38 47.30 38.29
C PHE H 343 -8.13 48.81 38.12
N ASP H 344 -8.20 49.35 36.90
CA ASP H 344 -7.90 50.79 36.70
C ASP H 344 -8.98 51.62 37.41
N GLU H 345 -10.21 51.11 37.51
CA GLU H 345 -11.34 51.81 38.18
C GLU H 345 -10.99 52.03 39.66
N LEU H 346 -10.60 50.97 40.36
CA LEU H 346 -10.40 51.02 41.84
C LEU H 346 -9.08 51.75 42.17
N LEU H 347 -8.04 51.62 41.36
CA LEU H 347 -6.78 52.38 41.60
C LEU H 347 -7.03 53.88 41.35
N PHE H 348 -7.77 54.21 40.30
CA PHE H 348 -8.19 55.61 40.01
C PHE H 348 -8.92 56.17 41.23
N LEU H 349 -9.97 55.48 41.66
CA LEU H 349 -10.82 55.91 42.80
C LEU H 349 -9.94 56.10 44.05
N ALA H 350 -9.11 55.13 44.42
CA ALA H 350 -8.30 55.19 45.65
C ALA H 350 -7.31 56.37 45.57
N LYS H 351 -6.76 56.64 44.39
CA LYS H 351 -5.77 57.72 44.18
C LYS H 351 -6.41 59.10 44.42
N VAL H 352 -7.69 59.30 44.06
CA VAL H 352 -8.33 60.64 44.13
C VAL H 352 -9.28 60.75 45.33
N HIS H 353 -9.69 59.65 45.95
CA HIS H 353 -10.85 59.65 46.89
C HIS H 353 -10.66 60.72 47.99
N ALA H 354 -11.61 61.63 48.14
CA ALA H 354 -11.58 62.75 49.11
C ALA H 354 -12.30 62.36 50.42
N GLY H 355 -12.91 61.17 50.47
CA GLY H 355 -13.78 60.75 51.58
C GLY H 355 -15.24 60.97 51.23
N PHE H 356 -16.11 60.01 51.56
CA PHE H 356 -17.55 60.06 51.22
C PHE H 356 -18.21 61.20 52.00
N GLY H 357 -17.72 61.52 53.21
CA GLY H 357 -18.12 62.70 54.00
C GLY H 357 -17.87 63.99 53.26
N ALA H 358 -16.69 64.16 52.68
CA ALA H 358 -16.32 65.38 51.91
C ALA H 358 -17.19 65.49 50.65
N LEU H 359 -17.53 64.38 49.99
CA LEU H 359 -18.42 64.41 48.80
C LEU H 359 -19.81 64.90 49.22
N LEU H 360 -20.31 64.45 50.37
CA LEU H 360 -21.59 64.93 50.96
C LEU H 360 -21.59 66.45 51.18
N ARG H 361 -20.45 67.04 51.53
CA ARG H 361 -20.36 68.48 51.87
C ARG H 361 -19.82 69.27 50.67
N MET H 362 -19.79 68.68 49.49
CA MET H 362 -19.22 69.35 48.29
C MET H 362 -19.84 70.74 48.14
N PRO H 363 -19.04 71.82 48.10
CA PRO H 363 -19.58 73.16 47.86
C PRO H 363 -20.29 73.25 46.51
N PRO H 364 -21.32 74.11 46.35
CA PRO H 364 -21.98 74.26 45.04
C PRO H 364 -21.05 74.83 43.98
N PRO H 365 -21.37 74.61 42.69
CA PRO H 365 -20.41 74.85 41.59
C PRO H 365 -19.98 76.31 41.38
N GLU I 3 -6.31 -20.42 12.27
CA GLU I 3 -5.56 -19.26 12.81
C GLU I 3 -6.46 -18.01 12.76
N LEU I 4 -6.29 -17.16 13.77
CA LEU I 4 -6.84 -15.77 13.86
C LEU I 4 -5.84 -14.80 13.25
N PRO I 5 -6.09 -14.28 12.02
CA PRO I 5 -5.18 -13.32 11.39
C PRO I 5 -4.94 -12.12 12.29
N PRO I 6 -3.83 -11.38 12.15
CA PRO I 6 -3.48 -10.33 13.13
C PRO I 6 -4.44 -9.14 13.02
N GLY I 7 -4.87 -8.56 14.14
CA GLY I 7 -5.79 -7.39 14.20
C GLY I 7 -7.27 -7.73 14.04
N ARG I 8 -7.60 -8.98 13.72
CA ARG I 8 -9.00 -9.49 13.60
C ARG I 8 -9.50 -9.87 14.99
N LEU I 9 -10.81 -9.85 15.23
CA LEU I 9 -11.40 -10.13 16.56
C LEU I 9 -11.91 -11.57 16.61
N ALA I 10 -12.33 -12.12 15.48
CA ALA I 10 -12.84 -13.50 15.42
C ALA I 10 -12.68 -14.03 14.00
N THR I 11 -12.71 -15.36 13.86
CA THR I 11 -12.50 -16.04 12.57
C THR I 11 -13.76 -15.91 11.73
N THR I 12 -13.60 -15.92 10.42
CA THR I 12 -14.70 -16.00 9.46
C THR I 12 -15.58 -17.22 9.81
N GLU I 13 -14.97 -18.36 10.13
CA GLU I 13 -15.70 -19.59 10.53
C GLU I 13 -16.64 -19.22 11.68
N ASP I 14 -16.15 -18.49 12.69
CA ASP I 14 -16.97 -18.10 13.87
C ASP I 14 -18.19 -17.26 13.43
N TYR I 15 -18.03 -16.26 12.55
CA TYR I 15 -19.15 -15.39 12.11
C TYR I 15 -20.19 -16.25 11.39
N PHE I 16 -19.76 -17.13 10.49
CA PHE I 16 -20.67 -17.96 9.68
C PHE I 16 -21.34 -19.06 10.51
N ALA I 17 -20.80 -19.41 11.69
CA ALA I 17 -21.37 -20.45 12.58
C ALA I 17 -22.37 -19.87 13.60
N GLN I 18 -22.49 -18.54 13.70
CA GLN I 18 -23.30 -17.88 14.77
C GLN I 18 -24.74 -18.45 14.77
N GLN I 19 -25.35 -18.59 13.62
CA GLN I 19 -26.78 -19.01 13.50
C GLN I 19 -26.91 -20.46 14.00
N ALA I 20 -26.02 -21.36 13.61
CA ALA I 20 -26.03 -22.79 14.03
C ALA I 20 -25.84 -22.89 15.55
N LYS I 21 -24.95 -22.09 16.13
CA LYS I 21 -24.65 -22.09 17.58
C LYS I 21 -25.71 -21.31 18.37
N GLN I 22 -26.59 -20.57 17.69
CA GLN I 22 -27.64 -19.71 18.32
C GLN I 22 -26.99 -18.72 19.30
N ALA I 23 -25.85 -18.13 18.93
CA ALA I 23 -25.09 -17.17 19.75
C ALA I 23 -24.29 -16.24 18.84
N VAL I 24 -24.28 -14.94 19.17
CA VAL I 24 -23.41 -13.96 18.47
C VAL I 24 -21.99 -14.11 19.05
N THR I 25 -20.98 -13.78 18.28
CA THR I 25 -19.56 -13.75 18.74
C THR I 25 -19.44 -12.68 19.81
N PRO I 26 -18.46 -12.77 20.73
CA PRO I 26 -18.24 -11.71 21.72
C PRO I 26 -18.08 -10.30 21.11
N ASP I 27 -17.46 -10.17 19.93
CA ASP I 27 -17.23 -8.85 19.30
C ASP I 27 -18.55 -8.28 18.77
N VAL I 28 -19.46 -9.13 18.31
CA VAL I 28 -20.83 -8.67 17.89
C VAL I 28 -21.61 -8.24 19.13
N MET I 29 -21.48 -8.97 20.24
CA MET I 29 -22.13 -8.59 21.51
C MET I 29 -21.59 -7.23 21.95
N ALA I 30 -20.28 -7.00 21.78
CA ALA I 30 -19.62 -5.73 22.16
C ALA I 30 -20.08 -4.59 21.25
N GLN I 31 -20.41 -4.87 19.98
CA GLN I 31 -21.04 -3.90 19.05
C GLN I 31 -22.45 -3.56 19.56
N LEU I 32 -23.23 -4.57 19.95
CA LEU I 32 -24.59 -4.34 20.51
C LEU I 32 -24.47 -3.52 21.80
N ALA I 33 -23.39 -3.66 22.57
CA ALA I 33 -23.15 -2.86 23.80
C ALA I 33 -22.86 -1.41 23.37
N TYR I 34 -22.03 -1.18 22.36
CA TYR I 34 -21.81 0.20 21.85
C TYR I 34 -23.17 0.79 21.50
N MET I 35 -24.02 0.00 20.86
CA MET I 35 -25.32 0.46 20.32
C MET I 35 -26.32 0.77 21.45
N ASN I 36 -26.20 0.14 22.61
CA ASN I 36 -27.29 0.10 23.63
C ASN I 36 -26.87 0.57 25.03
N TYR I 37 -25.59 0.65 25.37
CA TYR I 37 -25.16 0.59 26.79
C TYR I 37 -25.27 1.99 27.46
N ILE I 38 -24.56 2.99 26.95
CA ILE I 38 -24.36 4.26 27.72
C ILE I 38 -25.58 5.16 27.60
N ASP I 39 -26.06 5.68 28.73
CA ASP I 39 -27.14 6.70 28.83
C ASP I 39 -26.88 7.86 27.86
N PHE I 40 -27.91 8.26 27.12
CA PHE I 40 -28.00 9.50 26.31
C PHE I 40 -27.20 9.41 25.00
N ILE I 41 -25.98 8.83 25.00
CA ILE I 41 -25.07 8.96 23.85
C ILE I 41 -25.04 7.69 22.99
N SER I 42 -25.51 6.54 23.47
CA SER I 42 -25.62 5.32 22.63
C SER I 42 -26.70 5.56 21.58
N PRO I 43 -26.53 5.10 20.33
CA PRO I 43 -27.49 5.39 19.27
C PRO I 43 -28.91 4.87 19.53
N PHE I 44 -29.06 3.76 20.25
CA PHE I 44 -30.36 3.11 20.51
C PHE I 44 -30.80 3.34 21.96
N TYR I 45 -30.47 4.48 22.53
CA TYR I 45 -30.86 4.84 23.91
C TYR I 45 -32.36 5.15 23.99
N SER I 46 -32.92 5.94 23.08
CA SER I 46 -34.34 6.39 23.19
C SER I 46 -34.98 6.66 21.84
N ARG I 47 -36.31 6.61 21.82
CA ARG I 47 -37.19 6.96 20.67
C ARG I 47 -37.05 8.43 20.25
N GLY I 48 -36.53 9.28 21.14
CA GLY I 48 -36.51 10.74 20.94
C GLY I 48 -35.68 11.17 19.74
N CYS I 49 -35.85 12.42 19.33
CA CYS I 49 -35.13 13.05 18.18
C CYS I 49 -33.80 13.63 18.66
N SER I 50 -33.02 12.81 19.38
CA SER I 50 -31.64 13.10 19.81
C SER I 50 -30.67 12.27 18.96
N PHE I 51 -29.63 12.91 18.43
CA PHE I 51 -28.67 12.33 17.46
C PHE I 51 -27.24 12.50 17.96
N GLU I 52 -27.08 12.50 19.29
CA GLU I 52 -25.77 12.66 19.98
C GLU I 52 -24.82 11.58 19.47
N ALA I 53 -25.26 10.32 19.35
CA ALA I 53 -24.37 9.21 18.91
C ALA I 53 -23.77 9.56 17.55
N TRP I 54 -24.57 10.14 16.66
CA TRP I 54 -24.14 10.48 15.29
C TRP I 54 -23.28 11.74 15.28
N GLU I 55 -23.57 12.72 16.16
CA GLU I 55 -22.74 13.94 16.31
C GLU I 55 -21.34 13.52 16.79
N LEU I 56 -21.25 12.59 17.75
CA LEU I 56 -19.96 12.15 18.31
C LEU I 56 -19.12 11.42 17.25
N LYS I 57 -19.70 10.67 16.32
CA LYS I 57 -18.85 10.05 15.25
C LYS I 57 -18.82 10.89 13.98
N HIS I 58 -19.33 12.13 14.00
CA HIS I 58 -19.23 13.10 12.87
C HIS I 58 -19.94 12.55 11.63
N THR I 59 -21.04 11.79 11.78
CA THR I 59 -21.85 11.32 10.63
C THR I 59 -22.45 12.53 9.92
N PRO I 60 -22.18 12.74 8.62
CA PRO I 60 -22.83 13.81 7.87
C PRO I 60 -24.35 13.60 7.89
N GLN I 61 -25.11 14.70 7.96
CA GLN I 61 -26.59 14.65 8.08
C GLN I 61 -27.16 13.68 7.03
N ARG I 62 -26.72 13.76 5.78
CA ARG I 62 -27.32 13.02 4.63
C ARG I 62 -27.13 11.50 4.78
N VAL I 63 -26.19 11.07 5.62
CA VAL I 63 -25.79 9.66 5.79
C VAL I 63 -26.52 9.04 6.99
N ILE I 64 -27.13 9.85 7.86
CA ILE I 64 -27.75 9.32 9.11
C ILE I 64 -28.84 8.29 8.72
N LYS I 65 -29.63 8.56 7.69
CA LYS I 65 -30.72 7.63 7.25
C LYS I 65 -30.13 6.26 6.92
N TYR I 66 -28.95 6.19 6.29
CA TYR I 66 -28.30 4.91 5.92
C TYR I 66 -27.73 4.24 7.17
N SER I 67 -27.15 5.04 8.07
CA SER I 67 -26.65 4.53 9.36
C SER I 67 -27.76 3.77 10.08
N ILE I 68 -28.90 4.40 10.26
CA ILE I 68 -30.04 3.79 11.00
C ILE I 68 -30.49 2.52 10.27
N ALA I 69 -30.66 2.59 8.96
CA ALA I 69 -31.16 1.45 8.13
C ALA I 69 -30.22 0.25 8.27
N PHE I 70 -28.91 0.46 8.12
CA PHE I 70 -27.93 -0.66 8.12
C PHE I 70 -27.87 -1.27 9.50
N TYR I 71 -27.90 -0.47 10.57
CA TYR I 71 -28.07 -0.98 11.94
C TYR I 71 -29.32 -1.85 12.01
N ALA I 72 -30.45 -1.37 11.48
CA ALA I 72 -31.75 -2.09 11.53
C ALA I 72 -31.62 -3.45 10.82
N TYR I 73 -30.99 -3.50 9.65
CA TYR I 73 -30.87 -4.77 8.87
C TYR I 73 -30.03 -5.76 9.68
N GLY I 74 -28.97 -5.28 10.34
CA GLY I 74 -28.14 -6.11 11.22
C GLY I 74 -28.95 -6.64 12.40
N LEU I 75 -29.74 -5.78 13.03
CA LEU I 75 -30.53 -6.18 14.21
C LEU I 75 -31.53 -7.28 13.82
N ALA I 76 -32.07 -7.25 12.61
CA ALA I 76 -33.04 -8.27 12.15
C ALA I 76 -32.32 -9.63 12.12
N SER I 77 -31.07 -9.69 11.67
CA SER I 77 -30.28 -10.94 11.67
C SER I 77 -29.95 -11.37 13.10
N VAL I 78 -29.64 -10.43 14.01
CA VAL I 78 -29.39 -10.77 15.44
C VAL I 78 -30.62 -11.52 15.98
N ALA I 79 -31.82 -11.06 15.63
CA ALA I 79 -33.10 -11.66 16.09
C ALA I 79 -33.19 -13.12 15.63
N LEU I 80 -32.73 -13.41 14.43
CA LEU I 80 -32.73 -14.76 13.81
C LEU I 80 -31.61 -15.62 14.43
N ILE I 81 -30.46 -15.02 14.76
CA ILE I 81 -29.28 -15.77 15.33
C ILE I 81 -29.59 -16.25 16.75
N ASP I 82 -29.98 -15.35 17.67
CA ASP I 82 -30.13 -15.69 19.10
C ASP I 82 -31.53 -15.32 19.57
N PRO I 83 -32.42 -16.31 19.77
CA PRO I 83 -33.75 -16.07 20.32
C PRO I 83 -33.76 -15.28 21.62
N LYS I 84 -32.71 -15.40 22.44
CA LYS I 84 -32.60 -14.65 23.74
C LYS I 84 -32.33 -13.17 23.46
N LEU I 85 -31.88 -12.79 22.26
CA LEU I 85 -31.64 -11.37 21.90
C LEU I 85 -32.76 -10.82 21.04
N ARG I 86 -33.78 -11.63 20.74
CA ARG I 86 -34.84 -11.21 19.78
C ARG I 86 -35.63 -10.02 20.35
N ALA I 87 -35.96 -10.03 21.64
CA ALA I 87 -36.70 -8.94 22.30
C ALA I 87 -35.86 -7.65 22.26
N LEU I 88 -34.55 -7.73 22.57
CA LEU I 88 -33.62 -6.57 22.48
C LEU I 88 -33.60 -6.05 21.04
N ALA I 89 -33.44 -6.94 20.04
CA ALA I 89 -33.41 -6.57 18.61
C ALA I 89 -34.70 -5.82 18.26
N GLY I 90 -35.84 -6.33 18.74
CA GLY I 90 -37.16 -5.71 18.55
C GLY I 90 -37.23 -4.31 19.13
N HIS I 91 -36.75 -4.15 20.36
CA HIS I 91 -36.69 -2.84 21.06
C HIS I 91 -35.83 -1.88 20.21
N ASP I 92 -34.68 -2.33 19.76
CA ASP I 92 -33.74 -1.49 18.98
C ASP I 92 -34.40 -1.10 17.65
N LEU I 93 -35.15 -2.00 17.03
CA LEU I 93 -35.82 -1.71 15.73
C LEU I 93 -36.94 -0.68 15.94
N ASP I 94 -37.66 -0.77 17.05
CA ASP I 94 -38.69 0.22 17.46
C ASP I 94 -38.00 1.61 17.49
N ILE I 95 -36.85 1.72 18.14
CA ILE I 95 -36.10 3.00 18.24
C ILE I 95 -35.61 3.41 16.85
N ALA I 96 -35.17 2.46 16.04
CA ALA I 96 -34.65 2.76 14.67
C ALA I 96 -35.75 3.44 13.88
N VAL I 97 -36.96 2.90 13.92
CA VAL I 97 -38.11 3.45 13.17
C VAL I 97 -38.43 4.86 13.71
N SER I 98 -38.52 5.06 15.02
CA SER I 98 -38.84 6.39 15.60
C SER I 98 -37.80 7.41 15.13
N LYS I 99 -36.52 7.08 15.24
CA LYS I 99 -35.45 8.03 14.89
C LYS I 99 -35.51 8.30 13.40
N MET I 100 -35.82 7.27 12.61
CA MET I 100 -35.83 7.39 11.12
C MET I 100 -36.87 8.44 10.72
N LYS I 101 -37.91 8.64 11.53
CA LYS I 101 -39.02 9.59 11.20
C LYS I 101 -38.70 11.01 11.68
N CYS I 102 -37.62 11.24 12.43
CA CYS I 102 -37.25 12.60 12.91
C CYS I 102 -36.80 13.46 11.73
N LYS I 103 -37.12 14.75 11.77
CA LYS I 103 -36.78 15.71 10.70
C LYS I 103 -35.26 15.81 10.50
N ARG I 104 -34.46 15.65 11.55
CA ARG I 104 -32.97 15.64 11.39
C ARG I 104 -32.55 14.60 10.33
N VAL I 105 -33.26 13.47 10.26
CA VAL I 105 -32.93 12.36 9.34
C VAL I 105 -33.41 12.66 7.91
N TRP I 106 -34.67 13.07 7.73
CA TRP I 106 -35.26 13.23 6.36
C TRP I 106 -35.16 14.68 5.86
N GLY I 107 -34.84 15.62 6.74
CA GLY I 107 -34.97 17.08 6.53
C GLY I 107 -34.22 17.60 5.32
N ASP I 108 -33.18 16.92 4.84
CA ASP I 108 -32.42 17.31 3.63
C ASP I 108 -33.37 17.42 2.44
N TRP I 109 -34.43 16.62 2.40
CA TRP I 109 -35.45 16.63 1.32
C TRP I 109 -36.10 18.02 1.23
N GLU I 110 -36.47 18.58 2.37
CA GLU I 110 -37.06 19.94 2.46
C GLU I 110 -35.99 21.00 2.18
N GLU I 111 -34.82 20.94 2.82
CA GLU I 111 -33.75 21.98 2.67
C GLU I 111 -33.29 22.07 1.20
N ASP I 112 -33.28 20.95 0.47
CA ASP I 112 -32.91 20.92 -0.98
C ASP I 112 -34.00 21.58 -1.84
N GLY I 113 -35.20 21.80 -1.28
CA GLY I 113 -36.33 22.43 -2.01
C GLY I 113 -37.25 21.41 -2.69
N PHE I 114 -37.22 20.13 -2.32
CA PHE I 114 -38.00 19.07 -3.03
C PHE I 114 -39.39 18.86 -2.42
N GLY I 115 -39.69 19.42 -1.25
CA GLY I 115 -41.03 19.28 -0.63
C GLY I 115 -40.96 19.23 0.88
N THR I 116 -42.11 19.38 1.54
CA THR I 116 -42.24 19.39 3.02
C THR I 116 -42.59 17.99 3.53
N ASP I 117 -42.98 17.06 2.64
CA ASP I 117 -43.37 15.67 3.02
C ASP I 117 -42.40 14.69 2.36
N PRO I 118 -41.63 13.92 3.17
CA PRO I 118 -40.57 13.08 2.63
C PRO I 118 -41.06 11.74 2.04
N ILE I 119 -42.34 11.39 2.16
CA ILE I 119 -42.83 10.07 1.65
C ILE I 119 -43.81 10.22 0.48
N GLU I 120 -44.50 11.36 0.38
CA GLU I 120 -45.56 11.65 -0.61
C GLU I 120 -45.15 11.21 -2.03
N LYS I 121 -43.95 11.55 -2.48
CA LYS I 121 -43.50 11.16 -3.83
C LYS I 121 -41.98 11.17 -3.90
N GLU I 122 -41.43 10.32 -4.77
CA GLU I 122 -39.96 10.19 -4.98
C GLU I 122 -39.24 9.83 -3.68
N ASN I 123 -38.02 10.31 -3.50
CA ASN I 123 -37.23 10.13 -2.24
C ASN I 123 -37.22 8.65 -1.82
N ILE I 124 -37.08 7.75 -2.78
CA ILE I 124 -37.15 6.29 -2.54
C ILE I 124 -35.97 5.86 -1.66
N MET I 125 -34.84 6.58 -1.72
N MET I 125 -34.83 6.54 -1.70
CA MET I 125 -33.70 6.24 -0.82
CA MET I 125 -33.76 6.05 -0.77
C MET I 125 -34.20 6.31 0.63
C MET I 125 -34.23 6.26 0.67
N TYR I 126 -34.88 7.36 1.05
CA TYR I 126 -35.39 7.50 2.43
C TYR I 126 -36.53 6.49 2.67
N LYS I 127 -37.60 6.59 1.89
CA LYS I 127 -38.85 5.84 2.14
C LYS I 127 -38.70 4.32 1.93
N GLY I 128 -37.87 3.92 0.97
CA GLY I 128 -37.54 2.50 0.78
C GLY I 128 -37.00 1.89 2.06
N HIS I 129 -35.99 2.52 2.66
CA HIS I 129 -35.39 2.06 3.94
C HIS I 129 -36.47 2.05 5.02
N LEU I 130 -37.20 3.15 5.16
CA LEU I 130 -38.26 3.26 6.21
C LEU I 130 -39.22 2.08 6.03
N ASN I 131 -39.67 1.82 4.81
CA ASN I 131 -40.68 0.78 4.56
C ASN I 131 -40.11 -0.59 4.89
N LEU I 132 -38.86 -0.87 4.51
CA LEU I 132 -38.21 -2.16 4.85
C LEU I 132 -38.08 -2.26 6.38
N MET I 133 -37.75 -1.17 7.05
CA MET I 133 -37.60 -1.16 8.53
C MET I 133 -38.94 -1.42 9.23
N TYR I 134 -40.03 -0.81 8.78
CA TYR I 134 -41.40 -1.09 9.30
C TYR I 134 -41.64 -2.62 9.27
N GLY I 135 -41.31 -3.24 8.15
CA GLY I 135 -41.56 -4.67 7.92
C GLY I 135 -40.71 -5.54 8.82
N LEU I 136 -39.41 -5.25 8.89
CA LEU I 136 -38.48 -6.04 9.72
C LEU I 136 -38.89 -5.93 11.18
N TYR I 137 -39.29 -4.73 11.62
CA TYR I 137 -39.77 -4.51 13.00
C TYR I 137 -40.92 -5.48 13.28
N GLN I 138 -41.87 -5.57 12.36
CA GLN I 138 -43.09 -6.38 12.59
C GLN I 138 -42.75 -7.88 12.50
N LEU I 139 -41.87 -8.29 11.59
CA LEU I 139 -41.38 -9.70 11.52
C LEU I 139 -40.72 -10.09 12.84
N VAL I 140 -39.93 -9.20 13.43
CA VAL I 140 -39.11 -9.52 14.63
C VAL I 140 -40.02 -9.60 15.86
N THR I 141 -40.94 -8.65 16.03
CA THR I 141 -41.69 -8.43 17.29
C THR I 141 -43.11 -8.99 17.22
N GLY I 142 -43.72 -9.06 16.03
CA GLY I 142 -45.16 -9.35 15.88
C GLY I 142 -46.04 -8.16 16.28
N SER I 143 -45.45 -7.00 16.59
CA SER I 143 -46.19 -5.80 17.06
C SER I 143 -46.79 -5.08 15.85
N ARG I 144 -48.01 -4.54 16.02
CA ARG I 144 -48.80 -3.84 14.99
C ARG I 144 -48.68 -2.32 15.19
N ARG I 145 -47.72 -1.88 16.01
CA ARG I 145 -47.49 -0.45 16.35
C ARG I 145 -47.41 0.42 15.08
N TYR I 146 -46.75 -0.06 14.02
CA TYR I 146 -46.48 0.75 12.80
C TYR I 146 -47.26 0.20 11.61
N GLU I 147 -48.16 -0.77 11.83
CA GLU I 147 -48.92 -1.46 10.74
C GLU I 147 -49.64 -0.46 9.83
N ALA I 148 -50.33 0.52 10.39
CA ALA I 148 -51.14 1.50 9.60
C ALA I 148 -50.17 2.30 8.72
N GLU I 149 -49.07 2.80 9.31
CA GLU I 149 -48.05 3.57 8.56
C GLU I 149 -47.43 2.71 7.47
N HIS I 150 -47.16 1.43 7.78
CA HIS I 150 -46.54 0.44 6.87
C HIS I 150 -47.44 0.21 5.64
N ALA I 151 -48.74 -0.01 5.87
CA ALA I 151 -49.75 -0.18 4.81
C ALA I 151 -49.81 1.07 3.92
N HIS I 152 -49.84 2.25 4.54
CA HIS I 152 -49.90 3.54 3.81
C HIS I 152 -48.67 3.70 2.91
N LEU I 153 -47.47 3.49 3.45
CA LEU I 153 -46.20 3.71 2.70
C LEU I 153 -46.07 2.62 1.62
N THR I 154 -46.42 1.38 1.92
CA THR I 154 -46.39 0.27 0.93
C THR I 154 -47.27 0.65 -0.26
N ARG I 155 -48.47 1.18 -0.01
CA ARG I 155 -49.43 1.54 -1.08
C ARG I 155 -48.87 2.72 -1.87
N ILE I 156 -48.27 3.72 -1.23
CA ILE I 156 -47.58 4.83 -1.95
C ILE I 156 -46.55 4.24 -2.91
N ILE I 157 -45.70 3.31 -2.43
CA ILE I 157 -44.59 2.77 -3.26
C ILE I 157 -45.20 1.99 -4.44
N HIS I 158 -46.21 1.15 -4.17
CA HIS I 158 -46.91 0.35 -5.21
C HIS I 158 -47.50 1.28 -6.27
N ASP I 159 -48.23 2.32 -5.85
CA ASP I 159 -48.93 3.27 -6.77
C ASP I 159 -47.90 4.01 -7.62
N GLU I 160 -46.79 4.42 -7.02
CA GLU I 160 -45.71 5.17 -7.72
C GLU I 160 -45.07 4.30 -8.81
N ILE I 161 -44.79 3.04 -8.48
CA ILE I 161 -44.26 2.04 -9.45
C ILE I 161 -45.27 1.91 -10.61
N ALA I 162 -46.55 1.68 -10.30
CA ALA I 162 -47.61 1.48 -11.32
C ALA I 162 -47.68 2.70 -12.27
N ALA I 163 -47.48 3.91 -11.76
CA ALA I 163 -47.63 5.18 -12.52
C ALA I 163 -46.41 5.49 -13.41
N ASN I 164 -45.24 4.91 -13.15
CA ASN I 164 -43.98 5.30 -13.84
C ASN I 164 -43.82 4.47 -15.10
N PRO I 165 -43.34 5.08 -16.22
CA PRO I 165 -43.10 4.34 -17.46
C PRO I 165 -41.83 3.47 -17.45
N PHE I 166 -40.83 3.86 -16.64
CA PHE I 166 -39.67 3.03 -16.25
C PHE I 166 -40.09 2.20 -15.02
N ALA I 167 -39.43 1.07 -14.76
CA ALA I 167 -39.71 0.22 -13.59
C ALA I 167 -39.01 0.79 -12.35
N GLY I 168 -39.76 1.31 -11.40
CA GLY I 168 -39.27 1.75 -10.09
C GLY I 168 -39.60 3.20 -9.79
N ILE I 169 -38.81 3.82 -8.91
CA ILE I 169 -39.06 5.18 -8.36
C ILE I 169 -37.73 5.94 -8.28
N VAL I 170 -37.78 7.25 -8.51
CA VAL I 170 -36.58 8.12 -8.45
C VAL I 170 -36.29 8.48 -6.98
N CYS I 171 -35.08 8.98 -6.72
CA CYS I 171 -34.66 9.53 -5.40
C CYS I 171 -34.98 11.03 -5.42
N GLU I 172 -33.97 11.89 -5.63
CA GLU I 172 -34.19 13.30 -6.05
C GLU I 172 -34.96 13.19 -7.36
N PRO I 173 -35.76 14.20 -7.77
CA PRO I 173 -36.43 14.15 -9.06
C PRO I 173 -35.42 13.91 -10.21
N ASP I 174 -35.77 13.03 -11.14
CA ASP I 174 -34.97 12.67 -12.35
C ASP I 174 -33.65 11.92 -12.01
N ASN I 175 -33.48 11.43 -10.79
CA ASN I 175 -32.31 10.63 -10.37
C ASN I 175 -32.78 9.22 -10.00
N TYR I 176 -32.45 8.23 -10.81
CA TYR I 176 -32.84 6.82 -10.60
C TYR I 176 -31.60 6.02 -10.23
N PHE I 177 -31.64 5.33 -9.09
CA PHE I 177 -30.54 4.48 -8.58
C PHE I 177 -31.04 3.07 -8.38
N VAL I 178 -30.36 2.08 -8.93
CA VAL I 178 -30.79 0.65 -8.81
C VAL I 178 -30.74 0.24 -7.35
N GLN I 179 -29.74 0.68 -6.58
CA GLN I 179 -29.53 0.21 -5.19
C GLN I 179 -30.68 0.68 -4.31
N CYS I 180 -31.16 1.91 -4.51
CA CYS I 180 -32.28 2.51 -3.74
C CYS I 180 -33.57 1.76 -4.10
N ASN I 181 -33.77 1.45 -5.37
CA ASN I 181 -34.95 0.65 -5.81
C ASN I 181 -34.91 -0.74 -5.18
N SER I 182 -33.74 -1.36 -5.08
CA SER I 182 -33.61 -2.75 -4.58
C SER I 182 -34.17 -2.82 -3.16
N VAL I 183 -33.97 -1.78 -2.35
CA VAL I 183 -34.50 -1.70 -0.95
C VAL I 183 -36.04 -1.62 -0.99
N ALA I 184 -36.58 -0.75 -1.83
CA ALA I 184 -38.05 -0.56 -1.97
C ALA I 184 -38.72 -1.88 -2.39
N TYR I 185 -38.17 -2.59 -3.38
CA TYR I 185 -38.74 -3.87 -3.87
C TYR I 185 -38.68 -4.89 -2.73
N LEU I 186 -37.55 -4.98 -2.05
CA LEU I 186 -37.44 -5.94 -0.92
C LEU I 186 -38.49 -5.60 0.14
N SER I 187 -38.81 -4.31 0.36
CA SER I 187 -39.83 -3.91 1.35
C SER I 187 -41.21 -4.47 0.97
N LEU I 188 -41.49 -4.63 -0.34
CA LEU I 188 -42.78 -5.17 -0.85
C LEU I 188 -42.84 -6.67 -0.53
N TRP I 189 -41.72 -7.38 -0.66
CA TRP I 189 -41.64 -8.83 -0.33
C TRP I 189 -41.94 -8.99 1.17
N VAL I 190 -41.41 -8.10 2.02
CA VAL I 190 -41.61 -8.22 3.49
C VAL I 190 -43.09 -7.95 3.80
N TYR I 191 -43.68 -6.91 3.20
CA TYR I 191 -45.11 -6.62 3.42
C TYR I 191 -45.96 -7.87 3.06
N ASP I 192 -45.72 -8.44 1.88
CA ASP I 192 -46.43 -9.64 1.37
C ASP I 192 -46.32 -10.81 2.36
N ARG I 193 -45.13 -11.04 2.90
CA ARG I 193 -44.93 -12.11 3.90
C ARG I 193 -45.83 -11.87 5.12
N LEU I 194 -46.01 -10.62 5.55
CA LEU I 194 -46.79 -10.30 6.77
C LEU I 194 -48.30 -10.37 6.52
N HIS I 195 -48.77 -10.10 5.29
CA HIS I 195 -50.20 -9.81 5.03
C HIS I 195 -50.80 -10.69 3.93
N GLY I 196 -50.02 -11.52 3.23
CA GLY I 196 -50.54 -12.44 2.19
C GLY I 196 -50.89 -11.73 0.89
N THR I 197 -50.45 -10.49 0.70
CA THR I 197 -50.66 -9.67 -0.52
C THR I 197 -49.67 -10.09 -1.62
N ASP I 198 -49.72 -9.42 -2.78
CA ASP I 198 -48.85 -9.72 -3.96
C ASP I 198 -48.27 -8.41 -4.52
N TYR I 199 -47.86 -7.47 -3.65
CA TYR I 199 -47.14 -6.24 -4.09
C TYR I 199 -45.83 -6.62 -4.79
N ARG I 200 -45.23 -7.77 -4.44
CA ARG I 200 -43.93 -8.21 -4.98
C ARG I 200 -44.02 -8.61 -6.48
N ALA I 201 -45.22 -8.74 -7.04
CA ALA I 201 -45.43 -9.11 -8.46
C ALA I 201 -44.76 -8.09 -9.39
N ALA I 202 -44.58 -6.85 -8.93
CA ALA I 202 -43.91 -5.78 -9.71
C ALA I 202 -42.41 -6.09 -9.90
N THR I 203 -41.83 -7.00 -9.11
CA THR I 203 -40.39 -7.27 -9.10
C THR I 203 -39.89 -7.74 -10.48
N ARG I 204 -40.62 -8.61 -11.17
CA ARG I 204 -40.14 -9.24 -12.43
C ARG I 204 -39.87 -8.11 -13.46
N ALA I 205 -40.79 -7.18 -13.66
CA ALA I 205 -40.61 -6.08 -14.64
C ALA I 205 -39.39 -5.24 -14.23
N TRP I 206 -39.15 -5.05 -12.93
CA TRP I 206 -37.99 -4.28 -12.42
C TRP I 206 -36.69 -5.02 -12.78
N LEU I 207 -36.62 -6.31 -12.50
CA LEU I 207 -35.40 -7.12 -12.77
C LEU I 207 -35.14 -7.14 -14.28
N ASP I 208 -36.17 -7.16 -15.12
CA ASP I 208 -36.01 -7.10 -16.61
C ASP I 208 -35.48 -5.71 -16.99
N PHE I 209 -36.01 -4.65 -16.40
CA PHE I 209 -35.65 -3.25 -16.72
C PHE I 209 -34.17 -2.99 -16.40
N ILE I 210 -33.71 -3.38 -15.21
CA ILE I 210 -32.32 -3.05 -14.76
C ILE I 210 -31.30 -3.87 -15.54
N GLN I 211 -31.71 -4.93 -16.23
CA GLN I 211 -30.81 -5.76 -17.10
C GLN I 211 -30.71 -5.20 -18.51
N LYS I 212 -31.41 -4.12 -18.86
CA LYS I 212 -31.25 -3.43 -20.17
C LYS I 212 -30.05 -2.46 -20.07
N ASP I 213 -30.26 -1.14 -20.13
CA ASP I 213 -29.13 -0.18 -20.26
C ASP I 213 -28.44 0.04 -18.91
N LEU I 214 -29.04 -0.37 -17.79
CA LEU I 214 -28.48 -0.07 -16.44
C LEU I 214 -27.37 -1.05 -16.06
N ILE I 215 -27.21 -2.19 -16.75
CA ILE I 215 -26.13 -3.17 -16.43
C ILE I 215 -25.20 -3.33 -17.63
N ASP I 216 -23.92 -3.56 -17.36
CA ASP I 216 -22.95 -4.17 -18.29
C ASP I 216 -22.91 -5.67 -17.98
N PRO I 217 -23.62 -6.52 -18.75
CA PRO I 217 -23.80 -7.92 -18.37
C PRO I 217 -22.49 -8.71 -18.43
N GLU I 218 -21.55 -8.34 -19.30
CA GLU I 218 -20.23 -9.02 -19.41
C GLU I 218 -19.42 -8.76 -18.14
N ARG I 219 -19.47 -7.54 -17.59
CA ARG I 219 -18.63 -7.16 -16.41
C ARG I 219 -19.40 -7.40 -15.12
N GLY I 220 -20.70 -7.73 -15.18
CA GLY I 220 -21.55 -7.97 -14.00
C GLY I 220 -21.64 -6.73 -13.13
N ALA I 221 -21.78 -5.56 -13.74
CA ALA I 221 -21.67 -4.25 -13.06
C ALA I 221 -22.78 -3.32 -13.53
N PHE I 222 -23.47 -2.69 -12.57
CA PHE I 222 -24.47 -1.63 -12.85
C PHE I 222 -23.75 -0.30 -13.10
N TYR I 223 -24.30 0.50 -14.00
CA TYR I 223 -23.95 1.92 -14.19
C TYR I 223 -24.46 2.69 -12.96
N LEU I 224 -23.79 3.81 -12.70
CA LEU I 224 -23.96 4.68 -11.51
C LEU I 224 -25.43 5.05 -11.32
N SER I 225 -26.11 5.47 -12.38
CA SER I 225 -27.48 6.03 -12.27
C SER I 225 -28.12 6.21 -13.64
N TYR I 226 -29.44 6.34 -13.64
CA TYR I 226 -30.32 6.58 -14.81
C TYR I 226 -31.13 7.84 -14.56
N HIS I 227 -31.43 8.56 -15.63
CA HIS I 227 -32.07 9.91 -15.59
C HIS I 227 -33.18 9.94 -16.62
N PRO I 228 -34.42 9.58 -16.22
CA PRO I 228 -35.52 9.33 -17.15
C PRO I 228 -35.85 10.51 -18.10
N GLU I 229 -35.80 11.76 -17.62
CA GLU I 229 -36.12 12.96 -18.44
C GLU I 229 -35.27 12.95 -19.73
N SER I 230 -33.94 12.78 -19.60
CA SER I 230 -32.96 12.82 -20.71
C SER I 230 -32.73 11.42 -21.30
N GLY I 231 -33.11 10.34 -20.60
CA GLY I 231 -32.77 8.95 -20.99
C GLY I 231 -31.32 8.60 -20.70
N ALA I 232 -30.54 9.50 -20.08
CA ALA I 232 -29.09 9.30 -19.83
C ALA I 232 -28.88 8.19 -18.79
N VAL I 233 -27.92 7.32 -19.09
CA VAL I 233 -27.27 6.43 -18.11
C VAL I 233 -25.84 6.94 -17.95
N LYS I 234 -25.42 7.25 -16.72
CA LYS I 234 -24.05 7.75 -16.48
C LYS I 234 -23.10 6.66 -16.93
N PRO I 235 -22.05 7.00 -17.72
CA PRO I 235 -21.23 5.98 -18.38
C PRO I 235 -20.16 5.33 -17.50
N TRP I 236 -20.22 5.43 -16.18
CA TRP I 236 -19.28 4.73 -15.26
C TRP I 236 -20.01 3.59 -14.57
N ILE I 237 -19.34 2.44 -14.45
CA ILE I 237 -19.83 1.32 -13.62
C ILE I 237 -19.35 1.57 -12.19
N SER I 238 -20.13 1.11 -11.21
CA SER I 238 -19.90 1.37 -9.75
C SER I 238 -19.97 0.05 -9.00
N ALA I 239 -18.89 -0.28 -8.29
CA ALA I 239 -18.76 -1.48 -7.46
C ALA I 239 -19.72 -1.40 -6.26
N TYR I 240 -19.77 -0.27 -5.54
CA TYR I 240 -20.56 -0.19 -4.30
C TYR I 240 -22.04 -0.33 -4.70
N THR I 241 -22.41 0.31 -5.79
CA THR I 241 -23.78 0.25 -6.36
C THR I 241 -24.12 -1.22 -6.64
N THR I 242 -23.22 -1.94 -7.31
CA THR I 242 -23.43 -3.32 -7.76
C THR I 242 -23.47 -4.25 -6.55
N ALA I 243 -22.53 -4.10 -5.61
CA ALA I 243 -22.42 -4.99 -4.45
C ALA I 243 -23.72 -4.93 -3.64
N TRP I 244 -24.19 -3.72 -3.38
CA TRP I 244 -25.42 -3.46 -2.60
C TRP I 244 -26.60 -4.08 -3.37
N THR I 245 -26.76 -3.77 -4.65
CA THR I 245 -27.90 -4.21 -5.46
C THR I 245 -27.95 -5.74 -5.53
N LEU I 246 -26.82 -6.39 -5.82
CA LEU I 246 -26.78 -7.88 -5.95
C LEU I 246 -27.09 -8.51 -4.60
N ALA I 247 -26.65 -7.89 -3.48
CA ALA I 247 -26.91 -8.47 -2.15
C ALA I 247 -28.42 -8.52 -1.91
N MET I 248 -29.12 -7.44 -2.21
CA MET I 248 -30.56 -7.33 -1.92
C MET I 248 -31.36 -8.15 -2.93
N VAL I 249 -30.98 -8.10 -4.21
CA VAL I 249 -31.65 -8.88 -5.27
C VAL I 249 -31.53 -10.39 -4.94
N HIS I 250 -30.44 -10.84 -4.33
CA HIS I 250 -30.22 -12.28 -4.02
C HIS I 250 -31.37 -12.80 -3.14
N GLY I 251 -31.99 -11.92 -2.33
CA GLY I 251 -33.11 -12.29 -1.45
C GLY I 251 -34.41 -12.47 -2.23
N MET I 252 -34.51 -11.90 -3.43
CA MET I 252 -35.76 -11.88 -4.22
C MET I 252 -35.62 -12.79 -5.45
N ASP I 253 -34.48 -12.76 -6.13
CA ASP I 253 -34.14 -13.62 -7.30
C ASP I 253 -32.71 -14.09 -7.16
N PRO I 254 -32.46 -15.19 -6.42
CA PRO I 254 -31.12 -15.69 -6.19
C PRO I 254 -30.35 -15.93 -7.50
N ALA I 255 -31.01 -16.45 -8.55
CA ALA I 255 -30.35 -16.80 -9.83
C ALA I 255 -29.73 -15.55 -10.47
N PHE I 256 -30.38 -14.39 -10.34
CA PHE I 256 -29.92 -13.09 -10.90
C PHE I 256 -28.54 -12.76 -10.32
N SER I 257 -28.39 -12.81 -9.00
CA SER I 257 -27.13 -12.42 -8.34
C SER I 257 -26.08 -13.49 -8.60
N GLU I 258 -26.45 -14.76 -8.62
CA GLU I 258 -25.53 -15.90 -8.91
C GLU I 258 -24.93 -15.73 -10.31
N ARG I 259 -25.73 -15.33 -11.28
CA ARG I 259 -25.30 -15.06 -12.68
C ARG I 259 -24.16 -14.00 -12.70
N TYR I 260 -24.32 -12.89 -11.98
CA TYR I 260 -23.42 -11.71 -12.16
C TYR I 260 -22.26 -11.72 -11.15
N TYR I 261 -22.39 -12.40 -10.02
CA TYR I 261 -21.41 -12.31 -8.90
C TYR I 261 -19.99 -12.61 -9.39
N PRO I 262 -19.73 -13.71 -10.12
CA PRO I 262 -18.37 -14.03 -10.56
C PRO I 262 -17.79 -12.96 -11.48
N ARG I 263 -18.60 -12.37 -12.34
CA ARG I 263 -18.17 -11.30 -13.28
C ARG I 263 -17.88 -10.02 -12.48
N PHE I 264 -18.72 -9.68 -11.51
CA PHE I 264 -18.52 -8.55 -10.56
C PHE I 264 -17.14 -8.67 -9.93
N LYS I 265 -16.80 -9.85 -9.42
CA LYS I 265 -15.50 -10.08 -8.73
C LYS I 265 -14.34 -9.89 -9.70
N GLN I 266 -14.43 -10.45 -10.91
CA GLN I 266 -13.40 -10.29 -11.95
C GLN I 266 -13.23 -8.79 -12.24
N THR I 267 -14.32 -8.06 -12.43
CA THR I 267 -14.29 -6.62 -12.80
C THR I 267 -13.62 -5.77 -11.69
N PHE I 268 -13.91 -6.02 -10.40
CA PHE I 268 -13.63 -5.01 -9.35
C PHE I 268 -12.67 -5.49 -8.27
N VAL I 269 -12.64 -6.79 -7.98
CA VAL I 269 -12.01 -7.30 -6.73
C VAL I 269 -10.53 -7.56 -6.98
N GLU I 270 -9.65 -6.90 -6.21
CA GLU I 270 -8.19 -7.15 -6.23
C GLU I 270 -7.82 -7.96 -4.99
N VAL I 271 -7.44 -9.23 -5.21
CA VAL I 271 -6.80 -10.10 -4.19
C VAL I 271 -5.32 -9.69 -4.12
N TYR I 272 -4.78 -9.51 -2.92
CA TYR I 272 -3.36 -9.10 -2.73
C TYR I 272 -2.82 -9.81 -1.47
N ASP I 273 -1.56 -9.53 -1.12
CA ASP I 273 -0.85 -10.12 0.05
C ASP I 273 -0.97 -11.65 0.00
N GLU I 274 -0.69 -12.25 -1.16
CA GLU I 274 -0.55 -13.72 -1.35
C GLU I 274 -1.87 -14.40 -0.97
N GLY I 275 -3.00 -13.81 -1.39
CA GLY I 275 -4.35 -14.39 -1.21
C GLY I 275 -4.97 -14.14 0.16
N ARG I 276 -4.31 -13.42 1.06
CA ARG I 276 -4.79 -13.23 2.46
C ARG I 276 -5.76 -12.05 2.56
N LYS I 277 -5.71 -11.10 1.61
CA LYS I 277 -6.48 -9.84 1.62
C LYS I 277 -7.10 -9.55 0.26
N ALA I 278 -8.14 -8.72 0.27
CA ALA I 278 -8.79 -8.19 -0.94
C ALA I 278 -9.26 -6.75 -0.69
N ARG I 279 -9.29 -5.97 -1.76
CA ARG I 279 -9.85 -4.61 -1.74
C ARG I 279 -10.54 -4.42 -3.09
N VAL I 280 -11.53 -3.52 -3.14
CA VAL I 280 -12.43 -3.42 -4.30
C VAL I 280 -12.24 -2.03 -4.94
N ARG I 281 -11.98 -2.03 -6.25
CA ARG I 281 -11.99 -0.82 -7.11
C ARG I 281 -13.44 -0.37 -7.26
N GLU I 282 -13.69 0.94 -7.22
CA GLU I 282 -15.06 1.53 -7.25
C GLU I 282 -15.55 1.58 -8.70
N THR I 283 -14.67 1.77 -9.67
CA THR I 283 -15.03 1.92 -11.10
C THR I 283 -13.98 1.25 -12.01
N ALA I 284 -14.23 1.20 -13.32
CA ALA I 284 -13.29 0.68 -14.34
C ALA I 284 -12.23 1.75 -14.66
N GLY I 285 -11.13 1.34 -15.29
CA GLY I 285 -10.07 2.24 -15.82
C GLY I 285 -9.23 2.87 -14.72
N THR I 286 -9.10 2.20 -13.58
CA THR I 286 -8.29 2.65 -12.41
C THR I 286 -7.75 1.42 -11.70
N ASP I 287 -6.63 1.57 -11.01
CA ASP I 287 -6.05 0.54 -10.09
C ASP I 287 -6.39 0.92 -8.65
N ASP I 288 -6.90 2.13 -8.39
CA ASP I 288 -7.17 2.63 -7.02
C ASP I 288 -8.36 1.86 -6.43
N ALA I 289 -8.26 1.46 -5.17
CA ALA I 289 -9.32 0.81 -4.39
C ALA I 289 -10.19 1.89 -3.73
N ASP I 290 -11.50 1.66 -3.64
CA ASP I 290 -12.39 2.39 -2.68
C ASP I 290 -12.37 3.89 -2.97
N GLY I 291 -12.38 4.27 -4.26
CA GLY I 291 -12.65 5.65 -4.67
C GLY I 291 -14.15 5.98 -4.53
N GLY I 292 -14.55 7.15 -5.05
CA GLY I 292 -15.93 7.64 -4.95
C GLY I 292 -16.36 7.80 -3.51
N VAL I 293 -17.50 7.22 -3.13
CA VAL I 293 -18.05 7.32 -1.74
C VAL I 293 -17.18 6.51 -0.78
N GLY I 294 -16.29 5.64 -1.28
CA GLY I 294 -15.31 4.90 -0.47
C GLY I 294 -15.89 3.64 0.17
N LEU I 295 -16.98 3.08 -0.36
CA LEU I 295 -17.72 1.98 0.30
C LEU I 295 -17.70 0.68 -0.52
N ALA I 296 -16.93 0.60 -1.60
CA ALA I 296 -16.90 -0.60 -2.48
C ALA I 296 -16.55 -1.84 -1.65
N SER I 297 -15.48 -1.77 -0.87
CA SER I 297 -14.99 -2.94 -0.10
C SER I 297 -16.02 -3.33 0.98
N ALA I 298 -16.59 -2.38 1.69
CA ALA I 298 -17.55 -2.62 2.80
C ALA I 298 -18.82 -3.26 2.25
N PHE I 299 -19.34 -2.78 1.12
CA PHE I 299 -20.57 -3.38 0.52
C PHE I 299 -20.23 -4.76 -0.10
N THR I 300 -19.01 -4.96 -0.60
CA THR I 300 -18.59 -6.28 -1.14
C THR I 300 -18.51 -7.27 0.02
N LEU I 301 -18.08 -6.82 1.20
CA LEU I 301 -18.07 -7.66 2.42
C LEU I 301 -19.51 -8.16 2.68
N LEU I 302 -20.50 -7.27 2.60
CA LEU I 302 -21.91 -7.67 2.79
C LEU I 302 -22.32 -8.67 1.69
N LEU I 303 -21.97 -8.38 0.44
CA LEU I 303 -22.33 -9.26 -0.69
C LEU I 303 -21.70 -10.65 -0.52
N ALA I 304 -20.43 -10.71 -0.15
CA ALA I 304 -19.71 -11.96 0.12
C ALA I 304 -20.48 -12.76 1.16
N ARG I 305 -20.94 -12.10 2.23
CA ARG I 305 -21.74 -12.79 3.29
C ARG I 305 -23.04 -13.33 2.68
N GLU I 306 -23.74 -12.49 1.90
CA GLU I 306 -25.05 -12.85 1.31
C GLU I 306 -24.86 -14.08 0.39
N MET I 307 -23.75 -14.13 -0.37
CA MET I 307 -23.52 -15.19 -1.37
C MET I 307 -22.87 -16.44 -0.75
N GLY I 308 -22.48 -16.42 0.53
CA GLY I 308 -21.85 -17.56 1.23
C GLY I 308 -20.38 -17.75 0.84
N ASP I 309 -19.70 -16.69 0.36
CA ASP I 309 -18.30 -16.71 -0.12
C ASP I 309 -17.36 -16.38 1.05
N GLN I 310 -17.02 -17.38 1.85
CA GLN I 310 -16.21 -17.25 3.08
C GLN I 310 -14.82 -16.72 2.73
N GLN I 311 -14.24 -17.18 1.61
CA GLN I 311 -12.87 -16.80 1.23
C GLN I 311 -12.83 -15.27 1.02
N LEU I 312 -13.71 -14.72 0.19
CA LEU I 312 -13.69 -13.28 -0.11
C LEU I 312 -14.04 -12.48 1.16
N PHE I 313 -14.99 -12.95 1.96
CA PHE I 313 -15.35 -12.33 3.25
C PHE I 313 -14.08 -12.16 4.08
N ASP I 314 -13.34 -13.25 4.25
CA ASP I 314 -12.10 -13.30 5.08
C ASP I 314 -11.08 -12.30 4.53
N GLN I 315 -10.87 -12.30 3.23
CA GLN I 315 -9.89 -11.41 2.54
C GLN I 315 -10.28 -9.95 2.75
N LEU I 316 -11.57 -9.59 2.57
CA LEU I 316 -12.02 -8.18 2.70
C LEU I 316 -11.92 -7.75 4.16
N LEU I 317 -12.31 -8.61 5.10
CA LEU I 317 -12.28 -8.21 6.53
C LEU I 317 -10.82 -8.06 6.97
N ASN I 318 -9.90 -8.85 6.41
CA ASN I 318 -8.44 -8.72 6.69
C ASN I 318 -7.92 -7.37 6.16
N HIS I 319 -8.48 -6.86 5.08
CA HIS I 319 -8.15 -5.51 4.54
C HIS I 319 -8.78 -4.40 5.42
N LEU I 320 -10.04 -4.57 5.83
CA LEU I 320 -10.88 -3.48 6.42
C LEU I 320 -10.63 -3.30 7.92
N GLU I 321 -10.63 -4.39 8.69
CA GLU I 321 -10.74 -4.32 10.16
C GLU I 321 -9.40 -3.94 10.81
N PRO I 322 -8.28 -4.66 10.57
CA PRO I 322 -7.02 -4.37 11.27
C PRO I 322 -6.58 -2.92 11.27
N PRO I 323 -6.51 -2.21 10.12
CA PRO I 323 -6.10 -0.81 10.12
C PRO I 323 -7.05 0.10 10.89
N ALA I 324 -8.31 -0.29 11.07
CA ALA I 324 -9.32 0.49 11.83
C ALA I 324 -9.07 0.39 13.34
N LYS I 325 -8.25 -0.57 13.79
CA LYS I 325 -7.75 -0.69 15.19
C LYS I 325 -8.94 -0.85 16.14
N PRO I 326 -9.63 -2.00 16.08
CA PRO I 326 -10.71 -2.28 17.00
C PRO I 326 -10.16 -2.44 18.41
N SER I 327 -10.87 -1.98 19.43
CA SER I 327 -10.60 -2.33 20.83
C SER I 327 -11.93 -2.55 21.55
N ILE I 328 -11.94 -3.51 22.45
CA ILE I 328 -13.09 -3.80 23.36
C ILE I 328 -12.68 -3.26 24.74
N VAL I 329 -13.37 -2.22 25.19
CA VAL I 329 -13.17 -1.55 26.51
C VAL I 329 -14.50 -1.68 27.26
N SER I 330 -14.48 -2.21 28.47
CA SER I 330 -15.68 -2.42 29.30
C SER I 330 -16.75 -3.14 28.48
N ALA I 331 -16.34 -4.16 27.70
CA ALA I 331 -17.22 -5.07 26.92
C ALA I 331 -17.97 -4.32 25.83
N SER I 332 -17.45 -3.21 25.34
CA SER I 332 -18.04 -2.38 24.27
C SER I 332 -17.02 -2.14 23.16
N LEU I 333 -17.41 -2.32 21.90
CA LEU I 333 -16.52 -2.24 20.71
C LEU I 333 -16.39 -0.78 20.22
N ARG I 334 -15.18 -0.32 20.01
CA ARG I 334 -14.82 0.97 19.36
C ARG I 334 -13.74 0.68 18.29
N TYR I 335 -13.79 1.41 17.18
CA TYR I 335 -12.70 1.48 16.17
C TYR I 335 -11.99 2.84 16.34
N GLU I 336 -10.68 2.86 16.52
CA GLU I 336 -9.86 4.10 16.64
C GLU I 336 -9.78 4.81 15.28
N HIS I 337 -9.68 4.09 14.15
CA HIS I 337 -9.49 4.71 12.79
C HIS I 337 -10.47 4.09 11.79
N PRO I 338 -11.78 4.37 11.89
CA PRO I 338 -12.74 3.86 10.91
C PRO I 338 -12.29 4.34 9.52
N GLY I 339 -12.28 3.45 8.54
CA GLY I 339 -11.67 3.70 7.22
C GLY I 339 -12.63 4.37 6.25
N SER I 340 -13.90 4.53 6.62
CA SER I 340 -14.96 5.07 5.73
C SER I 340 -16.16 5.55 6.54
N LEU I 341 -17.12 6.16 5.87
CA LEU I 341 -18.50 6.37 6.38
C LEU I 341 -19.12 5.00 6.66
N LEU I 342 -20.07 4.97 7.58
CA LEU I 342 -20.92 3.78 7.86
C LEU I 342 -20.06 2.58 8.24
N PHE I 343 -18.91 2.81 8.85
CA PHE I 343 -17.88 1.76 9.07
C PHE I 343 -18.39 0.72 10.08
N ASP I 344 -18.69 1.11 11.32
CA ASP I 344 -19.13 0.10 12.32
C ASP I 344 -20.49 -0.48 11.89
N GLU I 345 -21.32 0.30 11.20
CA GLU I 345 -22.65 -0.15 10.74
C GLU I 345 -22.48 -1.31 9.74
N LEU I 346 -21.64 -1.15 8.73
CA LEU I 346 -21.51 -2.15 7.64
C LEU I 346 -20.71 -3.37 8.09
N LEU I 347 -19.73 -3.21 8.98
CA LEU I 347 -18.99 -4.38 9.54
C LEU I 347 -19.92 -5.17 10.44
N PHE I 348 -20.71 -4.49 11.27
CA PHE I 348 -21.75 -5.12 12.12
C PHE I 348 -22.67 -5.96 11.24
N LEU I 349 -23.27 -5.32 10.25
CA LEU I 349 -24.24 -5.98 9.33
C LEU I 349 -23.58 -7.20 8.67
N ALA I 350 -22.39 -7.08 8.10
CA ALA I 350 -21.72 -8.18 7.36
C ALA I 350 -21.42 -9.34 8.32
N LYS I 351 -21.06 -9.04 9.58
CA LYS I 351 -20.71 -10.07 10.58
C LYS I 351 -21.93 -10.92 10.95
N VAL I 352 -23.14 -10.34 10.99
CA VAL I 352 -24.34 -11.07 11.47
C VAL I 352 -25.25 -11.49 10.32
N HIS I 353 -25.09 -10.93 9.11
CA HIS I 353 -26.13 -11.03 8.05
C HIS I 353 -26.49 -12.52 7.80
N ALA I 354 -27.77 -12.86 7.90
CA ALA I 354 -28.31 -14.24 7.72
C ALA I 354 -28.77 -14.47 6.27
N GLY I 355 -28.69 -13.45 5.41
CA GLY I 355 -29.28 -13.47 4.07
C GLY I 355 -30.66 -12.84 4.05
N PHE I 356 -30.96 -12.03 3.03
CA PHE I 356 -32.24 -11.29 2.92
C PHE I 356 -33.40 -12.29 2.75
N GLY I 357 -33.15 -13.42 2.09
CA GLY I 357 -34.11 -14.54 1.97
C GLY I 357 -34.48 -15.11 3.33
N ALA I 358 -33.51 -15.35 4.21
CA ALA I 358 -33.75 -15.88 5.57
C ALA I 358 -34.55 -14.86 6.39
N LEU I 359 -34.30 -13.55 6.24
CA LEU I 359 -35.07 -12.52 6.99
C LEU I 359 -36.53 -12.55 6.53
N LEU I 360 -36.77 -12.72 5.23
CA LEU I 360 -38.14 -12.88 4.66
C LEU I 360 -38.88 -14.06 5.29
N ARG I 361 -38.20 -15.14 5.63
CA ARG I 361 -38.83 -16.39 6.14
C ARG I 361 -38.73 -16.44 7.67
N MET I 362 -38.40 -15.33 8.32
CA MET I 362 -38.20 -15.31 9.79
C MET I 362 -39.39 -15.96 10.47
N PRO I 363 -39.21 -17.02 11.29
CA PRO I 363 -40.31 -17.60 12.06
C PRO I 363 -40.94 -16.59 13.01
N PRO I 364 -42.24 -16.70 13.35
CA PRO I 364 -42.87 -15.81 14.31
C PRO I 364 -42.29 -15.95 15.71
N PRO I 365 -42.43 -14.90 16.54
CA PRO I 365 -41.94 -14.95 17.93
C PRO I 365 -42.80 -15.90 18.78
N ALA J 2 -6.75 6.54 61.81
CA ALA J 2 -5.88 7.60 62.43
C ALA J 2 -4.87 8.11 61.38
N GLU J 3 -4.26 7.22 60.58
CA GLU J 3 -3.24 7.58 59.54
C GLU J 3 -3.96 8.13 58.30
N LEU J 4 -3.49 9.27 57.78
CA LEU J 4 -4.01 9.99 56.59
C LEU J 4 -3.32 9.48 55.31
N PRO J 5 -4.00 8.66 54.49
CA PRO J 5 -3.38 8.15 53.26
C PRO J 5 -2.96 9.30 52.34
N PRO J 6 -2.02 9.10 51.40
CA PRO J 6 -1.46 10.23 50.64
C PRO J 6 -2.49 10.80 49.65
N GLY J 7 -2.59 12.14 49.51
CA GLY J 7 -3.50 12.82 48.58
C GLY J 7 -4.95 12.96 49.09
N ARG J 8 -5.28 12.35 50.22
CA ARG J 8 -6.59 12.41 50.90
C ARG J 8 -6.62 13.65 51.77
N LEU J 9 -7.81 14.20 52.06
CA LEU J 9 -7.94 15.47 52.82
C LEU J 9 -8.30 15.18 54.27
N ALA J 10 -8.99 14.07 54.53
CA ALA J 10 -9.36 13.67 55.89
C ALA J 10 -9.59 12.16 55.93
N THR J 11 -9.54 11.58 57.13
CA THR J 11 -9.61 10.12 57.33
C THR J 11 -11.07 9.69 57.20
N THR J 12 -11.28 8.45 56.79
CA THR J 12 -12.59 7.79 56.79
C THR J 12 -13.22 7.92 58.18
N GLU J 13 -12.45 7.69 59.23
CA GLU J 13 -12.91 7.81 60.64
C GLU J 13 -13.51 9.21 60.82
N ASP J 14 -12.83 10.26 60.34
CA ASP J 14 -13.32 11.65 60.49
C ASP J 14 -14.68 11.82 59.79
N TYR J 15 -14.88 11.32 58.55
CA TYR J 15 -16.15 11.48 57.80
C TYR J 15 -17.27 10.79 58.57
N PHE J 16 -17.02 9.57 59.06
CA PHE J 16 -18.05 8.76 59.77
C PHE J 16 -18.35 9.31 61.16
N ALA J 17 -17.46 10.14 61.73
CA ALA J 17 -17.65 10.73 63.09
C ALA J 17 -18.35 12.10 63.02
N GLN J 18 -18.57 12.67 61.83
CA GLN J 18 -19.10 14.06 61.67
C GLN J 18 -20.39 14.22 62.48
N GLN J 19 -21.30 13.27 62.38
CA GLN J 19 -22.64 13.37 63.02
C GLN J 19 -22.48 13.38 64.55
N ALA J 20 -21.65 12.50 65.10
CA ALA J 20 -21.40 12.38 66.57
C ALA J 20 -20.77 13.69 67.09
N LYS J 21 -19.83 14.28 66.35
CA LYS J 21 -19.11 15.53 66.73
C LYS J 21 -19.97 16.76 66.42
N GLN J 22 -21.09 16.61 65.69
CA GLN J 22 -21.98 17.73 65.28
C GLN J 22 -21.17 18.80 64.53
N ALA J 23 -20.27 18.38 63.66
CA ALA J 23 -19.42 19.27 62.84
C ALA J 23 -19.00 18.57 61.55
N VAL J 24 -19.01 19.27 60.44
CA VAL J 24 -18.46 18.78 59.15
C VAL J 24 -16.93 18.91 59.23
N THR J 25 -16.20 18.05 58.50
CA THR J 25 -14.73 18.15 58.36
C THR J 25 -14.40 19.48 57.65
N PRO J 26 -13.19 20.03 57.85
CA PRO J 26 -12.79 21.24 57.12
C PRO J 26 -12.92 21.14 55.58
N ASP J 27 -12.69 19.97 54.98
CA ASP J 27 -12.75 19.79 53.51
C ASP J 27 -14.23 19.84 53.05
N VAL J 28 -15.15 19.36 53.87
CA VAL J 28 -16.61 19.46 53.56
C VAL J 28 -17.03 20.93 53.66
N MET J 29 -16.53 21.65 54.66
CA MET J 29 -16.80 23.10 54.80
C MET J 29 -16.26 23.81 53.56
N ALA J 30 -15.09 23.42 53.06
CA ALA J 30 -14.45 24.04 51.88
C ALA J 30 -15.25 23.70 50.61
N GLN J 31 -15.92 22.54 50.56
CA GLN J 31 -16.87 22.19 49.47
C GLN J 31 -18.10 23.10 49.57
N LEU J 32 -18.64 23.31 50.77
CA LEU J 32 -19.78 24.23 50.98
C LEU J 32 -19.37 25.67 50.56
N ALA J 33 -18.10 26.03 50.72
CA ALA J 33 -17.58 27.34 50.30
C ALA J 33 -17.55 27.38 48.77
N TYR J 34 -17.07 26.35 48.09
CA TYR J 34 -17.12 26.29 46.61
C TYR J 34 -18.59 26.51 46.19
N MET J 35 -19.52 25.87 46.91
CA MET J 35 -20.95 25.86 46.53
C MET J 35 -21.59 27.24 46.75
N ASN J 36 -21.08 28.06 47.68
CA ASN J 36 -21.82 29.23 48.22
C ASN J 36 -21.04 30.55 48.11
N TYR J 37 -19.72 30.56 47.92
CA TYR J 37 -18.87 31.73 48.31
C TYR J 37 -18.88 32.83 47.22
N ILE J 38 -18.44 32.52 46.00
CA ILE J 38 -18.10 33.58 45.00
C ILE J 38 -19.38 34.08 44.32
N ASP J 39 -19.53 35.41 44.26
CA ASP J 39 -20.68 36.08 43.56
C ASP J 39 -20.82 35.56 42.13
N PHE J 40 -22.06 35.29 41.73
CA PHE J 40 -22.50 35.01 40.34
C PHE J 40 -22.14 33.59 39.91
N ILE J 41 -20.95 33.08 40.21
CA ILE J 41 -20.44 31.83 39.57
C ILE J 41 -20.55 30.60 40.49
N SER J 42 -20.76 30.77 41.79
CA SER J 42 -20.97 29.63 42.71
C SER J 42 -22.35 29.03 42.38
N PRO J 43 -22.51 27.70 42.42
CA PRO J 43 -23.78 27.08 42.02
C PRO J 43 -25.00 27.50 42.86
N PHE J 44 -24.82 27.82 44.14
CA PHE J 44 -25.94 28.16 45.05
C PHE J 44 -25.93 29.66 45.37
N TYR J 45 -25.51 30.48 44.41
CA TYR J 45 -25.50 31.95 44.54
C TYR J 45 -26.94 32.51 44.57
N SER J 46 -27.84 32.08 43.70
CA SER J 46 -29.21 32.65 43.62
C SER J 46 -30.24 31.64 43.10
N ARG J 47 -31.51 31.94 43.39
CA ARG J 47 -32.72 31.18 42.93
C ARG J 47 -32.87 31.28 41.41
N GLY J 48 -32.22 32.25 40.76
CA GLY J 48 -32.42 32.54 39.33
C GLY J 48 -32.04 31.37 38.41
N CYS J 49 -32.44 31.47 37.15
CA CYS J 49 -32.14 30.48 36.08
C CYS J 49 -30.78 30.81 35.44
N SER J 50 -29.76 31.00 36.27
CA SER J 50 -28.33 31.15 35.88
C SER J 50 -27.58 29.85 36.20
N PHE J 51 -26.82 29.35 35.23
CA PHE J 51 -26.14 28.04 35.28
C PHE J 51 -24.65 28.21 34.99
N GLU J 52 -24.09 29.38 35.33
CA GLU J 52 -22.65 29.71 35.15
C GLU J 52 -21.80 28.63 35.80
N ALA J 53 -22.12 28.20 37.03
CA ALA J 53 -21.30 27.23 37.78
C ALA J 53 -21.18 25.94 36.94
N TRP J 54 -22.28 25.54 36.29
CA TRP J 54 -22.33 24.29 35.48
C TRP J 54 -21.63 24.51 34.13
N GLU J 55 -21.73 25.69 33.54
CA GLU J 55 -20.98 26.04 32.28
C GLU J 55 -19.47 25.98 32.57
N LEU J 56 -19.01 26.50 33.70
CA LEU J 56 -17.56 26.51 34.06
C LEU J 56 -17.04 25.09 34.27
N LYS J 57 -17.84 24.14 34.79
CA LYS J 57 -17.38 22.72 34.95
C LYS J 57 -17.72 21.89 33.71
N HIS J 58 -18.30 22.47 32.64
CA HIS J 58 -18.64 21.76 31.38
C HIS J 58 -19.65 20.62 31.65
N THR J 59 -20.57 20.79 32.60
CA THR J 59 -21.65 19.80 32.87
C THR J 59 -22.54 19.71 31.63
N PRO J 60 -22.69 18.52 31.01
CA PRO J 60 -23.64 18.36 29.90
C PRO J 60 -25.04 18.71 30.39
N GLN J 61 -25.84 19.34 29.52
CA GLN J 61 -27.22 19.79 29.87
C GLN J 61 -27.98 18.66 30.58
N ARG J 62 -27.93 17.44 30.05
CA ARG J 62 -28.76 16.29 30.49
C ARG J 62 -28.41 15.88 31.93
N VAL J 63 -27.23 16.27 32.41
CA VAL J 63 -26.67 15.83 33.72
C VAL J 63 -26.97 16.89 34.79
N ILE J 64 -27.37 18.11 34.41
CA ILE J 64 -27.56 19.20 35.40
C ILE J 64 -28.59 18.77 36.45
N LYS J 65 -29.68 18.14 36.03
CA LYS J 65 -30.75 17.70 36.97
C LYS J 65 -30.16 16.76 38.05
N TYR J 66 -29.22 15.89 37.70
CA TYR J 66 -28.57 14.95 38.66
C TYR J 66 -27.60 15.72 39.56
N SER J 67 -26.86 16.66 38.98
CA SER J 67 -25.95 17.55 39.76
C SER J 67 -26.74 18.22 40.88
N ILE J 68 -27.85 18.86 40.56
CA ILE J 68 -28.65 19.60 41.57
C ILE J 68 -29.17 18.62 42.62
N ALA J 69 -29.72 17.49 42.20
CA ALA J 69 -30.33 16.49 43.10
C ALA J 69 -29.27 15.97 44.09
N PHE J 70 -28.09 15.60 43.60
CA PHE J 70 -27.03 14.98 44.45
C PHE J 70 -26.51 16.03 45.45
N TYR J 71 -26.32 17.28 45.02
CA TYR J 71 -26.03 18.41 45.94
C TYR J 71 -27.13 18.47 46.99
N ALA J 72 -28.40 18.42 46.59
CA ALA J 72 -29.54 18.51 47.54
C ALA J 72 -29.49 17.38 48.55
N TYR J 73 -29.23 16.15 48.13
CA TYR J 73 -29.20 14.98 49.06
C TYR J 73 -28.05 15.17 50.06
N GLY J 74 -26.91 15.68 49.62
CA GLY J 74 -25.78 16.01 50.50
C GLY J 74 -26.17 17.09 51.51
N LEU J 75 -26.82 18.16 51.03
CA LEU J 75 -27.20 19.28 51.92
C LEU J 75 -28.15 18.80 53.01
N ALA J 76 -29.02 17.83 52.71
CA ALA J 76 -29.96 17.27 53.71
C ALA J 76 -29.18 16.63 54.85
N SER J 77 -28.11 15.90 54.54
CA SER J 77 -27.24 15.27 55.57
C SER J 77 -26.47 16.34 56.35
N VAL J 78 -26.01 17.42 55.68
CA VAL J 78 -25.31 18.54 56.39
C VAL J 78 -26.26 19.07 57.47
N ALA J 79 -27.55 19.21 57.16
CA ALA J 79 -28.58 19.74 58.09
C ALA J 79 -28.67 18.86 59.34
N LEU J 80 -28.54 17.54 59.16
CA LEU J 80 -28.62 16.53 60.24
C LEU J 80 -27.29 16.53 61.03
N ILE J 81 -26.15 16.76 60.36
CA ILE J 81 -24.81 16.75 61.00
C ILE J 81 -24.65 17.94 61.94
N ASP J 82 -24.82 19.17 61.43
CA ASP J 82 -24.50 20.41 62.19
C ASP J 82 -25.72 21.31 62.26
N PRO J 83 -26.40 21.38 63.42
CA PRO J 83 -27.53 22.30 63.60
C PRO J 83 -27.21 23.77 63.25
N LYS J 84 -25.96 24.21 63.40
CA LYS J 84 -25.53 25.59 63.09
C LYS J 84 -25.50 25.79 61.56
N LEU J 85 -25.46 24.72 60.77
CA LEU J 85 -25.46 24.81 59.29
C LEU J 85 -26.85 24.50 58.72
N ARG J 86 -27.83 24.20 59.58
CA ARG J 86 -29.15 23.72 59.10
C ARG J 86 -29.84 24.83 58.30
N ALA J 87 -29.77 26.08 58.76
CA ALA J 87 -30.37 27.24 58.06
C ALA J 87 -29.70 27.42 56.67
N LEU J 88 -28.37 27.35 56.61
CA LEU J 88 -27.62 27.40 55.32
C LEU J 88 -28.08 26.26 54.40
N ALA J 89 -28.14 25.03 54.90
CA ALA J 89 -28.57 23.85 54.14
C ALA J 89 -29.98 24.10 53.58
N GLY J 90 -30.87 24.64 54.42
CA GLY J 90 -32.26 25.00 54.05
C GLY J 90 -32.28 26.01 52.91
N HIS J 91 -31.46 27.06 53.02
CA HIS J 91 -31.34 28.12 51.98
C HIS J 91 -30.87 27.48 50.69
N ASP J 92 -29.84 26.64 50.75
CA ASP J 92 -29.26 25.98 49.56
C ASP J 92 -30.32 25.07 48.92
N LEU J 93 -31.12 24.37 49.74
CA LEU J 93 -32.17 23.45 49.20
C LEU J 93 -33.27 24.25 48.50
N ASP J 94 -33.64 25.39 49.08
CA ASP J 94 -34.59 26.34 48.45
C ASP J 94 -34.08 26.69 47.04
N ILE J 95 -32.82 27.06 46.91
CA ILE J 95 -32.18 27.38 45.61
C ILE J 95 -32.17 26.14 44.72
N ALA J 96 -31.89 24.96 45.26
CA ALA J 96 -31.81 23.71 44.48
C ALA J 96 -33.18 23.47 43.82
N VAL J 97 -34.26 23.62 44.58
CA VAL J 97 -35.64 23.41 44.05
C VAL J 97 -35.93 24.45 42.96
N SER J 98 -35.63 25.73 43.17
CA SER J 98 -35.85 26.80 42.15
C SER J 98 -35.12 26.47 40.88
N LYS J 99 -33.84 26.13 40.98
CA LYS J 99 -32.99 25.87 39.79
C LYS J 99 -33.53 24.62 39.09
N MET J 100 -33.98 23.64 39.86
CA MET J 100 -34.44 22.35 39.31
C MET J 100 -35.65 22.60 38.41
N LYS J 101 -36.41 23.67 38.65
CA LYS J 101 -37.65 23.98 37.87
C LYS J 101 -37.32 24.82 36.62
N CYS J 102 -36.09 25.28 36.44
CA CYS J 102 -35.69 26.07 35.24
C CYS J 102 -35.72 25.18 33.98
N LYS J 103 -36.12 25.74 32.86
CA LYS J 103 -36.22 25.01 31.58
C LYS J 103 -34.83 24.49 31.13
N ARG J 104 -33.75 25.17 31.46
CA ARG J 104 -32.38 24.68 31.16
C ARG J 104 -32.22 23.25 31.72
N VAL J 105 -32.79 22.97 32.87
CA VAL J 105 -32.65 21.66 33.58
C VAL J 105 -33.57 20.61 32.96
N TRP J 106 -34.86 20.90 32.77
CA TRP J 106 -35.86 19.88 32.33
C TRP J 106 -36.05 19.88 30.81
N GLY J 107 -35.57 20.92 30.12
CA GLY J 107 -35.90 21.26 28.72
C GLY J 107 -35.61 20.14 27.73
N ASP J 108 -34.69 19.23 28.04
CA ASP J 108 -34.34 18.08 27.14
C ASP J 108 -35.62 17.27 26.85
N TRP J 109 -36.56 17.21 27.81
CA TRP J 109 -37.85 16.51 27.64
C TRP J 109 -38.61 17.03 26.42
N GLU J 110 -38.70 18.36 26.30
CA GLU J 110 -39.36 19.04 25.17
C GLU J 110 -38.51 18.89 23.90
N GLU J 111 -37.20 19.19 23.94
CA GLU J 111 -36.31 19.15 22.75
C GLU J 111 -36.32 17.74 22.13
N ASP J 112 -36.41 16.68 22.94
CA ASP J 112 -36.45 15.28 22.45
C ASP J 112 -37.81 14.96 21.80
N GLY J 113 -38.82 15.83 21.96
CA GLY J 113 -40.15 15.65 21.35
C GLY J 113 -41.14 14.93 22.25
N PHE J 114 -40.90 14.83 23.56
CA PHE J 114 -41.73 13.99 24.48
C PHE J 114 -42.87 14.78 25.11
N GLY J 115 -42.89 16.11 25.02
CA GLY J 115 -43.99 16.91 25.60
C GLY J 115 -43.49 18.26 26.09
N THR J 116 -44.40 19.17 26.41
CA THR J 116 -44.09 20.56 26.84
C THR J 116 -44.14 20.64 28.37
N ASP J 117 -44.69 19.63 29.04
CA ASP J 117 -44.83 19.62 30.52
C ASP J 117 -43.99 18.46 31.09
N PRO J 118 -42.96 18.75 31.90
CA PRO J 118 -42.01 17.72 32.32
C PRO J 118 -42.51 16.84 33.48
N ILE J 119 -43.70 17.12 34.02
CA ILE J 119 -44.26 16.50 35.26
C ILE J 119 -45.48 15.63 34.93
N GLU J 120 -46.25 15.95 33.90
CA GLU J 120 -47.61 15.42 33.60
C GLU J 120 -47.58 13.89 33.53
N LYS J 121 -46.61 13.31 32.81
CA LYS J 121 -46.51 11.84 32.64
C LYS J 121 -45.06 11.46 32.37
N GLU J 122 -44.68 10.25 32.78
CA GLU J 122 -43.36 9.65 32.51
C GLU J 122 -42.28 10.57 33.12
N ASN J 123 -41.09 10.59 32.53
CA ASN J 123 -40.01 11.53 32.91
C ASN J 123 -39.71 11.38 34.41
N ILE J 124 -39.73 10.14 34.91
CA ILE J 124 -39.59 9.88 36.37
C ILE J 124 -38.18 10.25 36.84
N MET J 125 -37.19 10.18 35.94
N MET J 125 -37.16 10.21 36.00
CA MET J 125 -35.80 10.65 36.21
CA MET J 125 -35.85 10.63 36.57
C MET J 125 -35.87 12.08 36.79
C MET J 125 -35.93 12.12 36.92
N TYR J 126 -36.52 12.98 36.08
CA TYR J 126 -36.61 14.40 36.48
C TYR J 126 -37.53 14.53 37.71
N LYS J 127 -38.76 14.03 37.61
CA LYS J 127 -39.79 14.43 38.58
C LYS J 127 -39.66 13.61 39.88
N GLY J 128 -39.05 12.42 39.82
CA GLY J 128 -38.65 11.67 41.02
C GLY J 128 -37.71 12.49 41.90
N HIS J 129 -36.65 13.04 41.32
CA HIS J 129 -35.66 13.88 42.04
C HIS J 129 -36.38 15.12 42.58
N LEU J 130 -37.15 15.80 41.73
CA LEU J 130 -37.88 17.03 42.15
C LEU J 130 -38.74 16.71 43.37
N ASN J 131 -39.48 15.59 43.31
CA ASN J 131 -40.42 15.24 44.40
C ASN J 131 -39.63 14.94 45.69
N LEU J 132 -38.53 14.21 45.58
CA LEU J 132 -37.69 13.92 46.77
C LEU J 132 -37.13 15.25 47.31
N MET J 133 -36.73 16.17 46.43
CA MET J 133 -36.18 17.48 46.83
C MET J 133 -37.23 18.32 47.57
N TYR J 134 -38.46 18.36 47.09
CA TYR J 134 -39.58 19.06 47.78
C TYR J 134 -39.66 18.57 49.23
N GLY J 135 -39.60 17.24 49.40
CA GLY J 135 -39.74 16.62 50.72
C GLY J 135 -38.58 16.93 51.64
N LEU J 136 -37.35 16.79 51.13
CA LEU J 136 -36.13 17.04 51.94
C LEU J 136 -36.10 18.50 52.34
N TYR J 137 -36.47 19.41 51.44
CA TYR J 137 -36.53 20.85 51.74
C TYR J 137 -37.44 21.06 52.95
N GLN J 138 -38.61 20.43 52.96
CA GLN J 138 -39.60 20.64 54.03
C GLN J 138 -39.14 19.97 55.33
N LEU J 139 -38.51 18.79 55.27
CA LEU J 139 -37.90 18.13 56.47
C LEU J 139 -36.84 19.05 57.08
N VAL J 140 -36.02 19.70 56.26
CA VAL J 140 -34.86 20.50 56.77
C VAL J 140 -35.36 21.81 57.38
N THR J 141 -36.29 22.49 56.72
CA THR J 141 -36.64 23.91 57.03
C THR J 141 -37.95 23.99 57.82
N GLY J 142 -38.88 23.04 57.67
CA GLY J 142 -40.25 23.16 58.19
C GLY J 142 -41.10 24.10 57.37
N SER J 143 -40.59 24.61 56.24
CA SER J 143 -41.32 25.59 55.38
C SER J 143 -42.34 24.84 54.50
N ARG J 144 -43.51 25.45 54.31
CA ARG J 144 -44.67 24.93 53.51
C ARG J 144 -44.66 25.58 52.12
N ARG J 145 -43.59 26.30 51.77
CA ARG J 145 -43.43 27.04 50.48
C ARG J 145 -43.84 26.17 49.29
N TYR J 146 -43.44 24.89 49.27
CA TYR J 146 -43.62 23.99 48.10
C TYR J 146 -44.65 22.89 48.42
N GLU J 147 -45.37 22.98 49.52
CA GLU J 147 -46.32 21.95 50.01
C GLU J 147 -47.39 21.61 48.95
N ALA J 148 -47.98 22.61 48.33
CA ALA J 148 -49.02 22.46 47.28
C ALA J 148 -48.43 21.68 46.10
N GLU J 149 -47.26 22.12 45.62
CA GLU J 149 -46.54 21.49 44.48
C GLU J 149 -46.17 20.04 44.85
N HIS J 150 -45.77 19.81 46.10
CA HIS J 150 -45.31 18.51 46.64
C HIS J 150 -46.50 17.53 46.63
N ALA J 151 -47.66 17.95 47.13
CA ALA J 151 -48.91 17.16 47.14
C ALA J 151 -49.30 16.82 45.70
N HIS J 152 -49.26 17.80 44.81
CA HIS J 152 -49.63 17.63 43.37
C HIS J 152 -48.75 16.59 42.71
N LEU J 153 -47.44 16.69 42.88
CA LEU J 153 -46.47 15.80 42.20
C LEU J 153 -46.53 14.42 42.85
N THR J 154 -46.68 14.33 44.18
CA THR J 154 -46.80 13.04 44.89
C THR J 154 -48.00 12.29 44.33
N ARG J 155 -49.13 12.99 44.13
CA ARG J 155 -50.38 12.33 43.68
C ARG J 155 -50.20 11.93 42.22
N ILE J 156 -49.56 12.73 41.37
CA ILE J 156 -49.24 12.31 39.97
C ILE J 156 -48.43 11.01 40.03
N ILE J 157 -47.39 10.93 40.86
CA ILE J 157 -46.49 9.74 40.87
C ILE J 157 -47.30 8.52 41.35
N HIS J 158 -48.08 8.69 42.41
CA HIS J 158 -48.91 7.60 42.99
C HIS J 158 -49.93 7.11 41.95
N ASP J 159 -50.63 8.02 41.26
CA ASP J 159 -51.68 7.71 40.25
C ASP J 159 -51.02 6.97 39.07
N GLU J 160 -49.84 7.37 38.65
CA GLU J 160 -49.15 6.77 37.47
C GLU J 160 -48.71 5.34 37.83
N ILE J 161 -48.19 5.15 39.04
CA ILE J 161 -47.87 3.77 39.56
C ILE J 161 -49.16 2.91 39.53
N ALA J 162 -50.26 3.41 40.07
CA ALA J 162 -51.53 2.66 40.17
C ALA J 162 -52.01 2.25 38.75
N ALA J 163 -51.80 3.11 37.74
CA ALA J 163 -52.30 2.92 36.35
C ALA J 163 -51.44 1.92 35.55
N ASN J 164 -50.19 1.66 35.92
CA ASN J 164 -49.24 0.90 35.08
C ASN J 164 -49.36 -0.59 35.40
N PRO J 165 -49.29 -1.48 34.38
CA PRO J 165 -49.32 -2.93 34.59
C PRO J 165 -48.01 -3.52 35.16
N PHE J 166 -46.89 -2.87 34.88
CA PHE J 166 -45.58 -3.08 35.56
C PHE J 166 -45.57 -2.19 36.82
N ALA J 167 -44.78 -2.51 37.82
CA ALA J 167 -44.64 -1.67 39.05
C ALA J 167 -43.64 -0.52 38.79
N GLY J 168 -44.14 0.70 38.74
CA GLY J 168 -43.32 1.93 38.63
C GLY J 168 -43.69 2.77 37.43
N ILE J 169 -42.76 3.59 36.97
CA ILE J 169 -42.96 4.64 35.93
C ILE J 169 -41.73 4.64 35.01
N VAL J 170 -41.95 4.91 33.73
CA VAL J 170 -40.86 4.98 32.72
C VAL J 170 -40.22 6.39 32.77
N CYS J 171 -39.05 6.51 32.15
CA CYS J 171 -38.35 7.81 31.97
C CYS J 171 -38.81 8.40 30.63
N GLU J 172 -37.99 8.28 29.59
CA GLU J 172 -38.44 8.41 28.17
C GLU J 172 -39.51 7.34 28.01
N PRO J 173 -40.48 7.49 27.08
CA PRO J 173 -41.48 6.44 26.85
C PRO J 173 -40.81 5.10 26.54
N ASP J 174 -41.34 4.02 27.13
CA ASP J 174 -40.87 2.61 26.93
C ASP J 174 -39.46 2.36 27.50
N ASN J 175 -38.90 3.26 28.30
CA ASN J 175 -37.58 3.09 28.98
C ASN J 175 -37.81 3.06 30.49
N TYR J 176 -37.65 1.89 31.10
CA TYR J 176 -37.82 1.69 32.55
C TYR J 176 -36.45 1.48 33.19
N PHE J 177 -36.11 2.29 34.19
CA PHE J 177 -34.83 2.19 34.93
C PHE J 177 -35.12 2.03 36.42
N VAL J 178 -34.54 1.02 37.06
CA VAL J 178 -34.78 0.75 38.50
C VAL J 178 -34.27 1.95 39.32
N GLN J 179 -33.14 2.56 38.95
CA GLN J 179 -32.49 3.60 39.80
C GLN J 179 -33.41 4.84 39.84
N CYS J 180 -34.03 5.19 38.71
CA CYS J 180 -34.95 6.36 38.62
C CYS J 180 -36.21 6.08 39.45
N ASN J 181 -36.74 4.86 39.39
CA ASN J 181 -37.91 4.45 40.21
C ASN J 181 -37.56 4.52 41.70
N SER J 182 -36.34 4.13 42.09
CA SER J 182 -35.95 4.06 43.52
C SER J 182 -36.08 5.46 44.13
N VAL J 183 -35.77 6.51 43.38
CA VAL J 183 -35.87 7.93 43.83
C VAL J 183 -37.35 8.29 44.03
N ALA J 184 -38.20 7.96 43.07
CA ALA J 184 -39.65 8.24 43.12
C ALA J 184 -40.27 7.56 44.35
N TYR J 185 -39.97 6.28 44.59
CA TYR J 185 -40.55 5.53 45.74
C TYR J 185 -40.06 6.20 47.03
N LEU J 186 -38.78 6.52 47.13
CA LEU J 186 -38.26 7.18 48.35
C LEU J 186 -39.00 8.51 48.56
N SER J 187 -39.37 9.23 47.49
CA SER J 187 -40.09 10.52 47.62
C SER J 187 -41.48 10.29 48.28
N LEU J 188 -42.08 9.10 48.07
CA LEU J 188 -43.39 8.74 48.69
C LEU J 188 -43.20 8.52 50.21
N TRP J 189 -42.09 7.90 50.61
CA TRP J 189 -41.73 7.69 52.04
C TRP J 189 -41.58 9.05 52.71
N VAL J 190 -40.95 10.02 52.04
CA VAL J 190 -40.72 11.35 52.64
C VAL J 190 -42.06 12.06 52.80
N TYR J 191 -42.91 12.00 51.78
CA TYR J 191 -44.26 12.61 51.87
C TYR J 191 -45.02 12.03 53.08
N ASP J 192 -45.05 10.70 53.20
CA ASP J 192 -45.70 9.97 54.33
C ASP J 192 -45.17 10.46 55.68
N ARG J 193 -43.87 10.63 55.82
CA ARG J 193 -43.26 11.16 57.06
C ARG J 193 -43.83 12.55 57.39
N LEU J 194 -44.05 13.40 56.41
CA LEU J 194 -44.49 14.80 56.62
C LEU J 194 -45.99 14.87 56.93
N HIS J 195 -46.80 13.93 56.41
CA HIS J 195 -48.28 14.09 56.36
C HIS J 195 -49.02 12.91 57.00
N GLY J 196 -48.36 11.82 57.39
CA GLY J 196 -48.99 10.67 58.08
C GLY J 196 -49.76 9.77 57.11
N THR J 197 -49.56 9.93 55.80
CA THR J 197 -50.24 9.15 54.72
C THR J 197 -49.55 7.79 54.54
N ASP J 198 -50.02 6.98 53.58
CA ASP J 198 -49.48 5.63 53.31
C ASP J 198 -49.26 5.45 51.79
N TYR J 199 -48.75 6.47 51.10
CA TYR J 199 -48.36 6.35 49.67
C TYR J 199 -47.26 5.29 49.52
N ARG J 200 -46.45 5.08 50.56
CA ARG J 200 -45.31 4.13 50.54
C ARG J 200 -45.77 2.66 50.47
N ALA J 201 -47.06 2.37 50.66
CA ALA J 201 -47.59 0.97 50.62
C ALA J 201 -47.37 0.38 49.22
N ALA J 202 -47.24 1.21 48.19
CA ALA J 202 -46.97 0.76 46.80
C ALA J 202 -45.55 0.17 46.67
N THR J 203 -44.67 0.41 47.65
CA THR J 203 -43.24 -0.03 47.58
C THR J 203 -43.12 -1.56 47.48
N ARG J 204 -43.91 -2.31 48.23
CA ARG J 204 -43.78 -3.80 48.32
C ARG J 204 -43.93 -4.40 46.90
N ALA J 205 -44.95 -4.03 46.15
CA ALA J 205 -45.19 -4.56 44.78
C ALA J 205 -43.99 -4.21 43.89
N TRP J 206 -43.41 -3.00 44.07
CA TRP J 206 -42.23 -2.56 43.29
C TRP J 206 -41.02 -3.45 43.62
N LEU J 207 -40.75 -3.67 44.91
CA LEU J 207 -39.57 -4.49 45.34
C LEU J 207 -39.76 -5.93 44.83
N ASP J 208 -40.99 -6.45 44.78
CA ASP J 208 -41.27 -7.81 44.24
C ASP J 208 -41.00 -7.82 42.72
N PHE J 209 -41.45 -6.78 42.02
CA PHE J 209 -41.31 -6.67 40.55
C PHE J 209 -39.83 -6.63 40.14
N ILE J 210 -39.01 -5.80 40.78
CA ILE J 210 -37.60 -5.60 40.34
C ILE J 210 -36.75 -6.83 40.68
N GLN J 211 -37.24 -7.73 41.54
CA GLN J 211 -36.53 -9.00 41.88
C GLN J 211 -36.88 -10.13 40.90
N LYS J 212 -37.74 -9.90 39.90
CA LYS J 212 -38.02 -10.89 38.81
C LYS J 212 -36.93 -10.73 37.73
N ASP J 213 -37.27 -10.29 36.52
CA ASP J 213 -36.30 -10.32 35.38
C ASP J 213 -35.29 -9.17 35.47
N LEU J 214 -35.52 -8.15 36.30
CA LEU J 214 -34.63 -6.95 36.35
C LEU J 214 -33.37 -7.21 37.19
N ILE J 215 -33.32 -8.27 38.00
CA ILE J 215 -32.11 -8.56 38.81
C ILE J 215 -31.54 -9.94 38.43
N ASP J 216 -30.21 -10.05 38.49
CA ASP J 216 -29.50 -11.35 38.60
C ASP J 216 -29.23 -11.58 40.09
N PRO J 217 -30.04 -12.40 40.78
CA PRO J 217 -29.97 -12.51 42.23
C PRO J 217 -28.66 -13.15 42.72
N GLU J 218 -28.05 -14.03 41.94
CA GLU J 218 -26.74 -14.67 42.28
C GLU J 218 -25.63 -13.60 42.28
N ARG J 219 -25.65 -12.68 41.32
CA ARG J 219 -24.57 -11.66 41.17
C ARG J 219 -24.91 -10.38 41.95
N GLY J 220 -26.14 -10.26 42.47
CA GLY J 220 -26.61 -9.09 43.22
C GLY J 220 -26.57 -7.82 42.37
N ALA J 221 -26.98 -7.94 41.10
CA ALA J 221 -26.78 -6.90 40.08
C ALA J 221 -28.06 -6.75 39.25
N PHE J 222 -28.52 -5.51 39.08
CA PHE J 222 -29.64 -5.16 38.18
C PHE J 222 -29.15 -5.10 36.74
N TYR J 223 -30.01 -5.50 35.82
CA TYR J 223 -29.85 -5.26 34.37
C TYR J 223 -30.05 -3.77 34.11
N LEU J 224 -29.47 -3.31 33.03
CA LEU J 224 -29.36 -1.89 32.62
C LEU J 224 -30.73 -1.23 32.59
N SER J 225 -31.73 -1.90 32.01
CA SER J 225 -33.06 -1.30 31.79
C SER J 225 -34.06 -2.36 31.30
N TYR J 226 -35.34 -2.00 31.41
CA TYR J 226 -36.52 -2.80 31.00
C TYR J 226 -37.33 -1.96 30.03
N HIS J 227 -37.99 -2.61 29.07
CA HIS J 227 -38.71 -1.96 27.96
C HIS J 227 -40.07 -2.63 27.81
N PRO J 228 -41.11 -2.10 28.49
CA PRO J 228 -42.40 -2.80 28.61
C PRO J 228 -43.07 -3.17 27.28
N GLU J 229 -43.03 -2.30 26.27
CA GLU J 229 -43.67 -2.54 24.93
C GLU J 229 -43.17 -3.89 24.38
N SER J 230 -41.86 -4.11 24.33
CA SER J 230 -41.21 -5.31 23.76
C SER J 230 -41.02 -6.41 24.82
N GLY J 231 -41.10 -6.09 26.12
CA GLY J 231 -40.77 -7.02 27.22
C GLY J 231 -39.25 -7.20 27.39
N ALA J 232 -38.43 -6.49 26.61
CA ALA J 232 -36.96 -6.68 26.60
C ALA J 232 -36.36 -6.18 27.93
N VAL J 233 -35.45 -6.99 28.47
CA VAL J 233 -34.48 -6.57 29.51
C VAL J 233 -33.12 -6.55 28.82
N LYS J 234 -32.42 -5.42 28.86
CA LYS J 234 -31.08 -5.35 28.21
C LYS J 234 -30.19 -6.36 28.92
N PRO J 235 -29.45 -7.20 28.19
CA PRO J 235 -28.76 -8.34 28.80
C PRO J 235 -27.42 -8.00 29.50
N TRP J 236 -27.13 -6.73 29.80
CA TRP J 236 -25.92 -6.35 30.57
C TRP J 236 -26.33 -5.95 31.99
N ILE J 237 -25.58 -6.41 32.99
CA ILE J 237 -25.72 -5.92 34.37
C ILE J 237 -24.86 -4.65 34.51
N SER J 238 -25.27 -3.74 35.39
CA SER J 238 -24.67 -2.39 35.57
C SER J 238 -24.41 -2.15 37.05
N ALA J 239 -23.14 -1.88 37.38
CA ALA J 239 -22.68 -1.57 38.75
C ALA J 239 -23.26 -0.22 39.20
N TYR J 240 -23.19 0.83 38.38
CA TYR J 240 -23.62 2.17 38.85
C TYR J 240 -25.13 2.10 39.11
N THR J 241 -25.86 1.42 38.22
CA THR J 241 -27.31 1.20 38.36
C THR J 241 -27.60 0.52 39.69
N THR J 242 -26.86 -0.54 40.00
CA THR J 242 -27.07 -1.39 41.20
C THR J 242 -26.68 -0.58 42.44
N ALA J 243 -25.54 0.08 42.43
CA ALA J 243 -25.02 0.79 43.62
C ALA J 243 -26.03 1.87 44.03
N TRP J 244 -26.49 2.64 43.07
CA TRP J 244 -27.48 3.72 43.29
C TRP J 244 -28.77 3.10 43.85
N THR J 245 -29.32 2.09 43.17
CA THR J 245 -30.62 1.47 43.55
C THR J 245 -30.53 0.90 44.97
N LEU J 246 -29.48 0.13 45.29
CA LEU J 246 -29.34 -0.51 46.63
C LEU J 246 -29.19 0.59 47.70
N ALA J 247 -28.52 1.69 47.39
CA ALA J 247 -28.32 2.76 48.39
C ALA J 247 -29.70 3.33 48.78
N MET J 248 -30.54 3.60 47.79
CA MET J 248 -31.86 4.23 48.05
C MET J 248 -32.83 3.21 48.66
N VAL J 249 -32.82 1.99 48.14
CA VAL J 249 -33.69 0.91 48.67
C VAL J 249 -33.36 0.65 50.15
N HIS J 250 -32.10 0.80 50.57
CA HIS J 250 -31.67 0.55 51.97
C HIS J 250 -32.48 1.41 52.94
N GLY J 251 -32.92 2.60 52.49
CA GLY J 251 -33.72 3.54 53.29
C GLY J 251 -35.16 3.05 53.45
N MET J 252 -35.63 2.16 52.56
CA MET J 252 -37.05 1.74 52.51
C MET J 252 -37.19 0.28 52.96
N ASP J 253 -36.31 -0.60 52.48
CA ASP J 253 -36.26 -2.04 52.86
C ASP J 253 -34.81 -2.41 53.07
N PRO J 254 -34.27 -2.17 54.29
CA PRO J 254 -32.87 -2.45 54.57
C PRO J 254 -32.48 -3.91 54.24
N ALA J 255 -33.36 -4.88 54.52
CA ALA J 255 -33.05 -6.32 54.33
C ALA J 255 -32.76 -6.61 52.86
N PHE J 256 -33.46 -5.94 51.94
CA PHE J 256 -33.29 -6.11 50.46
C PHE J 256 -31.85 -5.77 50.09
N SER J 257 -31.34 -4.61 50.50
CA SER J 257 -29.97 -4.15 50.14
C SER J 257 -28.93 -5.01 50.85
N GLU J 258 -29.19 -5.40 52.11
CA GLU J 258 -28.29 -6.28 52.91
C GLU J 258 -28.12 -7.61 52.20
N ARG J 259 -29.19 -8.18 51.66
CA ARG J 259 -29.20 -9.46 50.90
C ARG J 259 -28.21 -9.36 49.72
N TYR J 260 -28.25 -8.29 48.93
CA TYR J 260 -27.54 -8.24 47.62
C TYR J 260 -26.15 -7.62 47.74
N TYR J 261 -25.89 -6.81 48.77
CA TYR J 261 -24.65 -6.01 48.88
C TYR J 261 -23.41 -6.89 48.74
N PRO J 262 -23.28 -8.00 49.48
CA PRO J 262 -22.07 -8.83 49.41
C PRO J 262 -21.86 -9.43 48.00
N ARG J 263 -22.95 -9.81 47.33
CA ARG J 263 -22.89 -10.40 45.95
C ARG J 263 -22.49 -9.29 44.96
N PHE J 264 -23.06 -8.10 45.10
CA PHE J 264 -22.70 -6.88 44.31
C PHE J 264 -21.17 -6.69 44.38
N LYS J 265 -20.60 -6.71 45.58
CA LYS J 265 -19.15 -6.45 45.78
C LYS J 265 -18.32 -7.55 45.08
N GLN J 266 -18.70 -8.81 45.25
CA GLN J 266 -18.02 -9.96 44.59
C GLN J 266 -18.08 -9.74 43.08
N THR J 267 -19.24 -9.39 42.53
CA THR J 267 -19.44 -9.23 41.06
C THR J 267 -18.57 -8.10 40.50
N PHE J 268 -18.47 -6.95 41.17
CA PHE J 268 -17.99 -5.71 40.51
C PHE J 268 -16.72 -5.12 41.12
N VAL J 269 -16.49 -5.31 42.43
CA VAL J 269 -15.48 -4.51 43.17
C VAL J 269 -14.11 -5.19 43.06
N GLU J 270 -13.12 -4.48 42.52
CA GLU J 270 -11.70 -4.92 42.48
C GLU J 270 -10.92 -4.17 43.57
N VAL J 271 -10.52 -4.88 44.61
CA VAL J 271 -9.54 -4.42 45.63
C VAL J 271 -8.15 -4.56 45.00
N TYR J 272 -7.31 -3.54 45.11
CA TYR J 272 -5.93 -3.56 44.54
C TYR J 272 -5.00 -2.80 45.48
N ASP J 273 -3.71 -2.71 45.10
CA ASP J 273 -2.66 -2.00 45.88
C ASP J 273 -2.66 -2.53 47.33
N GLU J 274 -2.66 -3.87 47.48
CA GLU J 274 -2.45 -4.57 48.77
C GLU J 274 -3.54 -4.16 49.76
N GLY J 275 -4.79 -4.04 49.29
CA GLY J 275 -5.97 -3.76 50.14
C GLY J 275 -6.20 -2.27 50.43
N ARG J 276 -5.35 -1.37 49.91
CA ARG J 276 -5.44 0.09 50.24
C ARG J 276 -6.46 0.79 49.34
N LYS J 277 -6.76 0.24 48.16
CA LYS J 277 -7.60 0.88 47.10
C LYS J 277 -8.60 -0.11 46.53
N ALA J 278 -9.67 0.42 45.95
CA ALA J 278 -10.69 -0.35 45.21
C ALA J 278 -11.19 0.48 44.03
N ARG J 279 -11.59 -0.21 42.97
CA ARG J 279 -12.23 0.40 41.79
C ARG J 279 -13.29 -0.58 41.32
N VAL J 280 -14.33 -0.08 40.66
CA VAL J 280 -15.55 -0.89 40.37
C VAL J 280 -15.68 -1.02 38.84
N ARG J 281 -15.80 -2.27 38.39
CA ARG J 281 -16.16 -2.63 37.00
C ARG J 281 -17.62 -2.26 36.78
N GLU J 282 -17.97 -1.71 35.61
CA GLU J 282 -19.34 -1.21 35.32
C GLU J 282 -20.24 -2.39 34.91
N THR J 283 -19.68 -3.42 34.28
CA THR J 283 -20.46 -4.59 33.76
C THR J 283 -19.64 -5.87 33.91
N ALA J 284 -20.25 -7.02 33.60
CA ALA J 284 -19.58 -8.35 33.62
C ALA J 284 -18.79 -8.55 32.33
N GLY J 285 -17.87 -9.52 32.33
CA GLY J 285 -17.09 -9.92 31.14
C GLY J 285 -16.05 -8.88 30.74
N THR J 286 -15.54 -8.11 31.71
CA THR J 286 -14.45 -7.12 31.48
C THR J 286 -13.62 -7.01 32.75
N ASP J 287 -12.36 -6.60 32.63
CA ASP J 287 -11.47 -6.26 33.75
C ASP J 287 -11.41 -4.73 33.91
N ASP J 288 -11.92 -3.97 32.94
CA ASP J 288 -11.85 -2.48 32.94
C ASP J 288 -12.75 -1.92 34.07
N ALA J 289 -12.26 -0.94 34.80
CA ALA J 289 -12.99 -0.21 35.85
C ALA J 289 -13.71 0.99 35.23
N ASP J 290 -14.90 1.31 35.72
CA ASP J 290 -15.58 2.61 35.48
C ASP J 290 -15.77 2.85 33.98
N GLY J 291 -16.16 1.83 33.22
CA GLY J 291 -16.67 1.99 31.86
C GLY J 291 -18.09 2.57 31.87
N GLY J 292 -18.71 2.62 30.69
CA GLY J 292 -20.05 3.20 30.51
C GLY J 292 -20.07 4.66 30.89
N VAL J 293 -21.01 5.06 31.76
CA VAL J 293 -21.15 6.49 32.18
C VAL J 293 -19.95 6.88 33.08
N GLY J 294 -19.18 5.91 33.58
CA GLY J 294 -17.96 6.17 34.36
C GLY J 294 -18.23 6.46 35.82
N LEU J 295 -19.37 6.04 36.37
CA LEU J 295 -19.78 6.42 37.75
C LEU J 295 -19.88 5.21 38.69
N ALA J 296 -19.45 4.01 38.28
CA ALA J 296 -19.57 2.80 39.13
C ALA J 296 -18.88 3.03 40.48
N SER J 297 -17.64 3.50 40.49
CA SER J 297 -16.85 3.68 41.72
C SER J 297 -17.50 4.77 42.60
N ALA J 298 -17.91 5.89 42.02
CA ALA J 298 -18.50 7.03 42.76
C ALA J 298 -19.81 6.62 43.43
N PHE J 299 -20.68 5.87 42.73
CA PHE J 299 -21.96 5.42 43.33
C PHE J 299 -21.70 4.29 44.34
N THR J 300 -20.66 3.48 44.15
CA THR J 300 -20.30 2.43 45.14
C THR J 300 -19.78 3.13 46.42
N LEU J 301 -19.08 4.25 46.29
CA LEU J 301 -18.66 5.05 47.45
C LEU J 301 -19.89 5.47 48.24
N LEU J 302 -20.94 5.94 47.59
CA LEU J 302 -22.21 6.31 48.26
C LEU J 302 -22.82 5.06 48.92
N LEU J 303 -22.85 3.93 48.20
CA LEU J 303 -23.46 2.70 48.74
C LEU J 303 -22.69 2.24 49.98
N ALA J 304 -21.36 2.24 49.92
CA ALA J 304 -20.48 1.88 51.05
C ALA J 304 -20.85 2.75 52.26
N ARG J 305 -21.04 4.04 52.04
CA ARG J 305 -21.44 4.95 53.14
C ARG J 305 -22.81 4.54 53.69
N GLU J 306 -23.78 4.30 52.82
CA GLU J 306 -25.16 3.93 53.21
C GLU J 306 -25.12 2.62 54.02
N MET J 307 -24.28 1.66 53.65
CA MET J 307 -24.23 0.32 54.29
C MET J 307 -23.32 0.31 55.52
N GLY J 308 -22.58 1.39 55.81
CA GLY J 308 -21.69 1.49 56.98
C GLY J 308 -20.39 0.73 56.78
N ASP J 309 -19.97 0.50 55.52
CA ASP J 309 -18.76 -0.29 55.15
C ASP J 309 -17.56 0.68 55.03
N GLN J 310 -16.92 0.96 56.16
CA GLN J 310 -15.80 1.94 56.25
C GLN J 310 -14.63 1.47 55.40
N GLN J 311 -14.35 0.18 55.38
CA GLN J 311 -13.19 -0.36 54.65
C GLN J 311 -13.34 -0.05 53.17
N LEU J 312 -14.48 -0.40 52.56
CA LEU J 312 -14.67 -0.19 51.10
C LEU J 312 -14.71 1.32 50.81
N PHE J 313 -15.36 2.11 51.67
CA PHE J 313 -15.39 3.58 51.55
C PHE J 313 -13.95 4.10 51.42
N ASP J 314 -13.09 3.69 52.35
CA ASP J 314 -11.68 4.16 52.42
C ASP J 314 -10.95 3.76 51.14
N GLN J 315 -11.11 2.51 50.71
CA GLN J 315 -10.47 1.96 49.49
C GLN J 315 -10.92 2.76 48.25
N LEU J 316 -12.22 3.01 48.09
CA LEU J 316 -12.74 3.72 46.90
C LEU J 316 -12.29 5.18 46.92
N LEU J 317 -12.32 5.83 48.07
CA LEU J 317 -11.89 7.25 48.16
C LEU J 317 -10.38 7.36 47.88
N ASN J 318 -9.59 6.36 48.28
CA ASN J 318 -8.14 6.31 47.98
C ASN J 318 -7.90 6.15 46.47
N HIS J 319 -8.80 5.48 45.75
CA HIS J 319 -8.78 5.40 44.26
C HIS J 319 -9.20 6.73 43.62
N LEU J 320 -10.28 7.34 44.13
CA LEU J 320 -11.01 8.44 43.45
C LEU J 320 -10.34 9.80 43.70
N GLU J 321 -10.01 10.13 44.94
CA GLU J 321 -9.65 11.51 45.33
C GLU J 321 -8.23 11.88 44.91
N PRO J 322 -7.17 11.14 45.29
CA PRO J 322 -5.79 11.60 45.00
C PRO J 322 -5.52 11.95 43.54
N PRO J 323 -5.87 11.12 42.54
CA PRO J 323 -5.61 11.48 41.15
C PRO J 323 -6.38 12.73 40.68
N ALA J 324 -7.49 13.07 41.35
CA ALA J 324 -8.30 14.27 41.02
C ALA J 324 -7.60 15.56 41.51
N LYS J 325 -6.61 15.43 42.38
CA LYS J 325 -5.69 16.53 42.82
C LYS J 325 -6.53 17.61 43.48
N PRO J 326 -7.07 17.34 44.67
CA PRO J 326 -7.79 18.35 45.43
C PRO J 326 -6.81 19.43 45.89
N SER J 327 -7.25 20.68 45.90
CA SER J 327 -6.54 21.77 46.62
C SER J 327 -7.57 22.67 47.29
N ILE J 328 -7.23 23.17 48.47
CA ILE J 328 -8.01 24.18 49.22
C ILE J 328 -7.30 25.52 49.06
N VAL J 329 -7.92 26.44 48.32
CA VAL J 329 -7.41 27.81 48.04
C VAL J 329 -8.43 28.78 48.62
N SER J 330 -7.99 29.70 49.48
CA SER J 330 -8.86 30.68 50.16
C SER J 330 -10.07 29.94 50.79
N ALA J 331 -9.81 28.81 51.44
CA ALA J 331 -10.78 28.01 52.24
C ALA J 331 -11.91 27.45 51.35
N SER J 332 -11.65 27.25 50.05
CA SER J 332 -12.63 26.70 49.09
C SER J 332 -12.00 25.51 48.34
N LEU J 333 -12.72 24.41 48.20
CA LEU J 333 -12.22 23.14 47.60
C LEU J 333 -12.39 23.17 46.08
N ARG J 334 -11.32 22.85 45.35
CA ARG J 334 -11.32 22.62 43.88
C ARG J 334 -10.56 21.29 43.62
N TYR J 335 -11.00 20.54 42.62
CA TYR J 335 -10.29 19.38 42.04
C TYR J 335 -9.72 19.83 40.68
N GLU J 336 -8.42 19.65 40.46
CA GLU J 336 -7.73 19.99 39.18
C GLU J 336 -8.11 18.98 38.09
N HIS J 337 -8.28 17.69 38.40
CA HIS J 337 -8.56 16.62 37.39
C HIS J 337 -9.73 15.75 37.84
N PRO J 338 -10.97 16.25 37.86
CA PRO J 338 -12.12 15.43 38.21
C PRO J 338 -12.15 14.23 37.27
N GLY J 339 -12.35 13.03 37.80
CA GLY J 339 -12.19 11.78 37.03
C GLY J 339 -13.45 11.36 36.30
N SER J 340 -14.57 12.06 36.51
CA SER J 340 -15.90 11.69 35.96
C SER J 340 -16.84 12.88 35.96
N LEU J 341 -18.02 12.68 35.38
CA LEU J 341 -19.19 13.58 35.58
C LEU J 341 -19.57 13.54 37.07
N LEU J 342 -20.21 14.60 37.56
CA LEU J 342 -20.83 14.64 38.90
C LEU J 342 -19.77 14.39 39.99
N PHE J 343 -18.52 14.75 39.73
CA PHE J 343 -17.38 14.34 40.60
C PHE J 343 -17.47 14.99 41.98
N ASP J 344 -17.44 16.32 42.06
CA ASP J 344 -17.49 17.00 43.38
C ASP J 344 -18.84 16.72 44.04
N GLU J 345 -19.91 16.58 43.25
CA GLU J 345 -21.27 16.31 43.78
C GLU J 345 -21.28 14.97 44.53
N LEU J 346 -20.78 13.91 43.91
CA LEU J 346 -20.88 12.54 44.47
C LEU J 346 -19.88 12.35 45.61
N LEU J 347 -18.70 12.96 45.55
CA LEU J 347 -17.73 12.88 46.68
C LEU J 347 -18.29 13.65 47.87
N PHE J 348 -18.86 14.84 47.64
CA PHE J 348 -19.56 15.63 48.68
C PHE J 348 -20.62 14.77 49.36
N LEU J 349 -21.54 14.24 48.58
CA LEU J 349 -22.66 13.40 49.08
C LEU J 349 -22.10 12.22 49.90
N ALA J 350 -21.15 11.45 49.36
CA ALA J 350 -20.61 10.25 50.05
C ALA J 350 -19.94 10.65 51.39
N LYS J 351 -19.26 11.79 51.42
CA LYS J 351 -18.55 12.29 52.62
C LYS J 351 -19.52 12.61 53.75
N VAL J 352 -20.72 13.14 53.45
CA VAL J 352 -21.67 13.62 54.50
C VAL J 352 -22.82 12.63 54.71
N HIS J 353 -23.08 11.71 53.78
CA HIS J 353 -24.36 10.95 53.74
C HIS J 353 -24.64 10.28 55.09
N ALA J 354 -25.78 10.56 55.70
CA ALA J 354 -26.19 10.04 57.04
C ALA J 354 -27.05 8.78 56.90
N GLY J 355 -27.34 8.35 55.66
CA GLY J 355 -28.27 7.24 55.39
C GLY J 355 -29.65 7.78 55.06
N PHE J 356 -30.32 7.22 54.06
CA PHE J 356 -31.65 7.69 53.59
C PHE J 356 -32.69 7.46 54.69
N GLY J 357 -32.55 6.39 55.48
CA GLY J 357 -33.37 6.16 56.69
C GLY J 357 -33.27 7.28 57.70
N ALA J 358 -32.06 7.76 58.00
CA ALA J 358 -31.84 8.86 58.97
C ALA J 358 -32.45 10.16 58.42
N LEU J 359 -32.39 10.41 57.10
CA LEU J 359 -32.99 11.63 56.51
C LEU J 359 -34.51 11.57 56.69
N LEU J 360 -35.12 10.40 56.48
CA LEU J 360 -36.58 10.15 56.73
C LEU J 360 -36.96 10.49 58.18
N ARG J 361 -36.09 10.26 59.16
CA ARG J 361 -36.40 10.45 60.60
C ARG J 361 -35.89 11.81 61.09
N MET J 362 -35.48 12.70 60.18
CA MET J 362 -34.86 13.98 60.58
C MET J 362 -35.74 14.69 61.61
N PRO J 363 -35.21 15.00 62.82
CA PRO J 363 -35.98 15.77 63.81
C PRO J 363 -36.35 17.16 63.29
N PRO J 364 -37.46 17.75 63.74
CA PRO J 364 -37.82 19.11 63.33
C PRO J 364 -36.81 20.15 63.81
N PRO J 365 -36.81 21.34 63.19
CA PRO J 365 -35.99 22.46 63.68
C PRO J 365 -36.67 23.11 64.90
#